data_2MCY
#
_entry.id   2MCY
#
_entity_poly.entity_id   1
_entity_poly.type   'polypeptide(L)'
_entity_poly.pdbx_seq_one_letter_code
;EAEAKSCRNPPDPVNGMVHVIKGIQFGSQIKYSCTKGYRLIGSSSATCIISGDTVIWDTETPICDRIPCGLPPTITNGDF
ISTNRENFHYGSVVTYRCNPGSGGRKVFELVGEPSIYCTSNDDQVGIWSGPAPQCI
;
_entity_poly.pdbx_strand_id   A
#
# COMPACT_ATOMS: atom_id res chain seq x y z
N LYS A 5 -6.65 4.27 -31.77
CA LYS A 5 -5.22 4.02 -31.87
C LYS A 5 -4.76 3.25 -30.60
N SER A 6 -4.00 2.19 -30.79
CA SER A 6 -3.55 1.40 -29.69
C SER A 6 -2.33 2.02 -28.98
N CYS A 7 -2.16 1.67 -27.71
CA CYS A 7 -1.05 2.16 -26.90
C CYS A 7 0.26 1.47 -27.22
N ARG A 8 1.28 1.88 -26.50
CA ARG A 8 2.64 1.43 -26.69
C ARG A 8 2.86 -0.03 -26.36
N ASN A 9 1.94 -0.60 -25.62
CA ASN A 9 2.03 -1.98 -25.08
C ASN A 9 2.63 -1.92 -23.70
N PRO A 10 2.16 -2.79 -22.81
CA PRO A 10 2.62 -2.80 -21.41
C PRO A 10 4.06 -3.34 -21.20
N PRO A 11 4.81 -2.67 -20.29
CA PRO A 11 6.15 -3.10 -19.85
C PRO A 11 6.11 -4.47 -19.15
N ASP A 12 7.17 -5.25 -19.26
CA ASP A 12 7.16 -6.64 -18.74
C ASP A 12 7.82 -6.82 -17.35
N PRO A 13 6.99 -7.09 -16.31
CA PRO A 13 7.44 -7.46 -14.96
C PRO A 13 8.27 -8.75 -14.95
N VAL A 14 9.23 -8.81 -14.06
CA VAL A 14 10.04 -10.00 -13.85
C VAL A 14 9.25 -11.07 -13.06
N ASN A 15 9.33 -12.32 -13.54
CA ASN A 15 8.54 -13.46 -13.03
C ASN A 15 7.05 -13.20 -13.19
N GLY A 16 6.74 -12.51 -14.26
CA GLY A 16 5.37 -12.22 -14.63
C GLY A 16 5.17 -12.45 -16.12
N MET A 17 3.95 -12.74 -16.55
CA MET A 17 3.68 -13.02 -17.96
C MET A 17 3.34 -11.73 -18.73
N VAL A 18 2.04 -11.40 -18.79
CA VAL A 18 1.54 -10.25 -19.50
C VAL A 18 0.43 -9.56 -18.68
N HIS A 19 0.43 -8.23 -18.72
CA HIS A 19 -0.55 -7.44 -17.95
C HIS A 19 -1.97 -7.63 -18.42
N VAL A 20 -2.16 -7.68 -19.72
CA VAL A 20 -3.50 -7.76 -20.28
C VAL A 20 -3.59 -8.82 -21.34
N ILE A 21 -4.66 -9.58 -21.33
CA ILE A 21 -4.86 -10.59 -22.32
C ILE A 21 -4.98 -9.93 -23.71
N LYS A 22 -5.78 -8.85 -23.72
CA LYS A 22 -6.11 -8.06 -24.92
C LYS A 22 -6.62 -6.76 -24.42
N GLY A 23 -6.00 -5.69 -24.77
CA GLY A 23 -6.51 -4.45 -24.30
C GLY A 23 -5.44 -3.44 -24.07
N ILE A 24 -4.74 -3.12 -25.13
CA ILE A 24 -3.73 -2.15 -25.04
C ILE A 24 -4.19 -0.81 -25.61
N GLN A 25 -5.40 -0.79 -26.13
CA GLN A 25 -5.91 0.41 -26.81
C GLN A 25 -6.41 1.41 -25.80
N PHE A 26 -7.01 2.52 -26.26
CA PHE A 26 -7.48 3.62 -25.34
C PHE A 26 -8.49 3.13 -24.32
N GLY A 27 -9.41 2.36 -24.79
CA GLY A 27 -10.54 1.91 -23.98
C GLY A 27 -10.26 0.62 -23.27
N SER A 28 -9.02 0.25 -23.18
CA SER A 28 -8.62 -1.00 -22.62
C SER A 28 -7.58 -0.74 -21.51
N GLN A 29 -7.49 -1.67 -20.56
CA GLN A 29 -6.67 -1.47 -19.39
C GLN A 29 -5.75 -2.64 -19.16
N ILE A 30 -4.61 -2.35 -18.60
CA ILE A 30 -3.65 -3.37 -18.24
C ILE A 30 -3.60 -3.50 -16.73
N LYS A 31 -3.75 -4.71 -16.24
CA LYS A 31 -3.80 -4.95 -14.84
C LYS A 31 -2.45 -5.43 -14.35
N TYR A 32 -2.05 -5.03 -13.14
CA TYR A 32 -0.77 -5.45 -12.61
C TYR A 32 -0.81 -5.89 -11.13
N SER A 33 -0.67 -7.18 -10.90
CA SER A 33 -0.48 -7.76 -9.58
C SER A 33 1.01 -7.71 -9.19
N CYS A 34 1.32 -7.89 -7.91
CA CYS A 34 2.74 -7.92 -7.48
C CYS A 34 3.06 -9.14 -6.62
N THR A 35 4.35 -9.44 -6.54
CA THR A 35 4.86 -10.46 -5.65
C THR A 35 4.58 -10.02 -4.20
N LYS A 36 4.22 -10.97 -3.34
CA LYS A 36 3.80 -10.62 -2.00
C LYS A 36 4.90 -9.86 -1.24
N GLY A 37 4.50 -8.75 -0.60
CA GLY A 37 5.45 -7.85 0.07
C GLY A 37 5.76 -6.63 -0.79
N TYR A 38 5.24 -6.67 -2.01
CA TYR A 38 5.37 -5.57 -2.98
C TYR A 38 3.98 -5.01 -3.31
N ARG A 39 3.91 -3.71 -3.54
CA ARG A 39 2.67 -3.10 -3.97
C ARG A 39 2.94 -2.33 -5.26
N LEU A 40 1.90 -1.76 -5.82
CA LEU A 40 2.03 -0.96 -6.98
C LEU A 40 2.14 0.49 -6.57
N ILE A 41 3.21 1.10 -7.03
CA ILE A 41 3.52 2.49 -6.76
C ILE A 41 2.49 3.46 -7.36
N GLY A 42 2.10 3.19 -8.58
CA GLY A 42 1.25 4.13 -9.31
C GLY A 42 -0.19 3.70 -9.34
N SER A 43 -0.59 3.06 -10.42
CA SER A 43 -1.93 2.57 -10.52
C SER A 43 -1.87 1.22 -11.15
N SER A 44 -2.43 0.24 -10.48
CA SER A 44 -2.30 -1.16 -10.87
C SER A 44 -2.94 -1.43 -12.20
N SER A 45 -3.81 -0.57 -12.61
CA SER A 45 -4.35 -0.71 -13.92
C SER A 45 -4.17 0.62 -14.62
N ALA A 46 -4.01 0.59 -15.89
CA ALA A 46 -3.82 1.78 -16.63
C ALA A 46 -4.75 1.82 -17.76
N THR A 47 -5.13 3.00 -18.12
CA THR A 47 -6.02 3.18 -19.19
C THR A 47 -5.26 3.92 -20.24
N CYS A 48 -5.29 3.42 -21.41
CA CYS A 48 -4.60 4.02 -22.51
C CYS A 48 -5.28 5.34 -22.98
N ILE A 49 -4.48 6.40 -23.10
CA ILE A 49 -4.97 7.73 -23.47
C ILE A 49 -4.04 8.44 -24.45
N ILE A 50 -4.42 9.65 -24.84
CA ILE A 50 -3.55 10.51 -25.59
C ILE A 50 -3.14 11.74 -24.77
N SER A 51 -1.84 11.92 -24.67
CA SER A 51 -1.25 13.10 -24.03
C SER A 51 -1.57 14.37 -24.79
N GLY A 52 -1.65 14.21 -26.08
CA GLY A 52 -1.94 15.27 -26.97
C GLY A 52 -1.60 14.86 -28.36
N ASP A 53 -0.32 14.74 -28.62
CA ASP A 53 0.19 14.30 -29.89
C ASP A 53 -0.05 12.79 -30.19
N THR A 54 0.11 11.93 -29.17
CA THR A 54 0.09 10.49 -29.43
C THR A 54 -0.51 9.70 -28.26
N VAL A 55 -0.72 8.39 -28.47
CA VAL A 55 -1.35 7.54 -27.47
C VAL A 55 -0.32 6.85 -26.58
N ILE A 56 -0.42 7.15 -25.32
CA ILE A 56 0.42 6.64 -24.25
C ILE A 56 -0.43 6.21 -23.06
N TRP A 57 0.16 5.50 -22.16
CA TRP A 57 -0.56 4.97 -21.01
C TRP A 57 -0.69 6.07 -19.93
N ASP A 58 -1.85 6.14 -19.24
CA ASP A 58 -2.07 7.16 -18.17
C ASP A 58 -1.11 6.99 -17.01
N THR A 59 -0.87 5.73 -16.66
CA THR A 59 -0.05 5.43 -15.49
C THR A 59 1.41 5.13 -15.87
N GLU A 60 1.63 4.77 -17.15
CA GLU A 60 2.94 4.29 -17.64
C GLU A 60 3.37 3.00 -16.92
N THR A 61 2.40 2.38 -16.28
CA THR A 61 2.57 1.14 -15.52
C THR A 61 3.33 1.32 -14.19
N PRO A 62 2.72 0.85 -13.10
CA PRO A 62 3.30 0.89 -11.78
C PRO A 62 4.50 -0.04 -11.70
N ILE A 63 5.40 0.26 -10.83
CA ILE A 63 6.49 -0.62 -10.61
C ILE A 63 6.28 -1.29 -9.25
N CYS A 64 6.37 -2.62 -9.20
CA CYS A 64 6.19 -3.30 -7.94
C CYS A 64 7.41 -3.03 -7.08
N ASP A 65 7.23 -2.28 -6.05
CA ASP A 65 8.29 -1.96 -5.13
C ASP A 65 7.94 -2.54 -3.79
N ARG A 66 8.92 -2.72 -2.93
CA ARG A 66 8.62 -3.27 -1.67
C ARG A 66 7.71 -2.31 -0.98
N ILE A 67 6.67 -2.84 -0.34
CA ILE A 67 5.66 -2.03 0.29
C ILE A 67 6.28 -1.05 1.25
N PRO A 68 6.30 0.26 0.90
CA PRO A 68 6.85 1.30 1.76
C PRO A 68 6.17 1.33 3.13
N CYS A 69 4.85 1.01 3.19
CA CYS A 69 4.12 1.00 4.47
C CYS A 69 4.38 2.34 5.21
N GLY A 70 4.47 3.42 4.40
CA GLY A 70 4.88 4.70 4.89
C GLY A 70 3.92 5.30 5.87
N LEU A 71 4.48 6.03 6.82
CA LEU A 71 3.77 6.59 7.96
C LEU A 71 2.71 5.66 8.50
N PRO A 72 3.06 4.88 9.56
CA PRO A 72 2.12 3.92 10.15
C PRO A 72 0.77 4.58 10.46
N PRO A 73 -0.30 3.78 10.53
CA PRO A 73 -1.62 4.31 10.74
C PRO A 73 -1.71 5.04 12.08
N THR A 74 -2.52 6.07 12.14
CA THR A 74 -2.61 6.85 13.32
C THR A 74 -3.43 6.15 14.36
N ILE A 75 -3.32 6.65 15.55
CA ILE A 75 -3.92 6.04 16.68
C ILE A 75 -4.78 7.04 17.41
N THR A 76 -5.72 6.54 18.12
CA THR A 76 -6.60 7.35 18.90
C THR A 76 -5.84 8.16 20.00
N ASN A 77 -4.96 7.51 20.76
CA ASN A 77 -4.24 8.18 21.87
C ASN A 77 -3.05 9.09 21.51
N GLY A 78 -2.16 8.58 20.68
CA GLY A 78 -0.96 9.34 20.31
C GLY A 78 0.15 8.45 19.78
N ASP A 79 0.26 8.42 18.46
CA ASP A 79 1.23 7.63 17.71
C ASP A 79 1.43 6.19 18.26
N PHE A 80 2.66 5.70 18.17
CA PHE A 80 3.00 4.33 18.44
C PHE A 80 4.40 4.20 18.95
N ILE A 81 4.70 3.03 19.41
CA ILE A 81 6.01 2.73 19.89
C ILE A 81 6.77 1.93 18.89
N SER A 82 7.84 2.49 18.47
CA SER A 82 8.78 1.86 17.63
C SER A 82 10.10 2.57 17.75
N THR A 83 11.18 1.88 17.44
CA THR A 83 12.48 2.48 17.48
C THR A 83 12.60 3.58 16.41
N ASN A 84 11.90 3.42 15.30
CA ASN A 84 11.88 4.42 14.24
C ASN A 84 10.47 5.01 14.17
N ARG A 85 10.33 6.33 14.28
CA ARG A 85 9.00 6.93 14.22
C ARG A 85 8.35 6.73 12.83
N GLU A 86 9.12 6.91 11.77
CA GLU A 86 8.58 6.74 10.42
C GLU A 86 9.11 5.46 9.81
N ASN A 87 8.24 4.80 9.09
CA ASN A 87 8.50 3.48 8.60
C ASN A 87 9.26 3.39 7.24
N PHE A 88 10.03 2.30 7.12
CA PHE A 88 10.70 1.88 5.89
C PHE A 88 9.87 0.75 5.26
N HIS A 89 10.48 -0.07 4.46
CA HIS A 89 9.71 -1.10 3.72
C HIS A 89 9.15 -2.27 4.60
N TYR A 90 8.48 -3.16 3.87
CA TYR A 90 7.69 -4.30 4.35
C TYR A 90 8.51 -5.22 5.29
N GLY A 91 7.84 -5.69 6.35
CA GLY A 91 8.46 -6.51 7.36
C GLY A 91 8.69 -5.75 8.65
N SER A 92 8.37 -4.47 8.63
CA SER A 92 8.50 -3.64 9.80
C SER A 92 7.36 -3.89 10.79
N VAL A 93 7.59 -3.56 12.06
CA VAL A 93 6.59 -3.72 13.12
C VAL A 93 6.62 -2.53 14.11
N VAL A 94 5.46 -2.09 14.55
CA VAL A 94 5.35 -1.01 15.54
C VAL A 94 4.39 -1.48 16.64
N THR A 95 4.45 -0.86 17.79
CA THR A 95 3.56 -1.27 18.85
C THR A 95 2.71 -0.09 19.31
N TYR A 96 1.42 -0.27 19.38
CA TYR A 96 0.51 0.77 19.83
C TYR A 96 0.07 0.44 21.22
N ARG A 97 0.09 1.40 22.08
CA ARG A 97 -0.33 1.18 23.40
C ARG A 97 -1.18 2.36 23.82
N CYS A 98 -2.16 2.08 24.62
CA CYS A 98 -3.06 3.10 25.07
C CYS A 98 -2.44 3.68 26.31
N ASN A 99 -2.54 4.98 26.46
CA ASN A 99 -1.74 5.68 27.48
C ASN A 99 -2.49 6.16 28.68
N PRO A 100 -1.79 6.16 29.83
CA PRO A 100 -2.30 6.79 31.04
C PRO A 100 -2.44 8.30 30.80
N GLY A 101 -3.44 8.96 31.40
CA GLY A 101 -3.59 10.38 31.17
C GLY A 101 -2.84 11.25 32.15
N SER A 102 -3.35 11.32 33.37
CA SER A 102 -2.71 12.12 34.42
C SER A 102 -1.32 11.60 34.77
N GLY A 103 -1.21 10.29 34.86
CA GLY A 103 0.01 9.64 35.24
C GLY A 103 -0.23 8.17 35.47
N GLY A 104 -0.41 7.79 36.71
CA GLY A 104 -0.74 6.40 37.04
C GLY A 104 -2.08 5.94 36.50
N ARG A 105 -3.06 6.84 36.51
CA ARG A 105 -4.44 6.53 36.11
C ARG A 105 -4.62 6.18 34.64
N LYS A 106 -5.33 5.07 34.38
CA LYS A 106 -5.74 4.70 33.03
C LYS A 106 -7.02 5.32 32.65
N VAL A 107 -7.03 5.81 31.46
CA VAL A 107 -8.20 6.40 30.89
C VAL A 107 -8.63 5.67 29.61
N PHE A 108 -7.79 4.75 29.16
CA PHE A 108 -8.01 4.11 27.84
C PHE A 108 -7.90 2.57 27.89
N GLU A 109 -8.60 1.92 26.97
CA GLU A 109 -8.59 0.44 26.77
C GLU A 109 -8.05 0.17 25.38
N LEU A 110 -7.65 -1.05 25.06
CA LEU A 110 -7.13 -1.34 23.70
C LEU A 110 -7.83 -2.58 23.14
N VAL A 111 -7.88 -2.71 21.82
CA VAL A 111 -8.67 -3.77 21.18
C VAL A 111 -8.17 -5.18 21.57
N GLY A 112 -6.85 -5.40 21.55
CA GLY A 112 -6.33 -6.72 21.88
C GLY A 112 -5.16 -7.15 21.02
N GLU A 113 -4.89 -6.38 19.98
CA GLU A 113 -3.79 -6.65 19.08
C GLU A 113 -2.98 -5.36 18.88
N PRO A 114 -2.18 -4.97 19.91
CA PRO A 114 -1.42 -3.70 19.93
C PRO A 114 -0.26 -3.59 18.94
N SER A 115 0.26 -4.70 18.47
CA SER A 115 1.47 -4.65 17.69
C SER A 115 1.22 -5.12 16.26
N ILE A 116 1.50 -4.27 15.30
CA ILE A 116 1.16 -4.59 13.95
C ILE A 116 2.38 -4.54 13.07
N TYR A 117 2.31 -5.28 12.01
CA TYR A 117 3.41 -5.40 11.09
C TYR A 117 2.90 -5.45 9.69
N CYS A 118 3.75 -5.12 8.77
CA CYS A 118 3.36 -5.05 7.38
C CYS A 118 3.22 -6.43 6.77
N THR A 119 1.97 -6.78 6.41
CA THR A 119 1.63 -8.06 5.80
C THR A 119 0.72 -7.93 4.52
N SER A 120 0.13 -6.74 4.34
CA SER A 120 -0.75 -6.42 3.18
C SER A 120 -1.81 -7.50 2.79
N ASN A 121 -2.44 -8.13 3.77
CA ASN A 121 -3.54 -9.11 3.48
C ASN A 121 -4.94 -8.47 3.57
N ASP A 122 -4.99 -7.17 3.73
CA ASP A 122 -6.24 -6.42 3.73
C ASP A 122 -6.69 -6.14 2.30
N ASP A 123 -7.95 -5.70 2.14
CA ASP A 123 -8.52 -5.39 0.82
C ASP A 123 -7.83 -4.16 0.20
N GLN A 124 -7.17 -3.38 1.05
CA GLN A 124 -6.37 -2.21 0.59
C GLN A 124 -5.21 -2.66 -0.32
N VAL A 125 -4.53 -1.69 -0.92
CA VAL A 125 -3.43 -1.94 -1.88
C VAL A 125 -2.26 -2.70 -1.20
N GLY A 126 -1.89 -2.27 -0.02
CA GLY A 126 -0.86 -2.94 0.72
C GLY A 126 -0.58 -2.21 1.98
N ILE A 127 -0.96 -2.80 3.09
CA ILE A 127 -0.82 -2.17 4.40
C ILE A 127 -0.32 -3.13 5.47
N TRP A 128 -0.45 -2.70 6.70
CA TRP A 128 -0.04 -3.41 7.88
C TRP A 128 -0.93 -4.66 8.13
N SER A 129 -0.80 -5.27 9.31
CA SER A 129 -1.57 -6.46 9.67
C SER A 129 -3.05 -6.12 9.73
N GLY A 130 -3.30 -4.87 9.94
CA GLY A 130 -4.62 -4.34 9.92
C GLY A 130 -4.56 -2.88 10.13
N PRO A 131 -5.67 -2.19 10.23
CA PRO A 131 -5.67 -0.80 10.54
C PRO A 131 -5.29 -0.63 11.99
N ALA A 132 -4.72 0.52 12.33
CA ALA A 132 -4.30 0.77 13.72
C ALA A 132 -5.40 0.38 14.66
N PRO A 133 -5.07 -0.36 15.73
CA PRO A 133 -6.04 -0.73 16.73
C PRO A 133 -6.48 0.48 17.45
N GLN A 134 -7.60 0.46 18.01
CA GLN A 134 -8.09 1.64 18.63
C GLN A 134 -8.28 1.41 20.09
N CYS A 135 -8.19 2.45 20.84
CA CYS A 135 -8.32 2.34 22.26
C CYS A 135 -9.80 2.23 22.68
N ILE A 136 -10.39 1.11 22.30
CA ILE A 136 -11.76 0.74 22.64
C ILE A 136 -11.79 -0.40 23.66
N LYS A 5 -7.41 3.20 -32.24
CA LYS A 5 -5.99 2.95 -32.13
C LYS A 5 -5.72 2.11 -30.91
N SER A 6 -4.83 1.15 -31.06
CA SER A 6 -4.39 0.38 -29.96
C SER A 6 -3.34 1.16 -29.21
N CYS A 7 -3.07 0.73 -28.04
CA CYS A 7 -2.05 1.33 -27.22
C CYS A 7 -0.72 0.73 -27.60
N ARG A 8 0.35 1.25 -27.05
CA ARG A 8 1.66 0.81 -27.45
C ARG A 8 1.88 -0.63 -27.14
N ASN A 9 1.35 -1.05 -25.98
CA ASN A 9 1.56 -2.38 -25.37
C ASN A 9 2.09 -2.22 -23.95
N PRO A 10 1.63 -3.10 -23.03
CA PRO A 10 2.16 -3.17 -21.66
C PRO A 10 3.70 -3.28 -21.67
N PRO A 11 4.37 -2.69 -20.66
CA PRO A 11 5.84 -2.75 -20.57
C PRO A 11 6.35 -4.19 -20.63
N ASP A 12 5.60 -5.07 -20.01
CA ASP A 12 5.89 -6.52 -19.97
C ASP A 12 7.31 -6.86 -19.52
N PRO A 13 7.73 -6.43 -18.31
CA PRO A 13 8.99 -6.89 -17.74
C PRO A 13 8.86 -8.38 -17.31
N VAL A 14 9.81 -8.90 -16.58
CA VAL A 14 9.76 -10.29 -16.18
C VAL A 14 8.61 -10.54 -15.21
N ASN A 15 7.86 -11.63 -15.45
CA ASN A 15 6.64 -11.95 -14.68
C ASN A 15 5.60 -10.82 -14.84
N GLY A 16 5.57 -10.25 -16.05
CA GLY A 16 4.66 -9.16 -16.37
C GLY A 16 3.19 -9.53 -16.29
N MET A 17 2.85 -10.78 -16.65
CA MET A 17 1.45 -11.27 -16.71
C MET A 17 0.85 -10.88 -18.04
N VAL A 18 1.16 -11.64 -19.07
CA VAL A 18 0.75 -11.27 -20.41
C VAL A 18 -0.57 -11.95 -20.79
N HIS A 19 -1.59 -11.65 -20.02
CA HIS A 19 -2.93 -12.16 -20.30
C HIS A 19 -3.81 -11.09 -20.97
N VAL A 20 -3.38 -9.82 -20.90
CA VAL A 20 -4.19 -8.71 -21.39
C VAL A 20 -4.43 -8.76 -22.91
N ILE A 21 -3.35 -9.09 -23.63
CA ILE A 21 -3.23 -9.05 -25.14
C ILE A 21 -4.32 -8.23 -25.88
N LYS A 22 -5.52 -8.72 -25.91
CA LYS A 22 -6.62 -8.04 -26.60
C LYS A 22 -6.95 -6.67 -25.96
N GLY A 23 -6.94 -6.63 -24.63
CA GLY A 23 -7.31 -5.45 -23.86
C GLY A 23 -6.24 -4.37 -23.82
N ILE A 24 -5.57 -4.16 -24.92
CA ILE A 24 -4.56 -3.15 -25.01
C ILE A 24 -5.06 -1.98 -25.84
N GLN A 25 -6.28 -2.08 -26.31
CA GLN A 25 -6.80 -1.08 -27.23
C GLN A 25 -7.16 0.20 -26.47
N PHE A 26 -7.76 1.13 -27.18
CA PHE A 26 -8.21 2.38 -26.57
C PHE A 26 -9.31 2.11 -25.53
N GLY A 27 -9.12 2.67 -24.33
CA GLY A 27 -10.06 2.51 -23.24
C GLY A 27 -9.84 1.22 -22.47
N SER A 28 -8.92 0.38 -22.95
CA SER A 28 -8.61 -0.87 -22.29
C SER A 28 -7.61 -0.68 -21.12
N GLN A 29 -7.70 -1.55 -20.12
CA GLN A 29 -6.80 -1.50 -18.98
C GLN A 29 -5.79 -2.62 -19.04
N ILE A 30 -4.67 -2.40 -18.41
CA ILE A 30 -3.64 -3.40 -18.27
C ILE A 30 -3.36 -3.61 -16.82
N LYS A 31 -3.00 -4.83 -16.47
CA LYS A 31 -2.73 -5.13 -15.09
C LYS A 31 -1.28 -5.58 -14.98
N TYR A 32 -0.60 -5.16 -13.97
CA TYR A 32 0.75 -5.62 -13.68
C TYR A 32 0.92 -5.95 -12.21
N SER A 33 1.75 -6.95 -11.91
CA SER A 33 1.92 -7.44 -10.55
C SER A 33 3.41 -7.52 -10.19
N CYS A 34 3.70 -7.41 -8.89
CA CYS A 34 5.07 -7.42 -8.41
C CYS A 34 5.29 -8.69 -7.58
N THR A 35 6.56 -9.02 -7.34
CA THR A 35 6.94 -10.21 -6.59
C THR A 35 6.75 -9.98 -5.07
N LYS A 36 6.84 -11.06 -4.30
CA LYS A 36 6.52 -11.01 -2.86
C LYS A 36 7.44 -10.03 -2.12
N GLY A 37 6.80 -9.15 -1.36
CA GLY A 37 7.47 -8.12 -0.63
C GLY A 37 7.67 -6.86 -1.47
N TYR A 38 7.18 -6.89 -2.72
CA TYR A 38 7.32 -5.76 -3.64
C TYR A 38 5.96 -5.24 -4.10
N ARG A 39 5.82 -3.91 -4.23
CA ARG A 39 4.56 -3.38 -4.74
C ARG A 39 4.80 -2.49 -5.92
N LEU A 40 3.72 -1.94 -6.38
CA LEU A 40 3.73 -0.99 -7.42
C LEU A 40 3.69 0.38 -6.79
N ILE A 41 4.63 1.21 -7.15
CA ILE A 41 4.72 2.56 -6.65
C ILE A 41 3.53 3.44 -7.08
N GLY A 42 3.19 3.31 -8.32
CA GLY A 42 2.18 4.12 -8.94
C GLY A 42 0.88 3.42 -8.98
N SER A 43 0.44 3.06 -10.18
CA SER A 43 -0.78 2.31 -10.31
C SER A 43 -0.49 1.03 -11.03
N SER A 44 -0.92 -0.05 -10.47
CA SER A 44 -0.74 -1.38 -11.05
C SER A 44 -1.50 -1.52 -12.37
N SER A 45 -2.44 -0.63 -12.61
CA SER A 45 -3.23 -0.67 -13.82
C SER A 45 -3.33 0.71 -14.40
N ALA A 46 -3.57 0.78 -15.67
CA ALA A 46 -3.62 2.05 -16.36
C ALA A 46 -4.72 2.05 -17.35
N THR A 47 -5.24 3.21 -17.61
CA THR A 47 -6.21 3.36 -18.65
C THR A 47 -5.54 4.09 -19.78
N CYS A 48 -5.62 3.52 -20.90
CA CYS A 48 -4.97 4.07 -22.05
C CYS A 48 -5.82 5.11 -22.78
N ILE A 49 -5.19 6.29 -23.01
CA ILE A 49 -5.84 7.47 -23.58
C ILE A 49 -5.02 8.07 -24.76
N ILE A 50 -5.63 8.98 -25.52
CA ILE A 50 -4.91 9.63 -26.62
C ILE A 50 -4.45 11.02 -26.18
N SER A 51 -3.11 11.17 -26.07
CA SER A 51 -2.49 12.43 -25.69
C SER A 51 -2.62 13.52 -26.73
N GLY A 52 -2.49 13.11 -27.96
CA GLY A 52 -2.51 14.02 -29.05
C GLY A 52 -2.83 13.31 -30.31
N ASP A 53 -1.81 13.00 -31.07
CA ASP A 53 -2.00 12.26 -32.29
C ASP A 53 -1.74 10.75 -32.08
N THR A 54 -1.59 10.31 -30.83
CA THR A 54 -1.30 8.91 -30.59
C THR A 54 -1.92 8.42 -29.30
N VAL A 55 -1.96 7.11 -29.16
CA VAL A 55 -2.50 6.52 -27.97
C VAL A 55 -1.37 5.99 -27.10
N ILE A 56 -1.35 6.51 -25.89
CA ILE A 56 -0.35 6.20 -24.86
C ILE A 56 -1.01 5.89 -23.51
N TRP A 57 -0.27 5.33 -22.58
CA TRP A 57 -0.84 5.04 -21.26
C TRP A 57 -0.63 6.31 -20.40
N ASP A 58 -1.72 6.80 -19.83
CA ASP A 58 -1.72 8.07 -19.06
C ASP A 58 -1.01 7.97 -17.70
N THR A 59 -1.16 6.83 -17.08
CA THR A 59 -0.81 6.61 -15.69
C THR A 59 0.67 6.80 -15.38
N GLU A 60 1.53 6.27 -16.27
CA GLU A 60 3.01 6.27 -16.08
C GLU A 60 3.41 5.05 -15.30
N THR A 61 2.86 3.90 -15.77
CA THR A 61 3.15 2.52 -15.24
C THR A 61 4.28 2.47 -14.19
N PRO A 62 3.96 1.95 -13.01
CA PRO A 62 4.81 1.93 -11.82
C PRO A 62 5.98 0.99 -11.87
N ILE A 63 6.93 1.28 -11.03
CA ILE A 63 8.11 0.46 -10.88
C ILE A 63 8.01 -0.28 -9.57
N CYS A 64 8.23 -1.61 -9.60
CA CYS A 64 8.09 -2.41 -8.40
C CYS A 64 9.24 -2.12 -7.46
N ASP A 65 8.93 -2.02 -6.21
CA ASP A 65 9.94 -1.78 -5.19
C ASP A 65 9.52 -2.46 -3.92
N ARG A 66 10.42 -2.59 -2.93
CA ARG A 66 10.01 -3.24 -1.69
C ARG A 66 8.93 -2.39 -1.10
N ILE A 67 7.81 -3.04 -0.82
CA ILE A 67 6.56 -2.37 -0.43
C ILE A 67 6.75 -1.36 0.62
N PRO A 68 6.74 -0.07 0.25
CA PRO A 68 6.79 0.94 1.25
C PRO A 68 5.56 0.81 2.08
N CYS A 69 5.69 1.03 3.31
CA CYS A 69 4.59 1.00 4.16
C CYS A 69 4.43 2.37 4.70
N GLY A 70 3.25 2.92 4.60
CA GLY A 70 3.06 4.27 5.01
C GLY A 70 3.33 4.42 6.47
N LEU A 71 3.81 5.59 6.85
CA LEU A 71 4.15 5.88 8.22
C LEU A 71 3.05 5.36 9.12
N PRO A 72 3.39 4.59 10.18
CA PRO A 72 2.39 3.96 11.01
C PRO A 72 1.55 5.02 11.67
N PRO A 73 0.24 4.89 11.58
CA PRO A 73 -0.64 5.92 12.08
C PRO A 73 -0.45 6.16 13.57
N THR A 74 -0.50 7.43 13.94
CA THR A 74 -0.29 7.82 15.30
C THR A 74 -1.43 7.39 16.19
N ILE A 75 -1.08 6.87 17.33
CA ILE A 75 -2.01 6.44 18.32
C ILE A 75 -2.73 7.64 18.94
N THR A 76 -3.92 7.37 19.42
CA THR A 76 -4.77 8.37 20.01
C THR A 76 -4.15 9.03 21.25
N ASN A 77 -3.57 8.22 22.13
CA ASN A 77 -3.08 8.75 23.42
C ASN A 77 -1.58 9.07 23.49
N GLY A 78 -0.84 9.01 22.39
CA GLY A 78 0.59 9.28 22.49
C GLY A 78 1.42 8.69 21.37
N ASP A 79 2.04 7.55 21.63
CA ASP A 79 2.95 6.93 20.70
C ASP A 79 2.87 5.39 20.86
N PHE A 80 3.70 4.69 20.14
CA PHE A 80 3.69 3.24 20.13
C PHE A 80 4.94 2.68 20.77
N ILE A 81 4.89 1.40 21.13
CA ILE A 81 5.93 0.78 21.93
C ILE A 81 7.29 0.72 21.20
N SER A 82 7.27 0.64 19.88
CA SER A 82 8.51 0.64 19.13
C SER A 82 9.22 2.01 19.33
N THR A 83 10.54 2.00 19.44
CA THR A 83 11.33 3.20 19.70
C THR A 83 11.23 4.26 18.59
N ASN A 84 11.31 3.85 17.34
CA ASN A 84 11.39 4.80 16.24
C ASN A 84 10.01 5.04 15.65
N ARG A 85 9.75 6.32 15.29
CA ARG A 85 8.44 6.75 14.80
C ARG A 85 7.98 6.09 13.51
N GLU A 86 8.86 5.96 12.58
CA GLU A 86 8.50 5.29 11.38
C GLU A 86 9.45 4.15 11.08
N ASN A 87 8.86 2.99 10.83
CA ASN A 87 9.61 1.79 10.53
C ASN A 87 9.84 1.61 9.06
N PHE A 88 10.75 0.74 8.70
CA PHE A 88 11.18 0.68 7.33
C PHE A 88 10.36 -0.34 6.56
N HIS A 89 9.65 0.19 5.57
CA HIS A 89 8.77 -0.53 4.63
C HIS A 89 8.18 -1.86 5.18
N TYR A 90 8.06 -2.83 4.28
CA TYR A 90 7.47 -4.14 4.56
C TYR A 90 8.31 -4.96 5.54
N GLY A 91 7.64 -5.66 6.47
CA GLY A 91 8.34 -6.42 7.46
C GLY A 91 8.38 -5.75 8.82
N SER A 92 7.61 -4.68 8.98
CA SER A 92 7.56 -3.97 10.23
C SER A 92 6.23 -4.23 10.99
N VAL A 93 6.32 -4.24 12.34
CA VAL A 93 5.15 -4.37 13.20
C VAL A 93 5.28 -3.40 14.38
N VAL A 94 4.18 -2.78 14.78
CA VAL A 94 4.19 -1.89 15.95
C VAL A 94 3.05 -2.24 16.86
N THR A 95 3.19 -1.90 18.11
CA THR A 95 2.17 -2.20 19.08
C THR A 95 1.74 -0.90 19.76
N TYR A 96 0.44 -0.67 19.83
CA TYR A 96 -0.09 0.56 20.38
C TYR A 96 -0.66 0.32 21.76
N ARG A 97 -0.44 1.25 22.64
CA ARG A 97 -0.96 1.12 23.97
C ARG A 97 -1.53 2.46 24.43
N CYS A 98 -2.49 2.39 25.32
CA CYS A 98 -3.20 3.58 25.84
C CYS A 98 -2.52 4.10 27.10
N ASN A 99 -2.54 5.40 27.28
CA ASN A 99 -1.82 6.02 28.39
C ASN A 99 -2.66 6.16 29.63
N PRO A 100 -2.00 6.15 30.79
CA PRO A 100 -2.61 6.44 32.07
C PRO A 100 -2.91 7.94 32.16
N GLY A 101 -3.82 8.31 33.05
CA GLY A 101 -4.15 9.70 33.23
C GLY A 101 -2.97 10.52 33.73
N SER A 102 -3.24 11.71 34.25
CA SER A 102 -2.18 12.57 34.74
C SER A 102 -1.41 11.83 35.86
N GLY A 103 -2.15 11.13 36.72
CA GLY A 103 -1.52 10.32 37.73
C GLY A 103 -1.27 8.90 37.26
N GLY A 104 -0.65 8.10 38.10
CA GLY A 104 -0.33 6.71 37.77
C GLY A 104 -1.53 5.77 37.83
N ARG A 105 -2.60 6.15 37.17
CA ARG A 105 -3.84 5.38 37.16
C ARG A 105 -4.35 5.05 35.77
N LYS A 106 -4.80 3.80 35.58
CA LYS A 106 -5.44 3.43 34.31
C LYS A 106 -6.77 4.12 34.18
N VAL A 107 -6.87 4.90 33.13
CA VAL A 107 -8.06 5.63 32.82
C VAL A 107 -8.60 5.19 31.46
N PHE A 108 -7.96 4.18 30.89
CA PHE A 108 -8.13 3.90 29.47
C PHE A 108 -8.58 2.48 29.16
N GLU A 109 -9.19 2.36 28.00
CA GLU A 109 -9.62 1.11 27.43
C GLU A 109 -9.22 1.12 25.96
N LEU A 110 -8.87 -0.03 25.44
CA LEU A 110 -8.44 -0.15 24.04
C LEU A 110 -9.43 -1.01 23.27
N VAL A 111 -9.49 -0.79 21.95
CA VAL A 111 -10.41 -1.52 21.13
C VAL A 111 -10.13 -3.05 21.15
N GLY A 112 -8.85 -3.47 21.10
CA GLY A 112 -8.58 -4.91 21.26
C GLY A 112 -7.46 -5.48 20.42
N GLU A 113 -7.10 -4.82 19.33
CA GLU A 113 -6.02 -5.32 18.49
C GLU A 113 -4.93 -4.28 18.33
N PRO A 114 -4.20 -4.00 19.42
CA PRO A 114 -3.21 -2.93 19.45
C PRO A 114 -1.98 -3.15 18.54
N SER A 115 -1.72 -4.39 18.17
CA SER A 115 -0.55 -4.71 17.40
C SER A 115 -0.92 -4.87 15.93
N ILE A 116 -0.29 -4.10 15.06
CA ILE A 116 -0.55 -4.18 13.64
C ILE A 116 0.73 -4.38 12.85
N TYR A 117 0.63 -4.95 11.66
CA TYR A 117 1.78 -5.17 10.80
C TYR A 117 1.43 -4.97 9.34
N CYS A 118 2.43 -4.64 8.55
CA CYS A 118 2.23 -4.45 7.12
C CYS A 118 2.25 -5.81 6.43
N THR A 119 1.04 -6.40 6.34
CA THR A 119 0.87 -7.78 5.86
C THR A 119 1.12 -7.87 4.36
N SER A 120 0.73 -6.78 3.69
CA SER A 120 0.68 -6.60 2.24
C SER A 120 0.26 -7.86 1.42
N ASN A 121 -0.37 -8.85 2.03
CA ASN A 121 -0.75 -10.05 1.28
C ASN A 121 -2.24 -10.08 0.89
N ASP A 122 -2.94 -9.00 1.15
CA ASP A 122 -4.37 -8.86 0.85
C ASP A 122 -4.62 -8.34 -0.56
N ASP A 123 -5.89 -8.07 -0.86
CA ASP A 123 -6.31 -7.65 -2.22
C ASP A 123 -5.64 -6.35 -2.64
N GLN A 124 -5.49 -5.40 -1.73
CA GLN A 124 -4.72 -4.23 -2.07
C GLN A 124 -3.35 -4.45 -1.46
N VAL A 125 -2.34 -4.33 -2.30
CA VAL A 125 -1.00 -4.77 -1.96
C VAL A 125 -0.33 -4.03 -0.78
N GLY A 126 -0.43 -2.72 -0.71
CA GLY A 126 0.30 -2.01 0.36
C GLY A 126 -0.56 -1.59 1.54
N ILE A 127 -0.88 -2.52 2.41
CA ILE A 127 -1.69 -2.23 3.59
C ILE A 127 -1.12 -2.74 4.92
N TRP A 128 -1.62 -2.16 5.99
CA TRP A 128 -1.35 -2.60 7.35
C TRP A 128 -2.49 -3.47 7.81
N SER A 129 -2.30 -4.17 8.91
CA SER A 129 -3.32 -5.05 9.44
C SER A 129 -4.59 -4.24 9.74
N GLY A 130 -4.41 -3.06 10.31
CA GLY A 130 -5.50 -2.18 10.59
C GLY A 130 -5.04 -0.80 11.00
N PRO A 131 -5.90 0.23 10.85
CA PRO A 131 -5.58 1.58 11.30
C PRO A 131 -5.37 1.59 12.80
N ALA A 132 -4.45 2.45 13.28
CA ALA A 132 -4.14 2.57 14.72
C ALA A 132 -5.38 2.38 15.60
N PRO A 133 -5.41 1.24 16.34
CA PRO A 133 -6.51 0.93 17.24
C PRO A 133 -6.57 1.96 18.32
N GLN A 134 -7.72 2.26 18.80
CA GLN A 134 -7.83 3.44 19.59
C GLN A 134 -8.44 3.25 20.93
N CYS A 135 -8.16 4.18 21.79
CA CYS A 135 -8.48 4.09 23.19
C CYS A 135 -9.96 4.46 23.41
N ILE A 136 -10.84 3.58 22.93
CA ILE A 136 -12.28 3.69 23.10
C ILE A 136 -12.77 2.92 24.34
N LYS A 5 -6.03 3.38 -32.74
CA LYS A 5 -4.87 3.33 -31.89
C LYS A 5 -4.99 2.32 -30.76
N SER A 6 -3.87 1.74 -30.40
CA SER A 6 -3.75 0.79 -29.30
C SER A 6 -2.47 1.09 -28.58
N CYS A 7 -2.35 0.72 -27.33
CA CYS A 7 -1.21 1.13 -26.55
C CYS A 7 0.03 0.33 -26.84
N ARG A 8 1.10 0.67 -26.13
CA ARG A 8 2.41 0.09 -26.29
C ARG A 8 2.37 -1.37 -26.01
N ASN A 9 1.48 -1.76 -25.08
CA ASN A 9 1.29 -3.15 -24.63
C ASN A 9 2.01 -3.34 -23.30
N PRO A 10 1.44 -4.22 -22.42
CA PRO A 10 1.93 -4.56 -21.08
C PRO A 10 3.39 -4.24 -20.68
N PRO A 11 3.61 -4.10 -19.35
CA PRO A 11 4.85 -3.60 -18.73
C PRO A 11 6.10 -4.44 -18.98
N ASP A 12 7.23 -3.74 -19.06
CA ASP A 12 8.57 -4.31 -19.27
C ASP A 12 8.98 -5.50 -18.33
N PRO A 13 8.60 -5.49 -17.01
CA PRO A 13 9.02 -6.54 -16.06
C PRO A 13 8.48 -7.95 -16.34
N VAL A 14 9.22 -8.95 -15.87
CA VAL A 14 9.03 -10.39 -16.20
C VAL A 14 7.68 -10.97 -15.77
N ASN A 15 7.15 -10.44 -14.73
CA ASN A 15 5.89 -10.95 -14.13
C ASN A 15 4.70 -10.83 -15.13
N GLY A 16 4.65 -9.70 -15.87
CA GLY A 16 3.53 -9.43 -16.76
C GLY A 16 3.38 -10.48 -17.87
N MET A 17 2.17 -10.56 -18.43
CA MET A 17 1.83 -11.60 -19.38
C MET A 17 1.34 -11.02 -20.72
N VAL A 18 1.73 -11.71 -21.80
CA VAL A 18 1.42 -11.30 -23.20
C VAL A 18 -0.09 -11.36 -23.51
N HIS A 19 -0.80 -12.24 -22.77
CA HIS A 19 -2.27 -12.48 -22.93
C HIS A 19 -3.13 -11.26 -23.28
N VAL A 20 -2.81 -10.05 -22.81
CA VAL A 20 -3.73 -8.96 -23.06
C VAL A 20 -3.66 -8.61 -24.55
N ILE A 21 -4.84 -8.55 -25.16
CA ILE A 21 -4.98 -8.32 -26.61
C ILE A 21 -5.62 -6.98 -26.97
N LYS A 22 -6.91 -6.84 -26.72
CA LYS A 22 -7.62 -5.60 -26.96
C LYS A 22 -7.73 -4.77 -25.72
N GLY A 23 -7.26 -5.34 -24.63
CA GLY A 23 -7.28 -4.67 -23.37
C GLY A 23 -6.19 -3.60 -23.30
N ILE A 24 -5.46 -3.47 -24.40
CA ILE A 24 -4.36 -2.50 -24.49
C ILE A 24 -4.83 -1.29 -25.25
N GLN A 25 -6.02 -1.33 -25.74
CA GLN A 25 -6.50 -0.31 -26.62
C GLN A 25 -7.12 0.82 -25.80
N PHE A 26 -7.55 1.88 -26.45
CA PHE A 26 -8.12 3.03 -25.73
C PHE A 26 -9.34 2.59 -24.90
N GLY A 27 -9.34 3.00 -23.63
CA GLY A 27 -10.41 2.64 -22.71
C GLY A 27 -10.24 1.26 -22.08
N SER A 28 -9.01 0.73 -22.09
CA SER A 28 -8.77 -0.61 -21.57
C SER A 28 -7.60 -0.66 -20.55
N GLN A 29 -7.64 -1.69 -19.63
CA GLN A 29 -6.62 -1.85 -18.57
C GLN A 29 -5.98 -3.22 -18.62
N ILE A 30 -4.72 -3.30 -18.20
CA ILE A 30 -3.93 -4.53 -18.27
C ILE A 30 -3.75 -5.32 -16.99
N LYS A 31 -4.18 -4.79 -15.88
CA LYS A 31 -3.94 -5.46 -14.56
C LYS A 31 -2.51 -6.05 -14.37
N TYR A 32 -1.61 -5.32 -13.68
CA TYR A 32 -0.25 -5.82 -13.45
C TYR A 32 0.03 -6.00 -11.96
N SER A 33 0.81 -7.05 -11.63
CA SER A 33 1.14 -7.39 -10.24
C SER A 33 2.66 -7.56 -10.03
N CYS A 34 3.12 -7.34 -8.80
CA CYS A 34 4.55 -7.36 -8.48
C CYS A 34 4.93 -8.60 -7.65
N THR A 35 6.23 -8.86 -7.54
CA THR A 35 6.75 -9.97 -6.77
C THR A 35 6.56 -9.67 -5.26
N LYS A 36 6.65 -10.71 -4.41
CA LYS A 36 6.35 -10.57 -2.99
C LYS A 36 7.34 -9.58 -2.32
N GLY A 37 6.80 -8.64 -1.55
CA GLY A 37 7.60 -7.64 -0.87
C GLY A 37 7.85 -6.41 -1.73
N TYR A 38 7.30 -6.43 -2.92
CA TYR A 38 7.41 -5.32 -3.84
C TYR A 38 6.03 -4.77 -4.16
N ARG A 39 5.94 -3.46 -4.32
CA ARG A 39 4.68 -2.82 -4.56
C ARG A 39 4.78 -1.84 -5.67
N LEU A 40 3.65 -1.49 -6.22
CA LEU A 40 3.60 -0.58 -7.33
C LEU A 40 3.76 0.84 -6.86
N ILE A 41 4.60 1.57 -7.52
CA ILE A 41 4.83 3.00 -7.24
C ILE A 41 3.58 3.83 -7.58
N GLY A 42 2.80 3.29 -8.48
CA GLY A 42 1.68 4.01 -9.01
C GLY A 42 0.41 3.19 -8.99
N SER A 43 -0.16 2.95 -10.15
CA SER A 43 -1.40 2.20 -10.23
C SER A 43 -1.14 0.86 -10.94
N SER A 44 -1.50 -0.23 -10.30
CA SER A 44 -1.29 -1.56 -10.86
C SER A 44 -2.08 -1.76 -12.16
N SER A 45 -3.11 -0.98 -12.32
CA SER A 45 -3.86 -0.99 -13.51
C SER A 45 -3.67 0.33 -14.20
N ALA A 46 -3.52 0.27 -15.49
CA ALA A 46 -3.33 1.46 -16.27
C ALA A 46 -4.33 1.49 -17.34
N THR A 47 -4.75 2.66 -17.69
CA THR A 47 -5.74 2.80 -18.66
C THR A 47 -5.15 3.46 -19.89
N CYS A 48 -5.33 2.82 -20.99
CA CYS A 48 -4.84 3.36 -22.23
C CYS A 48 -5.70 4.54 -22.66
N ILE A 49 -5.06 5.68 -22.83
CA ILE A 49 -5.74 6.89 -23.25
C ILE A 49 -5.03 7.50 -24.43
N ILE A 50 -5.70 8.37 -25.14
CA ILE A 50 -5.09 8.98 -26.29
C ILE A 50 -4.68 10.41 -26.03
N SER A 51 -3.39 10.65 -26.22
CA SER A 51 -2.86 12.01 -26.25
C SER A 51 -2.99 12.51 -27.67
N GLY A 52 -2.80 13.78 -27.92
CA GLY A 52 -2.95 14.25 -29.27
C GLY A 52 -1.96 13.59 -30.21
N ASP A 53 -0.70 13.44 -29.78
CA ASP A 53 0.29 12.80 -30.64
C ASP A 53 -0.07 11.32 -30.94
N THR A 54 -0.37 10.54 -29.89
CA THR A 54 -0.61 9.10 -30.04
C THR A 54 -1.40 8.54 -28.86
N VAL A 55 -1.46 7.22 -28.74
CA VAL A 55 -2.17 6.65 -27.62
C VAL A 55 -1.15 6.03 -26.64
N ILE A 56 -1.26 6.47 -25.40
CA ILE A 56 -0.33 6.16 -24.35
C ILE A 56 -1.02 5.68 -23.08
N TRP A 57 -0.26 5.05 -22.18
CA TRP A 57 -0.81 4.59 -20.94
C TRP A 57 -0.87 5.79 -20.00
N ASP A 58 -1.98 5.92 -19.27
CA ASP A 58 -2.15 7.09 -18.41
C ASP A 58 -1.13 7.11 -17.28
N THR A 59 -0.80 5.97 -16.76
CA THR A 59 0.17 5.87 -15.67
C THR A 59 1.57 5.56 -16.13
N GLU A 60 1.68 5.12 -17.39
CA GLU A 60 2.96 4.66 -17.97
C GLU A 60 3.52 3.48 -17.16
N THR A 61 2.62 2.85 -16.39
CA THR A 61 2.91 1.72 -15.52
C THR A 61 3.93 2.00 -14.41
N PRO A 62 3.51 1.75 -13.18
CA PRO A 62 4.33 1.86 -11.99
C PRO A 62 5.50 0.88 -12.02
N ILE A 63 6.58 1.27 -11.44
CA ILE A 63 7.72 0.39 -11.27
C ILE A 63 7.55 -0.41 -9.99
N CYS A 64 7.75 -1.71 -10.06
CA CYS A 64 7.67 -2.49 -8.84
C CYS A 64 8.91 -2.18 -8.00
N ASP A 65 8.69 -1.79 -6.75
CA ASP A 65 9.76 -1.42 -5.85
C ASP A 65 9.44 -1.89 -4.46
N ARG A 66 10.46 -1.99 -3.60
CA ARG A 66 10.29 -2.59 -2.26
C ARG A 66 9.33 -1.73 -1.43
N ILE A 67 8.40 -2.40 -0.76
CA ILE A 67 7.24 -1.74 -0.13
C ILE A 67 7.59 -0.85 1.05
N PRO A 68 7.48 0.47 0.89
CA PRO A 68 7.59 1.36 2.00
C PRO A 68 6.29 1.35 2.79
N CYS A 69 6.34 0.85 3.97
CA CYS A 69 5.24 0.88 4.87
C CYS A 69 4.99 2.27 5.43
N GLY A 70 6.07 3.02 5.59
CA GLY A 70 6.01 4.40 6.03
C GLY A 70 5.60 4.53 7.49
N LEU A 71 4.94 5.64 7.79
CA LEU A 71 4.38 5.84 9.10
C LEU A 71 3.21 4.94 9.29
N PRO A 72 3.13 4.26 10.42
CA PRO A 72 2.00 3.42 10.71
C PRO A 72 0.81 4.29 11.03
N PRO A 73 -0.39 3.74 11.20
CA PRO A 73 -1.51 4.56 11.55
C PRO A 73 -1.24 5.22 12.88
N THR A 74 -1.67 6.43 13.06
CA THR A 74 -1.49 7.07 14.31
C THR A 74 -2.50 6.57 15.28
N ILE A 75 -2.29 6.84 16.51
CA ILE A 75 -3.13 6.32 17.53
C ILE A 75 -3.97 7.42 18.13
N THR A 76 -5.15 7.06 18.45
CA THR A 76 -6.15 7.94 18.91
C THR A 76 -5.74 8.67 20.19
N ASN A 77 -5.21 7.96 21.16
CA ASN A 77 -4.95 8.56 22.46
C ASN A 77 -3.49 9.03 22.71
N GLY A 78 -2.55 8.66 21.86
CA GLY A 78 -1.16 9.07 22.13
C GLY A 78 -0.17 8.65 21.05
N ASP A 79 0.63 7.61 21.33
CA ASP A 79 1.65 7.12 20.36
C ASP A 79 1.76 5.58 20.34
N PHE A 80 2.94 5.07 19.98
CA PHE A 80 3.20 3.64 19.92
C PHE A 80 4.49 3.30 20.65
N ILE A 81 4.55 2.06 21.14
CA ILE A 81 5.60 1.62 22.05
C ILE A 81 7.00 1.55 21.42
N SER A 82 7.07 1.34 20.10
CA SER A 82 8.34 1.09 19.48
C SER A 82 9.29 2.26 19.64
N THR A 83 10.51 1.92 19.97
CA THR A 83 11.58 2.86 20.15
C THR A 83 11.91 3.57 18.85
N ASN A 84 11.98 2.82 17.77
CA ASN A 84 12.35 3.37 16.50
C ASN A 84 11.12 3.90 15.78
N ARG A 85 11.03 5.22 15.71
CA ARG A 85 9.98 5.89 14.98
C ARG A 85 10.19 5.66 13.51
N GLU A 86 9.12 5.35 12.81
CA GLU A 86 9.15 5.04 11.38
C GLU A 86 10.17 3.92 11.09
N ASN A 87 9.69 2.68 11.21
CA ASN A 87 10.52 1.49 11.08
C ASN A 87 10.88 1.17 9.63
N PHE A 88 11.54 0.03 9.47
CA PHE A 88 12.10 -0.38 8.19
C PHE A 88 11.01 -0.74 7.22
N HIS A 89 11.26 -0.40 5.93
CA HIS A 89 10.29 -0.54 4.79
C HIS A 89 9.20 -1.60 5.02
N TYR A 90 9.30 -2.71 4.35
CA TYR A 90 8.31 -3.75 4.46
C TYR A 90 8.57 -4.69 5.65
N GLY A 91 7.49 -5.05 6.35
CA GLY A 91 7.59 -6.00 7.44
C GLY A 91 7.84 -5.37 8.81
N SER A 92 7.62 -4.09 8.93
CA SER A 92 7.74 -3.42 10.20
C SER A 92 6.52 -3.73 11.08
N VAL A 93 6.68 -3.60 12.42
CA VAL A 93 5.62 -3.92 13.37
C VAL A 93 5.59 -2.91 14.54
N VAL A 94 4.40 -2.52 14.98
CA VAL A 94 4.25 -1.62 16.13
C VAL A 94 3.16 -2.10 17.08
N THR A 95 3.25 -1.66 18.33
CA THR A 95 2.24 -1.97 19.34
C THR A 95 1.72 -0.65 19.94
N TYR A 96 0.40 -0.49 19.97
CA TYR A 96 -0.23 0.74 20.46
C TYR A 96 -0.56 0.68 21.95
N ARG A 97 -0.46 1.83 22.61
CA ARG A 97 -0.70 1.92 24.05
C ARG A 97 -1.71 3.03 24.30
N CYS A 98 -2.48 2.88 25.35
CA CYS A 98 -3.47 3.88 25.69
C CYS A 98 -2.87 4.91 26.65
N ASN A 99 -3.11 6.16 26.30
CA ASN A 99 -2.51 7.30 26.95
C ASN A 99 -3.08 7.56 28.33
N PRO A 100 -2.22 7.85 29.31
CA PRO A 100 -2.65 8.14 30.69
C PRO A 100 -3.55 9.36 30.76
N GLY A 101 -4.52 9.33 31.68
CA GLY A 101 -5.42 10.46 31.83
C GLY A 101 -4.83 11.58 32.68
N SER A 102 -5.10 11.52 33.97
CA SER A 102 -4.58 12.48 34.93
C SER A 102 -3.03 12.45 34.95
N GLY A 103 -2.48 11.24 34.94
CA GLY A 103 -1.03 11.08 34.93
C GLY A 103 -0.58 9.69 35.34
N GLY A 104 -0.37 8.82 34.34
CA GLY A 104 0.18 7.49 34.57
C GLY A 104 -0.83 6.49 35.10
N ARG A 105 -2.08 6.93 35.27
CA ARG A 105 -3.13 6.07 35.81
C ARG A 105 -3.48 4.88 34.91
N LYS A 106 -3.46 5.11 33.58
CA LYS A 106 -3.97 4.12 32.59
C LYS A 106 -5.44 3.89 32.86
N VAL A 107 -6.21 4.85 32.45
CA VAL A 107 -7.62 4.88 32.67
C VAL A 107 -8.38 4.46 31.42
N PHE A 108 -7.65 4.09 30.39
CA PHE A 108 -8.26 3.69 29.13
C PHE A 108 -8.01 2.22 28.86
N GLU A 109 -8.99 1.55 28.28
CA GLU A 109 -8.86 0.15 27.98
C GLU A 109 -8.74 -0.05 26.49
N LEU A 110 -7.68 -0.72 26.09
CA LEU A 110 -7.42 -1.01 24.68
C LEU A 110 -8.34 -2.12 24.24
N VAL A 111 -8.60 -2.17 22.95
CA VAL A 111 -9.51 -3.16 22.40
C VAL A 111 -9.02 -4.61 22.65
N GLY A 112 -7.72 -4.85 22.63
CA GLY A 112 -7.24 -6.19 22.97
C GLY A 112 -6.06 -6.68 22.13
N GLU A 113 -5.84 -6.11 20.94
CA GLU A 113 -4.73 -6.57 20.11
C GLU A 113 -3.99 -5.39 19.47
N PRO A 114 -3.12 -4.74 20.27
CA PRO A 114 -2.38 -3.55 19.88
C PRO A 114 -1.29 -3.73 18.82
N SER A 115 -0.84 -4.99 18.59
CA SER A 115 0.31 -5.20 17.70
C SER A 115 -0.09 -5.44 16.24
N ILE A 116 0.40 -4.57 15.37
CA ILE A 116 0.14 -4.68 13.96
C ILE A 116 1.44 -4.61 13.18
N TYR A 117 1.44 -5.17 11.99
CA TYR A 117 2.62 -5.19 11.17
C TYR A 117 2.24 -5.01 9.71
N CYS A 118 3.19 -4.63 8.91
CA CYS A 118 2.96 -4.36 7.52
C CYS A 118 2.87 -5.62 6.70
N THR A 119 1.66 -5.88 6.24
CA THR A 119 1.33 -7.05 5.47
C THR A 119 0.18 -6.72 4.51
N SER A 120 0.48 -5.97 3.50
CA SER A 120 -0.50 -5.57 2.51
C SER A 120 -1.07 -6.80 1.78
N ASN A 121 -2.40 -6.84 1.56
CA ASN A 121 -2.99 -7.99 0.88
C ASN A 121 -4.37 -7.67 0.28
N ASP A 122 -5.44 -7.81 1.09
CA ASP A 122 -6.80 -7.59 0.60
C ASP A 122 -7.05 -6.15 0.17
N ASP A 123 -6.52 -5.20 0.92
CA ASP A 123 -6.48 -3.83 0.49
C ASP A 123 -5.40 -3.67 -0.58
N GLN A 124 -5.68 -2.82 -1.55
CA GLN A 124 -4.86 -2.64 -2.75
C GLN A 124 -3.33 -2.67 -2.48
N VAL A 125 -2.71 -1.52 -2.26
CA VAL A 125 -1.27 -1.51 -2.08
C VAL A 125 -0.82 -0.80 -0.80
N GLY A 126 0.09 -1.43 -0.08
CA GLY A 126 0.78 -0.79 1.06
C GLY A 126 -0.08 -0.51 2.29
N ILE A 127 -0.54 -1.55 2.95
CA ILE A 127 -1.27 -1.38 4.17
C ILE A 127 -0.68 -2.20 5.29
N TRP A 128 -1.05 -1.84 6.49
CA TRP A 128 -0.67 -2.55 7.68
C TRP A 128 -1.68 -3.66 7.95
N SER A 129 -1.44 -4.47 8.96
CA SER A 129 -2.31 -5.60 9.26
C SER A 129 -3.74 -5.12 9.57
N GLY A 130 -3.84 -4.05 10.36
CA GLY A 130 -5.12 -3.53 10.71
C GLY A 130 -5.02 -2.07 11.14
N PRO A 131 -6.16 -1.33 11.13
CA PRO A 131 -6.21 0.04 11.61
C PRO A 131 -5.86 0.09 13.07
N ALA A 132 -5.20 1.17 13.49
CA ALA A 132 -4.76 1.34 14.86
C ALA A 132 -5.85 0.96 15.88
N PRO A 133 -5.61 -0.10 16.68
CA PRO A 133 -6.55 -0.53 17.71
C PRO A 133 -6.72 0.55 18.74
N GLN A 134 -7.90 0.66 19.31
CA GLN A 134 -8.19 1.81 20.10
C GLN A 134 -8.37 1.46 21.53
N CYS A 135 -8.53 2.48 22.28
CA CYS A 135 -8.74 2.43 23.69
C CYS A 135 -10.24 2.42 23.92
N ILE A 136 -10.91 1.49 23.21
CA ILE A 136 -12.36 1.36 23.28
C ILE A 136 -12.79 0.85 24.65
N LYS A 5 -6.77 4.44 -31.35
CA LYS A 5 -5.45 4.00 -31.66
C LYS A 5 -4.95 3.10 -30.53
N SER A 6 -4.41 1.95 -30.87
CA SER A 6 -3.92 1.05 -29.84
C SER A 6 -2.63 1.53 -29.27
N CYS A 7 -2.36 1.15 -28.03
CA CYS A 7 -1.13 1.54 -27.36
C CYS A 7 0.01 0.66 -27.87
N ARG A 8 1.16 0.82 -27.29
CA ARG A 8 2.35 0.13 -27.68
C ARG A 8 2.52 -1.16 -26.98
N ASN A 9 1.50 -1.55 -26.19
CA ASN A 9 1.57 -2.75 -25.38
C ASN A 9 2.39 -2.42 -24.15
N PRO A 10 2.01 -2.96 -23.00
CA PRO A 10 2.70 -2.66 -21.75
C PRO A 10 4.22 -2.89 -21.85
N PRO A 11 5.01 -1.92 -21.32
CA PRO A 11 6.48 -2.00 -21.28
C PRO A 11 6.90 -3.28 -20.57
N ASP A 12 6.11 -3.63 -19.57
CA ASP A 12 6.19 -4.89 -18.85
C ASP A 12 7.39 -5.05 -17.95
N PRO A 13 7.12 -5.18 -16.64
CA PRO A 13 8.11 -5.60 -15.68
C PRO A 13 8.54 -7.03 -15.99
N VAL A 14 9.78 -7.35 -15.72
CA VAL A 14 10.32 -8.65 -16.08
C VAL A 14 9.64 -9.76 -15.28
N ASN A 15 9.26 -10.82 -16.03
CA ASN A 15 8.48 -11.99 -15.57
C ASN A 15 7.10 -11.59 -15.09
N GLY A 16 6.59 -10.51 -15.65
CA GLY A 16 5.25 -10.12 -15.36
C GLY A 16 4.25 -10.94 -16.14
N MET A 17 3.02 -10.76 -15.84
CA MET A 17 1.95 -11.48 -16.49
C MET A 17 0.99 -10.54 -17.17
N VAL A 18 0.51 -10.95 -18.31
CA VAL A 18 -0.45 -10.17 -19.08
C VAL A 18 -1.73 -10.97 -19.30
N HIS A 19 -2.85 -10.35 -19.02
CA HIS A 19 -4.15 -10.99 -19.19
C HIS A 19 -5.03 -10.08 -20.03
N VAL A 20 -4.56 -9.63 -21.17
CA VAL A 20 -5.34 -8.67 -21.89
C VAL A 20 -5.63 -9.15 -23.31
N ILE A 21 -6.91 -9.10 -23.71
CA ILE A 21 -7.31 -9.58 -25.02
C ILE A 21 -7.30 -8.45 -26.09
N LYS A 22 -7.94 -7.33 -25.77
CA LYS A 22 -8.01 -6.15 -26.65
C LYS A 22 -7.69 -4.89 -25.85
N GLY A 23 -7.36 -5.10 -24.60
CA GLY A 23 -7.24 -4.00 -23.66
C GLY A 23 -5.94 -3.21 -23.73
N ILE A 24 -5.35 -3.13 -24.88
CA ILE A 24 -4.15 -2.30 -25.02
C ILE A 24 -4.54 -1.02 -25.70
N GLN A 25 -5.79 -0.96 -26.05
CA GLN A 25 -6.33 0.12 -26.81
C GLN A 25 -6.60 1.30 -25.91
N PHE A 26 -7.07 2.34 -26.52
CA PHE A 26 -7.53 3.50 -25.80
C PHE A 26 -8.72 3.11 -24.91
N GLY A 27 -8.67 3.50 -23.64
CA GLY A 27 -9.74 3.17 -22.72
C GLY A 27 -9.65 1.75 -22.20
N SER A 28 -8.46 1.17 -22.25
CA SER A 28 -8.28 -0.23 -21.83
C SER A 28 -7.15 -0.38 -20.80
N GLN A 29 -7.22 -1.47 -20.00
CA GLN A 29 -6.29 -1.70 -18.87
C GLN A 29 -5.62 -3.06 -18.93
N ILE A 30 -4.47 -3.14 -18.28
CA ILE A 30 -3.72 -4.38 -18.12
C ILE A 30 -3.48 -4.60 -16.64
N LYS A 31 -3.36 -5.85 -16.23
CA LYS A 31 -3.25 -6.17 -14.82
C LYS A 31 -1.83 -6.63 -14.46
N TYR A 32 -1.40 -6.29 -13.26
CA TYR A 32 -0.07 -6.66 -12.74
C TYR A 32 -0.04 -7.25 -11.35
N SER A 33 0.99 -8.09 -11.13
CA SER A 33 1.17 -8.80 -9.86
C SER A 33 2.63 -8.73 -9.45
N CYS A 34 2.86 -8.60 -8.15
CA CYS A 34 4.19 -8.51 -7.63
C CYS A 34 4.49 -9.65 -6.65
N THR A 35 5.78 -9.88 -6.40
CA THR A 35 6.26 -10.86 -5.46
C THR A 35 6.13 -10.36 -4.03
N LYS A 36 6.28 -11.25 -3.04
CA LYS A 36 6.01 -10.89 -1.64
C LYS A 36 6.91 -9.76 -1.15
N GLY A 37 6.26 -8.79 -0.52
CA GLY A 37 6.94 -7.63 0.04
C GLY A 37 7.07 -6.49 -0.96
N TYR A 38 6.53 -6.71 -2.15
CA TYR A 38 6.60 -5.71 -3.21
C TYR A 38 5.20 -5.30 -3.66
N ARG A 39 5.05 -4.05 -4.01
CA ARG A 39 3.78 -3.52 -4.47
C ARG A 39 4.00 -2.62 -5.67
N LEU A 40 2.93 -2.31 -6.40
CA LEU A 40 3.08 -1.46 -7.55
C LEU A 40 3.04 -0.02 -7.09
N ILE A 41 4.04 0.72 -7.51
CA ILE A 41 4.18 2.12 -7.17
C ILE A 41 3.04 2.96 -7.74
N GLY A 42 2.75 2.67 -8.97
CA GLY A 42 1.78 3.40 -9.69
C GLY A 42 0.48 2.72 -9.62
N SER A 43 -0.07 2.44 -10.74
CA SER A 43 -1.30 1.73 -10.79
C SER A 43 -1.03 0.41 -11.43
N SER A 44 -1.41 -0.66 -10.75
CA SER A 44 -1.19 -2.01 -11.27
C SER A 44 -1.90 -2.17 -12.60
N SER A 45 -3.01 -1.49 -12.78
CA SER A 45 -3.70 -1.52 -14.03
C SER A 45 -3.65 -0.14 -14.67
N ALA A 46 -3.06 -0.08 -15.83
CA ALA A 46 -2.91 1.17 -16.55
C ALA A 46 -3.94 1.29 -17.60
N THR A 47 -4.32 2.50 -17.90
CA THR A 47 -5.28 2.73 -18.91
C THR A 47 -4.64 3.51 -20.06
N CYS A 48 -4.75 2.96 -21.23
CA CYS A 48 -4.23 3.60 -22.41
C CYS A 48 -5.12 4.78 -22.83
N ILE A 49 -4.49 5.93 -23.06
CA ILE A 49 -5.20 7.14 -23.44
C ILE A 49 -4.56 7.80 -24.63
N ILE A 50 -5.23 8.77 -25.19
CA ILE A 50 -4.63 9.53 -26.26
C ILE A 50 -4.06 10.80 -25.64
N SER A 51 -2.75 10.95 -25.74
CA SER A 51 -2.08 12.16 -25.28
C SER A 51 -2.56 13.35 -26.10
N GLY A 52 -2.67 13.11 -27.37
CA GLY A 52 -3.08 14.10 -28.30
C GLY A 52 -2.59 13.75 -29.66
N ASP A 53 -1.30 13.91 -29.86
CA ASP A 53 -0.65 13.50 -31.12
C ASP A 53 -0.69 11.97 -31.30
N THR A 54 -0.54 11.24 -30.20
CA THR A 54 -0.46 9.80 -30.25
C THR A 54 -1.13 9.19 -29.02
N VAL A 55 -1.15 7.88 -28.95
CA VAL A 55 -1.78 7.19 -27.86
C VAL A 55 -0.73 6.60 -26.94
N ILE A 56 -0.80 6.99 -25.69
CA ILE A 56 0.13 6.58 -24.67
C ILE A 56 -0.55 6.10 -23.40
N TRP A 57 0.15 5.43 -22.55
CA TRP A 57 -0.42 4.93 -21.33
C TRP A 57 -0.48 6.07 -20.28
N ASP A 58 -1.62 6.19 -19.54
CA ASP A 58 -1.79 7.28 -18.55
C ASP A 58 -0.81 7.04 -17.45
N THR A 59 -0.63 5.80 -17.19
CA THR A 59 0.37 5.34 -16.33
C THR A 59 1.20 4.39 -17.15
N GLU A 60 2.45 4.62 -17.19
CA GLU A 60 3.40 3.87 -18.05
C GLU A 60 3.68 2.48 -17.50
N THR A 61 2.85 2.03 -16.58
CA THR A 61 2.99 0.75 -15.90
C THR A 61 3.96 0.85 -14.72
N PRO A 62 3.46 0.54 -13.53
CA PRO A 62 4.19 0.61 -12.27
C PRO A 62 5.28 -0.45 -12.14
N ILE A 63 6.24 -0.14 -11.32
CA ILE A 63 7.34 -1.02 -11.07
C ILE A 63 7.21 -1.60 -9.67
N CYS A 64 7.33 -2.92 -9.55
CA CYS A 64 7.22 -3.55 -8.26
C CYS A 64 8.39 -3.14 -7.39
N ASP A 65 8.10 -2.32 -6.42
CA ASP A 65 9.11 -1.87 -5.47
C ASP A 65 8.69 -2.36 -4.10
N ARG A 66 9.64 -2.48 -3.19
CA ARG A 66 9.32 -3.00 -1.88
C ARG A 66 8.42 -2.00 -1.18
N ILE A 67 7.32 -2.51 -0.64
CA ILE A 67 6.22 -1.69 -0.09
C ILE A 67 6.72 -0.64 0.90
N PRO A 68 6.65 0.66 0.50
CA PRO A 68 7.11 1.75 1.35
C PRO A 68 6.47 1.76 2.72
N CYS A 69 5.15 1.46 2.78
CA CYS A 69 4.35 1.47 4.04
C CYS A 69 4.83 2.50 5.10
N GLY A 70 5.32 3.63 4.62
CA GLY A 70 5.91 4.59 5.50
C GLY A 70 4.91 5.32 6.37
N LEU A 71 5.30 5.55 7.61
CA LEU A 71 4.51 6.25 8.60
C LEU A 71 3.16 5.54 8.85
N PRO A 72 3.02 4.88 10.00
CA PRO A 72 1.79 4.19 10.36
C PRO A 72 0.80 5.24 10.82
N PRO A 73 -0.51 4.92 10.96
CA PRO A 73 -1.42 5.94 11.43
C PRO A 73 -0.98 6.40 12.82
N THR A 74 -1.07 7.69 13.05
CA THR A 74 -0.73 8.24 14.33
C THR A 74 -1.84 7.90 15.30
N ILE A 75 -1.47 7.46 16.44
CA ILE A 75 -2.42 7.04 17.43
C ILE A 75 -3.12 8.24 18.02
N THR A 76 -4.40 8.13 18.19
CA THR A 76 -5.20 9.22 18.68
C THR A 76 -4.79 9.70 20.09
N ASN A 77 -4.63 8.76 21.02
CA ASN A 77 -4.21 9.12 22.39
C ASN A 77 -2.82 9.71 22.56
N GLY A 78 -1.83 9.18 21.85
CA GLY A 78 -0.48 9.68 22.05
C GLY A 78 0.62 8.61 21.90
N ASP A 79 1.24 8.60 20.72
CA ASP A 79 2.41 7.74 20.40
C ASP A 79 2.19 6.21 20.56
N PHE A 80 3.30 5.48 20.34
CA PHE A 80 3.32 4.04 20.26
C PHE A 80 4.56 3.42 20.90
N ILE A 81 4.54 2.11 21.06
CA ILE A 81 5.57 1.34 21.73
C ILE A 81 6.92 1.38 21.08
N SER A 82 6.98 1.27 19.77
CA SER A 82 8.26 1.12 19.11
C SER A 82 9.17 2.33 19.34
N THR A 83 10.45 2.04 19.48
CA THR A 83 11.44 3.02 19.75
C THR A 83 12.21 3.40 18.49
N ASN A 84 11.79 2.83 17.36
CA ASN A 84 12.45 3.10 16.08
C ASN A 84 11.77 4.27 15.42
N ARG A 85 10.86 4.89 16.20
CA ARG A 85 10.05 6.02 15.79
C ARG A 85 9.50 5.94 14.40
N GLU A 86 8.34 5.29 14.30
CA GLU A 86 7.57 5.23 13.08
C GLU A 86 8.06 4.06 12.23
N ASN A 87 7.19 3.53 11.45
CA ASN A 87 7.53 2.42 10.60
C ASN A 87 7.80 2.87 9.21
N PHE A 88 8.78 2.27 8.58
CA PHE A 88 9.08 2.65 7.24
C PHE A 88 8.58 1.60 6.26
N HIS A 89 9.48 0.76 5.76
CA HIS A 89 9.13 -0.19 4.68
C HIS A 89 8.52 -1.48 5.21
N TYR A 90 8.24 -2.38 4.28
CA TYR A 90 7.48 -3.60 4.53
C TYR A 90 8.09 -4.43 5.62
N GLY A 91 7.24 -4.94 6.49
CA GLY A 91 7.69 -5.79 7.57
C GLY A 91 7.84 -5.05 8.87
N SER A 92 7.70 -3.75 8.83
CA SER A 92 7.79 -2.96 10.02
C SER A 92 6.51 -3.12 10.85
N VAL A 93 6.65 -3.13 12.15
CA VAL A 93 5.51 -3.31 13.04
C VAL A 93 5.59 -2.41 14.29
N VAL A 94 4.45 -1.86 14.69
CA VAL A 94 4.35 -1.09 15.95
C VAL A 94 3.16 -1.53 16.76
N THR A 95 3.21 -1.23 18.04
CA THR A 95 2.17 -1.59 18.95
C THR A 95 1.70 -0.33 19.70
N TYR A 96 0.41 -0.14 19.78
CA TYR A 96 -0.15 1.07 20.36
C TYR A 96 -0.69 0.84 21.76
N ARG A 97 -0.46 1.82 22.63
CA ARG A 97 -0.91 1.77 24.00
C ARG A 97 -1.75 2.97 24.31
N CYS A 98 -2.66 2.80 25.20
CA CYS A 98 -3.54 3.86 25.64
C CYS A 98 -2.89 4.55 26.86
N ASN A 99 -2.95 5.86 26.86
CA ASN A 99 -2.20 6.71 27.80
C ASN A 99 -2.57 6.53 29.26
N PRO A 100 -1.57 6.40 30.13
CA PRO A 100 -1.77 6.47 31.57
C PRO A 100 -2.32 7.87 31.94
N GLY A 101 -3.18 7.92 32.94
CA GLY A 101 -3.73 9.18 33.34
C GLY A 101 -3.56 9.45 34.81
N SER A 102 -3.22 10.71 35.16
CA SER A 102 -3.04 11.16 36.56
C SER A 102 -2.14 10.18 37.34
N GLY A 103 -1.30 9.49 36.61
CA GLY A 103 -0.45 8.50 37.18
C GLY A 103 -0.25 7.40 36.20
N GLY A 104 0.26 6.27 36.65
CA GLY A 104 0.46 5.13 35.77
C GLY A 104 -0.80 4.33 35.57
N ARG A 105 -1.94 4.99 35.55
CA ARG A 105 -3.18 4.26 35.42
C ARG A 105 -3.63 4.26 34.02
N LYS A 106 -4.02 3.11 33.52
CA LYS A 106 -4.63 3.11 32.25
C LYS A 106 -6.07 3.35 32.38
N VAL A 107 -6.40 4.52 32.02
CA VAL A 107 -7.69 5.06 32.13
C VAL A 107 -8.37 5.02 30.81
N PHE A 108 -7.68 4.45 29.86
CA PHE A 108 -8.21 4.29 28.56
C PHE A 108 -8.10 2.81 28.17
N GLU A 109 -9.04 2.35 27.38
CA GLU A 109 -9.10 0.96 26.98
C GLU A 109 -8.87 0.88 25.48
N LEU A 110 -8.23 -0.16 25.02
CA LEU A 110 -7.86 -0.28 23.59
C LEU A 110 -8.70 -1.37 22.92
N VAL A 111 -8.84 -1.28 21.59
CA VAL A 111 -9.71 -2.15 20.82
C VAL A 111 -9.31 -3.63 20.95
N GLY A 112 -8.04 -3.94 20.85
CA GLY A 112 -7.63 -5.34 21.04
C GLY A 112 -6.60 -5.80 20.07
N GLU A 113 -6.33 -5.02 19.05
CA GLU A 113 -5.32 -5.37 18.06
C GLU A 113 -4.30 -4.22 17.94
N PRO A 114 -3.59 -3.88 19.06
CA PRO A 114 -2.69 -2.70 19.10
C PRO A 114 -1.49 -2.83 18.19
N SER A 115 -1.15 -4.05 17.85
CA SER A 115 0.00 -4.30 17.05
C SER A 115 -0.38 -4.45 15.59
N ILE A 116 0.22 -3.62 14.75
CA ILE A 116 -0.07 -3.63 13.34
C ILE A 116 1.20 -3.73 12.51
N TYR A 117 1.09 -4.29 11.32
CA TYR A 117 2.23 -4.46 10.43
C TYR A 117 1.80 -4.35 9.00
N CYS A 118 2.75 -4.10 8.11
CA CYS A 118 2.46 -4.02 6.68
C CYS A 118 2.31 -5.43 6.14
N THR A 119 1.06 -5.81 5.84
CA THR A 119 0.70 -7.17 5.47
C THR A 119 0.18 -7.21 4.05
N SER A 120 0.49 -6.20 3.30
CA SER A 120 -0.22 -5.89 2.08
C SER A 120 -0.21 -7.00 1.02
N ASN A 121 0.89 -7.65 0.79
CA ASN A 121 0.97 -8.59 -0.33
C ASN A 121 -0.04 -9.77 -0.17
N ASP A 122 -0.20 -10.30 1.04
CA ASP A 122 -1.08 -11.48 1.24
C ASP A 122 -2.57 -11.23 0.92
N ASP A 123 -3.13 -10.07 1.34
CA ASP A 123 -4.58 -9.86 1.09
C ASP A 123 -4.91 -8.49 0.48
N GLN A 124 -5.12 -7.48 1.34
CA GLN A 124 -5.51 -6.13 0.93
C GLN A 124 -4.26 -5.34 0.48
N VAL A 125 -4.39 -4.56 -0.60
CA VAL A 125 -3.23 -3.93 -1.20
C VAL A 125 -2.87 -2.57 -0.57
N GLY A 126 -1.59 -2.41 -0.22
CA GLY A 126 -1.05 -1.13 0.25
C GLY A 126 -1.47 -0.78 1.65
N ILE A 127 -1.75 -1.79 2.44
CA ILE A 127 -2.32 -1.55 3.74
C ILE A 127 -1.59 -2.21 4.90
N TRP A 128 -1.90 -1.67 6.06
CA TRP A 128 -1.46 -2.14 7.36
C TRP A 128 -2.53 -3.04 7.86
N SER A 129 -2.21 -3.95 8.78
CA SER A 129 -3.19 -4.97 9.18
C SER A 129 -4.45 -4.30 9.70
N GLY A 130 -4.27 -3.17 10.33
CA GLY A 130 -5.40 -2.42 10.76
C GLY A 130 -5.05 -0.99 10.94
N PRO A 131 -6.00 -0.07 10.78
CA PRO A 131 -5.79 1.31 11.13
C PRO A 131 -5.51 1.35 12.60
N ALA A 132 -4.66 2.28 13.02
CA ALA A 132 -4.24 2.31 14.41
C ALA A 132 -5.43 2.27 15.36
N PRO A 133 -5.58 1.17 16.13
CA PRO A 133 -6.71 1.01 17.04
C PRO A 133 -6.73 2.07 18.09
N GLN A 134 -7.90 2.46 18.46
CA GLN A 134 -8.08 3.59 19.31
C GLN A 134 -8.58 3.16 20.65
N CYS A 135 -8.50 4.04 21.58
CA CYS A 135 -8.80 3.74 22.93
C CYS A 135 -10.33 3.78 23.20
N ILE A 136 -11.00 2.70 22.73
CA ILE A 136 -12.42 2.44 22.93
C ILE A 136 -12.65 1.56 24.16
N LYS A 5 -6.20 4.29 -33.19
CA LYS A 5 -5.11 4.30 -32.27
C LYS A 5 -5.13 3.12 -31.36
N SER A 6 -3.97 2.56 -31.15
CA SER A 6 -3.76 1.53 -30.21
C SER A 6 -2.52 1.90 -29.41
N CYS A 7 -2.43 1.48 -28.18
CA CYS A 7 -1.30 1.92 -27.37
C CYS A 7 -0.07 1.06 -27.55
N ARG A 8 0.91 1.29 -26.68
CA ARG A 8 2.21 0.67 -26.79
C ARG A 8 2.26 -0.71 -26.16
N ASN A 9 1.07 -1.26 -25.82
CA ASN A 9 0.98 -2.62 -25.27
C ASN A 9 1.37 -2.62 -23.81
N PRO A 10 0.83 -3.58 -23.04
CA PRO A 10 1.15 -3.87 -21.65
C PRO A 10 2.54 -3.37 -21.12
N PRO A 11 2.62 -3.30 -19.80
CA PRO A 11 3.65 -2.52 -19.01
C PRO A 11 5.09 -2.81 -19.29
N ASP A 12 5.34 -4.06 -19.54
CA ASP A 12 6.67 -4.66 -19.61
C ASP A 12 7.06 -5.22 -18.22
N PRO A 13 6.24 -6.16 -17.69
CA PRO A 13 6.57 -6.91 -16.51
C PRO A 13 7.84 -7.67 -16.71
N VAL A 14 8.59 -7.86 -15.66
CA VAL A 14 9.84 -8.57 -15.75
C VAL A 14 9.60 -9.91 -15.14
N ASN A 15 10.02 -10.92 -15.90
CA ASN A 15 9.69 -12.30 -15.59
C ASN A 15 8.17 -12.47 -15.59
N GLY A 16 7.52 -11.72 -16.45
CA GLY A 16 6.08 -11.73 -16.55
C GLY A 16 5.61 -11.72 -17.99
N MET A 17 4.43 -12.28 -18.23
CA MET A 17 3.88 -12.38 -19.58
C MET A 17 2.91 -11.23 -19.87
N VAL A 18 2.32 -11.22 -21.06
CA VAL A 18 1.44 -10.14 -21.47
C VAL A 18 -0.05 -10.58 -21.42
N HIS A 19 -0.78 -9.95 -20.50
CA HIS A 19 -2.21 -10.23 -20.24
C HIS A 19 -3.12 -9.83 -21.42
N VAL A 20 -2.88 -8.68 -22.01
CA VAL A 20 -3.76 -8.16 -23.02
C VAL A 20 -3.03 -7.96 -24.32
N ILE A 21 -3.62 -8.48 -25.42
CA ILE A 21 -2.97 -8.33 -26.74
C ILE A 21 -3.63 -7.23 -27.62
N LYS A 22 -4.92 -7.37 -27.93
CA LYS A 22 -5.66 -6.36 -28.74
C LYS A 22 -6.46 -5.36 -27.94
N GLY A 23 -6.59 -5.57 -26.66
CA GLY A 23 -7.36 -4.64 -25.81
C GLY A 23 -6.44 -3.59 -25.22
N ILE A 24 -5.53 -3.12 -26.05
CA ILE A 24 -4.51 -2.18 -25.65
C ILE A 24 -4.86 -0.79 -26.17
N GLN A 25 -5.96 -0.69 -26.86
CA GLN A 25 -6.33 0.51 -27.54
C GLN A 25 -6.70 1.62 -26.59
N PHE A 26 -7.05 2.75 -27.15
CA PHE A 26 -7.46 3.87 -26.34
C PHE A 26 -8.72 3.52 -25.51
N GLY A 27 -8.60 3.76 -24.20
CA GLY A 27 -9.67 3.52 -23.26
C GLY A 27 -9.56 2.12 -22.64
N SER A 28 -8.79 1.25 -23.29
CA SER A 28 -8.60 -0.11 -22.82
C SER A 28 -7.64 -0.14 -21.60
N GLN A 29 -7.81 -1.13 -20.74
CA GLN A 29 -7.00 -1.27 -19.56
C GLN A 29 -6.34 -2.60 -19.45
N ILE A 30 -5.26 -2.60 -18.77
CA ILE A 30 -4.48 -3.75 -18.47
C ILE A 30 -4.30 -3.86 -16.96
N LYS A 31 -4.18 -5.06 -16.48
CA LYS A 31 -4.01 -5.32 -15.03
C LYS A 31 -2.66 -5.92 -14.75
N TYR A 32 -2.13 -5.63 -13.61
CA TYR A 32 -0.83 -6.08 -13.23
C TYR A 32 -0.93 -6.58 -11.77
N SER A 33 0.00 -7.41 -11.30
CA SER A 33 -0.07 -7.89 -9.92
C SER A 33 1.33 -8.18 -9.42
N CYS A 34 1.50 -8.21 -8.10
CA CYS A 34 2.83 -8.33 -7.55
C CYS A 34 2.96 -9.51 -6.60
N THR A 35 4.19 -9.93 -6.42
CA THR A 35 4.55 -11.02 -5.51
C THR A 35 4.65 -10.49 -4.06
N LYS A 36 4.68 -11.38 -3.08
CA LYS A 36 4.69 -11.00 -1.67
C LYS A 36 5.95 -10.20 -1.32
N GLY A 37 5.74 -9.05 -0.63
CA GLY A 37 6.81 -8.17 -0.18
C GLY A 37 7.06 -7.02 -1.14
N TYR A 38 6.56 -7.16 -2.35
CA TYR A 38 6.65 -6.13 -3.36
C TYR A 38 5.27 -5.70 -3.76
N ARG A 39 5.07 -4.43 -3.99
CA ARG A 39 3.76 -3.96 -4.40
C ARG A 39 3.79 -3.19 -5.66
N LEU A 40 2.61 -2.87 -6.09
CA LEU A 40 2.40 -1.99 -7.16
C LEU A 40 2.58 -0.60 -6.62
N ILE A 41 3.46 0.07 -7.22
CA ILE A 41 3.78 1.41 -6.84
C ILE A 41 2.66 2.42 -7.03
N GLY A 42 2.00 2.32 -8.14
CA GLY A 42 1.12 3.37 -8.56
C GLY A 42 -0.31 3.00 -8.66
N SER A 43 -0.53 1.89 -9.29
CA SER A 43 -1.81 1.42 -9.64
C SER A 43 -1.73 -0.09 -9.84
N SER A 44 -2.82 -0.70 -10.06
CA SER A 44 -2.84 -2.10 -10.48
C SER A 44 -3.23 -2.19 -11.97
N SER A 45 -3.51 -1.04 -12.57
CA SER A 45 -4.00 -0.93 -13.95
C SER A 45 -3.62 0.43 -14.52
N ALA A 46 -3.70 0.56 -15.82
CA ALA A 46 -3.43 1.82 -16.49
C ALA A 46 -4.44 2.04 -17.55
N THR A 47 -4.76 3.28 -17.78
CA THR A 47 -5.68 3.62 -18.81
C THR A 47 -4.96 4.47 -19.84
N CYS A 48 -5.12 4.07 -21.06
CA CYS A 48 -4.54 4.77 -22.21
C CYS A 48 -5.18 6.14 -22.37
N ILE A 49 -4.35 7.14 -22.60
CA ILE A 49 -4.80 8.49 -22.84
C ILE A 49 -4.12 8.99 -24.10
N ILE A 50 -4.58 10.09 -24.62
CA ILE A 50 -4.00 10.63 -25.82
C ILE A 50 -3.03 11.72 -25.47
N SER A 51 -1.79 11.55 -25.87
CA SER A 51 -0.83 12.60 -25.67
C SER A 51 -0.17 12.85 -27.00
N GLY A 52 -0.14 14.10 -27.43
CA GLY A 52 0.40 14.37 -28.75
C GLY A 52 -0.39 13.63 -29.83
N ASP A 53 0.34 13.01 -30.73
CA ASP A 53 -0.27 12.21 -31.80
C ASP A 53 -0.38 10.73 -31.41
N THR A 54 0.07 10.37 -30.22
CA THR A 54 0.15 9.00 -29.84
C THR A 54 -0.60 8.71 -28.56
N VAL A 55 -1.39 7.69 -28.60
CA VAL A 55 -2.08 7.27 -27.43
C VAL A 55 -1.11 6.41 -26.57
N ILE A 56 -0.88 6.87 -25.36
CA ILE A 56 0.03 6.20 -24.39
C ILE A 56 -0.63 5.95 -23.05
N TRP A 57 -0.01 5.07 -22.23
CA TRP A 57 -0.54 4.77 -20.91
C TRP A 57 -0.06 5.87 -20.00
N ASP A 58 -0.99 6.58 -19.40
CA ASP A 58 -0.65 7.73 -18.57
C ASP A 58 0.17 7.38 -17.33
N THR A 59 -0.23 6.32 -16.65
CA THR A 59 0.44 5.82 -15.44
C THR A 59 1.83 5.25 -15.76
N GLU A 60 2.00 4.83 -17.03
CA GLU A 60 3.15 4.04 -17.57
C GLU A 60 3.27 2.72 -16.84
N THR A 61 2.19 2.38 -16.18
CA THR A 61 2.03 1.17 -15.40
C THR A 61 2.99 1.05 -14.20
N PRO A 62 2.43 0.68 -13.05
CA PRO A 62 3.19 0.46 -11.83
C PRO A 62 4.20 -0.66 -11.93
N ILE A 63 5.28 -0.49 -11.24
CA ILE A 63 6.35 -1.48 -11.17
C ILE A 63 6.40 -2.07 -9.79
N CYS A 64 6.46 -3.40 -9.69
CA CYS A 64 6.44 -4.00 -8.37
C CYS A 64 7.76 -3.67 -7.68
N ASP A 65 7.68 -3.13 -6.51
CA ASP A 65 8.85 -2.69 -5.77
C ASP A 65 8.55 -2.91 -4.32
N ARG A 66 9.53 -2.77 -3.47
CA ARG A 66 9.32 -3.06 -2.08
C ARG A 66 8.33 -2.12 -1.48
N ILE A 67 7.44 -2.71 -0.71
CA ILE A 67 6.33 -1.99 -0.10
C ILE A 67 6.78 -1.05 0.99
N PRO A 68 6.70 0.26 0.74
CA PRO A 68 6.99 1.26 1.77
C PRO A 68 6.11 1.06 3.01
N CYS A 69 4.82 0.68 2.77
CA CYS A 69 3.78 0.46 3.83
C CYS A 69 3.40 1.78 4.52
N GLY A 70 4.36 2.63 4.69
CA GLY A 70 4.13 3.96 5.16
C GLY A 70 4.03 4.04 6.63
N LEU A 71 4.04 5.26 7.13
CA LEU A 71 3.88 5.52 8.53
C LEU A 71 2.52 5.00 8.97
N PRO A 72 2.45 4.24 10.08
CA PRO A 72 1.22 3.63 10.52
C PRO A 72 0.18 4.68 10.91
N PRO A 73 -1.10 4.30 11.04
CA PRO A 73 -2.13 5.26 11.37
C PRO A 73 -1.85 5.94 12.71
N THR A 74 -2.14 7.21 12.80
CA THR A 74 -1.93 7.95 14.00
C THR A 74 -2.89 7.46 15.07
N ILE A 75 -2.36 7.23 16.22
CA ILE A 75 -3.12 6.69 17.35
C ILE A 75 -4.06 7.72 17.96
N THR A 76 -5.13 7.23 18.51
CA THR A 76 -6.09 8.03 19.18
C THR A 76 -5.52 8.78 20.45
N ASN A 77 -4.79 8.07 21.34
CA ASN A 77 -4.35 8.73 22.62
C ASN A 77 -2.81 8.92 22.85
N GLY A 78 -1.98 8.46 21.97
CA GLY A 78 -0.51 8.61 22.18
C GLY A 78 0.26 7.73 21.22
N ASP A 79 1.27 8.31 20.56
CA ASP A 79 1.92 7.65 19.42
C ASP A 79 2.61 6.38 19.82
N PHE A 80 3.09 5.66 18.83
CA PHE A 80 3.60 4.35 19.04
C PHE A 80 4.89 4.31 19.82
N ILE A 81 4.99 3.23 20.57
CA ILE A 81 6.01 3.05 21.60
C ILE A 81 7.42 2.94 21.02
N SER A 82 7.51 2.51 19.75
CA SER A 82 8.78 2.26 19.11
C SER A 82 9.61 3.52 19.07
N THR A 83 10.90 3.35 19.30
CA THR A 83 11.85 4.43 19.35
C THR A 83 12.00 5.10 18.01
N ASN A 84 11.82 4.33 16.96
CA ASN A 84 12.01 4.83 15.64
C ASN A 84 10.65 5.25 15.09
N ARG A 85 10.62 6.41 14.50
CA ARG A 85 9.43 6.93 13.86
C ARG A 85 9.44 6.84 12.38
N GLU A 86 8.25 6.45 11.89
CA GLU A 86 7.92 6.45 10.48
C GLU A 86 8.40 5.14 9.82
N ASN A 87 7.47 4.44 9.16
CA ASN A 87 7.74 3.10 8.60
C ASN A 87 8.31 3.13 7.21
N PHE A 88 9.59 2.81 7.12
CA PHE A 88 10.30 2.79 5.85
C PHE A 88 9.78 1.73 4.85
N HIS A 89 9.56 0.48 5.34
CA HIS A 89 9.23 -0.68 4.46
C HIS A 89 8.41 -1.78 5.14
N TYR A 90 8.04 -2.80 4.33
CA TYR A 90 7.24 -3.97 4.72
C TYR A 90 7.94 -4.84 5.78
N GLY A 91 7.14 -5.32 6.72
CA GLY A 91 7.63 -6.19 7.80
C GLY A 91 7.81 -5.47 9.13
N SER A 92 7.59 -4.16 9.13
CA SER A 92 7.70 -3.37 10.33
C SER A 92 6.53 -3.62 11.27
N VAL A 93 6.78 -3.56 12.57
CA VAL A 93 5.73 -3.67 13.57
C VAL A 93 5.91 -2.57 14.62
N VAL A 94 4.81 -1.99 15.03
CA VAL A 94 4.83 -0.95 16.08
C VAL A 94 3.77 -1.26 17.10
N THR A 95 3.88 -0.70 18.28
CA THR A 95 2.93 -0.95 19.31
C THR A 95 2.32 0.37 19.83
N TYR A 96 1.00 0.42 19.85
CA TYR A 96 0.26 1.57 20.33
C TYR A 96 -0.12 1.47 21.76
N ARG A 97 -0.10 2.59 22.44
CA ARG A 97 -0.41 2.59 23.81
C ARG A 97 -1.40 3.73 24.12
N CYS A 98 -2.28 3.51 25.05
CA CYS A 98 -3.31 4.49 25.44
C CYS A 98 -2.72 5.34 26.54
N ASN A 99 -3.03 6.63 26.48
CA ASN A 99 -2.48 7.58 27.43
C ASN A 99 -2.91 7.23 28.82
N PRO A 100 -1.96 7.00 29.72
CA PRO A 100 -2.23 6.77 31.10
C PRO A 100 -2.88 8.00 31.68
N GLY A 101 -3.75 7.79 32.61
CA GLY A 101 -4.41 8.89 33.24
C GLY A 101 -3.43 9.61 34.09
N SER A 102 -3.86 10.68 34.72
CA SER A 102 -2.94 11.47 35.47
C SER A 102 -2.32 10.62 36.59
N GLY A 103 -1.02 10.76 36.76
CA GLY A 103 -0.31 10.00 37.76
C GLY A 103 0.06 8.59 37.29
N GLY A 104 -0.06 8.31 35.98
CA GLY A 104 0.36 6.99 35.47
C GLY A 104 -0.67 5.87 35.73
N ARG A 105 -1.89 6.26 35.96
CA ARG A 105 -2.99 5.32 36.23
C ARG A 105 -3.78 4.98 34.94
N LYS A 106 -4.70 4.01 35.01
CA LYS A 106 -5.48 3.61 33.82
C LYS A 106 -6.84 4.18 33.81
N VAL A 107 -7.01 5.13 32.93
CA VAL A 107 -8.26 5.70 32.68
C VAL A 107 -8.74 5.32 31.29
N PHE A 108 -7.86 4.64 30.56
CA PHE A 108 -8.16 4.16 29.23
C PHE A 108 -7.86 2.69 29.11
N GLU A 109 -8.65 2.04 28.30
CA GLU A 109 -8.46 0.64 28.05
C GLU A 109 -8.13 0.42 26.58
N LEU A 110 -6.98 -0.17 26.30
CA LEU A 110 -6.64 -0.49 24.93
C LEU A 110 -7.43 -1.71 24.51
N VAL A 111 -7.63 -1.87 23.24
CA VAL A 111 -8.44 -2.94 22.70
C VAL A 111 -7.82 -4.33 23.08
N GLY A 112 -6.49 -4.37 23.28
CA GLY A 112 -5.82 -5.61 23.69
C GLY A 112 -4.79 -6.11 22.75
N GLU A 113 -4.80 -5.64 21.53
CA GLU A 113 -3.77 -6.04 20.57
C GLU A 113 -3.11 -4.79 20.00
N PRO A 114 -2.24 -4.15 20.80
CA PRO A 114 -1.59 -2.90 20.45
C PRO A 114 -0.61 -2.99 19.28
N SER A 115 -0.11 -4.15 19.01
CA SER A 115 0.84 -4.29 17.96
C SER A 115 0.17 -4.54 16.61
N ILE A 116 0.60 -3.77 15.64
CA ILE A 116 0.15 -3.91 14.29
C ILE A 116 1.35 -3.99 13.37
N TYR A 117 1.16 -4.62 12.24
CA TYR A 117 2.22 -4.83 11.29
C TYR A 117 1.74 -4.82 9.86
N CYS A 118 2.68 -4.64 8.97
CA CYS A 118 2.47 -4.66 7.52
C CYS A 118 2.17 -6.15 7.14
N THR A 119 0.88 -6.50 7.13
CA THR A 119 0.44 -7.92 6.96
C THR A 119 -0.32 -8.09 5.66
N SER A 120 -0.17 -7.15 4.78
CA SER A 120 -1.11 -7.01 3.69
C SER A 120 -1.19 -8.28 2.80
N ASN A 121 -2.44 -8.66 2.42
CA ASN A 121 -2.66 -9.94 1.75
C ASN A 121 -3.44 -9.85 0.41
N ASP A 122 -4.77 -9.95 0.53
CA ASP A 122 -5.68 -10.15 -0.63
C ASP A 122 -5.92 -8.95 -1.56
N ASP A 123 -6.10 -7.73 -1.04
CA ASP A 123 -6.35 -6.57 -1.94
C ASP A 123 -5.14 -6.31 -2.82
N GLN A 124 -4.02 -6.29 -2.13
CA GLN A 124 -2.65 -6.12 -2.61
C GLN A 124 -1.76 -6.20 -1.42
N VAL A 125 -0.54 -5.83 -1.58
CA VAL A 125 0.31 -5.79 -0.48
C VAL A 125 0.77 -4.35 -0.22
N GLY A 126 0.62 -3.93 1.03
CA GLY A 126 1.03 -2.61 1.45
C GLY A 126 0.05 -1.87 2.34
N ILE A 127 -0.42 -2.57 3.34
CA ILE A 127 -1.28 -2.01 4.34
C ILE A 127 -0.86 -2.55 5.69
N TRP A 128 -1.60 -2.20 6.70
CA TRP A 128 -1.37 -2.67 8.06
C TRP A 128 -2.44 -3.66 8.46
N SER A 129 -2.19 -4.42 9.50
CA SER A 129 -3.13 -5.45 9.94
C SER A 129 -4.48 -4.86 10.28
N GLY A 130 -4.47 -3.67 10.79
CA GLY A 130 -5.69 -2.97 11.06
C GLY A 130 -5.41 -1.56 11.41
N PRO A 131 -6.42 -0.73 11.54
CA PRO A 131 -6.27 0.63 12.00
C PRO A 131 -5.71 0.64 13.39
N ALA A 132 -4.89 1.64 13.72
CA ALA A 132 -4.28 1.76 15.05
C ALA A 132 -5.27 1.30 16.14
N PRO A 133 -4.84 0.36 17.03
CA PRO A 133 -5.73 -0.21 18.04
C PRO A 133 -6.24 0.89 18.93
N GLN A 134 -7.46 0.75 19.35
CA GLN A 134 -8.12 1.83 19.95
C GLN A 134 -8.40 1.62 21.38
N CYS A 135 -8.48 2.70 22.07
CA CYS A 135 -8.63 2.71 23.47
C CYS A 135 -10.12 2.49 23.81
N ILE A 136 -10.55 1.25 23.58
CA ILE A 136 -11.87 0.75 23.96
C ILE A 136 -12.09 0.76 25.47
N LYS A 5 -6.72 4.66 -31.15
CA LYS A 5 -5.32 4.39 -31.13
C LYS A 5 -4.98 3.56 -29.92
N SER A 6 -4.38 2.45 -30.14
CA SER A 6 -3.99 1.56 -29.09
C SER A 6 -2.71 2.04 -28.43
N CYS A 7 -2.47 1.67 -27.18
CA CYS A 7 -1.24 2.13 -26.55
C CYS A 7 -0.08 1.29 -27.04
N ARG A 8 1.07 1.50 -26.44
CA ARG A 8 2.31 0.85 -26.90
C ARG A 8 2.43 -0.60 -26.50
N ASN A 9 1.51 -1.07 -25.65
CA ASN A 9 1.52 -2.43 -25.10
C ASN A 9 2.47 -2.48 -23.92
N PRO A 10 2.18 -3.32 -22.92
CA PRO A 10 3.01 -3.43 -21.73
C PRO A 10 4.46 -3.75 -22.08
N PRO A 11 5.43 -3.19 -21.30
CA PRO A 11 6.87 -3.47 -21.50
C PRO A 11 7.18 -4.94 -21.23
N ASP A 12 6.30 -5.58 -20.48
CA ASP A 12 6.37 -7.00 -20.10
C ASP A 12 7.15 -7.20 -18.81
N PRO A 13 6.53 -6.84 -17.66
CA PRO A 13 7.13 -7.02 -16.35
C PRO A 13 7.37 -8.51 -16.03
N VAL A 14 8.43 -8.76 -15.30
CA VAL A 14 8.81 -10.10 -14.89
C VAL A 14 7.83 -10.70 -13.88
N ASN A 15 7.57 -12.02 -14.01
CA ASN A 15 6.63 -12.79 -13.15
C ASN A 15 5.17 -12.34 -13.24
N GLY A 16 4.75 -11.93 -14.44
CA GLY A 16 3.35 -11.61 -14.64
C GLY A 16 2.96 -11.60 -16.11
N MET A 17 1.87 -12.31 -16.45
CA MET A 17 1.38 -12.36 -17.82
C MET A 17 -0.09 -11.99 -17.88
N VAL A 18 -0.43 -11.17 -18.83
CA VAL A 18 -1.77 -10.65 -19.01
C VAL A 18 -2.28 -11.00 -20.42
N HIS A 19 -3.51 -11.47 -20.51
CA HIS A 19 -4.09 -11.88 -21.79
C HIS A 19 -4.06 -10.68 -22.77
N VAL A 20 -4.40 -9.49 -22.22
CA VAL A 20 -4.39 -8.18 -22.94
C VAL A 20 -4.40 -8.27 -24.47
N ILE A 21 -5.54 -8.62 -25.02
CA ILE A 21 -5.70 -8.67 -26.45
C ILE A 21 -6.16 -7.31 -27.00
N LYS A 22 -7.19 -6.76 -26.38
CA LYS A 22 -7.68 -5.43 -26.70
C LYS A 22 -7.51 -4.53 -25.50
N GLY A 23 -6.80 -5.04 -24.53
CA GLY A 23 -6.58 -4.35 -23.30
C GLY A 23 -5.55 -3.25 -23.45
N ILE A 24 -5.15 -3.00 -24.69
CA ILE A 24 -4.19 -1.96 -24.98
C ILE A 24 -4.81 -0.73 -25.64
N GLN A 25 -6.09 -0.68 -25.81
CA GLN A 25 -6.66 0.43 -26.54
C GLN A 25 -7.13 1.54 -25.65
N PHE A 26 -7.50 2.66 -26.22
CA PHE A 26 -7.86 3.80 -25.36
C PHE A 26 -9.05 3.41 -24.47
N GLY A 27 -8.88 3.62 -23.16
CA GLY A 27 -9.88 3.23 -22.17
C GLY A 27 -9.64 1.81 -21.62
N SER A 28 -8.62 1.11 -22.14
CA SER A 28 -8.26 -0.23 -21.73
C SER A 28 -7.47 -0.22 -20.43
N GLN A 29 -7.34 -1.38 -19.85
CA GLN A 29 -6.51 -1.54 -18.70
C GLN A 29 -5.73 -2.83 -18.75
N ILE A 30 -4.57 -2.81 -18.13
CA ILE A 30 -3.73 -3.99 -17.97
C ILE A 30 -3.44 -4.10 -16.48
N LYS A 31 -3.23 -5.30 -15.94
CA LYS A 31 -3.06 -5.42 -14.48
C LYS A 31 -1.75 -6.15 -14.16
N TYR A 32 -1.01 -5.72 -13.15
CA TYR A 32 0.18 -6.48 -12.73
C TYR A 32 0.23 -6.92 -11.30
N SER A 33 0.52 -8.20 -11.14
CA SER A 33 0.73 -8.82 -9.82
C SER A 33 2.20 -8.71 -9.33
N CYS A 34 2.44 -8.92 -8.05
CA CYS A 34 3.80 -8.98 -7.51
C CYS A 34 3.92 -10.14 -6.52
N THR A 35 5.13 -10.42 -6.06
CA THR A 35 5.38 -11.43 -5.06
C THR A 35 4.99 -10.91 -3.65
N LYS A 36 4.91 -11.82 -2.67
CA LYS A 36 4.43 -11.48 -1.33
C LYS A 36 5.38 -10.51 -0.60
N GLY A 37 4.79 -9.49 0.01
CA GLY A 37 5.55 -8.44 0.71
C GLY A 37 6.07 -7.36 -0.25
N TYR A 38 5.68 -7.50 -1.49
CA TYR A 38 6.03 -6.58 -2.55
C TYR A 38 4.75 -5.96 -3.17
N ARG A 39 4.83 -4.70 -3.56
CA ARG A 39 3.73 -4.05 -4.28
C ARG A 39 4.31 -3.32 -5.45
N LEU A 40 3.43 -2.86 -6.30
CA LEU A 40 3.83 -2.02 -7.38
C LEU A 40 4.03 -0.63 -6.79
N ILE A 41 5.13 -0.05 -7.13
CA ILE A 41 5.46 1.29 -6.72
C ILE A 41 4.53 2.33 -7.33
N GLY A 42 3.94 1.96 -8.44
CA GLY A 42 3.05 2.83 -9.14
C GLY A 42 1.67 2.23 -9.20
N SER A 43 1.09 2.22 -10.36
CA SER A 43 -0.21 1.64 -10.56
C SER A 43 -0.08 0.33 -11.31
N SER A 44 -0.52 -0.75 -10.71
CA SER A 44 -0.40 -2.04 -11.39
C SER A 44 -1.19 -2.03 -12.66
N SER A 45 -2.35 -1.45 -12.58
CA SER A 45 -3.17 -1.29 -13.72
C SER A 45 -2.77 -0.06 -14.52
N ALA A 46 -2.97 -0.11 -15.79
CA ALA A 46 -2.70 1.02 -16.62
C ALA A 46 -3.77 1.21 -17.66
N THR A 47 -4.03 2.44 -17.95
CA THR A 47 -4.99 2.84 -18.91
C THR A 47 -4.30 3.68 -19.97
N CYS A 48 -4.53 3.37 -21.22
CA CYS A 48 -3.94 4.23 -22.28
C CYS A 48 -4.49 5.66 -22.14
N ILE A 49 -3.62 6.62 -22.27
CA ILE A 49 -3.99 8.02 -22.26
C ILE A 49 -3.38 8.72 -23.43
N ILE A 50 -3.86 9.90 -23.72
CA ILE A 50 -3.30 10.65 -24.81
C ILE A 50 -2.38 11.73 -24.27
N SER A 51 -1.11 11.66 -24.66
CA SER A 51 -0.12 12.65 -24.29
C SER A 51 -0.53 13.98 -24.87
N GLY A 52 -0.97 13.93 -26.11
CA GLY A 52 -1.39 15.08 -26.82
C GLY A 52 -1.96 14.68 -28.15
N ASP A 53 -1.11 14.18 -29.01
CA ASP A 53 -1.53 13.69 -30.32
C ASP A 53 -1.27 12.17 -30.46
N THR A 54 -0.92 11.51 -29.35
CA THR A 54 -0.55 10.09 -29.40
C THR A 54 -1.00 9.38 -28.13
N VAL A 55 -0.93 8.04 -28.14
CA VAL A 55 -1.37 7.26 -27.03
C VAL A 55 -0.18 6.59 -26.35
N ILE A 56 -0.12 6.83 -25.04
CA ILE A 56 0.88 6.28 -24.11
C ILE A 56 0.19 5.78 -22.84
N TRP A 57 0.89 5.00 -22.00
CA TRP A 57 0.27 4.50 -20.77
C TRP A 57 0.33 5.60 -19.69
N ASP A 58 -0.81 5.84 -19.01
CA ASP A 58 -0.89 6.84 -17.91
C ASP A 58 0.02 6.46 -16.76
N THR A 59 -0.01 5.18 -16.45
CA THR A 59 0.73 4.61 -15.34
C THR A 59 2.25 4.76 -15.44
N GLU A 60 2.78 4.47 -16.65
CA GLU A 60 4.25 4.41 -16.94
C GLU A 60 4.81 3.07 -16.43
N THR A 61 3.89 2.17 -16.11
CA THR A 61 4.14 0.80 -15.58
C THR A 61 5.12 0.75 -14.38
N PRO A 62 4.59 0.32 -13.22
CA PRO A 62 5.29 0.20 -11.94
C PRO A 62 6.27 -0.97 -11.86
N ILE A 63 7.20 -0.85 -10.93
CA ILE A 63 8.18 -1.89 -10.63
C ILE A 63 7.86 -2.52 -9.28
N CYS A 64 7.82 -3.87 -9.21
CA CYS A 64 7.53 -4.53 -7.94
C CYS A 64 8.71 -4.34 -7.00
N ASP A 65 8.42 -3.91 -5.81
CA ASP A 65 9.44 -3.71 -4.79
C ASP A 65 8.77 -3.87 -3.41
N ARG A 66 9.56 -3.80 -2.33
CA ARG A 66 9.02 -4.00 -1.00
C ARG A 66 8.06 -2.88 -0.67
N ILE A 67 6.95 -3.24 -0.07
CA ILE A 67 5.87 -2.31 0.22
C ILE A 67 6.24 -1.24 1.25
N PRO A 68 6.37 0.03 0.82
CA PRO A 68 6.57 1.16 1.73
C PRO A 68 5.44 1.23 2.77
N CYS A 69 4.24 0.87 2.32
CA CYS A 69 2.99 0.84 3.09
C CYS A 69 2.24 2.16 3.03
N GLY A 70 2.89 3.16 2.45
CA GLY A 70 2.22 4.44 2.22
C GLY A 70 2.09 5.28 3.47
N LEU A 71 2.97 5.00 4.43
CA LEU A 71 2.99 5.66 5.73
C LEU A 71 1.80 5.19 6.58
N PRO A 72 2.01 4.96 7.86
CA PRO A 72 0.98 4.45 8.72
C PRO A 72 0.09 5.55 9.23
N PRO A 73 -1.15 5.22 9.57
CA PRO A 73 -2.07 6.19 10.14
C PRO A 73 -1.58 6.70 11.49
N THR A 74 -1.83 7.96 11.77
CA THR A 74 -1.47 8.56 13.02
C THR A 74 -2.49 8.09 14.06
N ILE A 75 -2.20 8.29 15.30
CA ILE A 75 -2.99 7.73 16.39
C ILE A 75 -3.89 8.76 17.04
N THR A 76 -5.07 8.31 17.36
CA THR A 76 -6.09 9.09 18.00
C THR A 76 -5.65 9.62 19.40
N ASN A 77 -5.06 8.73 20.23
CA ASN A 77 -4.81 9.08 21.65
C ASN A 77 -3.34 9.25 22.05
N GLY A 78 -2.43 8.55 21.41
CA GLY A 78 -1.02 8.69 21.77
C GLY A 78 -0.13 7.97 20.79
N ASP A 79 0.93 8.66 20.35
CA ASP A 79 1.84 8.18 19.28
C ASP A 79 2.44 6.83 19.59
N PHE A 80 3.28 6.37 18.69
CA PHE A 80 3.79 5.05 18.80
C PHE A 80 5.19 4.98 19.35
N ILE A 81 5.51 3.79 19.79
CA ILE A 81 6.74 3.44 20.46
C ILE A 81 7.95 3.58 19.58
N SER A 82 7.86 3.16 18.35
CA SER A 82 9.01 3.20 17.48
C SER A 82 9.51 4.66 17.30
N THR A 83 10.82 4.78 17.21
CA THR A 83 11.51 6.07 17.30
C THR A 83 11.22 7.05 16.15
N ASN A 84 11.03 6.55 14.96
CA ASN A 84 10.76 7.40 13.82
C ASN A 84 9.25 7.45 13.56
N ARG A 85 8.60 8.60 13.78
CA ARG A 85 7.17 8.69 13.62
C ARG A 85 6.81 8.47 12.16
N GLU A 86 5.79 7.65 11.92
CA GLU A 86 5.36 7.32 10.59
C GLU A 86 6.41 6.44 9.87
N ASN A 87 6.12 5.13 9.88
CA ASN A 87 7.02 4.04 9.48
C ASN A 87 7.32 3.92 7.96
N PHE A 88 8.58 3.54 7.73
CA PHE A 88 9.23 3.39 6.43
C PHE A 88 8.83 2.18 5.50
N HIS A 89 8.66 0.93 6.04
CA HIS A 89 8.55 -0.27 5.12
C HIS A 89 7.76 -1.50 5.67
N TYR A 90 7.50 -2.45 4.74
CA TYR A 90 6.89 -3.76 5.05
C TYR A 90 7.76 -4.59 5.96
N GLY A 91 7.11 -5.14 6.97
CA GLY A 91 7.77 -5.96 7.97
C GLY A 91 8.06 -5.17 9.22
N SER A 92 7.98 -3.86 9.10
CA SER A 92 8.15 -2.99 10.23
C SER A 92 6.91 -2.98 11.09
N VAL A 93 7.07 -2.77 12.39
CA VAL A 93 5.95 -2.73 13.29
C VAL A 93 6.04 -1.49 14.17
N VAL A 94 4.93 -0.84 14.35
CA VAL A 94 4.81 0.33 15.18
C VAL A 94 3.78 0.08 16.27
N THR A 95 4.12 0.41 17.50
CA THR A 95 3.23 0.08 18.59
C THR A 95 2.63 1.36 19.19
N TYR A 96 1.32 1.40 19.25
CA TYR A 96 0.55 2.57 19.67
C TYR A 96 0.01 2.36 21.03
N ARG A 97 -0.02 3.41 21.79
CA ARG A 97 -0.34 3.29 23.16
C ARG A 97 -1.54 4.23 23.47
N CYS A 98 -2.37 3.80 24.39
CA CYS A 98 -3.51 4.60 24.89
C CYS A 98 -3.05 5.25 26.17
N ASN A 99 -3.73 6.31 26.58
CA ASN A 99 -3.20 7.12 27.68
C ASN A 99 -3.35 6.44 29.05
N PRO A 100 -2.19 6.12 29.67
CA PRO A 100 -2.09 5.61 31.03
C PRO A 100 -2.42 6.69 32.08
N GLY A 101 -2.89 6.26 33.23
CA GLY A 101 -3.17 7.14 34.34
C GLY A 101 -1.93 7.39 35.18
N SER A 102 -2.14 7.79 36.43
CA SER A 102 -1.05 8.01 37.36
C SER A 102 -0.29 6.70 37.57
N GLY A 103 -1.04 5.61 37.72
CA GLY A 103 -0.47 4.28 37.84
C GLY A 103 -0.40 3.57 36.49
N GLY A 104 -0.04 2.28 36.51
CA GLY A 104 0.07 1.51 35.29
C GLY A 104 -1.29 1.19 34.69
N ARG A 105 -2.33 1.64 35.35
CA ARG A 105 -3.68 1.44 34.88
C ARG A 105 -3.89 2.20 33.58
N LYS A 106 -4.45 1.51 32.59
CA LYS A 106 -4.79 2.14 31.35
C LYS A 106 -6.16 2.80 31.60
N VAL A 107 -6.25 4.11 31.44
CA VAL A 107 -7.49 4.81 31.71
C VAL A 107 -8.52 4.45 30.70
N PHE A 108 -8.04 4.23 29.52
CA PHE A 108 -8.84 3.79 28.46
C PHE A 108 -8.27 2.62 27.69
N GLU A 109 -9.20 1.85 27.15
CA GLU A 109 -8.99 0.54 26.57
C GLU A 109 -8.53 0.64 25.13
N LEU A 110 -7.74 -0.31 24.71
CA LEU A 110 -7.28 -0.37 23.33
C LEU A 110 -7.84 -1.65 22.74
N VAL A 111 -7.80 -1.76 21.44
CA VAL A 111 -8.38 -2.90 20.73
C VAL A 111 -7.72 -4.24 21.14
N GLY A 112 -6.40 -4.27 21.22
CA GLY A 112 -5.71 -5.48 21.57
C GLY A 112 -4.57 -5.71 20.64
N GLU A 113 -4.59 -4.96 19.57
CA GLU A 113 -3.53 -4.96 18.59
C GLU A 113 -2.85 -3.57 18.60
N PRO A 114 -2.21 -3.15 19.74
CA PRO A 114 -1.56 -1.83 19.79
C PRO A 114 -0.41 -1.77 18.86
N SER A 115 0.09 -2.92 18.53
CA SER A 115 1.18 -3.03 17.65
C SER A 115 0.66 -3.41 16.29
N ILE A 116 0.96 -2.63 15.33
CA ILE A 116 0.54 -2.93 14.01
C ILE A 116 1.71 -2.97 13.09
N TYR A 117 1.58 -3.75 12.06
CA TYR A 117 2.66 -3.92 11.13
C TYR A 117 2.12 -4.02 9.75
N CYS A 118 2.96 -3.76 8.79
CA CYS A 118 2.50 -3.76 7.42
C CYS A 118 2.20 -5.20 6.99
N THR A 119 0.92 -5.51 6.85
CA THR A 119 0.52 -6.81 6.37
C THR A 119 -0.46 -6.65 5.20
N SER A 120 0.13 -6.26 4.13
CA SER A 120 -0.54 -6.06 2.87
C SER A 120 -0.93 -7.40 2.26
N ASN A 121 -0.38 -8.43 2.84
CA ASN A 121 -0.56 -9.79 2.41
C ASN A 121 -2.02 -10.23 2.57
N ASP A 122 -2.64 -9.81 3.68
CA ASP A 122 -3.95 -10.35 4.07
C ASP A 122 -5.18 -9.64 3.40
N ASP A 123 -5.85 -8.76 4.15
CA ASP A 123 -7.15 -8.16 3.74
C ASP A 123 -7.05 -7.32 2.46
N GLN A 124 -6.04 -6.50 2.37
CA GLN A 124 -5.85 -5.59 1.24
C GLN A 124 -4.37 -5.39 1.03
N VAL A 125 -3.97 -4.82 -0.08
CA VAL A 125 -2.57 -4.66 -0.38
C VAL A 125 -2.13 -3.23 -0.21
N GLY A 126 -1.01 -3.07 0.49
CA GLY A 126 -0.50 -1.80 0.85
C GLY A 126 -1.08 -1.26 2.14
N ILE A 127 -1.43 -2.18 3.02
CA ILE A 127 -2.08 -1.85 4.28
C ILE A 127 -1.33 -2.43 5.48
N TRP A 128 -1.70 -1.93 6.62
CA TRP A 128 -1.22 -2.32 7.92
C TRP A 128 -2.18 -3.33 8.55
N SER A 129 -1.71 -4.09 9.53
CA SER A 129 -2.49 -5.18 10.14
C SER A 129 -3.77 -4.62 10.72
N GLY A 130 -3.69 -3.42 11.19
CA GLY A 130 -4.84 -2.74 11.61
C GLY A 130 -4.60 -1.29 11.51
N PRO A 131 -5.54 -0.50 10.98
CA PRO A 131 -5.38 0.93 10.97
C PRO A 131 -5.29 1.37 12.41
N ALA A 132 -4.46 2.41 12.65
CA ALA A 132 -4.13 2.90 14.00
C ALA A 132 -5.17 2.50 15.02
N PRO A 133 -4.81 1.57 15.93
CA PRO A 133 -5.77 1.00 16.86
C PRO A 133 -6.33 2.04 17.76
N GLN A 134 -7.57 1.87 18.05
CA GLN A 134 -8.28 2.86 18.73
C GLN A 134 -8.59 2.51 20.15
N CYS A 135 -8.60 3.50 20.98
CA CYS A 135 -8.81 3.33 22.38
C CYS A 135 -10.32 3.18 22.66
N ILE A 136 -10.81 2.00 22.28
CA ILE A 136 -12.22 1.60 22.42
C ILE A 136 -12.35 0.47 23.45
N LYS A 5 -6.79 3.91 -29.98
CA LYS A 5 -5.40 3.75 -30.39
C LYS A 5 -4.65 2.91 -29.42
N SER A 6 -3.77 2.09 -29.93
CA SER A 6 -2.86 1.34 -29.14
C SER A 6 -1.75 2.20 -28.59
N CYS A 7 -1.38 1.92 -27.36
CA CYS A 7 -0.39 2.70 -26.62
C CYS A 7 1.01 2.15 -26.76
N ARG A 8 1.89 2.60 -25.86
CA ARG A 8 3.30 2.27 -25.94
C ARG A 8 3.54 0.78 -25.81
N ASN A 9 2.76 0.13 -24.91
CA ASN A 9 2.88 -1.33 -24.57
C ASN A 9 3.06 -1.49 -23.07
N PRO A 10 2.51 -2.59 -22.51
CA PRO A 10 2.66 -2.99 -21.09
C PRO A 10 4.07 -2.70 -20.51
N PRO A 11 4.23 -2.74 -19.16
CA PRO A 11 5.51 -2.37 -18.52
C PRO A 11 6.63 -3.30 -18.95
N ASP A 12 6.21 -4.51 -19.36
CA ASP A 12 7.10 -5.54 -19.86
C ASP A 12 8.31 -5.82 -18.93
N PRO A 13 8.12 -5.90 -17.56
CA PRO A 13 9.22 -6.26 -16.68
C PRO A 13 9.73 -7.66 -17.00
N VAL A 14 11.03 -7.88 -16.89
CA VAL A 14 11.59 -9.22 -17.04
C VAL A 14 11.08 -10.11 -15.92
N ASN A 15 10.98 -9.50 -14.75
CA ASN A 15 10.53 -10.16 -13.54
C ASN A 15 9.09 -10.63 -13.67
N GLY A 16 8.28 -9.78 -14.29
CA GLY A 16 6.84 -10.02 -14.36
C GLY A 16 6.34 -10.71 -15.62
N MET A 17 5.04 -10.88 -15.65
CA MET A 17 4.32 -11.46 -16.77
C MET A 17 3.29 -10.50 -17.23
N VAL A 18 2.94 -10.58 -18.47
CA VAL A 18 2.01 -9.65 -19.05
C VAL A 18 0.79 -10.42 -19.51
N HIS A 19 -0.39 -9.93 -19.14
CA HIS A 19 -1.62 -10.60 -19.51
C HIS A 19 -2.57 -9.61 -20.15
N VAL A 20 -2.45 -9.46 -21.45
CA VAL A 20 -3.32 -8.61 -22.22
C VAL A 20 -3.62 -9.29 -23.55
N ILE A 21 -4.86 -9.22 -24.04
CA ILE A 21 -5.16 -9.78 -25.35
C ILE A 21 -4.53 -8.90 -26.46
N LYS A 22 -5.02 -7.67 -26.55
CA LYS A 22 -4.53 -6.60 -27.43
C LYS A 22 -4.85 -5.28 -26.73
N GLY A 23 -5.21 -5.43 -25.46
CA GLY A 23 -5.74 -4.34 -24.67
C GLY A 23 -4.70 -3.35 -24.19
N ILE A 24 -3.91 -2.88 -25.09
CA ILE A 24 -2.87 -1.93 -24.80
C ILE A 24 -3.34 -0.56 -25.24
N GLN A 25 -4.54 -0.53 -25.71
CA GLN A 25 -5.16 0.61 -26.34
C GLN A 25 -5.80 1.58 -25.32
N PHE A 26 -6.47 2.60 -25.85
CA PHE A 26 -7.16 3.66 -25.02
C PHE A 26 -8.21 3.08 -24.07
N GLY A 27 -9.01 2.24 -24.57
CA GLY A 27 -10.12 1.70 -23.80
C GLY A 27 -9.77 0.40 -23.16
N SER A 28 -8.50 0.17 -23.00
CA SER A 28 -8.05 -1.09 -22.54
C SER A 28 -7.14 -0.94 -21.33
N GLN A 29 -7.15 -1.96 -20.50
CA GLN A 29 -6.43 -1.98 -19.24
C GLN A 29 -5.51 -3.18 -19.16
N ILE A 30 -4.33 -2.92 -18.74
CA ILE A 30 -3.33 -3.94 -18.54
C ILE A 30 -3.24 -4.34 -17.08
N LYS A 31 -3.30 -5.62 -16.85
CA LYS A 31 -3.29 -6.18 -15.51
C LYS A 31 -1.90 -6.67 -15.15
N TYR A 32 -1.51 -6.44 -13.90
CA TYR A 32 -0.23 -6.89 -13.43
C TYR A 32 -0.39 -7.36 -11.97
N SER A 33 0.41 -8.33 -11.56
CA SER A 33 0.36 -8.83 -10.20
C SER A 33 1.78 -8.91 -9.63
N CYS A 34 1.92 -8.76 -8.32
CA CYS A 34 3.23 -8.84 -7.66
C CYS A 34 3.24 -10.03 -6.70
N THR A 35 4.40 -10.40 -6.23
CA THR A 35 4.52 -11.48 -5.29
C THR A 35 4.18 -10.98 -3.88
N LYS A 36 3.97 -11.92 -2.95
CA LYS A 36 3.63 -11.56 -1.59
C LYS A 36 4.78 -10.81 -0.93
N GLY A 37 4.45 -9.71 -0.28
CA GLY A 37 5.44 -8.85 0.33
C GLY A 37 5.86 -7.72 -0.61
N TYR A 38 5.33 -7.77 -1.82
CA TYR A 38 5.61 -6.77 -2.83
C TYR A 38 4.30 -6.15 -3.38
N ARG A 39 4.32 -4.87 -3.67
CA ARG A 39 3.16 -4.20 -4.23
C ARG A 39 3.54 -3.25 -5.31
N LEU A 40 2.55 -2.86 -6.07
CA LEU A 40 2.74 -1.89 -7.09
C LEU A 40 2.82 -0.51 -6.46
N ILE A 41 3.75 0.30 -6.93
CA ILE A 41 3.95 1.65 -6.41
C ILE A 41 3.01 2.62 -7.12
N GLY A 42 1.99 2.04 -7.75
CA GLY A 42 1.02 2.79 -8.50
C GLY A 42 -0.23 1.98 -8.67
N SER A 43 -0.76 2.01 -9.84
CA SER A 43 -1.98 1.30 -10.15
C SER A 43 -1.65 0.13 -11.07
N SER A 44 -1.96 -1.06 -10.61
CA SER A 44 -1.62 -2.29 -11.30
C SER A 44 -2.25 -2.34 -12.69
N SER A 45 -3.44 -1.77 -12.80
CA SER A 45 -4.12 -1.70 -14.07
C SER A 45 -4.18 -0.26 -14.54
N ALA A 46 -3.63 -0.02 -15.71
CA ALA A 46 -3.59 1.32 -16.28
C ALA A 46 -4.58 1.46 -17.41
N THR A 47 -5.16 2.63 -17.52
CA THR A 47 -6.06 2.91 -18.59
C THR A 47 -5.37 3.90 -19.49
N CYS A 48 -5.30 3.58 -20.73
CA CYS A 48 -4.75 4.50 -21.70
C CYS A 48 -5.66 5.68 -21.95
N ILE A 49 -5.09 6.84 -22.15
CA ILE A 49 -5.86 8.00 -22.51
C ILE A 49 -5.20 8.62 -23.74
N ILE A 50 -5.90 9.43 -24.45
CA ILE A 50 -5.34 10.00 -25.65
C ILE A 50 -4.98 11.46 -25.40
N SER A 51 -3.73 11.79 -25.67
CA SER A 51 -3.22 13.12 -25.48
C SER A 51 -3.47 14.01 -26.70
N GLY A 52 -3.92 13.40 -27.75
CA GLY A 52 -4.20 14.11 -28.97
C GLY A 52 -3.98 13.24 -30.14
N ASP A 53 -2.86 13.43 -30.80
CA ASP A 53 -2.52 12.65 -31.97
C ASP A 53 -1.99 11.26 -31.60
N THR A 54 -1.78 11.01 -30.31
CA THR A 54 -1.21 9.75 -29.89
C THR A 54 -1.84 9.33 -28.61
N VAL A 55 -1.71 8.08 -28.29
CA VAL A 55 -2.30 7.60 -27.08
C VAL A 55 -1.20 7.05 -26.16
N ILE A 56 -1.23 7.54 -24.95
CA ILE A 56 -0.25 7.15 -23.92
C ILE A 56 -0.90 6.69 -22.62
N TRP A 57 -0.14 6.02 -21.76
CA TRP A 57 -0.71 5.49 -20.54
C TRP A 57 -0.79 6.66 -19.55
N ASP A 58 -1.93 6.83 -18.90
CA ASP A 58 -2.13 7.99 -18.00
C ASP A 58 -1.85 7.63 -16.55
N THR A 59 -1.69 6.36 -16.28
CA THR A 59 -1.47 5.90 -14.92
C THR A 59 0.01 5.62 -14.60
N GLU A 60 0.84 5.70 -15.63
CA GLU A 60 2.28 5.40 -15.51
C GLU A 60 2.55 4.10 -14.79
N THR A 61 2.00 3.03 -15.36
CA THR A 61 2.19 1.63 -14.92
C THR A 61 3.29 1.45 -13.83
N PRO A 62 2.87 0.91 -12.68
CA PRO A 62 3.68 0.73 -11.50
C PRO A 62 4.73 -0.37 -11.61
N ILE A 63 5.71 -0.25 -10.79
CA ILE A 63 6.81 -1.20 -10.69
C ILE A 63 6.77 -1.89 -9.32
N CYS A 64 6.86 -3.22 -9.29
CA CYS A 64 6.80 -3.93 -8.00
C CYS A 64 8.06 -3.60 -7.21
N ASP A 65 7.88 -3.31 -5.98
CA ASP A 65 8.95 -3.03 -5.07
C ASP A 65 8.46 -3.52 -3.75
N ARG A 66 9.33 -3.66 -2.77
CA ARG A 66 8.89 -4.17 -1.52
C ARG A 66 7.94 -3.18 -0.92
N ILE A 67 6.80 -3.68 -0.48
CA ILE A 67 5.68 -2.85 -0.05
C ILE A 67 6.10 -1.78 0.90
N PRO A 68 6.18 -0.52 0.44
CA PRO A 68 6.46 0.54 1.34
C PRO A 68 5.33 0.57 2.34
N CYS A 69 5.64 0.81 3.56
CA CYS A 69 4.60 0.83 4.56
C CYS A 69 4.13 2.23 4.77
N GLY A 70 5.00 3.16 4.45
CA GLY A 70 4.72 4.53 4.66
C GLY A 70 4.86 4.84 6.12
N LEU A 71 4.49 6.01 6.51
CA LEU A 71 4.51 6.30 7.91
C LEU A 71 3.29 5.69 8.55
N PRO A 72 3.47 5.07 9.70
CA PRO A 72 2.38 4.43 10.38
C PRO A 72 1.41 5.44 10.96
N PRO A 73 0.16 5.08 11.10
CA PRO A 73 -0.83 5.90 11.73
C PRO A 73 -0.52 6.06 13.21
N THR A 74 -0.96 7.12 13.81
CA THR A 74 -0.61 7.35 15.19
C THR A 74 -1.78 7.01 16.11
N ILE A 75 -1.45 6.74 17.37
CA ILE A 75 -2.41 6.32 18.35
C ILE A 75 -3.17 7.51 18.89
N THR A 76 -4.29 7.22 19.48
CA THR A 76 -5.16 8.19 20.07
C THR A 76 -4.45 8.98 21.21
N ASN A 77 -3.76 8.25 22.07
CA ASN A 77 -3.12 8.81 23.28
C ASN A 77 -1.62 9.14 23.12
N GLY A 78 -1.12 9.13 21.89
CA GLY A 78 0.30 9.42 21.64
C GLY A 78 0.66 9.04 20.22
N ASP A 79 1.72 8.21 20.06
CA ASP A 79 2.09 7.70 18.74
C ASP A 79 2.12 6.18 18.74
N PHE A 80 3.25 5.64 19.05
CA PHE A 80 3.52 4.20 19.05
C PHE A 80 4.76 3.83 19.87
N ILE A 81 4.93 2.52 20.16
CA ILE A 81 6.03 2.05 21.03
C ILE A 81 7.17 1.48 20.17
N SER A 82 7.04 1.64 18.85
CA SER A 82 7.92 0.96 17.88
C SER A 82 9.37 1.37 18.01
N THR A 83 10.23 0.42 17.76
CA THR A 83 11.66 0.59 17.85
C THR A 83 12.13 1.67 16.85
N ASN A 84 11.64 1.59 15.60
CA ASN A 84 11.94 2.61 14.61
C ASN A 84 10.72 3.54 14.47
N ARG A 85 10.96 4.86 14.52
CA ARG A 85 9.85 5.80 14.51
C ARG A 85 9.07 5.74 13.18
N GLU A 86 9.78 5.67 12.08
CA GLU A 86 9.10 5.71 10.80
C GLU A 86 9.37 4.43 10.03
N ASN A 87 8.35 3.91 9.39
CA ASN A 87 8.43 2.60 8.80
C ASN A 87 8.71 2.66 7.32
N PHE A 88 9.65 1.83 6.90
CA PHE A 88 10.10 1.87 5.53
C PHE A 88 9.34 0.93 4.59
N HIS A 89 9.39 -0.39 4.88
CA HIS A 89 8.88 -1.39 3.94
C HIS A 89 8.19 -2.56 4.62
N TYR A 90 7.84 -3.56 3.80
CA TYR A 90 7.08 -4.72 4.22
C TYR A 90 7.80 -5.52 5.31
N GLY A 91 7.03 -5.97 6.27
CA GLY A 91 7.57 -6.74 7.36
C GLY A 91 7.78 -5.89 8.60
N SER A 92 7.63 -4.59 8.43
CA SER A 92 7.71 -3.67 9.52
C SER A 92 6.47 -3.84 10.41
N VAL A 93 6.67 -3.74 11.72
CA VAL A 93 5.59 -3.91 12.67
C VAL A 93 5.69 -2.87 13.78
N VAL A 94 4.55 -2.37 14.25
CA VAL A 94 4.55 -1.42 15.36
C VAL A 94 3.53 -1.86 16.39
N THR A 95 3.70 -1.39 17.59
CA THR A 95 2.81 -1.74 18.66
C THR A 95 2.23 -0.48 19.28
N TYR A 96 0.95 -0.46 19.45
CA TYR A 96 0.29 0.69 20.03
C TYR A 96 -0.07 0.40 21.45
N ARG A 97 0.16 1.38 22.28
CA ARG A 97 -0.15 1.25 23.66
C ARG A 97 -0.94 2.49 24.02
N CYS A 98 -1.87 2.33 24.87
CA CYS A 98 -2.66 3.44 25.29
C CYS A 98 -2.02 4.01 26.51
N ASN A 99 -1.97 5.31 26.55
CA ASN A 99 -1.24 6.02 27.54
C ASN A 99 -2.15 6.47 28.67
N PRO A 100 -1.69 6.30 29.91
CA PRO A 100 -2.43 6.68 31.10
C PRO A 100 -2.57 8.18 31.25
N GLY A 101 -3.61 8.58 31.94
CA GLY A 101 -3.81 9.97 32.23
C GLY A 101 -2.75 10.43 33.21
N SER A 102 -2.67 11.70 33.49
CA SER A 102 -1.64 12.14 34.39
C SER A 102 -1.90 11.53 35.78
N GLY A 103 -0.82 11.16 36.44
CA GLY A 103 -0.89 10.45 37.71
C GLY A 103 -0.76 8.94 37.50
N GLY A 104 -0.73 8.52 36.23
CA GLY A 104 -0.52 7.12 35.88
C GLY A 104 -1.80 6.28 35.97
N ARG A 105 -2.93 6.95 36.18
CA ARG A 105 -4.21 6.27 36.27
C ARG A 105 -4.67 5.82 34.89
N LYS A 106 -5.14 4.58 34.79
CA LYS A 106 -5.61 4.11 33.52
C LYS A 106 -6.94 4.76 33.18
N VAL A 107 -6.95 5.43 32.06
CA VAL A 107 -8.11 6.15 31.54
C VAL A 107 -8.50 5.58 30.20
N PHE A 108 -7.88 4.47 29.85
CA PHE A 108 -7.95 3.98 28.50
C PHE A 108 -8.30 2.51 28.35
N GLU A 109 -8.82 2.19 27.18
CA GLU A 109 -9.08 0.83 26.72
C GLU A 109 -8.55 0.77 25.30
N LEU A 110 -8.17 -0.39 24.82
CA LEU A 110 -7.69 -0.50 23.46
C LEU A 110 -8.57 -1.52 22.74
N VAL A 111 -8.57 -1.48 21.42
CA VAL A 111 -9.47 -2.36 20.64
C VAL A 111 -9.17 -3.86 20.92
N GLY A 112 -7.89 -4.22 20.94
CA GLY A 112 -7.53 -5.60 21.26
C GLY A 112 -6.46 -6.15 20.35
N GLU A 113 -6.16 -5.41 19.32
CA GLU A 113 -5.15 -5.80 18.36
C GLU A 113 -4.14 -4.64 18.22
N PRO A 114 -3.34 -4.40 19.28
CA PRO A 114 -2.40 -3.26 19.35
C PRO A 114 -1.21 -3.33 18.39
N SER A 115 -0.90 -4.51 17.90
CA SER A 115 0.30 -4.68 17.09
C SER A 115 -0.04 -4.88 15.64
N ILE A 116 0.38 -3.95 14.81
CA ILE A 116 0.06 -4.01 13.40
C ILE A 116 1.32 -3.96 12.58
N TYR A 117 1.24 -4.51 11.38
CA TYR A 117 2.41 -4.65 10.52
C TYR A 117 1.99 -4.59 9.08
N CYS A 118 2.93 -4.36 8.16
CA CYS A 118 2.57 -4.44 6.76
C CYS A 118 2.35 -5.89 6.45
N THR A 119 1.08 -6.22 6.11
CA THR A 119 0.68 -7.61 5.95
C THR A 119 0.24 -7.94 4.52
N SER A 120 -0.30 -6.96 3.83
CA SER A 120 -0.91 -7.11 2.49
C SER A 120 -1.86 -8.34 2.38
N ASN A 121 -2.20 -8.96 3.52
CA ASN A 121 -3.11 -10.09 3.52
C ASN A 121 -4.54 -9.61 3.77
N ASP A 122 -4.68 -8.31 3.86
CA ASP A 122 -5.95 -7.69 4.09
C ASP A 122 -6.42 -7.02 2.78
N ASP A 123 -7.19 -5.94 2.89
CA ASP A 123 -7.77 -5.22 1.72
C ASP A 123 -6.69 -4.54 0.85
N GLN A 124 -6.93 -4.60 -0.44
CA GLN A 124 -6.09 -3.97 -1.49
C GLN A 124 -4.68 -4.65 -1.57
N VAL A 125 -3.85 -4.23 -2.53
CA VAL A 125 -2.56 -4.92 -2.80
C VAL A 125 -1.53 -4.91 -1.64
N GLY A 126 -1.33 -3.77 -0.95
CA GLY A 126 -0.30 -3.75 0.12
C GLY A 126 -0.52 -2.68 1.15
N ILE A 127 -1.12 -3.09 2.25
CA ILE A 127 -1.44 -2.20 3.37
C ILE A 127 -1.03 -2.79 4.73
N TRP A 128 -1.07 -1.95 5.74
CA TRP A 128 -0.92 -2.40 7.14
C TRP A 128 -2.07 -3.34 7.50
N SER A 129 -1.94 -4.03 8.62
CA SER A 129 -3.02 -4.91 9.10
C SER A 129 -4.28 -4.08 9.42
N GLY A 130 -4.10 -2.83 9.79
CA GLY A 130 -5.21 -1.97 10.03
C GLY A 130 -4.75 -0.60 10.51
N PRO A 131 -5.62 0.41 10.41
CA PRO A 131 -5.33 1.74 10.94
C PRO A 131 -5.18 1.68 12.46
N ALA A 132 -4.31 2.54 13.01
CA ALA A 132 -4.05 2.60 14.47
C ALA A 132 -5.32 2.29 15.27
N PRO A 133 -5.29 1.18 16.03
CA PRO A 133 -6.41 0.81 16.87
C PRO A 133 -6.59 1.89 17.88
N GLN A 134 -7.80 2.12 18.23
CA GLN A 134 -8.10 3.26 19.01
C GLN A 134 -8.27 2.90 20.45
N CYS A 135 -7.96 3.87 21.31
CA CYS A 135 -8.08 3.68 22.71
C CYS A 135 -9.53 3.84 23.14
N ILE A 136 -10.32 2.82 22.77
CA ILE A 136 -11.75 2.73 23.06
C ILE A 136 -12.04 1.47 23.87
N LYS A 5 -6.43 3.36 -32.39
CA LYS A 5 -5.09 3.61 -31.88
C LYS A 5 -4.88 2.79 -30.63
N SER A 6 -4.29 1.64 -30.79
CA SER A 6 -3.95 0.81 -29.67
C SER A 6 -2.70 1.34 -29.03
N CYS A 7 -2.50 1.00 -27.78
CA CYS A 7 -1.33 1.45 -27.06
C CYS A 7 -0.12 0.61 -27.37
N ARG A 8 1.01 1.00 -26.80
CA ARG A 8 2.31 0.37 -27.07
C ARG A 8 2.39 -1.08 -26.60
N ASN A 9 1.49 -1.42 -25.69
CA ASN A 9 1.48 -2.68 -24.93
C ASN A 9 1.68 -2.31 -23.48
N PRO A 10 0.81 -2.81 -22.63
CA PRO A 10 0.64 -2.33 -21.26
C PRO A 10 1.55 -2.96 -20.21
N PRO A 11 1.26 -2.63 -18.91
CA PRO A 11 1.87 -3.29 -17.78
C PRO A 11 1.82 -4.80 -17.86
N ASP A 12 2.81 -5.31 -18.48
CA ASP A 12 3.05 -6.70 -18.54
C ASP A 12 4.49 -6.92 -18.84
N PRO A 13 5.23 -7.51 -17.88
CA PRO A 13 6.62 -7.77 -18.08
C PRO A 13 6.82 -8.61 -19.34
N VAL A 14 7.86 -8.29 -20.06
CA VAL A 14 8.12 -8.88 -21.35
C VAL A 14 8.62 -10.28 -21.21
N ASN A 15 8.03 -11.16 -22.00
CA ASN A 15 8.34 -12.57 -22.01
C ASN A 15 8.11 -13.18 -20.62
N GLY A 16 7.10 -12.68 -19.93
CA GLY A 16 6.76 -13.23 -18.63
C GLY A 16 5.40 -13.85 -18.65
N MET A 17 4.42 -13.10 -18.25
CA MET A 17 3.05 -13.59 -18.29
C MET A 17 2.19 -12.55 -18.97
N VAL A 18 1.53 -12.92 -20.06
CA VAL A 18 0.72 -11.94 -20.78
C VAL A 18 -0.74 -12.40 -20.87
N HIS A 19 -1.66 -11.50 -20.48
CA HIS A 19 -3.09 -11.73 -20.61
C HIS A 19 -3.78 -10.65 -21.43
N VAL A 20 -3.04 -9.71 -21.98
CA VAL A 20 -3.67 -8.55 -22.61
C VAL A 20 -3.95 -8.69 -24.08
N ILE A 21 -4.62 -9.77 -24.43
CA ILE A 21 -5.00 -9.98 -25.82
C ILE A 21 -5.96 -8.86 -26.17
N LYS A 22 -6.85 -8.61 -25.25
CA LYS A 22 -7.78 -7.50 -25.30
C LYS A 22 -7.39 -6.59 -24.18
N GLY A 23 -7.57 -5.30 -24.35
CA GLY A 23 -7.24 -4.41 -23.27
C GLY A 23 -6.10 -3.41 -23.53
N ILE A 24 -5.48 -3.42 -24.72
CA ILE A 24 -4.31 -2.52 -24.92
C ILE A 24 -4.72 -1.22 -25.65
N GLN A 25 -5.95 -1.15 -26.04
CA GLN A 25 -6.47 -0.01 -26.83
C GLN A 25 -6.55 1.28 -25.99
N PHE A 26 -6.98 2.37 -26.64
CA PHE A 26 -7.12 3.68 -25.97
C PHE A 26 -8.07 3.68 -24.74
N GLY A 27 -9.21 3.11 -24.87
CA GLY A 27 -10.16 3.09 -23.78
C GLY A 27 -9.95 1.89 -22.88
N SER A 28 -9.12 0.99 -23.33
CA SER A 28 -8.86 -0.24 -22.66
C SER A 28 -7.94 -0.10 -21.43
N GLN A 29 -8.08 -1.05 -20.52
CA GLN A 29 -7.29 -1.10 -19.31
C GLN A 29 -6.80 -2.52 -19.08
N ILE A 30 -5.70 -2.60 -18.39
CA ILE A 30 -5.09 -3.85 -18.04
C ILE A 30 -4.83 -3.80 -16.55
N LYS A 31 -4.76 -4.95 -15.91
CA LYS A 31 -4.40 -5.00 -14.50
C LYS A 31 -3.20 -5.95 -14.30
N TYR A 32 -2.26 -5.59 -13.44
CA TYR A 32 -1.09 -6.42 -13.16
C TYR A 32 -0.80 -6.61 -11.66
N SER A 33 -0.70 -7.86 -11.26
CA SER A 33 -0.38 -8.21 -9.88
C SER A 33 1.14 -8.11 -9.58
N CYS A 34 1.48 -7.86 -8.33
CA CYS A 34 2.87 -7.81 -7.89
C CYS A 34 3.13 -8.97 -6.94
N THR A 35 4.39 -9.34 -6.81
CA THR A 35 4.80 -10.44 -5.95
C THR A 35 4.57 -10.05 -4.48
N LYS A 36 4.57 -11.01 -3.58
CA LYS A 36 4.33 -10.74 -2.17
C LYS A 36 5.41 -9.85 -1.59
N GLY A 37 4.95 -8.82 -0.87
CA GLY A 37 5.85 -7.84 -0.23
C GLY A 37 6.12 -6.66 -1.16
N TYR A 38 5.53 -6.72 -2.34
CA TYR A 38 5.71 -5.68 -3.36
C TYR A 38 4.35 -5.07 -3.78
N ARG A 39 4.35 -3.77 -4.06
CA ARG A 39 3.15 -3.12 -4.62
C ARG A 39 3.50 -2.25 -5.77
N LEU A 40 2.45 -1.82 -6.42
CA LEU A 40 2.58 -0.87 -7.43
C LEU A 40 2.74 0.47 -6.77
N ILE A 41 3.77 1.17 -7.15
CA ILE A 41 3.96 2.51 -6.65
C ILE A 41 2.91 3.47 -7.23
N GLY A 42 2.42 3.10 -8.39
CA GLY A 42 1.46 3.88 -9.12
C GLY A 42 0.19 3.11 -9.28
N SER A 43 -0.36 3.15 -10.47
CA SER A 43 -1.59 2.44 -10.71
C SER A 43 -1.30 1.20 -11.47
N SER A 44 -1.71 0.07 -10.93
CA SER A 44 -1.49 -1.20 -11.62
C SER A 44 -2.19 -1.18 -12.94
N SER A 45 -3.40 -0.68 -12.92
CA SER A 45 -4.13 -0.55 -14.11
C SER A 45 -3.71 0.70 -14.83
N ALA A 46 -3.76 0.67 -16.13
CA ALA A 46 -3.44 1.81 -16.91
C ALA A 46 -4.46 2.02 -17.95
N THR A 47 -4.70 3.25 -18.26
CA THR A 47 -5.62 3.56 -19.29
C THR A 47 -4.86 4.30 -20.35
N CYS A 48 -5.00 3.83 -21.53
CA CYS A 48 -4.34 4.42 -22.68
C CYS A 48 -4.88 5.83 -22.95
N ILE A 49 -3.97 6.78 -23.12
CA ILE A 49 -4.35 8.18 -23.38
C ILE A 49 -3.56 8.71 -24.58
N ILE A 50 -3.98 9.82 -25.11
CA ILE A 50 -3.33 10.40 -26.27
C ILE A 50 -2.55 11.65 -25.92
N SER A 51 -1.30 11.67 -26.33
CA SER A 51 -0.46 12.82 -26.19
C SER A 51 0.12 13.10 -27.55
N GLY A 52 0.10 14.34 -27.96
CA GLY A 52 0.50 14.65 -29.32
C GLY A 52 -0.45 13.99 -30.30
N ASP A 53 0.09 13.29 -31.27
CA ASP A 53 -0.75 12.60 -32.26
C ASP A 53 -0.48 11.08 -32.16
N THR A 54 -0.31 10.59 -30.95
CA THR A 54 -0.07 9.19 -30.74
C THR A 54 -0.75 8.77 -29.44
N VAL A 55 -0.90 7.50 -29.20
CA VAL A 55 -1.56 7.10 -27.99
C VAL A 55 -0.51 6.36 -27.09
N ILE A 56 -0.41 6.84 -25.87
CA ILE A 56 0.56 6.36 -24.88
C ILE A 56 -0.10 6.04 -23.52
N TRP A 57 0.62 5.31 -22.67
CA TRP A 57 0.06 4.94 -21.36
C TRP A 57 0.23 6.09 -20.37
N ASP A 58 -0.84 6.38 -19.61
CA ASP A 58 -0.82 7.50 -18.66
C ASP A 58 0.12 7.23 -17.47
N THR A 59 0.06 6.02 -16.97
CA THR A 59 0.82 5.59 -15.83
C THR A 59 2.30 5.42 -16.08
N GLU A 60 2.60 5.03 -17.32
CA GLU A 60 3.92 4.57 -17.81
C GLU A 60 4.28 3.27 -17.06
N THR A 61 3.21 2.63 -16.53
CA THR A 61 3.31 1.42 -15.74
C THR A 61 4.09 1.63 -14.44
N PRO A 62 3.44 1.36 -13.31
CA PRO A 62 4.03 1.44 -12.00
C PRO A 62 5.03 0.32 -11.75
N ILE A 63 5.89 0.53 -10.83
CA ILE A 63 6.91 -0.44 -10.57
C ILE A 63 6.59 -1.20 -9.30
N CYS A 64 6.59 -2.52 -9.39
CA CYS A 64 6.35 -3.39 -8.23
C CYS A 64 7.57 -3.38 -7.32
N ASP A 65 7.76 -2.29 -6.63
CA ASP A 65 8.86 -2.19 -5.70
C ASP A 65 8.33 -2.68 -4.36
N ARG A 66 9.15 -2.68 -3.35
CA ARG A 66 8.72 -3.15 -2.07
C ARG A 66 7.78 -2.13 -1.47
N ILE A 67 6.75 -2.62 -0.79
CA ILE A 67 5.75 -1.75 -0.19
C ILE A 67 6.44 -0.74 0.74
N PRO A 68 6.33 0.57 0.40
CA PRO A 68 7.01 1.66 1.12
C PRO A 68 6.71 1.69 2.57
N CYS A 69 5.46 1.37 2.95
CA CYS A 69 5.07 1.34 4.36
C CYS A 69 5.47 2.68 5.03
N GLY A 70 5.05 3.80 4.40
CA GLY A 70 5.42 5.12 4.89
C GLY A 70 4.89 5.36 6.27
N LEU A 71 5.52 6.33 6.98
CA LEU A 71 5.25 6.64 8.42
C LEU A 71 3.94 6.10 8.95
N PRO A 72 4.03 5.32 10.02
CA PRO A 72 2.89 4.57 10.59
C PRO A 72 1.83 5.51 11.11
N PRO A 73 0.61 5.02 11.30
CA PRO A 73 -0.48 5.83 11.80
C PRO A 73 -0.17 6.33 13.20
N THR A 74 -0.63 7.51 13.47
CA THR A 74 -0.39 8.15 14.73
C THR A 74 -1.38 7.69 15.76
N ILE A 75 -1.11 7.98 17.01
CA ILE A 75 -1.97 7.52 18.03
C ILE A 75 -2.63 8.71 18.71
N THR A 76 -3.91 8.56 18.99
CA THR A 76 -4.74 9.62 19.47
C THR A 76 -4.27 10.16 20.83
N ASN A 77 -3.76 9.28 21.69
CA ASN A 77 -3.38 9.67 23.05
C ASN A 77 -1.90 10.08 23.14
N GLY A 78 -1.20 10.15 22.02
CA GLY A 78 0.19 10.58 22.12
C GLY A 78 1.10 10.06 21.03
N ASP A 79 1.81 8.98 21.31
CA ASP A 79 2.83 8.47 20.40
C ASP A 79 2.98 6.94 20.51
N PHE A 80 3.80 6.38 19.63
CA PHE A 80 4.01 4.94 19.53
C PHE A 80 5.34 4.51 20.09
N ILE A 81 5.45 3.24 20.29
CA ILE A 81 6.64 2.60 20.74
C ILE A 81 7.29 1.87 19.59
N SER A 82 8.50 2.19 19.31
CA SER A 82 9.24 1.51 18.30
C SER A 82 10.71 1.66 18.56
N THR A 83 11.49 0.69 18.11
CA THR A 83 12.92 0.75 18.25
C THR A 83 13.49 1.88 17.40
N ASN A 84 12.88 2.07 16.23
CA ASN A 84 13.30 3.12 15.31
C ASN A 84 12.18 4.15 15.08
N ARG A 85 12.48 5.44 15.19
CA ARG A 85 11.50 6.46 14.91
C ARG A 85 11.26 6.54 13.43
N GLU A 86 10.00 6.60 13.06
CA GLU A 86 9.53 6.56 11.68
C GLU A 86 9.69 5.12 11.13
N ASN A 87 8.70 4.63 10.46
CA ASN A 87 8.74 3.24 10.05
C ASN A 87 9.21 3.06 8.62
N PHE A 88 9.98 1.99 8.43
CA PHE A 88 10.60 1.68 7.15
C PHE A 88 9.70 0.83 6.27
N HIS A 89 10.22 0.47 5.09
CA HIS A 89 9.53 -0.38 4.11
C HIS A 89 8.93 -1.67 4.70
N TYR A 90 8.34 -2.47 3.82
CA TYR A 90 7.60 -3.65 4.19
C TYR A 90 8.45 -4.58 5.04
N GLY A 91 7.88 -5.10 6.12
CA GLY A 91 8.63 -5.91 7.05
C GLY A 91 9.16 -5.13 8.25
N SER A 92 8.43 -4.12 8.67
CA SER A 92 8.80 -3.29 9.83
C SER A 92 7.55 -3.14 10.75
N VAL A 93 7.78 -3.01 12.09
CA VAL A 93 6.68 -3.05 13.09
C VAL A 93 6.79 -1.95 14.19
N VAL A 94 5.63 -1.49 14.71
CA VAL A 94 5.56 -0.49 15.82
C VAL A 94 4.56 -0.96 16.89
N THR A 95 4.67 -0.41 18.11
CA THR A 95 3.78 -0.79 19.23
C THR A 95 3.05 0.44 19.84
N TYR A 96 1.78 0.32 20.09
CA TYR A 96 1.01 1.44 20.62
C TYR A 96 0.68 1.25 22.07
N ARG A 97 0.61 2.36 22.79
CA ARG A 97 0.38 2.32 24.21
C ARG A 97 -0.72 3.34 24.62
N CYS A 98 -1.37 3.06 25.74
CA CYS A 98 -2.48 3.86 26.21
C CYS A 98 -2.16 4.66 27.48
N ASN A 99 -2.90 5.77 27.62
CA ASN A 99 -2.70 6.76 28.69
C ASN A 99 -3.65 6.55 29.87
N PRO A 100 -3.14 6.71 31.10
CA PRO A 100 -3.96 6.67 32.32
C PRO A 100 -4.97 7.83 32.31
N GLY A 101 -6.14 7.57 32.87
CA GLY A 101 -7.14 8.63 32.94
C GLY A 101 -6.94 9.48 34.16
N SER A 102 -7.76 10.52 34.32
CA SER A 102 -7.62 11.37 35.48
C SER A 102 -8.01 10.60 36.72
N GLY A 103 -7.34 10.89 37.81
CA GLY A 103 -7.59 10.18 39.06
C GLY A 103 -6.88 8.84 39.11
N GLY A 104 -5.97 8.60 38.18
CA GLY A 104 -5.22 7.34 38.17
C GLY A 104 -6.04 6.18 37.65
N ARG A 105 -7.06 6.48 36.88
CA ARG A 105 -8.01 5.46 36.41
C ARG A 105 -7.42 4.65 35.24
N LYS A 106 -7.71 3.34 35.23
CA LYS A 106 -7.31 2.51 34.11
C LYS A 106 -8.37 2.61 33.05
N VAL A 107 -8.11 3.42 32.11
CA VAL A 107 -9.02 3.68 31.03
C VAL A 107 -8.39 3.27 29.72
N PHE A 108 -7.29 2.54 29.80
CA PHE A 108 -6.45 2.32 28.61
C PHE A 108 -7.18 1.61 27.49
N GLU A 109 -7.85 0.59 27.90
CA GLU A 109 -8.64 -0.33 27.04
C GLU A 109 -8.23 -0.34 25.58
N LEU A 110 -7.07 -0.83 25.33
CA LEU A 110 -6.55 -0.90 23.98
C LEU A 110 -7.23 -2.05 23.27
N VAL A 111 -7.31 -2.01 21.95
CA VAL A 111 -8.13 -2.99 21.19
C VAL A 111 -7.62 -4.45 21.43
N GLY A 112 -6.33 -4.69 21.39
CA GLY A 112 -5.87 -6.06 21.63
C GLY A 112 -4.63 -6.44 20.85
N GLU A 113 -4.36 -5.73 19.77
CA GLU A 113 -3.19 -5.99 18.97
C GLU A 113 -2.41 -4.70 18.78
N PRO A 114 -1.75 -4.20 19.85
CA PRO A 114 -1.03 -2.92 19.80
C PRO A 114 0.19 -2.93 18.88
N SER A 115 0.68 -4.12 18.58
CA SER A 115 1.82 -4.24 17.73
C SER A 115 1.38 -4.52 16.33
N ILE A 116 1.71 -3.64 15.43
CA ILE A 116 1.33 -3.81 14.06
C ILE A 116 2.49 -3.71 13.14
N TYR A 117 2.36 -4.32 12.00
CA TYR A 117 3.39 -4.32 11.04
C TYR A 117 2.80 -4.26 9.66
N CYS A 118 3.59 -3.82 8.74
CA CYS A 118 3.15 -3.66 7.39
C CYS A 118 3.29 -5.00 6.67
N THR A 119 2.13 -5.67 6.49
CA THR A 119 2.09 -7.01 5.94
C THR A 119 1.19 -7.14 4.69
N SER A 120 0.27 -6.19 4.54
CA SER A 120 -0.68 -6.14 3.38
C SER A 120 -1.52 -7.43 3.12
N ASN A 121 -1.26 -8.50 3.87
CA ASN A 121 -1.89 -9.80 3.59
C ASN A 121 -3.43 -9.89 3.78
N ASP A 122 -3.99 -9.27 4.85
CA ASP A 122 -5.42 -9.51 5.18
C ASP A 122 -6.39 -9.03 4.13
N ASP A 123 -6.16 -7.84 3.59
CA ASP A 123 -7.06 -7.32 2.56
C ASP A 123 -6.47 -7.52 1.18
N GLN A 124 -5.24 -8.05 1.16
CA GLN A 124 -4.47 -8.31 -0.06
C GLN A 124 -4.11 -6.98 -0.82
N VAL A 125 -3.97 -5.91 -0.04
CA VAL A 125 -3.53 -4.60 -0.55
C VAL A 125 -2.46 -4.06 0.39
N GLY A 126 -1.63 -3.10 -0.08
CA GLY A 126 -0.47 -2.60 0.71
C GLY A 126 -0.84 -1.79 1.94
N ILE A 127 -1.35 -2.47 2.95
CA ILE A 127 -1.72 -1.86 4.22
C ILE A 127 -1.15 -2.58 5.42
N TRP A 128 -1.13 -1.88 6.55
CA TRP A 128 -0.67 -2.42 7.82
C TRP A 128 -1.63 -3.48 8.36
N SER A 129 -1.22 -4.20 9.43
CA SER A 129 -2.05 -5.22 10.01
C SER A 129 -3.36 -4.62 10.46
N GLY A 130 -3.29 -3.45 11.04
CA GLY A 130 -4.45 -2.74 11.42
C GLY A 130 -4.11 -1.29 11.64
N PRO A 131 -5.04 -0.36 11.40
CA PRO A 131 -4.80 1.03 11.69
C PRO A 131 -4.56 1.19 13.18
N ALA A 132 -3.68 2.11 13.55
CA ALA A 132 -3.29 2.36 14.95
C ALA A 132 -4.39 2.01 15.93
N PRO A 133 -4.23 0.86 16.64
CA PRO A 133 -5.21 0.44 17.62
C PRO A 133 -5.31 1.44 18.72
N GLN A 134 -6.49 1.60 19.22
CA GLN A 134 -6.71 2.67 20.10
C GLN A 134 -7.00 2.15 21.46
N CYS A 135 -7.36 3.07 22.28
CA CYS A 135 -7.65 2.81 23.64
C CYS A 135 -9.18 2.86 23.74
N ILE A 136 -9.84 2.14 22.77
CA ILE A 136 -11.31 2.14 22.64
C ILE A 136 -11.95 1.51 23.91
N LYS A 5 -6.27 3.60 -31.72
CA LYS A 5 -5.18 4.29 -31.11
C LYS A 5 -4.94 3.71 -29.75
N SER A 6 -4.35 2.56 -29.75
CA SER A 6 -4.00 1.86 -28.55
C SER A 6 -2.76 2.46 -27.98
N CYS A 7 -2.46 2.18 -26.72
CA CYS A 7 -1.31 2.81 -26.16
C CYS A 7 -0.06 2.06 -26.61
N ARG A 8 1.08 2.36 -26.03
CA ARG A 8 2.33 1.81 -26.51
C ARG A 8 2.43 0.31 -26.41
N ASN A 9 1.89 -0.25 -25.34
CA ASN A 9 2.00 -1.67 -24.94
C ASN A 9 2.81 -1.72 -23.65
N PRO A 10 2.45 -2.65 -22.75
CA PRO A 10 3.12 -2.78 -21.47
C PRO A 10 4.65 -2.93 -21.61
N PRO A 11 5.38 -2.59 -20.55
CA PRO A 11 6.84 -2.76 -20.50
C PRO A 11 7.21 -4.21 -20.79
N ASP A 12 6.35 -5.11 -20.29
CA ASP A 12 6.52 -6.58 -20.44
C ASP A 12 7.68 -7.10 -19.59
N PRO A 13 7.66 -6.81 -18.26
CA PRO A 13 8.71 -7.29 -17.38
C PRO A 13 8.70 -8.82 -17.32
N VAL A 14 9.88 -9.40 -17.25
CA VAL A 14 10.00 -10.85 -17.05
C VAL A 14 9.50 -11.30 -15.67
N ASN A 15 9.82 -10.46 -14.70
CA ASN A 15 9.58 -10.74 -13.27
C ASN A 15 8.08 -10.89 -12.93
N GLY A 16 7.24 -10.05 -13.52
CA GLY A 16 5.84 -10.12 -13.22
C GLY A 16 5.04 -10.34 -14.46
N MET A 17 3.92 -11.03 -14.33
CA MET A 17 3.08 -11.35 -15.47
C MET A 17 2.20 -10.20 -15.82
N VAL A 18 1.90 -10.06 -17.09
CA VAL A 18 1.05 -9.01 -17.59
C VAL A 18 -0.18 -9.64 -18.26
N HIS A 19 -1.35 -9.18 -17.91
CA HIS A 19 -2.55 -9.71 -18.50
C HIS A 19 -3.22 -8.71 -19.41
N VAL A 20 -3.03 -8.89 -20.70
CA VAL A 20 -3.82 -8.17 -21.64
C VAL A 20 -4.39 -9.15 -22.66
N ILE A 21 -5.71 -9.15 -22.78
CA ILE A 21 -6.37 -9.93 -23.82
C ILE A 21 -6.03 -9.41 -25.21
N LYS A 22 -6.07 -8.09 -25.32
CA LYS A 22 -5.95 -7.33 -26.61
C LYS A 22 -6.04 -5.86 -26.26
N GLY A 23 -6.74 -5.61 -25.16
CA GLY A 23 -7.02 -4.28 -24.74
C GLY A 23 -5.83 -3.49 -24.21
N ILE A 24 -5.07 -2.96 -25.14
CA ILE A 24 -4.07 -1.95 -24.89
C ILE A 24 -4.61 -0.65 -25.36
N GLN A 25 -5.84 -0.72 -25.81
CA GLN A 25 -6.54 0.39 -26.40
C GLN A 25 -6.98 1.46 -25.37
N PHE A 26 -7.52 2.58 -25.87
CA PHE A 26 -7.87 3.72 -25.04
C PHE A 26 -8.83 3.36 -23.91
N GLY A 27 -9.83 2.63 -24.23
CA GLY A 27 -10.80 2.21 -23.25
C GLY A 27 -10.53 0.80 -22.75
N SER A 28 -9.26 0.42 -22.73
CA SER A 28 -8.85 -0.91 -22.35
C SER A 28 -7.77 -0.87 -21.28
N GLN A 29 -7.65 -1.94 -20.51
CA GLN A 29 -6.71 -1.96 -19.38
C GLN A 29 -5.77 -3.16 -19.45
N ILE A 30 -4.62 -2.99 -18.79
CA ILE A 30 -3.65 -4.06 -18.62
C ILE A 30 -3.44 -4.24 -17.14
N LYS A 31 -3.14 -5.45 -16.72
CA LYS A 31 -2.94 -5.73 -15.30
C LYS A 31 -1.56 -6.35 -15.10
N TYR A 32 -0.88 -5.93 -14.04
CA TYR A 32 0.47 -6.42 -13.74
C TYR A 32 0.63 -6.89 -12.28
N SER A 33 1.04 -8.15 -12.10
CA SER A 33 1.27 -8.74 -10.75
C SER A 33 2.63 -8.38 -10.13
N CYS A 34 2.74 -8.51 -8.80
CA CYS A 34 4.01 -8.33 -8.10
C CYS A 34 4.33 -9.52 -7.17
N THR A 35 5.58 -9.65 -6.79
CA THR A 35 6.00 -10.66 -5.83
C THR A 35 5.57 -10.20 -4.41
N LYS A 36 5.52 -11.14 -3.47
CA LYS A 36 5.12 -10.83 -2.11
C LYS A 36 6.19 -9.97 -1.47
N GLY A 37 5.76 -8.88 -0.85
CA GLY A 37 6.69 -7.92 -0.32
C GLY A 37 6.92 -6.74 -1.30
N TYR A 38 6.31 -6.82 -2.50
CA TYR A 38 6.42 -5.76 -3.51
C TYR A 38 5.03 -5.21 -3.92
N ARG A 39 4.92 -3.90 -4.09
CA ARG A 39 3.64 -3.28 -4.48
C ARG A 39 3.78 -2.45 -5.71
N LEU A 40 2.62 -1.98 -6.18
CA LEU A 40 2.55 -1.12 -7.30
C LEU A 40 2.50 0.32 -6.82
N ILE A 41 3.37 1.13 -7.36
CA ILE A 41 3.42 2.57 -7.11
C ILE A 41 2.22 3.28 -7.68
N GLY A 42 1.65 2.68 -8.68
CA GLY A 42 0.62 3.29 -9.42
C GLY A 42 -0.59 2.43 -9.48
N SER A 43 -1.08 2.21 -10.69
CA SER A 43 -2.30 1.44 -10.85
C SER A 43 -1.96 0.09 -11.46
N SER A 44 -2.30 -0.98 -10.79
CA SER A 44 -1.96 -2.31 -11.26
C SER A 44 -2.64 -2.59 -12.60
N SER A 45 -3.72 -1.89 -12.83
CA SER A 45 -4.38 -1.92 -14.10
C SER A 45 -4.31 -0.53 -14.73
N ALA A 46 -3.70 -0.40 -15.90
CA ALA A 46 -3.58 0.89 -16.53
C ALA A 46 -4.58 1.07 -17.62
N THR A 47 -5.01 2.26 -17.79
CA THR A 47 -5.93 2.63 -18.81
C THR A 47 -5.23 3.65 -19.66
N CYS A 48 -5.25 3.47 -20.96
CA CYS A 48 -4.67 4.48 -21.84
C CYS A 48 -5.47 5.76 -21.69
N ILE A 49 -4.81 6.87 -21.78
CA ILE A 49 -5.50 8.12 -21.87
C ILE A 49 -4.95 8.84 -23.07
N ILE A 50 -5.64 9.79 -23.59
CA ILE A 50 -5.13 10.46 -24.74
C ILE A 50 -4.73 11.89 -24.43
N SER A 51 -3.44 12.15 -24.65
CA SER A 51 -2.90 13.47 -24.61
C SER A 51 -3.24 14.10 -25.96
N GLY A 52 -3.13 15.40 -26.10
CA GLY A 52 -3.50 15.95 -27.37
C GLY A 52 -2.61 15.41 -28.50
N ASP A 53 -1.29 15.31 -28.24
CA ASP A 53 -0.33 14.76 -29.23
C ASP A 53 -0.57 13.29 -29.58
N THR A 54 -0.84 12.44 -28.58
CA THR A 54 -0.99 11.01 -28.82
C THR A 54 -1.57 10.28 -27.59
N VAL A 55 -1.82 8.97 -27.72
CA VAL A 55 -2.37 8.18 -26.65
C VAL A 55 -1.24 7.47 -25.87
N ILE A 56 -1.16 7.80 -24.61
CA ILE A 56 -0.17 7.27 -23.68
C ILE A 56 -0.81 6.75 -22.40
N TRP A 57 -0.09 5.92 -21.64
CA TRP A 57 -0.67 5.32 -20.41
C TRP A 57 -0.61 6.40 -19.35
N ASP A 58 -1.71 6.62 -18.62
CA ASP A 58 -1.68 7.60 -17.53
C ASP A 58 -0.67 7.16 -16.48
N THR A 59 -0.82 5.91 -16.11
CA THR A 59 0.05 5.26 -15.17
C THR A 59 1.51 5.11 -15.67
N GLU A 60 1.62 4.67 -16.95
CA GLU A 60 2.90 4.21 -17.55
C GLU A 60 3.33 2.92 -16.89
N THR A 61 2.33 2.23 -16.36
CA THR A 61 2.50 0.97 -15.62
C THR A 61 3.29 1.16 -14.33
N PRO A 62 2.74 0.70 -13.23
CA PRO A 62 3.36 0.79 -11.93
C PRO A 62 4.59 -0.08 -11.85
N ILE A 63 5.50 0.29 -11.04
CA ILE A 63 6.70 -0.46 -10.84
C ILE A 63 6.63 -1.14 -9.51
N CYS A 64 6.89 -2.45 -9.49
CA CYS A 64 6.81 -3.14 -8.22
C CYS A 64 7.98 -2.66 -7.39
N ASP A 65 7.68 -2.02 -6.30
CA ASP A 65 8.67 -1.49 -5.38
C ASP A 65 8.58 -2.29 -4.11
N ARG A 66 9.69 -2.39 -3.34
CA ARG A 66 9.62 -3.20 -2.15
C ARG A 66 8.81 -2.40 -1.20
N ILE A 67 7.68 -2.97 -0.83
CA ILE A 67 6.58 -2.28 -0.17
C ILE A 67 6.97 -1.54 1.05
N PRO A 68 7.09 -0.22 0.97
CA PRO A 68 7.19 0.54 2.15
C PRO A 68 5.89 0.34 2.88
N CYS A 69 5.91 0.25 4.18
CA CYS A 69 4.66 0.29 4.88
C CYS A 69 4.31 1.72 5.19
N GLY A 70 5.17 2.59 4.67
CA GLY A 70 5.01 3.99 4.79
C GLY A 70 5.28 4.43 6.16
N LEU A 71 5.01 5.65 6.43
CA LEU A 71 5.06 6.14 7.76
C LEU A 71 3.74 5.75 8.39
N PRO A 72 3.74 4.72 9.29
CA PRO A 72 2.52 4.17 9.88
C PRO A 72 1.55 5.22 10.32
N PRO A 73 0.27 4.90 10.36
CA PRO A 73 -0.71 5.85 10.82
C PRO A 73 -0.43 6.23 12.24
N THR A 74 -0.66 7.45 12.56
CA THR A 74 -0.44 7.93 13.87
C THR A 74 -1.57 7.55 14.76
N ILE A 75 -1.37 7.69 16.01
CA ILE A 75 -2.30 7.21 16.95
C ILE A 75 -2.95 8.35 17.67
N THR A 76 -4.19 8.11 18.00
CA THR A 76 -5.05 9.07 18.59
C THR A 76 -4.46 9.53 19.94
N ASN A 77 -4.00 8.61 20.71
CA ASN A 77 -3.36 8.90 22.00
C ASN A 77 -2.08 9.73 21.85
N GLY A 78 -1.30 9.41 20.83
CA GLY A 78 0.00 10.03 20.63
C GLY A 78 0.91 9.19 19.70
N ASP A 79 1.61 8.22 20.29
CA ASP A 79 2.63 7.43 19.56
C ASP A 79 2.49 5.92 19.86
N PHE A 80 3.43 5.15 19.38
CA PHE A 80 3.46 3.70 19.59
C PHE A 80 4.67 3.28 20.41
N ILE A 81 4.62 2.04 20.90
CA ILE A 81 5.60 1.50 21.82
C ILE A 81 6.97 1.36 21.18
N SER A 82 7.03 1.02 19.89
CA SER A 82 8.29 0.76 19.21
C SER A 82 9.19 2.00 19.23
N THR A 83 10.48 1.74 19.41
CA THR A 83 11.49 2.78 19.59
C THR A 83 11.62 3.69 18.38
N ASN A 84 11.67 3.12 17.19
CA ASN A 84 11.76 3.93 16.01
C ASN A 84 10.43 4.57 15.77
N ARG A 85 10.42 5.87 15.56
CA ARG A 85 9.17 6.60 15.46
C ARG A 85 8.27 6.16 14.33
N GLU A 86 8.78 5.96 13.15
CA GLU A 86 7.98 5.46 12.07
C GLU A 86 8.86 4.55 11.20
N ASN A 87 8.36 3.38 10.89
CA ASN A 87 9.21 2.31 10.28
C ASN A 87 9.08 2.20 8.78
N PHE A 88 10.19 1.90 8.14
CA PHE A 88 10.29 1.84 6.69
C PHE A 88 10.22 0.39 6.20
N HIS A 89 9.60 0.19 5.04
CA HIS A 89 9.61 -1.12 4.39
C HIS A 89 8.67 -2.13 5.07
N TYR A 90 8.34 -3.13 4.30
CA TYR A 90 7.46 -4.23 4.63
C TYR A 90 8.01 -5.15 5.74
N GLY A 91 7.11 -5.55 6.64
CA GLY A 91 7.47 -6.46 7.72
C GLY A 91 7.61 -5.80 9.07
N SER A 92 7.37 -4.51 9.14
CA SER A 92 7.47 -3.81 10.40
C SER A 92 6.24 -4.12 11.27
N VAL A 93 6.41 -4.00 12.57
CA VAL A 93 5.30 -4.13 13.51
C VAL A 93 5.36 -3.02 14.56
N VAL A 94 4.24 -2.41 14.85
CA VAL A 94 4.13 -1.37 15.84
C VAL A 94 2.97 -1.65 16.80
N THR A 95 3.18 -1.45 18.07
CA THR A 95 2.12 -1.72 19.02
C THR A 95 1.72 -0.41 19.72
N TYR A 96 0.42 -0.14 19.75
CA TYR A 96 -0.12 1.12 20.25
C TYR A 96 -0.77 0.97 21.62
N ARG A 97 -0.57 1.94 22.48
CA ARG A 97 -1.09 1.83 23.82
C ARG A 97 -2.04 3.01 24.03
N CYS A 98 -3.06 2.80 24.82
CA CYS A 98 -4.05 3.85 25.11
C CYS A 98 -3.59 4.71 26.28
N ASN A 99 -3.88 6.01 26.17
CA ASN A 99 -3.29 7.01 27.08
C ASN A 99 -3.53 6.80 28.58
N PRO A 100 -2.53 7.19 29.38
CA PRO A 100 -2.53 7.09 30.86
C PRO A 100 -3.56 7.97 31.55
N GLY A 101 -4.02 8.94 30.85
CA GLY A 101 -4.74 10.03 31.45
C GLY A 101 -3.77 11.17 31.71
N SER A 102 -3.52 11.50 32.96
CA SER A 102 -2.54 12.53 33.30
C SER A 102 -1.13 12.13 32.78
N GLY A 103 -0.79 10.85 32.94
CA GLY A 103 0.50 10.37 32.46
C GLY A 103 1.13 9.30 33.32
N GLY A 104 0.33 8.63 34.18
CA GLY A 104 0.88 7.59 35.03
C GLY A 104 0.04 6.28 35.07
N ARG A 105 -1.00 6.20 34.26
CA ARG A 105 -1.89 5.03 34.29
C ARG A 105 -2.14 4.50 32.89
N LYS A 106 -3.15 3.67 32.78
CA LYS A 106 -3.76 3.38 31.51
C LYS A 106 -5.22 3.53 31.78
N VAL A 107 -5.82 4.54 31.24
CA VAL A 107 -7.19 4.83 31.55
C VAL A 107 -8.12 4.55 30.38
N PHE A 108 -7.54 4.13 29.29
CA PHE A 108 -8.25 3.91 28.06
C PHE A 108 -8.41 2.46 27.61
N GLU A 109 -9.55 2.23 27.01
CA GLU A 109 -9.95 0.94 26.51
C GLU A 109 -9.47 0.84 25.08
N LEU A 110 -9.02 -0.30 24.66
CA LEU A 110 -8.49 -0.44 23.29
C LEU A 110 -9.38 -1.42 22.54
N VAL A 111 -9.29 -1.41 21.24
CA VAL A 111 -10.06 -2.30 20.40
C VAL A 111 -9.72 -3.78 20.71
N GLY A 112 -8.51 -4.03 21.19
CA GLY A 112 -8.10 -5.37 21.56
C GLY A 112 -6.92 -5.90 20.81
N GLU A 113 -6.54 -5.25 19.75
CA GLU A 113 -5.35 -5.65 19.03
C GLU A 113 -4.51 -4.41 18.73
N PRO A 114 -3.70 -4.01 19.71
CA PRO A 114 -2.86 -2.82 19.61
C PRO A 114 -1.74 -2.94 18.62
N SER A 115 -1.43 -4.18 18.26
CA SER A 115 -0.30 -4.44 17.43
C SER A 115 -0.73 -4.61 16.00
N ILE A 116 -0.14 -3.80 15.17
CA ILE A 116 -0.33 -3.89 13.77
C ILE A 116 0.98 -4.04 13.08
N TYR A 117 0.94 -4.73 12.01
CA TYR A 117 2.08 -5.02 11.22
C TYR A 117 1.72 -5.12 9.79
N CYS A 118 2.69 -4.97 8.94
CA CYS A 118 2.48 -5.06 7.52
C CYS A 118 2.00 -6.48 7.17
N THR A 119 0.68 -6.66 7.15
CA THR A 119 0.08 -7.93 6.80
C THR A 119 -0.60 -7.74 5.45
N SER A 120 0.24 -7.79 4.52
CA SER A 120 -0.04 -7.63 3.15
C SER A 120 -0.65 -8.90 2.53
N ASN A 121 -0.70 -9.95 3.32
CA ASN A 121 -1.27 -11.22 2.86
C ASN A 121 -2.76 -11.06 2.50
N ASP A 122 -3.46 -10.30 3.31
CA ASP A 122 -4.90 -10.11 3.19
C ASP A 122 -5.27 -9.01 2.20
N ASP A 123 -5.94 -9.43 1.12
CA ASP A 123 -6.44 -8.57 0.02
C ASP A 123 -5.38 -7.68 -0.68
N GLN A 124 -4.82 -6.72 0.02
CA GLN A 124 -3.88 -5.83 -0.61
C GLN A 124 -2.45 -6.27 -0.39
N VAL A 125 -1.68 -6.19 -1.45
CA VAL A 125 -0.35 -6.76 -1.52
C VAL A 125 0.64 -6.12 -0.53
N GLY A 126 0.38 -4.88 -0.12
CA GLY A 126 1.31 -4.25 0.84
C GLY A 126 0.66 -3.31 1.83
N ILE A 127 -0.01 -3.83 2.79
CA ILE A 127 -0.70 -3.02 3.79
C ILE A 127 -0.40 -3.46 5.21
N TRP A 128 -0.69 -2.57 6.14
CA TRP A 128 -0.73 -2.92 7.57
C TRP A 128 -2.01 -3.74 7.83
N SER A 129 -2.19 -4.19 9.05
CA SER A 129 -3.41 -4.92 9.41
C SER A 129 -4.62 -4.00 9.24
N GLY A 130 -4.46 -2.79 9.66
CA GLY A 130 -5.51 -1.80 9.50
C GLY A 130 -5.01 -0.48 9.97
N PRO A 131 -5.85 0.55 10.04
CA PRO A 131 -5.48 1.83 10.61
C PRO A 131 -5.13 1.64 12.07
N ALA A 132 -4.18 2.46 12.57
CA ALA A 132 -3.73 2.40 13.96
C ALA A 132 -4.92 2.11 14.89
N PRO A 133 -4.84 1.05 15.75
CA PRO A 133 -5.94 0.65 16.60
C PRO A 133 -6.29 1.74 17.54
N GLN A 134 -7.53 1.85 17.88
CA GLN A 134 -7.95 2.95 18.62
C GLN A 134 -8.70 2.53 19.82
N CYS A 135 -8.71 3.42 20.76
CA CYS A 135 -9.19 3.18 22.06
C CYS A 135 -10.71 3.17 22.11
N ILE A 136 -11.27 2.11 21.52
CA ILE A 136 -12.71 1.85 21.52
C ILE A 136 -13.07 0.91 22.67
N LYS A 5 -5.74 4.65 -32.68
CA LYS A 5 -4.36 4.30 -32.37
C LYS A 5 -4.24 3.33 -31.20
N SER A 6 -3.39 2.35 -31.37
CA SER A 6 -2.99 1.47 -30.30
C SER A 6 -1.88 2.17 -29.47
N CYS A 7 -1.58 1.65 -28.31
CA CYS A 7 -0.62 2.28 -27.40
C CYS A 7 0.81 1.87 -27.71
N ARG A 8 1.72 2.32 -26.85
CA ARG A 8 3.13 2.04 -26.96
C ARG A 8 3.41 0.55 -26.76
N ASN A 9 2.45 -0.13 -26.14
CA ASN A 9 2.59 -1.51 -25.66
C ASN A 9 3.14 -1.48 -24.25
N PRO A 10 2.66 -2.36 -23.38
CA PRO A 10 3.12 -2.41 -22.00
C PRO A 10 4.58 -2.81 -21.85
N PRO A 11 5.11 -2.75 -20.63
CA PRO A 11 6.44 -3.25 -20.33
C PRO A 11 6.43 -4.75 -20.31
N ASP A 12 7.51 -5.35 -19.90
CA ASP A 12 7.59 -6.81 -19.90
C ASP A 12 7.58 -7.40 -18.48
N PRO A 13 6.38 -7.56 -17.88
CA PRO A 13 6.25 -8.25 -16.60
C PRO A 13 6.75 -9.71 -16.65
N VAL A 14 7.40 -10.10 -15.58
CA VAL A 14 7.70 -11.46 -15.27
C VAL A 14 7.40 -11.64 -13.81
N ASN A 15 7.15 -12.86 -13.34
CA ASN A 15 6.81 -13.07 -11.92
C ASN A 15 5.55 -12.25 -11.50
N GLY A 16 4.56 -12.10 -12.44
CA GLY A 16 3.37 -11.28 -12.15
C GLY A 16 2.22 -11.51 -13.15
N MET A 17 1.23 -10.60 -13.12
CA MET A 17 0.01 -10.72 -13.96
C MET A 17 0.24 -10.32 -15.40
N VAL A 18 -0.40 -11.06 -16.29
CA VAL A 18 -0.35 -10.79 -17.69
C VAL A 18 -1.76 -10.62 -18.25
N HIS A 19 -1.99 -9.55 -18.99
CA HIS A 19 -3.25 -9.35 -19.69
C HIS A 19 -3.08 -8.23 -20.69
N VAL A 20 -2.53 -8.58 -21.82
CA VAL A 20 -2.22 -7.64 -22.86
C VAL A 20 -2.50 -8.27 -24.26
N ILE A 21 -3.28 -9.33 -24.27
CA ILE A 21 -3.55 -10.04 -25.51
C ILE A 21 -4.30 -9.14 -26.54
N LYS A 22 -5.26 -8.40 -26.07
CA LYS A 22 -5.95 -7.40 -26.89
C LYS A 22 -5.81 -6.07 -26.21
N GLY A 23 -5.04 -6.06 -25.16
CA GLY A 23 -5.01 -4.95 -24.25
C GLY A 23 -3.92 -3.94 -24.50
N ILE A 24 -3.81 -3.42 -25.69
CA ILE A 24 -2.85 -2.35 -25.89
C ILE A 24 -3.52 -1.15 -26.52
N GLN A 25 -4.75 -1.28 -26.83
CA GLN A 25 -5.43 -0.31 -27.65
C GLN A 25 -5.93 0.82 -26.76
N PHE A 26 -6.41 1.88 -27.36
CA PHE A 26 -6.95 2.98 -26.58
C PHE A 26 -8.17 2.47 -25.78
N GLY A 27 -8.19 2.76 -24.49
CA GLY A 27 -9.25 2.23 -23.63
C GLY A 27 -8.88 0.88 -23.02
N SER A 28 -7.63 0.46 -23.23
CA SER A 28 -7.11 -0.80 -22.69
C SER A 28 -6.72 -0.69 -21.23
N GLN A 29 -6.61 -1.86 -20.60
CA GLN A 29 -6.09 -1.99 -19.26
C GLN A 29 -5.05 -3.10 -19.19
N ILE A 30 -3.89 -2.73 -18.80
CA ILE A 30 -2.82 -3.66 -18.51
C ILE A 30 -2.55 -3.58 -17.03
N LYS A 31 -2.52 -4.71 -16.39
CA LYS A 31 -2.34 -4.75 -14.96
C LYS A 31 -1.22 -5.66 -14.46
N TYR A 32 -0.58 -5.20 -13.40
CA TYR A 32 0.60 -5.81 -12.77
C TYR A 32 0.34 -6.47 -11.46
N SER A 33 1.23 -7.37 -11.17
CA SER A 33 1.33 -8.02 -9.91
C SER A 33 2.80 -8.08 -9.55
N CYS A 34 3.08 -7.91 -8.30
CA CYS A 34 4.45 -7.79 -7.86
C CYS A 34 4.81 -8.93 -6.92
N THR A 35 6.10 -9.15 -6.72
CA THR A 35 6.56 -10.20 -5.83
C THR A 35 6.25 -9.79 -4.36
N LYS A 36 6.29 -10.76 -3.43
CA LYS A 36 5.97 -10.47 -2.04
C LYS A 36 6.97 -9.47 -1.45
N GLY A 37 6.42 -8.46 -0.78
CA GLY A 37 7.21 -7.36 -0.25
C GLY A 37 7.28 -6.20 -1.22
N TYR A 38 6.71 -6.40 -2.40
CA TYR A 38 6.73 -5.41 -3.45
C TYR A 38 5.30 -5.01 -3.84
N ARG A 39 5.11 -3.74 -4.17
CA ARG A 39 3.81 -3.26 -4.60
C ARG A 39 3.99 -2.32 -5.77
N LEU A 40 2.88 -1.92 -6.36
CA LEU A 40 2.89 -0.96 -7.42
C LEU A 40 2.82 0.42 -6.81
N ILE A 41 3.73 1.27 -7.23
CA ILE A 41 3.75 2.66 -6.79
C ILE A 41 2.56 3.46 -7.34
N GLY A 42 2.04 3.01 -8.47
CA GLY A 42 1.00 3.72 -9.14
C GLY A 42 -0.25 2.90 -9.26
N SER A 43 -0.84 2.92 -10.43
CA SER A 43 -2.06 2.20 -10.69
C SER A 43 -1.75 0.98 -11.47
N SER A 44 -2.07 -0.16 -10.92
CA SER A 44 -1.72 -1.45 -11.48
C SER A 44 -2.30 -1.65 -12.85
N SER A 45 -3.48 -1.14 -13.08
CA SER A 45 -4.07 -1.29 -14.36
C SER A 45 -4.09 0.07 -15.02
N ALA A 46 -3.44 0.17 -16.15
CA ALA A 46 -3.38 1.40 -16.89
C ALA A 46 -4.38 1.40 -17.97
N THR A 47 -4.93 2.56 -18.23
CA THR A 47 -5.88 2.72 -19.26
C THR A 47 -5.27 3.63 -20.29
N CYS A 48 -5.26 3.18 -21.51
CA CYS A 48 -4.69 3.97 -22.58
C CYS A 48 -5.59 5.14 -22.89
N ILE A 49 -5.00 6.33 -22.84
CA ILE A 49 -5.71 7.56 -23.12
C ILE A 49 -4.92 8.36 -24.13
N ILE A 50 -5.54 9.36 -24.68
CA ILE A 50 -4.81 10.22 -25.55
C ILE A 50 -4.54 11.53 -24.86
N SER A 51 -3.24 11.81 -24.66
CA SER A 51 -2.82 13.03 -24.02
C SER A 51 -3.26 14.23 -24.84
N GLY A 52 -3.07 14.09 -26.14
CA GLY A 52 -3.44 15.13 -27.05
C GLY A 52 -3.66 14.56 -28.43
N ASP A 53 -2.58 14.42 -29.16
CA ASP A 53 -2.62 13.79 -30.46
C ASP A 53 -2.35 12.27 -30.40
N THR A 54 -1.77 11.76 -29.32
CA THR A 54 -1.28 10.40 -29.38
C THR A 54 -1.76 9.56 -28.22
N VAL A 55 -1.66 8.26 -28.37
CA VAL A 55 -2.18 7.34 -27.39
C VAL A 55 -1.04 6.87 -26.51
N ILE A 56 -1.20 7.20 -25.24
CA ILE A 56 -0.24 6.93 -24.19
C ILE A 56 -0.89 6.27 -23.01
N TRP A 57 -0.09 5.69 -22.16
CA TRP A 57 -0.60 5.07 -20.96
C TRP A 57 -0.78 6.19 -19.93
N ASP A 58 -1.93 6.22 -19.27
CA ASP A 58 -2.21 7.28 -18.32
C ASP A 58 -1.30 7.24 -17.10
N THR A 59 -1.00 6.05 -16.66
CA THR A 59 -0.19 5.83 -15.47
C THR A 59 1.22 5.42 -15.80
N GLU A 60 1.43 5.18 -17.08
CA GLU A 60 2.72 4.78 -17.64
C GLU A 60 3.18 3.44 -17.07
N THR A 61 2.23 2.66 -16.55
CA THR A 61 2.50 1.37 -15.90
C THR A 61 3.46 1.52 -14.67
N PRO A 62 2.90 1.33 -13.49
CA PRO A 62 3.58 1.46 -12.20
C PRO A 62 4.73 0.46 -12.07
N ILE A 63 5.73 0.85 -11.33
CA ILE A 63 6.92 0.05 -11.07
C ILE A 63 6.83 -0.61 -9.72
N CYS A 64 7.10 -1.91 -9.67
CA CYS A 64 7.08 -2.63 -8.40
C CYS A 64 8.32 -2.21 -7.62
N ASP A 65 8.11 -1.88 -6.39
CA ASP A 65 9.18 -1.53 -5.46
C ASP A 65 8.79 -2.11 -4.13
N ARG A 66 9.68 -2.12 -3.16
CA ARG A 66 9.30 -2.70 -1.92
C ARG A 66 8.23 -1.83 -1.31
N ILE A 67 7.21 -2.47 -0.80
CA ILE A 67 6.05 -1.77 -0.30
C ILE A 67 6.38 -0.77 0.77
N PRO A 68 6.26 0.53 0.47
CA PRO A 68 6.49 1.51 1.44
C PRO A 68 5.25 1.71 2.26
N CYS A 69 5.13 0.82 3.21
CA CYS A 69 4.04 0.80 4.15
C CYS A 69 4.51 1.36 5.44
N GLY A 70 5.71 1.90 5.37
CA GLY A 70 6.42 2.42 6.50
C GLY A 70 5.90 3.72 7.04
N LEU A 71 4.61 3.90 6.98
CA LEU A 71 3.96 5.01 7.62
C LEU A 71 2.47 4.70 7.78
N PRO A 72 2.12 4.15 8.94
CA PRO A 72 0.77 3.73 9.26
C PRO A 72 -0.10 4.88 9.73
N PRO A 73 -1.37 4.60 10.11
CA PRO A 73 -2.21 5.59 10.74
C PRO A 73 -1.60 6.04 12.07
N THR A 74 -1.73 7.30 12.38
CA THR A 74 -1.16 7.84 13.61
C THR A 74 -2.17 7.68 14.71
N ILE A 75 -1.73 7.11 15.80
CA ILE A 75 -2.57 6.77 16.95
C ILE A 75 -3.25 8.01 17.54
N THR A 76 -4.42 7.80 18.04
CA THR A 76 -5.26 8.81 18.59
C THR A 76 -4.65 9.54 19.85
N ASN A 77 -4.12 8.77 20.80
CA ASN A 77 -3.71 9.35 22.10
C ASN A 77 -2.19 9.54 22.29
N GLY A 78 -1.39 8.88 21.49
CA GLY A 78 0.06 8.96 21.63
C GLY A 78 0.70 7.78 21.00
N ASP A 79 1.68 8.05 20.15
CA ASP A 79 2.28 7.10 19.17
C ASP A 79 2.31 5.62 19.54
N PHE A 80 3.46 5.08 19.62
CA PHE A 80 3.61 3.66 19.71
C PHE A 80 4.90 3.17 20.37
N ILE A 81 4.93 1.87 20.56
CA ILE A 81 6.03 1.14 21.20
C ILE A 81 7.33 1.22 20.43
N SER A 82 7.27 1.08 19.11
CA SER A 82 8.45 0.97 18.30
C SER A 82 9.30 2.22 18.42
N THR A 83 10.61 2.01 18.33
CA THR A 83 11.61 3.01 18.65
C THR A 83 11.57 4.26 17.73
N ASN A 84 11.46 4.08 16.46
CA ASN A 84 11.43 5.23 15.54
C ASN A 84 10.00 5.50 15.06
N ARG A 85 9.81 6.57 14.29
CA ARG A 85 8.49 6.88 13.78
C ARG A 85 7.97 5.78 12.89
N GLU A 86 8.81 5.26 12.02
CA GLU A 86 8.42 4.12 11.24
C GLU A 86 9.55 3.42 10.56
N ASN A 87 9.37 2.13 10.37
CA ASN A 87 10.28 1.39 9.59
C ASN A 87 9.88 1.55 8.15
N PHE A 88 10.83 1.64 7.31
CA PHE A 88 10.69 2.18 5.95
C PHE A 88 9.74 1.39 5.01
N HIS A 89 9.79 0.06 5.03
CA HIS A 89 9.06 -0.72 4.02
C HIS A 89 8.22 -1.88 4.64
N TYR A 90 7.91 -2.87 3.80
CA TYR A 90 7.13 -4.06 4.16
C TYR A 90 7.84 -4.90 5.23
N GLY A 91 7.05 -5.51 6.11
CA GLY A 91 7.61 -6.32 7.17
C GLY A 91 7.88 -5.54 8.41
N SER A 92 7.26 -4.41 8.54
CA SER A 92 7.43 -3.61 9.71
C SER A 92 6.14 -3.61 10.52
N VAL A 93 6.29 -3.52 11.84
CA VAL A 93 5.15 -3.64 12.74
C VAL A 93 5.20 -2.60 13.87
N VAL A 94 4.06 -2.04 14.20
CA VAL A 94 3.98 -1.06 15.27
C VAL A 94 2.97 -1.50 16.30
N THR A 95 3.35 -1.44 17.58
CA THR A 95 2.44 -1.81 18.62
C THR A 95 2.00 -0.55 19.34
N TYR A 96 0.71 -0.32 19.39
CA TYR A 96 0.13 0.84 20.01
C TYR A 96 -0.13 0.64 21.49
N ARG A 97 -0.05 1.73 22.20
CA ARG A 97 -0.19 1.76 23.64
C ARG A 97 -1.01 2.99 24.04
N CYS A 98 -1.66 2.93 25.18
CA CYS A 98 -2.50 4.03 25.64
C CYS A 98 -1.87 4.69 26.87
N ASN A 99 -2.08 5.98 27.00
CA ASN A 99 -1.44 6.79 28.04
C ASN A 99 -2.20 6.77 29.37
N PRO A 100 -1.46 6.68 30.49
CA PRO A 100 -2.05 6.81 31.81
C PRO A 100 -2.63 8.22 31.96
N GLY A 101 -3.75 8.36 32.66
CA GLY A 101 -4.41 9.67 32.75
C GLY A 101 -3.55 10.75 33.43
N SER A 102 -3.00 10.44 34.60
CA SER A 102 -2.11 11.40 35.28
C SER A 102 -1.04 10.70 36.13
N GLY A 103 -1.49 10.10 37.25
CA GLY A 103 -0.58 9.44 38.18
C GLY A 103 -0.39 7.97 37.89
N GLY A 104 -0.42 7.62 36.61
CA GLY A 104 -0.24 6.23 36.22
C GLY A 104 -1.56 5.45 36.19
N ARG A 105 -2.63 6.14 36.53
CA ARG A 105 -3.96 5.53 36.52
C ARG A 105 -4.45 5.29 35.12
N LYS A 106 -5.04 4.13 34.88
CA LYS A 106 -5.59 3.85 33.58
C LYS A 106 -6.92 4.52 33.41
N VAL A 107 -7.00 5.36 32.42
CA VAL A 107 -8.23 6.00 32.04
C VAL A 107 -8.60 5.57 30.64
N PHE A 108 -7.73 4.77 30.05
CA PHE A 108 -7.89 4.34 28.69
C PHE A 108 -7.78 2.85 28.55
N GLU A 109 -8.46 2.34 27.57
CA GLU A 109 -8.51 0.94 27.25
C GLU A 109 -8.15 0.85 25.78
N LEU A 110 -7.44 -0.16 25.37
CA LEU A 110 -7.00 -0.24 24.00
C LEU A 110 -7.59 -1.46 23.38
N VAL A 111 -7.94 -1.39 22.10
CA VAL A 111 -8.62 -2.51 21.48
C VAL A 111 -7.61 -3.66 21.45
N GLY A 112 -8.04 -4.81 21.88
CA GLY A 112 -7.16 -6.01 22.15
C GLY A 112 -6.18 -6.50 21.05
N GLU A 113 -6.00 -5.75 19.99
CA GLU A 113 -5.00 -6.10 18.99
C GLU A 113 -4.16 -4.87 18.70
N PRO A 114 -3.30 -4.46 19.68
CA PRO A 114 -2.51 -3.25 19.60
C PRO A 114 -1.44 -3.25 18.52
N SER A 115 -1.07 -4.41 18.03
CA SER A 115 0.04 -4.42 17.14
C SER A 115 -0.42 -4.74 15.72
N ILE A 116 -0.04 -3.90 14.83
CA ILE A 116 -0.40 -4.03 13.45
C ILE A 116 0.85 -4.05 12.58
N TYR A 117 0.72 -4.66 11.45
CA TYR A 117 1.83 -4.89 10.55
C TYR A 117 1.38 -4.78 9.12
N CYS A 118 2.34 -4.62 8.24
CA CYS A 118 2.05 -4.51 6.83
C CYS A 118 1.59 -5.90 6.33
N THR A 119 0.31 -6.00 6.01
CA THR A 119 -0.33 -7.26 5.57
C THR A 119 -0.80 -7.14 4.12
N SER A 120 -0.28 -6.14 3.48
CA SER A 120 -0.65 -5.75 2.14
C SER A 120 -0.39 -6.84 1.08
N ASN A 121 0.54 -7.71 1.33
CA ASN A 121 0.84 -8.77 0.36
C ASN A 121 -0.30 -9.78 0.11
N ASP A 122 -1.01 -10.20 1.14
CA ASP A 122 -2.06 -11.21 0.96
C ASP A 122 -3.49 -10.66 1.07
N ASP A 123 -3.89 -10.25 2.26
CA ASP A 123 -5.20 -9.64 2.47
C ASP A 123 -5.14 -8.13 2.41
N GLN A 124 -5.75 -7.59 1.35
CA GLN A 124 -5.79 -6.16 1.04
C GLN A 124 -4.42 -5.68 0.54
N VAL A 125 -4.39 -4.60 -0.25
CA VAL A 125 -3.14 -4.19 -0.88
C VAL A 125 -2.74 -2.74 -0.50
N GLY A 126 -1.48 -2.61 -0.10
CA GLY A 126 -0.87 -1.32 0.23
C GLY A 126 -1.23 -0.84 1.61
N ILE A 127 -1.81 -1.70 2.41
CA ILE A 127 -2.32 -1.32 3.70
C ILE A 127 -1.87 -2.22 4.86
N TRP A 128 -2.04 -1.70 6.05
CA TRP A 128 -1.74 -2.39 7.30
C TRP A 128 -2.85 -3.40 7.66
N SER A 129 -2.62 -4.21 8.66
CA SER A 129 -3.59 -5.23 9.08
C SER A 129 -4.88 -4.62 9.56
N GLY A 130 -4.78 -3.38 9.98
CA GLY A 130 -5.93 -2.67 10.41
C GLY A 130 -5.59 -1.25 10.80
N PRO A 131 -6.60 -0.40 10.99
CA PRO A 131 -6.40 0.98 11.46
C PRO A 131 -5.80 1.00 12.85
N ALA A 132 -4.97 2.01 13.15
CA ALA A 132 -4.36 2.14 14.48
C ALA A 132 -5.45 1.96 15.54
N PRO A 133 -5.40 0.85 16.32
CA PRO A 133 -6.41 0.59 17.31
C PRO A 133 -6.40 1.68 18.30
N GLN A 134 -7.54 2.04 18.79
CA GLN A 134 -7.66 3.25 19.54
C GLN A 134 -8.06 2.99 20.94
N CYS A 135 -7.74 3.95 21.78
CA CYS A 135 -7.93 3.83 23.19
C CYS A 135 -9.41 4.00 23.55
N ILE A 136 -10.17 2.95 23.21
CA ILE A 136 -11.59 2.82 23.50
C ILE A 136 -11.77 2.17 24.86
N LYS A 5 -6.39 4.45 -31.86
CA LYS A 5 -4.96 4.32 -31.66
C LYS A 5 -4.66 3.40 -30.48
N SER A 6 -4.01 2.30 -30.79
CA SER A 6 -3.55 1.39 -29.78
C SER A 6 -2.23 1.82 -29.17
N CYS A 7 -1.96 1.32 -27.97
CA CYS A 7 -0.73 1.62 -27.27
C CYS A 7 0.39 0.69 -27.71
N ARG A 8 1.50 0.78 -27.04
CA ARG A 8 2.71 0.03 -27.36
C ARG A 8 2.74 -1.30 -26.68
N ASN A 9 1.72 -1.62 -25.90
CA ASN A 9 1.69 -2.88 -25.14
C ASN A 9 2.56 -2.73 -23.90
N PRO A 10 2.17 -3.36 -22.79
CA PRO A 10 2.92 -3.33 -21.52
C PRO A 10 4.48 -3.37 -21.68
N PRO A 11 5.22 -2.75 -20.71
CA PRO A 11 6.71 -2.65 -20.72
C PRO A 11 7.40 -4.01 -20.78
N ASP A 12 6.76 -5.01 -20.18
CA ASP A 12 7.23 -6.41 -20.17
C ASP A 12 8.27 -6.71 -19.09
N PRO A 13 7.79 -6.83 -17.84
CA PRO A 13 8.61 -7.31 -16.73
C PRO A 13 8.88 -8.81 -16.90
N VAL A 14 9.96 -9.28 -16.32
CA VAL A 14 10.35 -10.69 -16.41
C VAL A 14 9.32 -11.62 -15.76
N ASN A 15 8.60 -11.06 -14.85
CA ASN A 15 7.58 -11.76 -14.08
C ASN A 15 6.20 -11.34 -14.59
N GLY A 16 6.19 -10.77 -15.80
CA GLY A 16 4.98 -10.25 -16.42
C GLY A 16 3.97 -11.31 -16.83
N MET A 17 2.79 -10.83 -17.16
CA MET A 17 1.65 -11.66 -17.51
C MET A 17 1.14 -11.33 -18.89
N VAL A 18 0.68 -12.34 -19.63
CA VAL A 18 0.08 -12.10 -20.92
C VAL A 18 -1.38 -12.58 -20.95
N HIS A 19 -2.31 -11.68 -20.66
CA HIS A 19 -3.75 -11.96 -20.77
C HIS A 19 -4.48 -10.90 -21.59
N VAL A 20 -3.85 -9.73 -21.72
CA VAL A 20 -4.50 -8.56 -22.31
C VAL A 20 -4.90 -8.69 -23.78
N ILE A 21 -4.00 -9.24 -24.60
CA ILE A 21 -4.10 -9.25 -26.11
C ILE A 21 -4.79 -7.98 -26.72
N LYS A 22 -6.06 -7.77 -26.47
CA LYS A 22 -6.73 -6.58 -26.88
C LYS A 22 -7.24 -5.86 -25.68
N GLY A 23 -6.63 -4.73 -25.41
CA GLY A 23 -6.94 -3.96 -24.23
C GLY A 23 -5.83 -3.01 -23.97
N ILE A 24 -5.24 -2.56 -25.04
CA ILE A 24 -4.12 -1.66 -25.01
C ILE A 24 -4.46 -0.32 -25.68
N GLN A 25 -5.67 -0.19 -26.19
CA GLN A 25 -6.07 1.00 -26.94
C GLN A 25 -6.47 2.16 -26.04
N PHE A 26 -7.06 3.18 -26.62
CA PHE A 26 -7.52 4.31 -25.80
C PHE A 26 -8.64 3.83 -24.87
N GLY A 27 -8.47 4.08 -23.58
CA GLY A 27 -9.48 3.73 -22.59
C GLY A 27 -9.34 2.31 -22.01
N SER A 28 -8.40 1.53 -22.52
CA SER A 28 -8.22 0.18 -22.05
C SER A 28 -7.47 0.15 -20.74
N GLN A 29 -7.53 -0.98 -20.06
CA GLN A 29 -6.80 -1.14 -18.82
C GLN A 29 -6.17 -2.52 -18.71
N ILE A 30 -5.05 -2.55 -18.00
CA ILE A 30 -4.31 -3.78 -17.71
C ILE A 30 -4.07 -3.85 -16.23
N LYS A 31 -3.94 -5.05 -15.70
CA LYS A 31 -3.63 -5.20 -14.29
C LYS A 31 -2.32 -5.96 -14.11
N TYR A 32 -1.53 -5.58 -13.12
CA TYR A 32 -0.27 -6.23 -12.87
C TYR A 32 -0.15 -6.71 -11.42
N SER A 33 0.04 -8.02 -11.25
CA SER A 33 0.15 -8.65 -9.95
C SER A 33 1.58 -8.48 -9.35
N CYS A 34 1.67 -8.35 -8.03
CA CYS A 34 2.96 -8.33 -7.36
C CYS A 34 3.04 -9.46 -6.35
N THR A 35 4.25 -9.93 -6.07
CA THR A 35 4.45 -10.90 -5.01
C THR A 35 4.28 -10.17 -3.65
N LYS A 36 4.04 -10.91 -2.57
CA LYS A 36 3.82 -10.32 -1.25
C LYS A 36 5.05 -9.54 -0.76
N GLY A 37 4.83 -8.34 -0.24
CA GLY A 37 5.91 -7.50 0.23
C GLY A 37 6.31 -6.46 -0.78
N TYR A 38 5.79 -6.61 -1.98
CA TYR A 38 5.99 -5.63 -3.02
C TYR A 38 4.63 -5.13 -3.47
N ARG A 39 4.50 -3.84 -3.73
CA ARG A 39 3.21 -3.28 -4.15
C ARG A 39 3.41 -2.36 -5.30
N LEU A 40 2.32 -2.03 -5.98
CA LEU A 40 2.42 -1.20 -7.15
C LEU A 40 2.60 0.25 -6.75
N ILE A 41 3.63 0.84 -7.32
CA ILE A 41 3.96 2.23 -7.09
C ILE A 41 2.91 3.19 -7.58
N GLY A 42 2.41 2.95 -8.77
CA GLY A 42 1.53 3.89 -9.39
C GLY A 42 0.12 3.46 -9.31
N SER A 43 -0.32 2.77 -10.31
CA SER A 43 -1.62 2.24 -10.33
C SER A 43 -1.51 0.87 -10.96
N SER A 44 -2.09 -0.14 -10.33
CA SER A 44 -2.04 -1.54 -10.84
C SER A 44 -2.74 -1.66 -12.16
N SER A 45 -3.65 -0.75 -12.40
CA SER A 45 -4.29 -0.67 -13.65
C SER A 45 -3.90 0.61 -14.33
N ALA A 46 -3.70 0.53 -15.62
CA ALA A 46 -3.31 1.68 -16.40
C ALA A 46 -4.27 1.89 -17.50
N THR A 47 -4.51 3.12 -17.80
CA THR A 47 -5.41 3.46 -18.83
C THR A 47 -4.62 4.21 -19.90
N CYS A 48 -4.75 3.76 -21.11
CA CYS A 48 -4.08 4.41 -22.24
C CYS A 48 -4.75 5.72 -22.57
N ILE A 49 -3.95 6.75 -22.64
CA ILE A 49 -4.42 8.09 -22.92
C ILE A 49 -3.61 8.67 -24.05
N ILE A 50 -4.10 9.70 -24.67
CA ILE A 50 -3.41 10.28 -25.78
C ILE A 50 -2.81 11.63 -25.41
N SER A 51 -1.52 11.74 -25.65
CA SER A 51 -0.81 12.96 -25.44
C SER A 51 0.17 13.13 -26.57
N GLY A 52 0.51 14.35 -26.88
CA GLY A 52 1.33 14.56 -28.05
C GLY A 52 0.60 14.04 -29.29
N ASP A 53 1.32 13.32 -30.12
CA ASP A 53 0.76 12.71 -31.33
C ASP A 53 0.39 11.22 -31.11
N THR A 54 0.57 10.71 -29.88
CA THR A 54 0.54 9.25 -29.65
C THR A 54 -0.23 8.87 -28.41
N VAL A 55 -0.54 7.57 -28.30
CA VAL A 55 -1.27 7.09 -27.16
C VAL A 55 -0.31 6.23 -26.31
N ILE A 56 -0.19 6.65 -25.09
CA ILE A 56 0.69 6.10 -24.09
C ILE A 56 -0.03 5.78 -22.80
N TRP A 57 0.60 4.94 -21.99
CA TRP A 57 0.03 4.50 -20.75
C TRP A 57 0.12 5.65 -19.72
N ASP A 58 -0.98 5.90 -18.99
CA ASP A 58 -1.03 6.99 -18.00
C ASP A 58 -0.08 6.78 -16.85
N THR A 59 0.05 5.55 -16.44
CA THR A 59 0.91 5.18 -15.32
C THR A 59 2.28 4.65 -15.80
N GLU A 60 2.37 4.31 -17.10
CA GLU A 60 3.56 3.63 -17.70
C GLU A 60 3.75 2.27 -17.02
N THR A 61 2.65 1.81 -16.42
CA THR A 61 2.63 0.58 -15.63
C THR A 61 3.45 0.72 -14.36
N PRO A 62 2.85 0.36 -13.22
CA PRO A 62 3.52 0.44 -11.93
C PRO A 62 4.58 -0.60 -11.79
N ILE A 63 5.49 -0.32 -10.94
CA ILE A 63 6.59 -1.19 -10.69
C ILE A 63 6.42 -1.80 -9.34
N CYS A 64 6.53 -3.11 -9.24
CA CYS A 64 6.40 -3.71 -7.95
C CYS A 64 7.66 -3.36 -7.19
N ASP A 65 7.48 -2.80 -6.04
CA ASP A 65 8.60 -2.36 -5.24
C ASP A 65 8.24 -2.54 -3.80
N ARG A 66 9.21 -2.38 -2.94
CA ARG A 66 8.99 -2.65 -1.55
C ARG A 66 7.98 -1.66 -1.03
N ILE A 67 7.03 -2.19 -0.31
CA ILE A 67 5.87 -1.46 0.13
C ILE A 67 6.20 -0.45 1.18
N PRO A 68 6.22 0.85 0.85
CA PRO A 68 6.36 1.82 1.89
C PRO A 68 5.14 1.68 2.78
N CYS A 69 5.29 1.81 4.04
CA CYS A 69 4.17 1.66 4.95
C CYS A 69 3.38 2.94 5.09
N GLY A 70 4.05 4.02 4.87
CA GLY A 70 3.44 5.30 4.98
C GLY A 70 3.33 5.73 6.40
N LEU A 71 2.62 6.78 6.63
CA LEU A 71 2.37 7.22 7.98
C LEU A 71 1.34 6.29 8.62
N PRO A 72 1.72 5.60 9.72
CA PRO A 72 0.80 4.69 10.41
C PRO A 72 -0.34 5.50 10.97
N PRO A 73 -1.55 4.92 11.13
CA PRO A 73 -2.64 5.69 11.67
C PRO A 73 -2.23 6.18 13.04
N THR A 74 -2.53 7.40 13.34
CA THR A 74 -2.16 7.95 14.61
C THR A 74 -3.03 7.35 15.69
N ILE A 75 -2.41 6.93 16.76
CA ILE A 75 -3.11 6.32 17.86
C ILE A 75 -3.93 7.38 18.61
N THR A 76 -5.07 6.94 19.11
CA THR A 76 -6.01 7.81 19.77
C THR A 76 -5.40 8.47 21.05
N ASN A 77 -4.72 7.69 21.89
CA ASN A 77 -4.09 8.26 23.12
C ASN A 77 -2.98 9.28 22.87
N GLY A 78 -2.15 9.03 21.89
CA GLY A 78 -1.01 9.88 21.66
C GLY A 78 -0.14 9.43 20.50
N ASP A 79 0.76 8.49 20.77
CA ASP A 79 1.69 8.00 19.74
C ASP A 79 1.98 6.49 19.93
N PHE A 80 2.98 5.98 19.24
CA PHE A 80 3.29 4.55 19.22
C PHE A 80 4.60 4.20 19.91
N ILE A 81 4.69 2.90 20.29
CA ILE A 81 5.80 2.37 21.05
C ILE A 81 7.10 2.41 20.24
N SER A 82 6.96 2.33 18.90
CA SER A 82 8.09 2.11 18.00
C SER A 82 9.09 3.27 18.05
N THR A 83 10.34 2.88 17.99
CA THR A 83 11.47 3.75 18.02
C THR A 83 11.56 4.63 16.77
N ASN A 84 11.11 4.11 15.66
CA ASN A 84 11.19 4.85 14.42
C ASN A 84 9.91 5.63 14.25
N ARG A 85 10.02 6.90 13.91
CA ARG A 85 8.85 7.78 13.84
C ARG A 85 7.89 7.36 12.72
N GLU A 86 8.42 6.94 11.61
CA GLU A 86 7.59 6.61 10.47
C GLU A 86 8.12 5.33 9.81
N ASN A 87 7.23 4.52 9.28
CA ASN A 87 7.63 3.29 8.59
C ASN A 87 7.68 3.54 7.09
N PHE A 88 8.88 3.53 6.54
CA PHE A 88 9.10 3.95 5.15
C PHE A 88 9.23 2.73 4.24
N HIS A 89 9.17 1.57 4.81
CA HIS A 89 9.49 0.38 4.08
C HIS A 89 8.79 -0.86 4.64
N TYR A 90 8.57 -1.84 3.78
CA TYR A 90 7.92 -3.09 4.14
C TYR A 90 8.81 -3.85 5.13
N GLY A 91 8.20 -4.49 6.12
CA GLY A 91 8.96 -5.12 7.15
C GLY A 91 9.16 -4.24 8.35
N SER A 92 8.19 -3.37 8.62
CA SER A 92 8.24 -2.50 9.78
C SER A 92 6.94 -2.69 10.58
N VAL A 93 7.03 -2.50 11.88
CA VAL A 93 5.91 -2.75 12.78
C VAL A 93 5.84 -1.69 13.88
N VAL A 94 4.63 -1.28 14.20
CA VAL A 94 4.40 -0.38 15.30
C VAL A 94 3.43 -1.01 16.27
N THR A 95 3.74 -0.97 17.53
CA THR A 95 2.86 -1.52 18.50
C THR A 95 2.29 -0.40 19.30
N TYR A 96 1.01 -0.32 19.35
CA TYR A 96 0.38 0.72 20.05
C TYR A 96 0.24 0.41 21.50
N ARG A 97 0.44 1.41 22.30
CA ARG A 97 0.31 1.30 23.70
C ARG A 97 -0.66 2.33 24.12
N CYS A 98 -1.44 2.01 25.08
CA CYS A 98 -2.37 2.98 25.57
C CYS A 98 -1.75 3.72 26.71
N ASN A 99 -1.72 5.01 26.54
CA ASN A 99 -1.02 5.90 27.43
C ASN A 99 -1.81 6.13 28.71
N PRO A 100 -1.13 6.09 29.84
CA PRO A 100 -1.76 6.27 31.13
C PRO A 100 -2.23 7.68 31.35
N GLY A 101 -3.23 7.83 32.18
CA GLY A 101 -3.76 9.13 32.46
C GLY A 101 -2.84 9.89 33.36
N SER A 102 -3.18 11.11 33.66
CA SER A 102 -2.34 11.90 34.49
C SER A 102 -2.44 11.41 35.92
N GLY A 103 -1.42 11.68 36.70
CA GLY A 103 -1.38 11.24 38.07
C GLY A 103 -0.96 9.78 38.18
N GLY A 104 -0.47 9.22 37.05
CA GLY A 104 0.02 7.86 37.04
C GLY A 104 -1.08 6.80 37.08
N ARG A 105 -2.28 7.16 36.61
CA ARG A 105 -3.40 6.20 36.65
C ARG A 105 -3.54 5.45 35.34
N LYS A 106 -3.76 4.12 35.41
CA LYS A 106 -4.03 3.38 34.19
C LYS A 106 -5.51 3.48 33.98
N VAL A 107 -5.88 4.29 33.06
CA VAL A 107 -7.25 4.58 32.82
C VAL A 107 -7.72 4.09 31.47
N PHE A 108 -6.87 3.38 30.75
CA PHE A 108 -7.24 3.00 29.40
C PHE A 108 -7.08 1.52 29.11
N GLU A 109 -7.93 1.07 28.20
CA GLU A 109 -8.02 -0.31 27.77
C GLU A 109 -7.80 -0.36 26.25
N LEU A 110 -7.21 -1.41 25.74
CA LEU A 110 -6.93 -1.51 24.31
C LEU A 110 -7.77 -2.66 23.69
N VAL A 111 -8.00 -2.61 22.38
CA VAL A 111 -8.91 -3.55 21.69
C VAL A 111 -8.43 -5.03 21.83
N GLY A 112 -7.14 -5.30 21.62
CA GLY A 112 -6.64 -6.68 21.82
C GLY A 112 -5.42 -7.03 20.98
N GLU A 113 -5.26 -6.35 19.87
CA GLU A 113 -4.09 -6.57 19.05
C GLU A 113 -3.39 -5.25 18.79
N PRO A 114 -2.57 -4.78 19.75
CA PRO A 114 -1.90 -3.48 19.67
C PRO A 114 -0.85 -3.40 18.58
N SER A 115 -0.36 -4.54 18.12
CA SER A 115 0.70 -4.57 17.15
C SER A 115 0.17 -4.70 15.74
N ILE A 116 0.57 -3.78 14.90
CA ILE A 116 0.21 -3.85 13.52
C ILE A 116 1.46 -3.74 12.68
N TYR A 117 1.42 -4.30 11.51
CA TYR A 117 2.58 -4.33 10.67
C TYR A 117 2.23 -4.25 9.24
N CYS A 118 3.21 -3.88 8.45
CA CYS A 118 3.02 -3.72 7.01
C CYS A 118 2.92 -5.16 6.45
N THR A 119 1.72 -5.66 6.16
CA THR A 119 1.62 -7.08 5.74
C THR A 119 1.08 -7.26 4.34
N SER A 120 0.49 -6.18 3.79
CA SER A 120 -0.40 -6.25 2.61
C SER A 120 -0.80 -7.71 2.23
N ASN A 121 -1.90 -8.14 2.81
CA ASN A 121 -2.39 -9.50 2.64
C ASN A 121 -3.88 -9.54 2.85
N ASP A 122 -4.49 -10.71 2.62
CA ASP A 122 -5.92 -10.89 2.87
C ASP A 122 -6.76 -10.06 1.93
N ASP A 123 -6.40 -10.18 0.64
CA ASP A 123 -7.05 -9.51 -0.53
C ASP A 123 -6.96 -7.99 -0.38
N GLN A 124 -5.91 -7.55 0.28
CA GLN A 124 -5.59 -6.16 0.39
C GLN A 124 -4.09 -6.02 0.10
N VAL A 125 -3.74 -5.23 -0.87
CA VAL A 125 -2.37 -5.26 -1.41
C VAL A 125 -1.46 -4.06 -1.05
N GLY A 126 -1.87 -3.23 -0.12
CA GLY A 126 -1.05 -2.07 0.24
C GLY A 126 -1.41 -1.47 1.58
N ILE A 127 -1.76 -2.31 2.51
CA ILE A 127 -2.21 -1.86 3.81
C ILE A 127 -1.48 -2.53 4.97
N TRP A 128 -1.61 -1.92 6.12
CA TRP A 128 -1.11 -2.48 7.37
C TRP A 128 -1.96 -3.70 7.73
N SER A 129 -1.66 -4.35 8.83
CA SER A 129 -2.43 -5.54 9.24
C SER A 129 -3.89 -5.17 9.49
N GLY A 130 -4.11 -3.97 9.98
CA GLY A 130 -5.45 -3.49 10.20
C GLY A 130 -5.45 -2.07 10.73
N PRO A 131 -6.64 -1.46 10.94
CA PRO A 131 -6.74 -0.09 11.45
C PRO A 131 -6.14 -0.01 12.86
N ALA A 132 -5.54 1.14 13.17
CA ALA A 132 -4.92 1.33 14.48
C ALA A 132 -5.89 0.95 15.59
N PRO A 133 -5.52 0.01 16.49
CA PRO A 133 -6.37 -0.38 17.59
C PRO A 133 -6.63 0.81 18.47
N GLN A 134 -7.77 0.88 19.01
CA GLN A 134 -8.18 2.02 19.74
C GLN A 134 -8.29 1.72 21.20
N CYS A 135 -7.86 2.66 22.00
CA CYS A 135 -7.84 2.52 23.42
C CYS A 135 -9.27 2.66 23.97
N ILE A 136 -10.06 1.60 23.73
CA ILE A 136 -11.43 1.48 24.18
C ILE A 136 -11.53 0.41 25.27
N LYS A 5 -6.14 4.50 -31.81
CA LYS A 5 -4.78 4.76 -31.44
C LYS A 5 -4.33 3.76 -30.39
N SER A 6 -3.31 3.00 -30.71
CA SER A 6 -2.78 2.02 -29.79
C SER A 6 -1.83 2.61 -28.74
N CYS A 7 -1.61 1.87 -27.67
CA CYS A 7 -0.62 2.22 -26.65
C CYS A 7 0.71 1.58 -27.00
N ARG A 8 1.71 1.90 -26.20
CA ARG A 8 3.04 1.38 -26.37
C ARG A 8 3.14 -0.13 -26.15
N ASN A 9 2.14 -0.70 -25.47
CA ASN A 9 2.13 -2.13 -25.08
C ASN A 9 2.71 -2.28 -23.68
N PRO A 10 2.09 -3.15 -22.84
CA PRO A 10 2.51 -3.41 -21.46
C PRO A 10 4.02 -3.43 -21.23
N PRO A 11 4.54 -2.45 -20.45
CA PRO A 11 5.95 -2.37 -20.06
C PRO A 11 6.33 -3.51 -19.15
N ASP A 12 5.30 -4.10 -18.54
CA ASP A 12 5.37 -5.17 -17.54
C ASP A 12 6.65 -5.99 -17.58
N PRO A 13 7.24 -6.19 -16.41
CA PRO A 13 8.43 -6.97 -16.22
C PRO A 13 8.21 -8.46 -16.53
N VAL A 14 9.29 -9.12 -16.86
CA VAL A 14 9.29 -10.47 -17.41
C VAL A 14 8.72 -11.48 -16.42
N ASN A 15 7.87 -12.38 -16.97
CA ASN A 15 7.13 -13.39 -16.22
C ASN A 15 6.17 -12.75 -15.21
N GLY A 16 5.64 -11.61 -15.63
CA GLY A 16 4.56 -10.95 -14.93
C GLY A 16 3.24 -11.44 -15.50
N MET A 17 2.15 -10.80 -15.16
CA MET A 17 0.87 -11.22 -15.72
C MET A 17 0.46 -10.28 -16.83
N VAL A 18 -0.04 -10.83 -17.94
CA VAL A 18 -0.58 -10.01 -18.98
C VAL A 18 -2.02 -10.43 -19.19
N HIS A 19 -2.92 -9.48 -19.18
CA HIS A 19 -4.34 -9.76 -19.30
C HIS A 19 -4.93 -9.06 -20.52
N VAL A 20 -4.07 -8.53 -21.36
CA VAL A 20 -4.53 -7.73 -22.47
C VAL A 20 -4.06 -8.31 -23.79
N ILE A 21 -4.98 -8.47 -24.71
CA ILE A 21 -4.64 -8.97 -26.03
C ILE A 21 -4.64 -7.80 -27.04
N LYS A 22 -5.86 -7.41 -27.46
CA LYS A 22 -6.07 -6.33 -28.44
C LYS A 22 -6.40 -5.01 -27.75
N GLY A 23 -6.61 -5.09 -26.46
CA GLY A 23 -7.17 -3.97 -25.71
C GLY A 23 -6.20 -2.88 -25.36
N ILE A 24 -4.95 -2.96 -25.85
CA ILE A 24 -3.86 -2.04 -25.49
C ILE A 24 -4.12 -0.65 -26.01
N GLN A 25 -5.07 -0.54 -26.89
CA GLN A 25 -5.40 0.73 -27.49
C GLN A 25 -6.04 1.67 -26.48
N PHE A 26 -6.67 2.69 -26.98
CA PHE A 26 -7.33 3.67 -26.11
C PHE A 26 -8.38 3.00 -25.24
N GLY A 27 -8.29 3.32 -23.95
CA GLY A 27 -9.16 2.72 -22.96
C GLY A 27 -8.58 1.47 -22.30
N SER A 28 -7.34 1.09 -22.71
CA SER A 28 -6.68 -0.11 -22.16
C SER A 28 -6.31 0.02 -20.71
N GLN A 29 -6.44 -1.09 -20.02
CA GLN A 29 -5.98 -1.28 -18.67
C GLN A 29 -5.20 -2.58 -18.61
N ILE A 30 -4.03 -2.52 -18.06
CA ILE A 30 -3.21 -3.70 -17.87
C ILE A 30 -2.94 -3.91 -16.39
N LYS A 31 -3.18 -5.11 -15.90
CA LYS A 31 -3.06 -5.38 -14.48
C LYS A 31 -1.69 -6.01 -14.17
N TYR A 32 -1.04 -5.56 -13.12
CA TYR A 32 0.21 -6.19 -12.68
C TYR A 32 0.15 -6.62 -11.22
N SER A 33 0.32 -7.92 -10.98
CA SER A 33 0.32 -8.49 -9.64
C SER A 33 1.67 -8.27 -8.92
N CYS A 34 1.64 -8.38 -7.61
CA CYS A 34 2.82 -8.28 -6.76
C CYS A 34 3.18 -9.53 -5.99
N THR A 35 4.48 -9.69 -5.79
CA THR A 35 5.02 -10.73 -4.99
C THR A 35 4.93 -10.30 -3.51
N LYS A 36 5.12 -11.23 -2.60
CA LYS A 36 5.00 -10.93 -1.18
C LYS A 36 6.02 -9.87 -0.72
N GLY A 37 5.53 -8.87 0.01
CA GLY A 37 6.36 -7.81 0.57
C GLY A 37 6.56 -6.62 -0.38
N TYR A 38 5.94 -6.69 -1.54
CA TYR A 38 6.06 -5.64 -2.57
C TYR A 38 4.70 -5.05 -2.95
N ARG A 39 4.66 -3.77 -3.32
CA ARG A 39 3.40 -3.17 -3.79
C ARG A 39 3.63 -2.35 -5.01
N LEU A 40 2.54 -1.92 -5.59
CA LEU A 40 2.58 -1.04 -6.70
C LEU A 40 2.80 0.37 -6.18
N ILE A 41 3.83 0.99 -6.68
CA ILE A 41 4.15 2.37 -6.36
C ILE A 41 3.15 3.38 -6.93
N GLY A 42 2.54 2.99 -8.01
CA GLY A 42 1.68 3.86 -8.73
C GLY A 42 0.30 3.27 -8.81
N SER A 43 -0.17 3.11 -10.01
CA SER A 43 -1.46 2.51 -10.25
C SER A 43 -1.26 1.12 -10.82
N SER A 44 -1.85 0.13 -10.18
CA SER A 44 -1.63 -1.29 -10.53
C SER A 44 -2.11 -1.57 -11.95
N SER A 45 -2.92 -0.69 -12.46
CA SER A 45 -3.30 -0.75 -13.82
C SER A 45 -3.18 0.64 -14.39
N ALA A 46 -2.94 0.71 -15.67
CA ALA A 46 -2.75 1.95 -16.33
C ALA A 46 -3.79 2.08 -17.36
N THR A 47 -4.20 3.27 -17.59
CA THR A 47 -5.22 3.50 -18.55
C THR A 47 -4.63 4.25 -19.71
N CYS A 48 -4.82 3.70 -20.89
CA CYS A 48 -4.36 4.31 -22.11
C CYS A 48 -5.16 5.57 -22.41
N ILE A 49 -4.44 6.65 -22.64
CA ILE A 49 -5.00 7.96 -22.89
C ILE A 49 -4.38 8.51 -24.16
N ILE A 50 -4.97 9.54 -24.73
CA ILE A 50 -4.52 10.00 -26.02
C ILE A 50 -3.57 11.18 -25.87
N SER A 51 -2.39 11.04 -26.37
CA SER A 51 -1.47 12.13 -26.55
C SER A 51 -1.54 12.50 -28.03
N GLY A 52 -0.98 13.64 -28.41
CA GLY A 52 -1.06 14.00 -29.81
C GLY A 52 -0.35 12.98 -30.70
N ASP A 53 0.88 12.61 -30.32
CA ASP A 53 1.65 11.60 -31.07
C ASP A 53 0.97 10.22 -31.07
N THR A 54 0.48 9.81 -29.91
CA THR A 54 0.01 8.46 -29.77
C THR A 54 -0.77 8.30 -28.47
N VAL A 55 -1.18 7.10 -28.20
CA VAL A 55 -1.77 6.73 -26.96
C VAL A 55 -0.69 6.11 -26.06
N ILE A 56 -0.63 6.64 -24.86
CA ILE A 56 0.34 6.24 -23.88
C ILE A 56 -0.37 5.86 -22.63
N TRP A 57 0.29 5.17 -21.75
CA TRP A 57 -0.32 4.78 -20.52
C TRP A 57 -0.19 5.97 -19.59
N ASP A 58 -1.29 6.37 -18.97
CA ASP A 58 -1.26 7.51 -18.07
C ASP A 58 -0.33 7.22 -16.89
N THR A 59 -0.53 6.07 -16.29
CA THR A 59 0.30 5.59 -15.19
C THR A 59 1.76 5.35 -15.61
N GLU A 60 1.90 4.68 -16.78
CA GLU A 60 3.18 4.20 -17.34
C GLU A 60 3.61 2.94 -16.59
N THR A 61 2.65 2.41 -15.83
CA THR A 61 2.80 1.20 -15.04
C THR A 61 3.81 1.34 -13.90
N PRO A 62 3.34 1.11 -12.68
CA PRO A 62 4.13 1.18 -11.48
C PRO A 62 5.06 0.02 -11.38
N ILE A 63 6.06 0.19 -10.62
CA ILE A 63 6.96 -0.88 -10.40
C ILE A 63 6.71 -1.41 -9.02
N CYS A 64 6.51 -2.72 -8.91
CA CYS A 64 6.28 -3.32 -7.64
C CYS A 64 7.56 -3.32 -6.81
N ASP A 65 7.78 -2.21 -6.14
CA ASP A 65 8.92 -2.00 -5.28
C ASP A 65 8.59 -2.48 -3.89
N ARG A 66 9.56 -2.46 -3.00
CA ARG A 66 9.31 -2.86 -1.64
C ARG A 66 8.27 -1.93 -1.06
N ILE A 67 7.21 -2.53 -0.44
CA ILE A 67 6.08 -1.73 0.09
C ILE A 67 6.58 -0.69 1.02
N PRO A 68 6.66 0.56 0.56
CA PRO A 68 7.11 1.66 1.38
C PRO A 68 6.23 1.79 2.58
N CYS A 69 4.95 1.43 2.39
CA CYS A 69 3.92 1.57 3.40
C CYS A 69 3.84 3.01 3.93
N GLY A 70 2.74 3.66 3.64
CA GLY A 70 2.56 5.01 4.11
C GLY A 70 2.57 5.02 5.61
N LEU A 71 3.01 6.12 6.20
CA LEU A 71 3.17 6.24 7.64
C LEU A 71 2.04 5.56 8.40
N PRO A 72 2.38 4.90 9.52
CA PRO A 72 1.40 4.21 10.30
C PRO A 72 0.32 5.16 10.72
N PRO A 73 -0.91 4.70 10.78
CA PRO A 73 -1.99 5.55 11.16
C PRO A 73 -1.81 6.06 12.55
N THR A 74 -2.22 7.27 12.77
CA THR A 74 -2.11 7.86 14.05
C THR A 74 -3.12 7.30 14.93
N ILE A 75 -2.99 7.55 16.17
CA ILE A 75 -3.76 6.90 17.12
C ILE A 75 -4.57 7.88 17.90
N THR A 76 -5.51 7.35 18.59
CA THR A 76 -6.39 8.05 19.41
C THR A 76 -5.58 8.74 20.52
N ASN A 77 -4.64 8.02 21.04
CA ASN A 77 -3.72 8.45 22.08
C ASN A 77 -2.72 9.51 21.61
N GLY A 78 -2.55 9.63 20.30
CA GLY A 78 -1.60 10.58 19.74
C GLY A 78 -0.27 9.97 19.32
N ASP A 79 0.09 8.80 19.87
CA ASP A 79 1.39 8.15 19.53
C ASP A 79 1.40 6.63 19.87
N PHE A 80 2.50 5.98 19.51
CA PHE A 80 2.68 4.53 19.67
C PHE A 80 4.05 4.17 20.27
N ILE A 81 4.19 2.91 20.64
CA ILE A 81 5.33 2.33 21.33
C ILE A 81 6.65 2.41 20.60
N SER A 82 6.64 2.11 19.31
CA SER A 82 7.87 1.93 18.60
C SER A 82 8.75 3.16 18.71
N THR A 83 10.02 2.90 18.90
CA THR A 83 10.99 3.93 19.17
C THR A 83 11.17 4.85 17.99
N ASN A 84 11.05 4.31 16.81
CA ASN A 84 11.11 5.11 15.63
C ASN A 84 9.71 5.51 15.27
N ARG A 85 9.40 6.77 15.47
CA ARG A 85 8.06 7.29 15.29
C ARG A 85 7.62 7.11 13.85
N GLU A 86 8.48 7.38 12.92
CA GLU A 86 8.06 7.33 11.57
C GLU A 86 8.79 6.20 10.82
N ASN A 87 8.14 5.03 10.76
CA ASN A 87 8.68 3.85 10.05
C ASN A 87 8.01 3.67 8.73
N PHE A 88 8.79 3.34 7.72
CA PHE A 88 8.24 3.06 6.42
C PHE A 88 8.93 1.86 5.78
N HIS A 89 8.10 0.92 5.31
CA HIS A 89 8.47 -0.26 4.51
C HIS A 89 7.88 -1.54 5.13
N TYR A 90 7.67 -2.52 4.29
CA TYR A 90 7.14 -3.79 4.68
C TYR A 90 8.03 -4.44 5.69
N GLY A 91 7.41 -4.97 6.70
CA GLY A 91 8.11 -5.57 7.78
C GLY A 91 8.20 -4.64 8.96
N SER A 92 7.79 -3.36 8.78
CA SER A 92 7.81 -2.45 9.89
C SER A 92 6.66 -2.80 10.80
N VAL A 93 6.81 -2.58 12.08
CA VAL A 93 5.77 -2.90 13.04
C VAL A 93 5.68 -1.85 14.15
N VAL A 94 4.49 -1.53 14.57
CA VAL A 94 4.31 -0.61 15.68
C VAL A 94 3.35 -1.20 16.66
N THR A 95 3.42 -0.76 17.87
CA THR A 95 2.54 -1.25 18.90
C THR A 95 1.86 -0.05 19.54
N TYR A 96 0.57 -0.09 19.67
CA TYR A 96 -0.18 1.04 20.20
C TYR A 96 -0.52 0.83 21.67
N ARG A 97 -0.45 1.91 22.44
CA ARG A 97 -0.80 1.89 23.85
C ARG A 97 -1.66 3.11 24.16
N CYS A 98 -2.57 2.95 25.13
CA CYS A 98 -3.60 3.95 25.45
C CYS A 98 -3.12 4.98 26.48
N ASN A 99 -3.55 6.24 26.26
CA ASN A 99 -3.14 7.43 27.05
C ASN A 99 -3.32 7.23 28.53
N PRO A 100 -2.23 7.32 29.29
CA PRO A 100 -2.32 7.36 30.73
C PRO A 100 -3.05 8.64 31.17
N GLY A 101 -3.82 8.59 32.24
CA GLY A 101 -4.37 9.82 32.75
C GLY A 101 -3.24 10.72 33.24
N SER A 102 -2.30 10.10 33.92
CA SER A 102 -1.08 10.73 34.37
C SER A 102 0.03 9.67 34.49
N GLY A 103 1.27 10.08 34.39
CA GLY A 103 2.39 9.15 34.49
C GLY A 103 2.43 8.11 33.36
N GLY A 104 2.70 6.83 33.71
CA GLY A 104 2.82 5.76 32.71
C GLY A 104 1.98 4.54 33.04
N ARG A 105 0.68 4.70 32.95
CA ARG A 105 -0.28 3.62 33.21
C ARG A 105 -1.45 3.63 32.28
N LYS A 106 -2.12 2.51 32.19
CA LYS A 106 -3.24 2.34 31.32
C LYS A 106 -4.52 2.77 32.05
N VAL A 107 -5.20 3.76 31.53
CA VAL A 107 -6.50 4.14 32.06
C VAL A 107 -7.59 3.82 31.05
N PHE A 108 -7.18 3.36 29.88
CA PHE A 108 -8.12 2.99 28.83
C PHE A 108 -7.79 1.62 28.28
N GLU A 109 -8.81 0.89 27.88
CA GLU A 109 -8.60 -0.43 27.33
C GLU A 109 -8.35 -0.35 25.83
N LEU A 110 -7.65 -1.33 25.31
CA LEU A 110 -7.33 -1.37 23.92
C LEU A 110 -8.00 -2.59 23.32
N VAL A 111 -8.20 -2.61 22.02
CA VAL A 111 -8.97 -3.66 21.36
C VAL A 111 -8.38 -5.07 21.58
N GLY A 112 -7.07 -5.22 21.42
CA GLY A 112 -6.48 -6.55 21.62
C GLY A 112 -5.43 -6.84 20.59
N GLU A 113 -5.40 -6.07 19.54
CA GLU A 113 -4.39 -6.22 18.50
C GLU A 113 -3.58 -4.92 18.40
N PRO A 114 -2.84 -4.54 19.48
CA PRO A 114 -2.08 -3.29 19.54
C PRO A 114 -0.92 -3.25 18.57
N SER A 115 -0.47 -4.40 18.16
CA SER A 115 0.66 -4.49 17.29
C SER A 115 0.23 -4.79 15.87
N ILE A 116 0.57 -3.88 14.99
CA ILE A 116 0.30 -4.04 13.59
C ILE A 116 1.56 -3.83 12.78
N TYR A 117 1.59 -4.41 11.61
CA TYR A 117 2.72 -4.29 10.73
C TYR A 117 2.25 -4.34 9.31
N CYS A 118 3.06 -3.85 8.38
CA CYS A 118 2.72 -3.96 6.98
C CYS A 118 2.90 -5.40 6.60
N THR A 119 1.80 -6.10 6.28
CA THR A 119 1.88 -7.53 6.03
C THR A 119 1.56 -7.84 4.57
N SER A 120 0.67 -7.02 4.03
CA SER A 120 0.10 -7.19 2.69
C SER A 120 -0.60 -8.58 2.45
N ASN A 121 -0.44 -9.50 3.42
CA ASN A 121 -1.03 -10.84 3.41
C ASN A 121 -2.56 -10.80 3.46
N ASP A 122 -3.05 -9.90 4.29
CA ASP A 122 -4.47 -9.80 4.65
C ASP A 122 -5.34 -9.12 3.58
N ASP A 123 -6.56 -8.66 3.97
CA ASP A 123 -7.53 -8.11 3.00
C ASP A 123 -7.03 -6.81 2.41
N GLN A 124 -6.97 -6.80 1.06
CA GLN A 124 -6.37 -5.73 0.27
C GLN A 124 -4.83 -5.87 0.40
N VAL A 125 -4.06 -5.22 -0.45
CA VAL A 125 -2.62 -5.39 -0.37
C VAL A 125 -1.90 -4.06 -0.34
N GLY A 126 -0.65 -4.11 0.14
CA GLY A 126 0.10 -2.90 0.32
C GLY A 126 -0.32 -2.16 1.58
N ILE A 127 -0.95 -2.89 2.50
CA ILE A 127 -1.54 -2.32 3.70
C ILE A 127 -1.07 -2.98 5.01
N TRP A 128 -1.30 -2.23 6.10
CA TRP A 128 -0.99 -2.66 7.48
C TRP A 128 -1.97 -3.73 7.91
N SER A 129 -1.59 -4.52 8.90
CA SER A 129 -2.39 -5.68 9.35
C SER A 129 -3.78 -5.23 9.80
N GLY A 130 -3.90 -3.96 10.11
CA GLY A 130 -5.18 -3.42 10.44
C GLY A 130 -5.09 -1.97 10.77
N PRO A 131 -6.18 -1.21 10.59
CA PRO A 131 -6.24 0.20 10.98
C PRO A 131 -6.04 0.32 12.47
N ALA A 132 -5.38 1.41 12.88
CA ALA A 132 -5.03 1.64 14.27
C ALA A 132 -6.15 1.22 15.23
N PRO A 133 -5.87 0.25 16.11
CA PRO A 133 -6.80 -0.19 17.13
C PRO A 133 -7.06 0.90 18.10
N GLN A 134 -8.20 0.88 18.69
CA GLN A 134 -8.60 2.01 19.45
C GLN A 134 -8.82 1.65 20.87
N CYS A 135 -8.78 2.67 21.68
CA CYS A 135 -8.92 2.54 23.11
C CYS A 135 -10.37 2.38 23.50
N ILE A 136 -10.90 1.22 23.11
CA ILE A 136 -12.22 0.75 23.48
C ILE A 136 -12.37 0.69 25.00
N LYS A 5 -7.02 3.84 -32.56
CA LYS A 5 -5.80 3.71 -31.64
C LYS A 5 -5.76 2.47 -30.77
N SER A 6 -4.52 2.05 -30.44
CA SER A 6 -4.28 1.02 -29.46
C SER A 6 -2.95 1.34 -28.75
N CYS A 7 -2.77 0.90 -27.50
CA CYS A 7 -1.51 1.11 -26.79
C CYS A 7 -0.53 0.04 -27.25
N ARG A 8 0.70 0.13 -26.81
CA ARG A 8 1.76 -0.74 -27.28
C ARG A 8 1.48 -2.17 -26.91
N ASN A 9 0.96 -2.33 -25.71
CA ASN A 9 0.70 -3.62 -25.01
C ASN A 9 1.14 -3.41 -23.57
N PRO A 10 0.42 -3.98 -22.60
CA PRO A 10 0.77 -3.91 -21.18
C PRO A 10 2.20 -4.29 -20.88
N PRO A 11 3.03 -3.36 -20.38
CA PRO A 11 4.36 -3.69 -19.89
C PRO A 11 4.22 -4.63 -18.72
N ASP A 12 5.11 -5.56 -18.60
CA ASP A 12 5.02 -6.57 -17.56
C ASP A 12 6.32 -6.68 -16.80
N PRO A 13 6.32 -6.24 -15.54
CA PRO A 13 7.43 -6.39 -14.65
C PRO A 13 7.67 -7.86 -14.29
N VAL A 14 8.90 -8.18 -13.99
CA VAL A 14 9.31 -9.57 -13.72
C VAL A 14 8.79 -10.04 -12.37
N ASN A 15 8.59 -11.37 -12.24
CA ASN A 15 7.97 -11.97 -11.04
C ASN A 15 6.55 -11.45 -10.83
N GLY A 16 5.88 -11.23 -11.96
CA GLY A 16 4.51 -10.79 -11.96
C GLY A 16 3.83 -11.18 -13.27
N MET A 17 2.51 -11.07 -13.30
CA MET A 17 1.74 -11.44 -14.51
C MET A 17 0.66 -10.39 -14.80
N VAL A 18 0.39 -10.18 -16.07
CA VAL A 18 -0.68 -9.28 -16.54
C VAL A 18 -1.64 -10.06 -17.43
N HIS A 19 -2.95 -9.93 -17.19
CA HIS A 19 -3.92 -10.63 -18.03
C HIS A 19 -4.85 -9.69 -18.80
N VAL A 20 -4.48 -9.41 -20.02
CA VAL A 20 -5.36 -8.73 -20.95
C VAL A 20 -5.42 -9.48 -22.28
N ILE A 21 -6.62 -9.85 -22.71
CA ILE A 21 -6.81 -10.44 -24.06
C ILE A 21 -7.12 -9.35 -25.08
N LYS A 22 -8.00 -8.47 -24.68
CA LYS A 22 -8.38 -7.31 -25.38
C LYS A 22 -8.48 -6.18 -24.41
N GLY A 23 -8.19 -5.00 -24.85
CA GLY A 23 -8.21 -3.90 -23.91
C GLY A 23 -6.84 -3.33 -23.68
N ILE A 24 -6.14 -3.08 -24.78
CA ILE A 24 -4.88 -2.36 -24.72
C ILE A 24 -5.09 -1.00 -25.35
N GLN A 25 -6.29 -0.79 -25.83
CA GLN A 25 -6.62 0.37 -26.61
C GLN A 25 -7.12 1.49 -25.73
N PHE A 26 -7.75 2.44 -26.37
CA PHE A 26 -8.34 3.55 -25.66
C PHE A 26 -9.37 3.09 -24.62
N GLY A 27 -9.21 3.63 -23.42
CA GLY A 27 -10.08 3.31 -22.33
C GLY A 27 -9.61 2.07 -21.59
N SER A 28 -8.47 1.55 -21.99
CA SER A 28 -7.89 0.37 -21.35
C SER A 28 -7.40 0.57 -19.95
N GLN A 29 -7.56 -0.48 -19.18
CA GLN A 29 -6.99 -0.61 -17.89
C GLN A 29 -6.45 -2.03 -17.75
N ILE A 30 -5.21 -2.14 -17.40
CA ILE A 30 -4.59 -3.45 -17.16
C ILE A 30 -4.32 -3.60 -15.66
N LYS A 31 -4.85 -4.65 -15.05
CA LYS A 31 -4.69 -4.85 -13.62
C LYS A 31 -3.43 -5.60 -13.33
N TYR A 32 -2.71 -5.16 -12.33
CA TYR A 32 -1.50 -5.81 -11.91
C TYR A 32 -1.30 -5.64 -10.38
N SER A 33 -0.42 -6.47 -9.79
CA SER A 33 -0.08 -6.36 -8.39
C SER A 33 1.34 -6.88 -8.19
N CYS A 34 1.98 -6.51 -7.09
CA CYS A 34 3.41 -6.82 -6.85
C CYS A 34 3.63 -8.04 -6.00
N THR A 35 4.86 -8.52 -6.03
CA THR A 35 5.29 -9.62 -5.22
C THR A 35 5.32 -9.17 -3.76
N LYS A 36 5.30 -10.09 -2.82
CA LYS A 36 5.25 -9.72 -1.42
C LYS A 36 6.49 -8.94 -1.02
N GLY A 37 6.30 -7.80 -0.34
CA GLY A 37 7.42 -6.97 0.10
C GLY A 37 7.71 -5.82 -0.87
N TYR A 38 7.03 -5.81 -2.00
CA TYR A 38 7.16 -4.75 -2.99
C TYR A 38 5.80 -4.08 -3.25
N ARG A 39 5.79 -2.77 -3.47
CA ARG A 39 4.53 -2.10 -3.78
C ARG A 39 4.68 -1.34 -5.06
N LEU A 40 3.53 -0.94 -5.65
CA LEU A 40 3.55 -0.11 -6.83
C LEU A 40 3.80 1.35 -6.43
N ILE A 41 4.76 1.96 -7.06
CA ILE A 41 5.03 3.38 -6.91
C ILE A 41 3.90 4.23 -7.51
N GLY A 42 3.22 3.68 -8.46
CA GLY A 42 2.26 4.42 -9.21
C GLY A 42 0.92 3.73 -9.24
N SER A 43 0.37 3.60 -10.41
CA SER A 43 -0.94 3.02 -10.55
C SER A 43 -0.86 1.58 -11.05
N SER A 44 -1.35 0.67 -10.22
CA SER A 44 -1.29 -0.74 -10.52
C SER A 44 -2.05 -1.07 -11.80
N SER A 45 -3.13 -0.34 -12.04
CA SER A 45 -3.84 -0.47 -13.27
C SER A 45 -3.59 0.75 -14.15
N ALA A 46 -2.86 0.53 -15.25
CA ALA A 46 -2.59 1.59 -16.20
C ALA A 46 -3.81 1.94 -16.97
N THR A 47 -3.93 3.19 -17.29
CA THR A 47 -5.00 3.64 -18.12
C THR A 47 -4.40 4.10 -19.45
N CYS A 48 -4.89 3.54 -20.52
CA CYS A 48 -4.48 3.91 -21.87
C CYS A 48 -5.26 5.16 -22.35
N ILE A 49 -4.52 6.20 -22.76
CA ILE A 49 -5.09 7.50 -23.19
C ILE A 49 -4.56 7.99 -24.55
N ILE A 50 -5.27 8.96 -25.16
CA ILE A 50 -4.92 9.45 -26.48
C ILE A 50 -4.24 10.82 -26.44
N SER A 51 -3.00 10.90 -26.94
CA SER A 51 -2.25 12.15 -27.00
C SER A 51 -2.46 12.97 -28.29
N GLY A 52 -3.13 12.38 -29.25
CA GLY A 52 -3.30 13.05 -30.55
C GLY A 52 -3.37 12.05 -31.64
N ASP A 53 -2.24 11.80 -32.29
CA ASP A 53 -2.19 10.76 -33.34
C ASP A 53 -1.74 9.40 -32.83
N THR A 54 -1.39 9.29 -31.52
CA THR A 54 -1.04 7.99 -31.02
C THR A 54 -1.55 7.81 -29.61
N VAL A 55 -1.72 6.58 -29.25
CA VAL A 55 -2.11 6.19 -27.95
C VAL A 55 -0.94 5.68 -27.14
N ILE A 56 -0.78 6.26 -26.01
CA ILE A 56 0.28 5.97 -25.08
C ILE A 56 -0.30 5.66 -23.69
N TRP A 57 0.46 5.01 -22.82
CA TRP A 57 -0.08 4.67 -21.51
C TRP A 57 0.01 5.87 -20.59
N ASP A 58 -1.12 6.22 -19.94
CA ASP A 58 -1.15 7.36 -19.01
C ASP A 58 -0.24 7.11 -17.83
N THR A 59 -0.40 5.92 -17.27
CA THR A 59 0.35 5.46 -16.13
C THR A 59 1.86 5.32 -16.39
N GLU A 60 2.19 4.71 -17.55
CA GLU A 60 3.58 4.32 -17.90
C GLU A 60 4.05 3.16 -17.01
N THR A 61 3.08 2.49 -16.40
CA THR A 61 3.25 1.34 -15.50
C THR A 61 4.27 1.56 -14.35
N PRO A 62 3.78 1.44 -13.12
CA PRO A 62 4.54 1.59 -11.88
C PRO A 62 5.62 0.55 -11.72
N ILE A 63 6.65 0.90 -11.05
CA ILE A 63 7.72 -0.01 -10.78
C ILE A 63 7.56 -0.55 -9.37
N CYS A 64 7.60 -1.88 -9.22
CA CYS A 64 7.51 -2.46 -7.87
C CYS A 64 8.84 -2.21 -7.11
N ASP A 65 8.76 -1.39 -6.09
CA ASP A 65 9.92 -1.07 -5.23
C ASP A 65 9.69 -1.66 -3.87
N ARG A 66 10.75 -1.80 -3.07
CA ARG A 66 10.58 -2.38 -1.76
C ARG A 66 9.64 -1.45 -1.01
N ILE A 67 8.61 -2.02 -0.36
CA ILE A 67 7.51 -1.20 0.23
C ILE A 67 8.00 -0.28 1.27
N PRO A 68 8.17 1.04 0.94
CA PRO A 68 8.53 1.97 1.97
C PRO A 68 7.40 2.04 2.93
N CYS A 69 7.69 1.80 4.19
CA CYS A 69 6.68 1.83 5.18
C CYS A 69 7.29 2.25 6.49
N GLY A 70 7.11 3.51 6.77
CA GLY A 70 7.70 4.09 7.92
C GLY A 70 6.88 5.23 8.40
N LEU A 71 7.06 5.59 9.68
CA LEU A 71 6.24 6.57 10.34
C LEU A 71 4.79 6.15 10.15
N PRO A 72 4.39 5.11 10.94
CA PRO A 72 3.08 4.47 10.87
C PRO A 72 1.96 5.48 11.03
N PRO A 73 0.72 5.14 10.57
CA PRO A 73 -0.41 6.03 10.78
C PRO A 73 -0.53 6.30 12.26
N THR A 74 -0.55 7.57 12.62
CA THR A 74 -0.56 7.97 14.00
C THR A 74 -1.86 7.57 14.68
N ILE A 75 -1.71 7.04 15.87
CA ILE A 75 -2.83 6.56 16.68
C ILE A 75 -3.68 7.73 17.18
N THR A 76 -4.95 7.46 17.33
CA THR A 76 -5.91 8.41 17.79
C THR A 76 -5.59 8.91 19.21
N ASN A 77 -5.25 7.97 20.06
CA ASN A 77 -5.03 8.20 21.50
C ASN A 77 -3.86 9.14 21.77
N GLY A 78 -2.79 8.96 21.01
CA GLY A 78 -1.59 9.74 21.24
C GLY A 78 -0.41 9.22 20.44
N ASP A 79 0.13 8.08 20.86
CA ASP A 79 1.25 7.48 20.17
C ASP A 79 1.32 5.97 20.49
N PHE A 80 2.29 5.26 19.94
CA PHE A 80 2.36 3.80 20.06
C PHE A 80 3.47 3.31 21.00
N ILE A 81 3.37 2.03 21.34
CA ILE A 81 4.21 1.33 22.30
C ILE A 81 5.69 1.24 21.91
N SER A 82 5.92 0.95 20.65
CA SER A 82 7.26 0.65 20.20
C SER A 82 8.21 1.84 20.33
N THR A 83 9.45 1.52 20.67
CA THR A 83 10.48 2.52 20.82
C THR A 83 10.76 3.17 19.47
N ASN A 84 10.60 2.39 18.43
CA ASN A 84 10.90 2.82 17.11
C ASN A 84 9.69 3.54 16.52
N ARG A 85 9.79 4.88 16.50
CA ARG A 85 8.73 5.75 15.96
C ARG A 85 8.49 5.65 14.45
N GLU A 86 9.55 5.59 13.68
CA GLU A 86 9.43 5.63 12.22
C GLU A 86 10.49 4.75 11.52
N ASN A 87 10.20 4.35 10.26
CA ASN A 87 11.05 3.37 9.57
C ASN A 87 11.17 3.64 8.12
N PHE A 88 11.93 2.78 7.48
CA PHE A 88 12.11 2.79 6.08
C PHE A 88 11.86 1.38 5.62
N HIS A 89 11.31 1.23 4.43
CA HIS A 89 11.04 -0.11 3.85
C HIS A 89 10.10 -1.03 4.67
N TYR A 90 10.01 -2.26 4.20
CA TYR A 90 9.15 -3.36 4.66
C TYR A 90 9.76 -4.10 5.90
N GLY A 91 8.91 -4.52 6.86
CA GLY A 91 9.38 -5.30 8.01
C GLY A 91 9.21 -4.64 9.38
N SER A 92 8.86 -3.38 9.44
CA SER A 92 8.62 -2.70 10.72
C SER A 92 7.33 -3.17 11.42
N VAL A 93 7.35 -3.20 12.77
CA VAL A 93 6.15 -3.55 13.55
C VAL A 93 5.97 -2.57 14.76
N VAL A 94 4.73 -2.14 15.00
CA VAL A 94 4.39 -1.31 16.15
C VAL A 94 3.16 -1.85 16.82
N THR A 95 2.97 -1.47 18.07
CA THR A 95 1.81 -1.86 18.79
C THR A 95 1.11 -0.59 19.33
N TYR A 96 -0.17 -0.46 19.09
CA TYR A 96 -0.93 0.72 19.50
C TYR A 96 -1.65 0.48 20.81
N ARG A 97 -1.82 1.55 21.55
CA ARG A 97 -2.45 1.51 22.83
C ARG A 97 -3.43 2.69 23.00
N CYS A 98 -4.42 2.48 23.83
CA CYS A 98 -5.47 3.45 24.12
C CYS A 98 -5.02 4.45 25.17
N ASN A 99 -5.67 5.65 25.15
CA ASN A 99 -5.39 6.77 26.06
C ASN A 99 -5.03 6.31 27.45
N PRO A 100 -3.74 6.34 27.73
CA PRO A 100 -3.16 5.92 28.99
C PRO A 100 -3.50 6.80 30.15
N GLY A 101 -3.53 6.20 31.33
CA GLY A 101 -3.67 6.96 32.52
C GLY A 101 -2.40 7.76 32.79
N SER A 102 -2.43 8.63 33.77
CA SER A 102 -1.29 9.52 34.06
C SER A 102 -0.04 8.72 34.43
N GLY A 103 -0.25 7.59 35.07
CA GLY A 103 0.82 6.69 35.41
C GLY A 103 1.51 6.13 34.17
N GLY A 104 0.73 5.90 33.12
CA GLY A 104 1.28 5.31 31.94
C GLY A 104 0.78 3.90 31.76
N ARG A 105 -0.54 3.75 31.85
CA ARG A 105 -1.16 2.42 31.75
C ARG A 105 -2.42 2.48 30.88
N LYS A 106 -2.79 1.34 30.31
CA LYS A 106 -3.98 1.26 29.47
C LYS A 106 -5.27 1.48 30.27
N VAL A 107 -6.10 2.34 29.75
CA VAL A 107 -7.33 2.71 30.40
C VAL A 107 -8.57 2.37 29.56
N PHE A 108 -8.37 2.17 28.27
CA PHE A 108 -9.51 1.99 27.32
C PHE A 108 -9.40 0.77 26.42
N GLU A 109 -10.58 0.26 26.01
CA GLU A 109 -10.68 -0.91 25.17
C GLU A 109 -10.16 -0.58 23.77
N LEU A 110 -9.42 -1.50 23.19
CA LEU A 110 -8.85 -1.30 21.86
C LEU A 110 -9.49 -2.30 20.91
N VAL A 111 -9.45 -2.02 19.62
CA VAL A 111 -10.23 -2.75 18.64
C VAL A 111 -9.87 -4.28 18.60
N GLY A 112 -8.64 -4.66 18.90
CA GLY A 112 -8.33 -6.08 19.00
C GLY A 112 -6.99 -6.45 18.40
N GLU A 113 -6.54 -5.71 17.40
CA GLU A 113 -5.24 -5.97 16.84
C GLU A 113 -4.39 -4.69 16.87
N PRO A 114 -3.85 -4.37 18.08
CA PRO A 114 -3.02 -3.20 18.27
C PRO A 114 -1.70 -3.28 17.55
N SER A 115 -1.28 -4.48 17.19
CA SER A 115 -0.03 -4.66 16.57
C SER A 115 -0.17 -4.71 15.06
N ILE A 116 0.49 -3.80 14.40
CA ILE A 116 0.53 -3.83 12.97
C ILE A 116 1.94 -3.81 12.53
N TYR A 117 2.19 -4.34 11.37
CA TYR A 117 3.51 -4.34 10.80
C TYR A 117 3.43 -4.19 9.31
N CYS A 118 4.49 -3.77 8.70
CA CYS A 118 4.52 -3.54 7.25
C CYS A 118 4.42 -4.92 6.53
N THR A 119 3.20 -5.39 6.20
CA THR A 119 3.06 -6.76 5.59
C THR A 119 2.30 -6.72 4.27
N SER A 120 1.63 -5.60 4.02
CA SER A 120 0.67 -5.39 2.90
C SER A 120 -0.31 -6.61 2.64
N ASN A 121 -0.33 -7.59 3.56
CA ASN A 121 -1.19 -8.78 3.46
C ASN A 121 -2.69 -8.49 3.51
N ASP A 122 -3.11 -7.57 4.38
CA ASP A 122 -4.54 -7.49 4.72
C ASP A 122 -5.37 -6.41 3.95
N ASP A 123 -5.52 -5.18 4.53
CA ASP A 123 -6.40 -4.14 3.94
C ASP A 123 -5.97 -3.61 2.59
N GLN A 124 -4.70 -3.41 2.37
CA GLN A 124 -4.26 -2.87 1.11
C GLN A 124 -2.90 -3.48 0.83
N VAL A 125 -2.51 -3.52 -0.43
CA VAL A 125 -1.29 -4.22 -0.82
C VAL A 125 -0.03 -3.34 -0.85
N GLY A 126 -0.02 -2.35 -0.02
CA GLY A 126 1.14 -1.47 0.10
C GLY A 126 1.25 -0.86 1.49
N ILE A 127 0.67 -1.51 2.47
CA ILE A 127 0.58 -0.91 3.77
C ILE A 127 1.00 -1.88 4.86
N TRP A 128 0.64 -1.49 6.06
CA TRP A 128 0.83 -2.23 7.27
C TRP A 128 -0.18 -3.38 7.30
N SER A 129 -0.20 -4.12 8.40
CA SER A 129 -1.19 -5.15 8.58
C SER A 129 -2.58 -4.49 8.54
N GLY A 130 -2.68 -3.33 9.17
CA GLY A 130 -3.92 -2.62 9.18
C GLY A 130 -3.74 -1.16 9.47
N PRO A 131 -4.72 -0.31 9.10
CA PRO A 131 -4.72 1.11 9.46
C PRO A 131 -4.81 1.29 10.96
N ALA A 132 -4.18 2.35 11.47
CA ALA A 132 -4.13 2.63 12.90
C ALA A 132 -5.50 2.42 13.60
N PRO A 133 -5.57 1.38 14.43
CA PRO A 133 -6.77 0.99 15.20
C PRO A 133 -7.05 1.92 16.34
N GLN A 134 -8.24 1.94 16.83
CA GLN A 134 -8.54 2.78 17.95
C GLN A 134 -9.39 2.07 18.99
N CYS A 135 -9.87 2.83 19.97
CA CYS A 135 -10.59 2.32 21.11
C CYS A 135 -12.07 2.06 20.79
N ILE A 136 -12.31 0.97 20.06
CA ILE A 136 -13.66 0.53 19.71
C ILE A 136 -13.87 -0.90 20.16
N LYS A 5 -8.16 5.20 -29.89
CA LYS A 5 -6.72 5.16 -30.04
C LYS A 5 -6.22 4.14 -28.98
N SER A 6 -5.60 3.06 -29.42
CA SER A 6 -5.11 2.05 -28.49
C SER A 6 -3.80 2.46 -27.84
N CYS A 7 -3.46 1.82 -26.76
CA CYS A 7 -2.18 2.03 -26.10
C CYS A 7 -1.16 1.21 -26.83
N ARG A 8 0.07 1.35 -26.45
CA ARG A 8 1.15 0.65 -27.06
C ARG A 8 1.02 -0.84 -26.86
N ASN A 9 0.58 -1.19 -25.66
CA ASN A 9 0.51 -2.56 -25.11
C ASN A 9 1.26 -2.48 -23.81
N PRO A 10 0.83 -3.22 -22.77
CA PRO A 10 1.45 -3.20 -21.46
C PRO A 10 2.95 -2.98 -21.52
N PRO A 11 3.43 -1.89 -20.89
CA PRO A 11 4.86 -1.61 -20.77
C PRO A 11 5.55 -2.80 -20.15
N ASP A 12 4.82 -3.41 -19.20
CA ASP A 12 5.13 -4.71 -18.57
C ASP A 12 6.62 -4.97 -18.33
N PRO A 13 7.03 -5.07 -17.06
CA PRO A 13 8.38 -5.44 -16.75
C PRO A 13 8.63 -6.82 -17.31
N VAL A 14 9.83 -7.06 -17.74
CA VAL A 14 10.10 -8.21 -18.55
C VAL A 14 9.89 -9.50 -17.76
N ASN A 15 9.17 -10.43 -18.40
CA ASN A 15 8.81 -11.73 -17.82
C ASN A 15 7.94 -11.61 -16.55
N GLY A 16 7.09 -10.58 -16.55
CA GLY A 16 6.10 -10.38 -15.52
C GLY A 16 4.77 -11.05 -15.92
N MET A 17 3.71 -10.84 -15.14
CA MET A 17 2.42 -11.44 -15.52
C MET A 17 1.36 -10.34 -15.73
N VAL A 18 0.78 -10.27 -16.93
CA VAL A 18 -0.28 -9.32 -17.19
C VAL A 18 -1.51 -10.07 -17.75
N HIS A 19 -2.71 -9.77 -17.21
CA HIS A 19 -3.98 -10.49 -17.58
C HIS A 19 -4.62 -9.89 -18.86
N VAL A 20 -3.90 -9.06 -19.57
CA VAL A 20 -4.49 -8.42 -20.72
C VAL A 20 -3.79 -8.74 -22.02
N ILE A 21 -4.59 -9.14 -23.00
CA ILE A 21 -4.11 -9.35 -24.35
C ILE A 21 -4.35 -8.08 -25.15
N LYS A 22 -5.63 -7.72 -25.37
CA LYS A 22 -5.94 -6.48 -26.14
C LYS A 22 -6.70 -5.39 -25.35
N GLY A 23 -6.93 -5.63 -24.05
CA GLY A 23 -7.58 -4.63 -23.18
C GLY A 23 -6.64 -3.46 -22.86
N ILE A 24 -6.00 -2.96 -23.91
CA ILE A 24 -4.99 -1.92 -23.85
C ILE A 24 -5.58 -0.65 -24.38
N GLN A 25 -6.83 -0.71 -24.74
CA GLN A 25 -7.44 0.34 -25.49
C GLN A 25 -7.68 1.54 -24.57
N PHE A 26 -8.06 2.67 -25.13
CA PHE A 26 -8.31 3.81 -24.29
C PHE A 26 -9.49 3.50 -23.35
N GLY A 27 -9.26 3.70 -22.09
CA GLY A 27 -10.24 3.41 -21.08
C GLY A 27 -9.99 2.05 -20.46
N SER A 28 -9.24 1.19 -21.15
CA SER A 28 -8.90 -0.12 -20.63
C SER A 28 -7.83 -0.04 -19.55
N GLN A 29 -7.85 -0.99 -18.67
CA GLN A 29 -6.94 -1.01 -17.55
C GLN A 29 -6.14 -2.31 -17.58
N ILE A 30 -4.84 -2.24 -17.34
CA ILE A 30 -4.05 -3.44 -17.27
C ILE A 30 -3.57 -3.68 -15.85
N LYS A 31 -3.97 -4.81 -15.28
CA LYS A 31 -3.49 -5.22 -13.96
C LYS A 31 -2.15 -5.92 -14.02
N TYR A 32 -1.28 -5.60 -13.04
CA TYR A 32 0.02 -6.26 -12.89
C TYR A 32 0.28 -6.70 -11.45
N SER A 33 0.49 -8.01 -11.29
CA SER A 33 0.78 -8.66 -9.99
C SER A 33 2.28 -8.53 -9.60
N CYS A 34 2.55 -8.43 -8.30
CA CYS A 34 3.93 -8.38 -7.81
C CYS A 34 4.22 -9.56 -6.87
N THR A 35 5.52 -9.86 -6.70
CA THR A 35 5.95 -10.90 -5.78
C THR A 35 5.69 -10.45 -4.35
N LYS A 36 5.62 -11.38 -3.42
CA LYS A 36 5.29 -11.04 -2.03
C LYS A 36 6.40 -10.16 -1.43
N GLY A 37 5.98 -9.07 -0.77
CA GLY A 37 6.91 -8.12 -0.19
C GLY A 37 7.16 -6.93 -1.10
N TYR A 38 6.71 -7.03 -2.35
CA TYR A 38 6.89 -5.96 -3.32
C TYR A 38 5.54 -5.51 -3.85
N ARG A 39 5.36 -4.21 -4.06
CA ARG A 39 4.08 -3.72 -4.59
C ARG A 39 4.28 -2.94 -5.85
N LEU A 40 3.15 -2.41 -6.31
CA LEU A 40 3.14 -1.52 -7.43
C LEU A 40 3.23 -0.11 -6.88
N ILE A 41 4.23 0.58 -7.30
CA ILE A 41 4.47 1.93 -6.86
C ILE A 41 3.38 2.89 -7.28
N GLY A 42 2.96 2.76 -8.51
CA GLY A 42 2.09 3.76 -9.12
C GLY A 42 0.64 3.39 -9.08
N SER A 43 0.22 2.61 -10.04
CA SER A 43 -1.14 2.14 -10.06
C SER A 43 -1.11 0.73 -10.63
N SER A 44 -1.73 -0.19 -9.93
CA SER A 44 -1.67 -1.63 -10.33
C SER A 44 -2.39 -1.87 -11.65
N SER A 45 -3.21 -0.94 -12.03
CA SER A 45 -3.79 -1.00 -13.31
C SER A 45 -3.62 0.36 -13.96
N ALA A 46 -3.16 0.36 -15.20
CA ALA A 46 -2.93 1.59 -15.86
C ALA A 46 -4.08 1.92 -16.75
N THR A 47 -4.58 3.10 -16.58
CA THR A 47 -5.61 3.59 -17.40
C THR A 47 -4.94 4.25 -18.61
N CYS A 48 -5.31 3.88 -19.78
CA CYS A 48 -4.78 4.51 -20.97
C CYS A 48 -5.33 5.94 -21.10
N ILE A 49 -4.42 6.89 -21.37
CA ILE A 49 -4.77 8.30 -21.56
C ILE A 49 -4.14 8.78 -22.84
N ILE A 50 -4.60 9.90 -23.32
CA ILE A 50 -4.07 10.44 -24.54
C ILE A 50 -3.22 11.69 -24.24
N SER A 51 -2.01 11.73 -24.74
CA SER A 51 -1.20 12.91 -24.60
C SER A 51 -0.36 13.08 -25.85
N GLY A 52 -0.01 14.29 -26.16
CA GLY A 52 0.76 14.55 -27.37
C GLY A 52 0.03 14.06 -28.60
N ASP A 53 0.75 13.42 -29.49
CA ASP A 53 0.17 12.87 -30.70
C ASP A 53 -0.17 11.38 -30.56
N THR A 54 -0.02 10.80 -29.37
CA THR A 54 -0.12 9.35 -29.22
C THR A 54 -0.80 8.93 -27.90
N VAL A 55 -1.19 7.67 -27.81
CA VAL A 55 -1.66 7.15 -26.55
C VAL A 55 -0.48 6.60 -25.78
N ILE A 56 -0.35 7.02 -24.56
CA ILE A 56 0.64 6.48 -23.68
C ILE A 56 0.00 6.07 -22.36
N TRP A 57 0.66 5.25 -21.63
CA TRP A 57 0.11 4.73 -20.41
C TRP A 57 0.29 5.75 -19.31
N ASP A 58 -0.75 5.98 -18.55
CA ASP A 58 -0.76 6.97 -17.49
C ASP A 58 0.27 6.61 -16.41
N THR A 59 0.33 5.35 -16.10
CA THR A 59 1.21 4.87 -15.05
C THR A 59 2.55 4.30 -15.58
N GLU A 60 2.60 4.00 -16.90
CA GLU A 60 3.73 3.31 -17.54
C GLU A 60 3.97 1.94 -16.88
N THR A 61 2.90 1.43 -16.28
CA THR A 61 2.93 0.23 -15.46
C THR A 61 3.90 0.41 -14.26
N PRO A 62 3.39 0.23 -13.08
CA PRO A 62 4.16 0.38 -11.86
C PRO A 62 5.30 -0.59 -11.80
N ILE A 63 6.34 -0.20 -11.16
CA ILE A 63 7.47 -1.05 -10.95
C ILE A 63 7.32 -1.67 -9.60
N CYS A 64 7.47 -2.99 -9.53
CA CYS A 64 7.30 -3.65 -8.28
C CYS A 64 8.50 -3.30 -7.45
N ASP A 65 8.25 -2.64 -6.34
CA ASP A 65 9.32 -2.22 -5.45
C ASP A 65 8.97 -2.59 -4.01
N ARG A 66 9.93 -2.42 -3.11
CA ARG A 66 9.77 -2.80 -1.71
C ARG A 66 8.65 -1.95 -1.06
N ILE A 67 7.52 -2.61 -0.74
CA ILE A 67 6.26 -1.95 -0.26
C ILE A 67 6.49 -1.05 0.94
N PRO A 68 6.63 0.26 0.72
CA PRO A 68 6.86 1.24 1.80
C PRO A 68 5.72 1.24 2.86
N CYS A 69 4.45 0.97 2.39
CA CYS A 69 3.23 1.01 3.23
C CYS A 69 2.72 2.43 3.45
N GLY A 70 3.54 3.43 3.12
CA GLY A 70 3.06 4.80 3.17
C GLY A 70 3.06 5.41 4.57
N LEU A 71 3.86 4.81 5.49
CA LEU A 71 3.94 5.24 6.86
C LEU A 71 2.73 4.78 7.66
N PRO A 72 2.95 4.27 8.90
CA PRO A 72 1.85 3.75 9.71
C PRO A 72 0.89 4.85 10.12
N PRO A 73 -0.40 4.51 10.20
CA PRO A 73 -1.42 5.44 10.61
C PRO A 73 -1.21 5.94 12.02
N THR A 74 -1.63 7.16 12.28
CA THR A 74 -1.45 7.74 13.59
C THR A 74 -2.46 7.15 14.56
N ILE A 75 -2.23 7.38 15.81
CA ILE A 75 -2.95 6.75 16.83
C ILE A 75 -3.89 7.71 17.50
N THR A 76 -5.01 7.21 17.96
CA THR A 76 -5.95 8.03 18.65
C THR A 76 -5.27 8.59 19.91
N ASN A 77 -4.57 7.72 20.65
CA ASN A 77 -3.75 8.15 21.77
C ASN A 77 -2.53 7.23 22.00
N GLY A 78 -1.34 7.85 22.18
CA GLY A 78 -0.17 7.08 22.63
C GLY A 78 0.93 6.80 21.59
N ASP A 79 0.84 7.44 20.44
CA ASP A 79 1.78 7.21 19.34
C ASP A 79 2.00 5.70 19.16
N PHE A 80 3.23 5.26 19.20
CA PHE A 80 3.55 3.85 19.09
C PHE A 80 4.76 3.46 19.91
N ILE A 81 4.81 2.20 20.30
CA ILE A 81 5.82 1.73 21.23
C ILE A 81 7.21 1.79 20.63
N SER A 82 7.32 1.56 19.31
CA SER A 82 8.62 1.56 18.66
C SER A 82 9.25 2.94 18.77
N THR A 83 10.54 2.97 19.04
CA THR A 83 11.26 4.22 19.21
C THR A 83 12.08 4.61 17.97
N ASN A 84 12.21 3.67 17.03
CA ASN A 84 12.98 3.95 15.84
C ASN A 84 12.40 5.08 15.01
N ARG A 85 11.06 5.08 14.90
CA ARG A 85 10.25 6.15 14.31
C ARG A 85 9.19 5.43 13.44
N GLU A 86 8.84 6.06 12.32
CA GLU A 86 7.85 5.58 11.41
C GLU A 86 8.26 4.25 10.86
N ASN A 87 7.31 3.41 10.73
CA ASN A 87 7.53 2.05 10.39
C ASN A 87 7.50 1.88 8.88
N PHE A 88 8.65 1.53 8.30
CA PHE A 88 8.81 1.51 6.86
C PHE A 88 8.71 0.11 6.25
N HIS A 89 7.78 -0.07 5.31
CA HIS A 89 7.78 -1.25 4.47
C HIS A 89 7.13 -2.51 5.10
N TYR A 90 6.97 -3.52 4.21
CA TYR A 90 6.31 -4.81 4.47
C TYR A 90 6.92 -5.56 5.64
N GLY A 91 8.08 -5.22 5.93
CA GLY A 91 8.88 -6.00 6.84
C GLY A 91 8.98 -5.42 8.22
N SER A 92 8.11 -4.49 8.54
CA SER A 92 8.23 -3.83 9.80
C SER A 92 6.93 -3.91 10.58
N VAL A 93 7.05 -3.88 11.90
CA VAL A 93 5.90 -3.98 12.78
C VAL A 93 6.02 -3.00 13.97
N VAL A 94 4.89 -2.39 14.34
CA VAL A 94 4.82 -1.51 15.50
C VAL A 94 3.66 -1.87 16.36
N THR A 95 3.72 -1.47 17.59
CA THR A 95 2.64 -1.75 18.50
C THR A 95 2.17 -0.42 19.11
N TYR A 96 0.89 -0.18 19.01
CA TYR A 96 0.31 1.01 19.57
C TYR A 96 -0.06 0.81 21.04
N ARG A 97 0.17 1.82 21.82
CA ARG A 97 -0.20 1.78 23.22
C ARG A 97 -0.96 3.08 23.57
N CYS A 98 -1.94 2.97 24.41
CA CYS A 98 -2.80 4.10 24.79
C CYS A 98 -2.20 4.80 25.99
N ASN A 99 -2.27 6.11 26.00
CA ASN A 99 -1.61 6.92 27.04
C ASN A 99 -2.52 7.20 28.24
N PRO A 100 -1.94 7.58 29.39
CA PRO A 100 -2.69 8.00 30.59
C PRO A 100 -3.37 9.37 30.38
N GLY A 101 -4.49 9.61 31.06
CA GLY A 101 -5.25 10.82 30.83
C GLY A 101 -5.13 11.85 31.93
N SER A 102 -5.91 11.66 32.98
CA SER A 102 -5.92 12.53 34.13
C SER A 102 -4.55 12.54 34.82
N GLY A 103 -4.00 11.36 34.90
CA GLY A 103 -2.73 11.12 35.53
C GLY A 103 -2.22 9.74 35.16
N GLY A 104 -1.21 9.26 35.86
CA GLY A 104 -0.59 7.97 35.57
C GLY A 104 -1.52 6.76 35.83
N ARG A 105 -2.59 6.69 35.08
CA ARG A 105 -3.54 5.60 35.14
C ARG A 105 -4.12 5.42 33.75
N LYS A 106 -4.68 4.24 33.45
CA LYS A 106 -5.28 4.09 32.17
C LYS A 106 -6.64 4.68 32.13
N VAL A 107 -6.86 5.40 31.10
CA VAL A 107 -8.14 5.93 30.85
C VAL A 107 -8.65 5.38 29.53
N PHE A 108 -7.79 4.61 28.88
CA PHE A 108 -8.10 4.10 27.59
C PHE A 108 -7.85 2.59 27.51
N GLU A 109 -8.62 1.93 26.65
CA GLU A 109 -8.48 0.51 26.37
C GLU A 109 -8.19 0.37 24.87
N LEU A 110 -7.39 -0.58 24.46
CA LEU A 110 -6.99 -0.64 23.08
C LEU A 110 -7.47 -1.93 22.47
N VAL A 111 -7.88 -1.89 21.20
CA VAL A 111 -8.45 -3.08 20.58
C VAL A 111 -7.29 -4.10 20.45
N GLY A 112 -7.56 -5.31 20.87
CA GLY A 112 -6.55 -6.38 21.09
C GLY A 112 -5.65 -6.83 19.89
N GLU A 113 -5.36 -5.94 18.97
CA GLU A 113 -4.36 -6.21 17.91
C GLU A 113 -3.52 -4.93 17.70
N PRO A 114 -2.84 -4.46 18.79
CA PRO A 114 -2.06 -3.22 18.76
C PRO A 114 -0.86 -3.32 17.88
N SER A 115 -0.46 -4.52 17.59
CA SER A 115 0.69 -4.76 16.79
C SER A 115 0.25 -4.88 15.36
N ILE A 116 0.75 -4.01 14.52
CA ILE A 116 0.40 -4.05 13.15
C ILE A 116 1.68 -4.14 12.36
N TYR A 117 1.59 -4.73 11.24
CA TYR A 117 2.71 -4.96 10.39
C TYR A 117 2.23 -4.87 9.00
N CYS A 118 3.11 -4.70 8.08
CA CYS A 118 2.71 -4.60 6.74
C CYS A 118 2.33 -6.01 6.24
N THR A 119 1.05 -6.16 5.90
CA THR A 119 0.45 -7.47 5.56
C THR A 119 -0.19 -7.38 4.19
N SER A 120 0.48 -6.74 3.29
CA SER A 120 -0.13 -6.32 2.06
C SER A 120 -0.72 -7.50 1.27
N ASN A 121 -0.01 -8.62 1.19
CA ASN A 121 -0.55 -9.78 0.47
C ASN A 121 -1.82 -10.38 1.10
N ASP A 122 -1.83 -10.52 2.44
CA ASP A 122 -2.98 -11.11 3.16
C ASP A 122 -4.26 -10.30 3.05
N ASP A 123 -4.12 -9.00 3.13
CA ASP A 123 -5.24 -8.11 3.05
C ASP A 123 -5.38 -7.47 1.70
N GLN A 124 -6.04 -6.28 1.64
CA GLN A 124 -6.29 -5.56 0.39
C GLN A 124 -5.01 -5.50 -0.49
N VAL A 125 -4.30 -4.36 -0.46
CA VAL A 125 -3.03 -4.28 -1.16
C VAL A 125 -2.12 -3.17 -0.58
N GLY A 126 -0.85 -3.46 -0.40
CA GLY A 126 0.12 -2.43 0.00
C GLY A 126 -0.19 -1.79 1.35
N ILE A 127 -0.88 -2.52 2.19
CA ILE A 127 -1.38 -2.00 3.44
C ILE A 127 -0.99 -2.81 4.67
N TRP A 128 -1.12 -2.16 5.81
CA TRP A 128 -0.84 -2.73 7.12
C TRP A 128 -1.90 -3.76 7.50
N SER A 129 -1.67 -4.47 8.61
CA SER A 129 -2.60 -5.49 9.08
C SER A 129 -3.94 -4.91 9.47
N GLY A 130 -3.92 -3.64 9.76
CA GLY A 130 -5.09 -2.93 10.10
C GLY A 130 -4.75 -1.50 10.39
N PRO A 131 -5.69 -0.57 10.32
CA PRO A 131 -5.45 0.80 10.69
C PRO A 131 -5.15 0.87 12.17
N ALA A 132 -4.31 1.82 12.57
CA ALA A 132 -3.92 1.98 13.98
C ALA A 132 -5.13 1.74 14.88
N PRO A 133 -5.09 0.63 15.69
CA PRO A 133 -6.16 0.29 16.58
C PRO A 133 -6.38 1.36 17.57
N GLN A 134 -7.61 1.54 17.93
CA GLN A 134 -7.98 2.74 18.61
C GLN A 134 -8.19 2.49 20.05
N CYS A 135 -8.05 3.54 20.80
CA CYS A 135 -8.19 3.48 22.20
C CYS A 135 -9.65 3.48 22.61
N ILE A 136 -10.29 2.31 22.34
CA ILE A 136 -11.64 1.99 22.83
C ILE A 136 -11.59 1.64 24.34
N LYS A 5 -5.92 4.58 -32.58
CA LYS A 5 -4.60 4.56 -31.96
C LYS A 5 -4.58 3.64 -30.76
N SER A 6 -3.44 3.04 -30.51
CA SER A 6 -3.29 2.09 -29.45
C SER A 6 -2.06 2.46 -28.68
N CYS A 7 -2.00 2.06 -27.42
CA CYS A 7 -0.90 2.39 -26.60
C CYS A 7 0.21 1.45 -26.92
N ARG A 8 1.38 1.77 -26.47
CA ARG A 8 2.56 1.09 -26.90
C ARG A 8 2.61 -0.36 -26.53
N ASN A 9 2.15 -0.71 -25.31
CA ASN A 9 2.31 -2.10 -24.82
C ASN A 9 2.12 -2.25 -23.28
N PRO A 10 1.57 -3.42 -22.86
CA PRO A 10 1.30 -3.82 -21.45
C PRO A 10 2.57 -4.08 -20.57
N PRO A 11 2.36 -4.52 -19.27
CA PRO A 11 3.42 -4.76 -18.27
C PRO A 11 4.40 -5.90 -18.60
N ASP A 12 5.67 -5.77 -18.11
CA ASP A 12 6.70 -6.84 -18.29
C ASP A 12 7.15 -7.61 -16.96
N PRO A 13 6.28 -7.69 -15.88
CA PRO A 13 6.59 -8.51 -14.69
C PRO A 13 6.73 -10.01 -15.03
N VAL A 14 7.56 -10.71 -14.28
CA VAL A 14 7.82 -12.13 -14.51
C VAL A 14 7.26 -12.92 -13.34
N ASN A 15 6.51 -13.98 -13.67
CA ASN A 15 5.73 -14.76 -12.73
C ASN A 15 4.66 -13.89 -12.03
N GLY A 16 4.15 -12.92 -12.80
CA GLY A 16 3.02 -12.07 -12.41
C GLY A 16 1.85 -12.32 -13.36
N MET A 17 0.84 -11.43 -13.37
CA MET A 17 -0.26 -11.59 -14.28
C MET A 17 -0.06 -10.71 -15.51
N VAL A 18 0.15 -11.36 -16.66
CA VAL A 18 0.32 -10.64 -17.90
C VAL A 18 -0.45 -11.28 -19.06
N HIS A 19 -1.70 -10.95 -19.15
CA HIS A 19 -2.53 -11.36 -20.29
C HIS A 19 -3.32 -10.18 -20.81
N VAL A 20 -3.18 -9.87 -22.08
CA VAL A 20 -3.99 -8.79 -22.62
C VAL A 20 -4.51 -9.10 -24.02
N ILE A 21 -5.77 -8.78 -24.24
CA ILE A 21 -6.37 -8.79 -25.56
C ILE A 21 -6.90 -7.43 -25.84
N LYS A 22 -6.37 -6.81 -26.87
CA LYS A 22 -6.76 -5.46 -27.31
C LYS A 22 -6.86 -4.48 -26.13
N GLY A 23 -6.16 -4.77 -25.05
CA GLY A 23 -6.26 -3.96 -23.85
C GLY A 23 -5.30 -2.83 -23.83
N ILE A 24 -4.57 -2.65 -24.91
CA ILE A 24 -3.57 -1.59 -24.95
C ILE A 24 -4.13 -0.43 -25.75
N GLN A 25 -5.30 -0.61 -26.28
CA GLN A 25 -5.92 0.34 -27.16
C GLN A 25 -6.35 1.57 -26.34
N PHE A 26 -6.67 2.67 -26.99
CA PHE A 26 -7.13 3.83 -26.26
C PHE A 26 -8.45 3.52 -25.56
N GLY A 27 -8.47 3.84 -24.29
CA GLY A 27 -9.61 3.55 -23.50
C GLY A 27 -9.65 2.10 -23.06
N SER A 28 -8.49 1.44 -23.07
CA SER A 28 -8.37 0.05 -22.64
C SER A 28 -7.30 0.02 -21.55
N GLN A 29 -7.41 -0.90 -20.62
CA GLN A 29 -6.57 -0.85 -19.44
C GLN A 29 -5.75 -2.13 -19.28
N ILE A 30 -4.48 -1.98 -19.01
CA ILE A 30 -3.58 -3.12 -18.70
C ILE A 30 -3.38 -3.25 -17.17
N LYS A 31 -3.47 -4.48 -16.67
CA LYS A 31 -3.50 -4.79 -15.22
C LYS A 31 -2.16 -5.36 -14.66
N TYR A 32 -1.94 -5.07 -13.36
CA TYR A 32 -0.76 -5.50 -12.57
C TYR A 32 -1.02 -6.38 -11.38
N SER A 33 -0.04 -7.27 -11.14
CA SER A 33 0.04 -8.08 -9.95
C SER A 33 1.50 -8.43 -9.75
N CYS A 34 1.90 -8.77 -8.54
CA CYS A 34 3.28 -9.10 -8.30
C CYS A 34 3.47 -10.09 -7.18
N THR A 35 4.72 -10.46 -6.98
CA THR A 35 5.12 -11.41 -5.97
C THR A 35 5.10 -10.78 -4.55
N LYS A 36 5.37 -11.60 -3.55
CA LYS A 36 5.32 -11.22 -2.16
C LYS A 36 6.34 -10.14 -1.77
N GLY A 37 5.83 -9.12 -1.06
CA GLY A 37 6.64 -7.97 -0.62
C GLY A 37 6.79 -6.86 -1.67
N TYR A 38 6.01 -6.91 -2.75
CA TYR A 38 6.08 -5.90 -3.80
C TYR A 38 4.76 -5.18 -4.04
N ARG A 39 4.84 -3.87 -4.39
CA ARG A 39 3.64 -3.08 -4.73
C ARG A 39 3.91 -2.26 -5.94
N LEU A 40 2.87 -1.61 -6.45
CA LEU A 40 3.01 -0.76 -7.59
C LEU A 40 3.24 0.65 -7.11
N ILE A 41 4.30 1.22 -7.58
CA ILE A 41 4.67 2.60 -7.29
C ILE A 41 3.69 3.63 -7.93
N GLY A 42 3.07 3.22 -9.00
CA GLY A 42 2.23 4.09 -9.74
C GLY A 42 0.82 3.58 -9.79
N SER A 43 0.27 3.47 -10.98
CA SER A 43 -1.10 3.05 -11.10
C SER A 43 -1.08 1.66 -11.73
N SER A 44 -1.65 0.66 -11.05
CA SER A 44 -1.58 -0.74 -11.52
C SER A 44 -2.30 -0.96 -12.84
N SER A 45 -3.18 -0.10 -13.20
CA SER A 45 -3.82 -0.21 -14.47
C SER A 45 -3.75 1.12 -15.17
N ALA A 46 -3.71 1.10 -16.47
CA ALA A 46 -3.65 2.33 -17.21
C ALA A 46 -4.74 2.38 -18.27
N THR A 47 -5.46 3.48 -18.26
CA THR A 47 -6.58 3.74 -19.16
C THR A 47 -6.16 3.82 -20.64
N CYS A 48 -5.08 4.50 -20.84
CA CYS A 48 -4.51 4.86 -22.16
C CYS A 48 -5.18 6.16 -22.69
N ILE A 49 -4.37 7.20 -22.94
CA ILE A 49 -4.91 8.53 -23.33
C ILE A 49 -4.26 9.04 -24.61
N ILE A 50 -4.92 10.01 -25.25
CA ILE A 50 -4.36 10.63 -26.45
C ILE A 50 -3.89 12.05 -26.13
N SER A 51 -2.59 12.32 -26.34
CA SER A 51 -2.06 13.68 -26.21
C SER A 51 -2.74 14.60 -27.23
N GLY A 52 -2.88 14.06 -28.44
CA GLY A 52 -3.44 14.78 -29.52
C GLY A 52 -3.35 13.95 -30.77
N ASP A 53 -2.22 13.98 -31.38
CA ASP A 53 -1.95 13.21 -32.58
C ASP A 53 -1.31 11.85 -32.30
N THR A 54 -1.07 11.51 -31.02
CA THR A 54 -0.45 10.25 -30.70
C THR A 54 -0.96 9.70 -29.40
N VAL A 55 -0.78 8.42 -29.20
CA VAL A 55 -1.22 7.79 -27.98
C VAL A 55 -0.08 7.20 -27.18
N ILE A 56 -0.06 7.60 -25.92
CA ILE A 56 0.92 7.12 -24.93
C ILE A 56 0.19 6.75 -23.62
N TRP A 57 0.83 6.01 -22.71
CA TRP A 57 0.16 5.67 -21.45
C TRP A 57 0.31 6.84 -20.47
N ASP A 58 -0.77 7.25 -19.84
CA ASP A 58 -0.74 8.37 -18.88
C ASP A 58 0.13 8.01 -17.66
N THR A 59 -0.06 6.80 -17.21
CA THR A 59 0.62 6.25 -16.08
C THR A 59 2.16 6.14 -16.28
N GLU A 60 2.57 5.65 -17.47
CA GLU A 60 3.98 5.23 -17.78
C GLU A 60 4.22 3.85 -17.24
N THR A 61 3.15 3.26 -16.69
CA THR A 61 3.16 1.93 -16.10
C THR A 61 4.07 1.85 -14.86
N PRO A 62 3.47 1.45 -13.74
CA PRO A 62 4.15 1.33 -12.48
C PRO A 62 5.08 0.15 -12.43
N ILE A 63 6.04 0.26 -11.60
CA ILE A 63 7.01 -0.76 -11.39
C ILE A 63 6.79 -1.38 -10.04
N CYS A 64 6.72 -2.70 -9.98
CA CYS A 64 6.57 -3.33 -8.70
C CYS A 64 7.88 -3.18 -7.97
N ASP A 65 7.84 -2.53 -6.88
CA ASP A 65 9.02 -2.28 -6.11
C ASP A 65 8.76 -2.78 -4.72
N ARG A 66 9.73 -2.72 -3.86
CA ARG A 66 9.56 -3.23 -2.55
C ARG A 66 8.64 -2.31 -1.79
N ILE A 67 7.73 -2.89 -1.04
CA ILE A 67 6.75 -2.12 -0.32
C ILE A 67 7.42 -1.29 0.77
N PRO A 68 7.44 0.04 0.57
CA PRO A 68 8.03 0.96 1.50
C PRO A 68 7.41 0.84 2.89
N CYS A 69 6.10 0.49 2.94
CA CYS A 69 5.38 0.45 4.21
C CYS A 69 5.45 1.84 4.82
N GLY A 70 4.68 2.75 4.22
CA GLY A 70 4.70 4.12 4.60
C GLY A 70 4.27 4.31 6.01
N LEU A 71 4.66 5.48 6.57
CA LEU A 71 4.42 5.80 7.96
C LEU A 71 3.02 5.39 8.39
N PRO A 72 2.92 4.76 9.57
CA PRO A 72 1.72 4.06 10.01
C PRO A 72 0.69 4.98 10.61
N PRO A 73 -0.49 4.46 10.98
CA PRO A 73 -1.47 5.30 11.61
C PRO A 73 -0.91 5.85 12.90
N THR A 74 -1.24 7.06 13.18
CA THR A 74 -0.87 7.66 14.43
C THR A 74 -1.83 7.14 15.48
N ILE A 75 -1.32 6.75 16.62
CA ILE A 75 -2.16 6.19 17.64
C ILE A 75 -3.11 7.23 18.23
N THR A 76 -4.14 6.72 18.82
CA THR A 76 -5.20 7.46 19.39
C THR A 76 -4.69 8.35 20.57
N ASN A 77 -3.84 7.77 21.41
CA ASN A 77 -3.33 8.49 22.58
C ASN A 77 -2.00 9.21 22.35
N GLY A 78 -1.48 9.25 21.13
CA GLY A 78 -0.20 9.93 20.92
C GLY A 78 0.66 9.38 19.80
N ASP A 79 1.66 8.60 20.17
CA ASP A 79 2.62 8.03 19.20
C ASP A 79 2.93 6.56 19.53
N PHE A 80 3.87 5.98 18.83
CA PHE A 80 4.14 4.56 18.92
C PHE A 80 5.46 4.22 19.61
N ILE A 81 5.53 2.96 20.01
CA ILE A 81 6.62 2.40 20.78
C ILE A 81 7.93 2.40 20.02
N SER A 82 7.87 2.03 18.76
CA SER A 82 9.07 1.81 18.02
C SER A 82 9.94 3.08 17.96
N THR A 83 11.24 2.85 18.10
CA THR A 83 12.22 3.90 18.25
C THR A 83 12.31 4.81 17.03
N ASN A 84 12.34 4.24 15.86
CA ASN A 84 12.45 5.03 14.66
C ASN A 84 11.08 5.54 14.27
N ARG A 85 10.96 6.84 14.18
CA ARG A 85 9.69 7.48 13.91
C ARG A 85 9.17 7.04 12.56
N GLU A 86 10.07 6.99 11.60
CA GLU A 86 9.74 6.49 10.29
C GLU A 86 9.91 4.98 10.30
N ASN A 87 9.18 4.32 9.44
CA ASN A 87 9.18 2.86 9.37
C ASN A 87 10.12 2.35 8.29
N PHE A 88 10.56 1.10 8.45
CA PHE A 88 11.40 0.42 7.46
C PHE A 88 10.50 -0.13 6.32
N HIS A 89 11.11 -0.79 5.33
CA HIS A 89 10.36 -1.42 4.21
C HIS A 89 9.46 -2.59 4.68
N TYR A 90 9.11 -3.47 3.74
CA TYR A 90 8.17 -4.55 4.00
C TYR A 90 8.65 -5.48 5.11
N GLY A 91 7.71 -5.86 5.98
CA GLY A 91 8.02 -6.66 7.16
C GLY A 91 8.09 -5.82 8.41
N SER A 92 7.85 -4.51 8.26
CA SER A 92 7.89 -3.59 9.37
C SER A 92 6.70 -3.75 10.31
N VAL A 93 6.96 -3.53 11.56
CA VAL A 93 5.95 -3.65 12.61
C VAL A 93 6.11 -2.51 13.63
N VAL A 94 4.98 -2.00 14.12
CA VAL A 94 4.99 -0.99 15.17
C VAL A 94 4.05 -1.42 16.28
N THR A 95 4.30 -0.92 17.48
CA THR A 95 3.56 -1.33 18.63
C THR A 95 3.02 -0.10 19.34
N TYR A 96 1.76 -0.11 19.72
CA TYR A 96 1.16 1.10 20.27
C TYR A 96 0.93 1.02 21.79
N ARG A 97 1.15 2.16 22.44
CA ARG A 97 0.93 2.35 23.89
C ARG A 97 -0.38 3.13 24.19
N CYS A 98 -0.90 2.92 25.43
CA CYS A 98 -2.11 3.62 25.94
C CYS A 98 -1.78 4.60 27.07
N ASN A 99 -2.62 5.63 27.24
CA ASN A 99 -2.37 6.69 28.23
C ASN A 99 -3.53 6.89 29.25
N PRO A 100 -3.19 7.23 30.53
CA PRO A 100 -4.18 7.51 31.60
C PRO A 100 -5.07 8.71 31.28
N GLY A 101 -6.32 8.66 31.73
CA GLY A 101 -7.27 9.70 31.40
C GLY A 101 -7.41 10.84 32.42
N SER A 102 -8.09 10.55 33.56
CA SER A 102 -8.36 11.58 34.59
C SER A 102 -7.07 12.17 35.18
N GLY A 103 -6.12 11.29 35.44
CA GLY A 103 -4.87 11.70 36.04
C GLY A 103 -4.45 10.72 37.10
N GLY A 104 -3.56 9.80 36.74
CA GLY A 104 -3.14 8.78 37.67
C GLY A 104 -4.16 7.67 37.78
N ARG A 105 -5.12 7.66 36.86
CA ARG A 105 -6.18 6.66 36.85
C ARG A 105 -6.27 5.96 35.52
N LYS A 106 -6.47 4.66 35.55
CA LYS A 106 -6.68 3.92 34.33
C LYS A 106 -8.14 4.12 33.89
N VAL A 107 -8.30 4.63 32.69
CA VAL A 107 -9.63 4.76 32.08
C VAL A 107 -9.67 3.92 30.83
N PHE A 108 -8.60 3.19 30.59
CA PHE A 108 -8.43 2.51 29.33
C PHE A 108 -7.85 1.12 29.50
N GLU A 109 -8.12 0.29 28.54
CA GLU A 109 -7.44 -0.97 28.40
C GLU A 109 -7.18 -1.17 26.92
N LEU A 110 -5.97 -1.53 26.57
CA LEU A 110 -5.63 -1.71 25.17
C LEU A 110 -6.26 -2.96 24.67
N VAL A 111 -6.57 -2.98 23.39
CA VAL A 111 -7.41 -4.00 22.82
C VAL A 111 -6.81 -5.41 22.96
N GLY A 112 -5.48 -5.51 22.94
CA GLY A 112 -4.86 -6.80 23.20
C GLY A 112 -3.76 -7.15 22.23
N GLU A 113 -3.82 -6.58 21.04
CA GLU A 113 -2.81 -6.82 20.04
C GLU A 113 -2.37 -5.47 19.46
N PRO A 114 -1.52 -4.72 20.21
CA PRO A 114 -1.07 -3.40 19.78
C PRO A 114 -0.22 -3.46 18.54
N SER A 115 0.39 -4.57 18.31
CA SER A 115 1.23 -4.71 17.19
C SER A 115 0.46 -4.85 15.92
N ILE A 116 0.87 -4.10 14.98
CA ILE A 116 0.43 -4.21 13.66
C ILE A 116 1.63 -4.22 12.75
N TYR A 117 1.48 -4.80 11.63
CA TYR A 117 2.56 -4.93 10.70
C TYR A 117 2.10 -4.87 9.26
N CYS A 118 3.05 -4.59 8.39
CA CYS A 118 2.80 -4.48 6.97
C CYS A 118 2.46 -5.83 6.40
N THR A 119 1.17 -6.13 6.32
CA THR A 119 0.67 -7.39 5.82
C THR A 119 -0.23 -7.15 4.61
N SER A 120 0.40 -6.74 3.56
CA SER A 120 -0.22 -6.43 2.30
C SER A 120 -0.81 -7.66 1.61
N ASN A 121 -0.38 -8.83 2.00
CA ASN A 121 -0.80 -10.02 1.32
C ASN A 121 -2.32 -10.30 1.41
N ASP A 122 -2.92 -10.07 2.57
CA ASP A 122 -4.30 -10.56 2.81
C ASP A 122 -5.44 -9.92 1.91
N ASP A 123 -5.44 -8.57 1.73
CA ASP A 123 -6.54 -7.90 0.96
C ASP A 123 -6.11 -6.87 -0.07
N GLN A 124 -5.14 -6.03 0.26
CA GLN A 124 -4.75 -4.96 -0.63
C GLN A 124 -3.24 -4.90 -0.77
N VAL A 125 -2.78 -4.30 -1.87
CA VAL A 125 -1.41 -4.44 -2.33
C VAL A 125 -0.40 -3.92 -1.32
N GLY A 126 -0.64 -2.75 -0.73
CA GLY A 126 0.28 -2.26 0.29
C GLY A 126 -0.44 -1.78 1.52
N ILE A 127 -0.70 -2.67 2.47
CA ILE A 127 -1.41 -2.33 3.70
C ILE A 127 -0.72 -2.82 4.94
N TRP A 128 -1.17 -2.27 6.05
CA TRP A 128 -0.82 -2.73 7.38
C TRP A 128 -1.91 -3.66 7.86
N SER A 129 -1.75 -4.22 9.05
CA SER A 129 -2.71 -5.14 9.62
C SER A 129 -4.08 -4.45 9.75
N GLY A 130 -4.06 -3.18 10.13
CA GLY A 130 -5.27 -2.43 10.20
C GLY A 130 -5.04 -1.12 10.86
N PRO A 131 -6.11 -0.41 11.21
CA PRO A 131 -6.00 0.82 11.96
C PRO A 131 -5.39 0.54 13.30
N ALA A 132 -4.60 1.48 13.79
CA ALA A 132 -3.92 1.34 15.08
C ALA A 132 -4.87 0.79 16.17
N PRO A 133 -4.47 -0.32 16.88
CA PRO A 133 -5.30 -0.91 17.95
C PRO A 133 -5.47 0.07 19.04
N GLN A 134 -6.57 0.03 19.69
CA GLN A 134 -6.88 1.09 20.58
C GLN A 134 -7.18 0.65 21.96
N CYS A 135 -7.19 1.62 22.79
CA CYS A 135 -7.27 1.51 24.21
C CYS A 135 -8.74 1.35 24.67
N ILE A 136 -9.46 0.43 24.01
CA ILE A 136 -10.86 0.16 24.37
C ILE A 136 -10.97 -0.89 25.46
N LYS A 5 -6.68 3.76 -31.39
CA LYS A 5 -5.20 3.72 -31.48
C LYS A 5 -4.59 2.96 -30.28
N SER A 6 -3.89 1.89 -30.58
CA SER A 6 -3.25 1.10 -29.54
C SER A 6 -2.02 1.84 -28.98
N CYS A 7 -1.75 1.61 -27.71
CA CYS A 7 -0.61 2.20 -27.01
C CYS A 7 0.71 1.48 -27.37
N ARG A 8 1.77 1.84 -26.65
CA ARG A 8 3.09 1.28 -26.87
C ARG A 8 3.26 -0.05 -26.19
N ASN A 9 2.15 -0.60 -25.71
CA ASN A 9 2.11 -1.94 -25.07
C ASN A 9 2.69 -1.92 -23.66
N PRO A 10 2.22 -2.85 -22.83
CA PRO A 10 2.69 -3.01 -21.46
C PRO A 10 4.16 -3.42 -21.34
N PRO A 11 4.91 -2.69 -20.50
CA PRO A 11 6.28 -3.02 -20.17
C PRO A 11 6.37 -4.37 -19.45
N ASP A 12 7.47 -5.07 -19.66
CA ASP A 12 7.68 -6.40 -19.08
C ASP A 12 8.52 -6.37 -17.77
N PRO A 13 7.83 -6.37 -16.61
CA PRO A 13 8.43 -6.47 -15.29
C PRO A 13 8.98 -7.90 -15.01
N VAL A 14 9.97 -7.98 -14.17
CA VAL A 14 10.63 -9.23 -13.78
C VAL A 14 9.73 -10.14 -12.92
N ASN A 15 9.75 -11.46 -13.24
CA ASN A 15 9.00 -12.50 -12.48
C ASN A 15 7.47 -12.31 -12.47
N GLY A 16 6.92 -11.83 -13.59
CA GLY A 16 5.47 -11.65 -13.66
C GLY A 16 4.96 -11.50 -15.09
N MET A 17 3.64 -11.60 -15.23
CA MET A 17 2.97 -11.49 -16.52
C MET A 17 1.88 -10.42 -16.47
N VAL A 18 1.55 -9.84 -17.63
CA VAL A 18 0.56 -8.79 -17.72
C VAL A 18 -0.65 -9.32 -18.52
N HIS A 19 -1.85 -9.13 -17.98
CA HIS A 19 -3.06 -9.61 -18.64
C HIS A 19 -3.91 -8.48 -19.18
N VAL A 20 -3.98 -8.42 -20.47
CA VAL A 20 -4.76 -7.44 -21.19
C VAL A 20 -5.66 -8.10 -22.22
N ILE A 21 -6.91 -7.71 -22.26
CA ILE A 21 -7.77 -8.13 -23.34
C ILE A 21 -8.00 -6.94 -24.22
N LYS A 22 -7.45 -7.02 -25.48
CA LYS A 22 -7.58 -5.95 -26.53
C LYS A 22 -7.56 -4.56 -25.88
N GLY A 23 -6.82 -4.44 -24.80
CA GLY A 23 -6.91 -3.32 -23.93
C GLY A 23 -5.80 -2.32 -24.03
N ILE A 24 -5.03 -2.44 -25.02
CA ILE A 24 -3.97 -1.48 -25.18
C ILE A 24 -4.48 -0.45 -26.17
N GLN A 25 -5.68 -0.72 -26.63
CA GLN A 25 -6.35 0.04 -27.66
C GLN A 25 -7.29 1.05 -27.05
N PHE A 26 -6.66 2.08 -26.56
CA PHE A 26 -7.31 3.22 -25.84
C PHE A 26 -8.42 2.89 -24.82
N GLY A 27 -8.24 3.42 -23.61
CA GLY A 27 -9.27 3.38 -22.58
C GLY A 27 -9.34 2.10 -21.83
N SER A 28 -8.48 1.20 -22.17
CA SER A 28 -8.45 -0.07 -21.51
C SER A 28 -7.33 -0.11 -20.49
N GLN A 29 -7.18 -1.24 -19.81
CA GLN A 29 -6.24 -1.34 -18.75
C GLN A 29 -5.42 -2.61 -18.85
N ILE A 30 -4.21 -2.52 -18.33
CA ILE A 30 -3.30 -3.65 -18.19
C ILE A 30 -3.06 -3.90 -16.71
N LYS A 31 -3.36 -5.09 -16.28
CA LYS A 31 -3.28 -5.42 -14.88
C LYS A 31 -2.13 -6.37 -14.61
N TYR A 32 -1.51 -6.19 -13.47
CA TYR A 32 -0.30 -6.92 -13.14
C TYR A 32 -0.28 -7.23 -11.63
N SER A 33 0.53 -8.20 -11.22
CA SER A 33 0.70 -8.58 -9.83
C SER A 33 2.18 -8.84 -9.54
N CYS A 34 2.60 -8.71 -8.27
CA CYS A 34 4.02 -8.78 -7.92
C CYS A 34 4.32 -9.98 -7.00
N THR A 35 5.62 -10.22 -6.79
CA THR A 35 6.12 -11.29 -5.92
C THR A 35 5.97 -10.89 -4.43
N LYS A 36 6.15 -11.87 -3.52
CA LYS A 36 5.90 -11.65 -2.09
C LYS A 36 6.83 -10.57 -1.52
N GLY A 37 6.25 -9.63 -0.78
CA GLY A 37 7.01 -8.54 -0.17
C GLY A 37 7.27 -7.40 -1.14
N TYR A 38 6.75 -7.54 -2.34
CA TYR A 38 6.90 -6.53 -3.38
C TYR A 38 5.53 -6.04 -3.85
N ARG A 39 5.41 -4.77 -4.17
CA ARG A 39 4.14 -4.21 -4.64
C ARG A 39 4.36 -3.31 -5.83
N LEU A 40 3.27 -2.93 -6.47
CA LEU A 40 3.34 -1.99 -7.55
C LEU A 40 3.40 -0.62 -6.91
N ILE A 41 4.35 0.16 -7.30
CA ILE A 41 4.53 1.52 -6.77
C ILE A 41 3.41 2.47 -7.23
N GLY A 42 2.84 2.12 -8.35
CA GLY A 42 1.86 2.94 -9.01
C GLY A 42 0.52 2.28 -9.00
N SER A 43 -0.04 2.13 -10.15
CA SER A 43 -1.34 1.52 -10.28
C SER A 43 -1.13 0.22 -11.00
N SER A 44 -1.57 -0.86 -10.39
CA SER A 44 -1.38 -2.21 -10.97
C SER A 44 -2.10 -2.33 -12.30
N SER A 45 -3.07 -1.46 -12.53
CA SER A 45 -3.73 -1.38 -13.80
C SER A 45 -3.49 -0.01 -14.43
N ALA A 46 -2.90 0.04 -15.59
CA ALA A 46 -2.69 1.30 -16.29
C ALA A 46 -3.78 1.56 -17.27
N THR A 47 -4.08 2.82 -17.48
CA THR A 47 -5.11 3.18 -18.39
C THR A 47 -4.54 3.98 -19.53
N CYS A 48 -4.84 3.54 -20.72
CA CYS A 48 -4.43 4.27 -21.92
C CYS A 48 -5.32 5.46 -22.16
N ILE A 49 -4.71 6.61 -22.40
CA ILE A 49 -5.42 7.82 -22.66
C ILE A 49 -4.86 8.49 -23.91
N ILE A 50 -5.61 9.42 -24.46
CA ILE A 50 -5.18 10.14 -25.66
C ILE A 50 -4.81 11.57 -25.27
N SER A 51 -3.61 11.99 -25.64
CA SER A 51 -3.24 13.36 -25.47
C SER A 51 -2.51 13.81 -26.71
N GLY A 52 -2.90 14.94 -27.28
CA GLY A 52 -2.19 15.45 -28.45
C GLY A 52 -2.49 14.63 -29.68
N ASP A 53 -3.65 13.94 -29.65
CA ASP A 53 -4.06 13.03 -30.73
C ASP A 53 -3.11 11.83 -30.89
N THR A 54 -2.58 11.37 -29.76
CA THR A 54 -1.77 10.19 -29.75
C THR A 54 -2.11 9.46 -28.50
N VAL A 55 -1.76 8.20 -28.40
CA VAL A 55 -2.22 7.45 -27.26
C VAL A 55 -1.07 6.96 -26.41
N ILE A 56 -1.18 7.27 -25.15
CA ILE A 56 -0.16 7.03 -24.13
C ILE A 56 -0.72 6.37 -22.86
N TRP A 57 0.14 5.81 -22.03
CA TRP A 57 -0.31 5.23 -20.76
C TRP A 57 -0.16 6.31 -19.69
N ASP A 58 -1.21 6.52 -18.90
CA ASP A 58 -1.13 7.47 -17.78
C ASP A 58 -0.15 7.05 -16.69
N THR A 59 -0.13 5.74 -16.35
CA THR A 59 0.77 5.26 -15.34
C THR A 59 1.96 4.48 -15.89
N GLU A 60 1.87 4.13 -17.17
CA GLU A 60 2.93 3.39 -17.94
C GLU A 60 3.47 2.14 -17.19
N THR A 61 2.63 1.58 -16.34
CA THR A 61 2.94 0.41 -15.56
C THR A 61 3.96 0.64 -14.44
N PRO A 62 3.48 0.48 -13.22
CA PRO A 62 4.30 0.56 -12.02
C PRO A 62 5.37 -0.52 -12.00
N ILE A 63 6.46 -0.23 -11.35
CA ILE A 63 7.54 -1.17 -11.22
C ILE A 63 7.42 -1.86 -9.86
N CYS A 64 7.48 -3.20 -9.86
CA CYS A 64 7.39 -3.93 -8.61
C CYS A 64 8.65 -3.66 -7.82
N ASP A 65 8.46 -3.24 -6.60
CA ASP A 65 9.53 -2.88 -5.72
C ASP A 65 9.14 -3.27 -4.34
N ARG A 66 10.10 -3.29 -3.45
CA ARG A 66 9.89 -3.87 -2.16
C ARG A 66 8.91 -2.89 -1.42
N ILE A 67 7.83 -3.43 -0.85
CA ILE A 67 6.73 -2.61 -0.29
C ILE A 67 7.22 -1.61 0.76
N PRO A 68 6.94 -0.31 0.53
CA PRO A 68 7.38 0.81 1.35
C PRO A 68 6.53 1.04 2.60
N CYS A 69 5.52 0.18 2.79
CA CYS A 69 4.64 0.24 3.97
C CYS A 69 5.41 0.58 5.21
N GLY A 70 5.39 1.89 5.53
CA GLY A 70 6.14 2.40 6.62
C GLY A 70 5.34 3.22 7.57
N LEU A 71 5.25 4.52 7.30
CA LEU A 71 4.48 5.41 8.13
C LEU A 71 3.09 4.83 8.31
N PRO A 72 2.80 4.34 9.49
CA PRO A 72 1.59 3.62 9.74
C PRO A 72 0.47 4.55 10.11
N PRO A 73 -0.77 4.05 10.25
CA PRO A 73 -1.80 4.91 10.70
C PRO A 73 -1.43 5.37 12.10
N THR A 74 -1.72 6.60 12.40
CA THR A 74 -1.35 7.17 13.67
C THR A 74 -2.30 6.75 14.73
N ILE A 75 -1.92 6.98 15.94
CA ILE A 75 -2.67 6.53 17.04
C ILE A 75 -3.40 7.67 17.72
N THR A 76 -4.49 7.31 18.29
CA THR A 76 -5.42 8.21 18.92
C THR A 76 -4.76 8.98 20.08
N ASN A 77 -4.01 8.29 20.91
CA ASN A 77 -3.40 8.89 22.11
C ASN A 77 -1.96 9.37 21.91
N GLY A 78 -1.42 9.33 20.71
CA GLY A 78 -0.05 9.81 20.56
C GLY A 78 0.78 9.14 19.52
N ASP A 79 1.48 8.08 19.94
CA ASP A 79 2.47 7.40 19.09
C ASP A 79 2.60 5.89 19.45
N PHE A 80 3.50 5.23 18.73
CA PHE A 80 3.75 3.79 18.85
C PHE A 80 5.11 3.47 19.48
N ILE A 81 5.25 2.21 19.93
CA ILE A 81 6.42 1.76 20.70
C ILE A 81 7.71 1.79 19.86
N SER A 82 7.59 1.62 18.54
CA SER A 82 8.75 1.61 17.66
C SER A 82 9.45 2.97 17.71
N THR A 83 10.79 2.94 17.66
CA THR A 83 11.59 4.13 17.89
C THR A 83 11.45 5.24 16.84
N ASN A 84 11.24 4.89 15.58
CA ASN A 84 11.12 5.91 14.53
C ASN A 84 9.67 6.15 14.17
N ARG A 85 9.32 7.43 13.97
CA ARG A 85 7.95 7.84 13.66
C ARG A 85 7.41 7.27 12.37
N GLU A 86 8.20 7.28 11.38
CA GLU A 86 7.80 6.67 10.15
C GLU A 86 8.60 5.42 9.95
N ASN A 87 7.87 4.34 9.94
CA ASN A 87 8.39 2.99 9.91
C ASN A 87 8.97 2.66 8.56
N PHE A 88 9.96 1.77 8.54
CA PHE A 88 10.62 1.45 7.31
C PHE A 88 10.20 0.11 6.71
N HIS A 89 9.58 0.17 5.52
CA HIS A 89 9.34 -0.99 4.67
C HIS A 89 8.53 -2.20 5.29
N TYR A 90 8.12 -3.09 4.38
CA TYR A 90 7.34 -4.30 4.61
C TYR A 90 8.08 -5.28 5.54
N GLY A 91 7.31 -5.89 6.43
CA GLY A 91 7.85 -6.81 7.38
C GLY A 91 8.11 -6.16 8.71
N SER A 92 7.91 -4.85 8.78
CA SER A 92 8.06 -4.17 10.02
C SER A 92 6.76 -4.24 10.84
N VAL A 93 6.86 -4.02 12.15
CA VAL A 93 5.69 -4.10 13.06
C VAL A 93 5.67 -2.94 14.07
N VAL A 94 4.47 -2.39 14.31
CA VAL A 94 4.28 -1.31 15.30
C VAL A 94 3.23 -1.69 16.35
N THR A 95 3.53 -1.43 17.60
CA THR A 95 2.64 -1.77 18.72
C THR A 95 2.19 -0.48 19.42
N TYR A 96 0.87 -0.36 19.61
CA TYR A 96 0.27 0.85 20.17
C TYR A 96 -0.17 0.67 21.61
N ARG A 97 0.05 1.70 22.45
CA ARG A 97 -0.25 1.58 23.88
C ARG A 97 -1.13 2.78 24.24
N CYS A 98 -2.03 2.59 25.15
CA CYS A 98 -2.92 3.68 25.54
C CYS A 98 -2.28 4.41 26.72
N ASN A 99 -2.38 5.72 26.74
CA ASN A 99 -1.72 6.49 27.77
C ASN A 99 -2.66 6.91 28.87
N PRO A 100 -2.13 7.03 30.11
CA PRO A 100 -2.93 7.46 31.26
C PRO A 100 -3.48 8.87 31.07
N GLY A 101 -4.72 9.10 31.52
CA GLY A 101 -5.30 10.42 31.43
C GLY A 101 -4.65 11.42 32.35
N SER A 102 -4.48 11.01 33.60
CA SER A 102 -3.90 11.86 34.63
C SER A 102 -2.49 11.46 35.00
N GLY A 103 -2.02 10.37 34.42
CA GLY A 103 -0.72 9.87 34.76
C GLY A 103 -0.81 8.75 35.78
N GLY A 104 -0.43 7.53 35.37
CA GLY A 104 -0.44 6.37 36.25
C GLY A 104 -1.79 5.72 36.34
N ARG A 105 -2.74 6.24 35.59
CA ARG A 105 -4.08 5.67 35.57
C ARG A 105 -4.43 5.33 34.15
N LYS A 106 -4.75 4.09 33.88
CA LYS A 106 -5.09 3.74 32.52
C LYS A 106 -6.59 3.90 32.35
N VAL A 107 -6.99 5.09 32.00
CA VAL A 107 -8.35 5.42 31.67
C VAL A 107 -8.71 4.78 30.36
N PHE A 108 -7.70 4.55 29.57
CA PHE A 108 -7.87 4.11 28.23
C PHE A 108 -7.61 2.63 28.09
N GLU A 109 -8.61 1.91 27.66
CA GLU A 109 -8.48 0.47 27.42
C GLU A 109 -8.26 0.25 25.95
N LEU A 110 -7.32 -0.59 25.60
CA LEU A 110 -7.01 -0.84 24.19
C LEU A 110 -8.10 -1.74 23.56
N VAL A 111 -8.26 -1.65 22.25
CA VAL A 111 -9.29 -2.39 21.54
C VAL A 111 -9.07 -3.92 21.65
N GLY A 112 -7.79 -4.36 21.69
CA GLY A 112 -7.54 -5.78 21.86
C GLY A 112 -6.27 -6.30 21.17
N GLU A 113 -5.83 -5.64 20.11
CA GLU A 113 -4.62 -6.08 19.41
C GLU A 113 -3.77 -4.89 18.93
N PRO A 114 -2.88 -4.39 19.79
CA PRO A 114 -2.06 -3.22 19.50
C PRO A 114 -0.99 -3.44 18.42
N SER A 115 -0.68 -4.68 18.16
CA SER A 115 0.43 -4.98 17.29
C SER A 115 -0.01 -5.25 15.86
N ILE A 116 0.49 -4.43 14.95
CA ILE A 116 0.19 -4.58 13.56
C ILE A 116 1.47 -4.60 12.73
N TYR A 117 1.39 -5.25 11.58
CA TYR A 117 2.53 -5.36 10.71
C TYR A 117 2.11 -5.31 9.28
N CYS A 118 3.05 -5.00 8.41
CA CYS A 118 2.79 -4.87 7.01
C CYS A 118 2.51 -6.26 6.38
N THR A 119 1.28 -6.44 5.97
CA THR A 119 0.83 -7.70 5.34
C THR A 119 0.01 -7.38 4.08
N SER A 120 0.56 -6.48 3.24
CA SER A 120 -0.17 -6.00 2.07
C SER A 120 -0.42 -7.13 1.09
N ASN A 121 -1.64 -7.15 0.53
CA ASN A 121 -2.13 -8.14 -0.46
C ASN A 121 -3.62 -8.39 -0.21
N ASP A 122 -3.99 -8.60 1.08
CA ASP A 122 -5.39 -8.89 1.46
C ASP A 122 -6.31 -7.72 1.11
N ASP A 123 -5.91 -6.51 1.48
CA ASP A 123 -6.61 -5.27 1.10
C ASP A 123 -6.08 -4.65 -0.17
N GLN A 124 -6.70 -3.55 -0.60
CA GLN A 124 -6.44 -3.00 -1.95
C GLN A 124 -4.98 -2.51 -2.18
N VAL A 125 -4.43 -1.67 -1.29
CA VAL A 125 -3.07 -1.17 -1.49
C VAL A 125 -2.33 -1.08 -0.17
N GLY A 126 -1.02 -1.48 -0.18
CA GLY A 126 -0.12 -1.33 1.01
C GLY A 126 -0.84 -1.23 2.34
N ILE A 127 -1.13 -2.37 2.95
CA ILE A 127 -1.93 -2.40 4.14
C ILE A 127 -1.28 -3.13 5.28
N TRP A 128 -1.77 -2.84 6.42
CA TRP A 128 -1.31 -3.41 7.65
C TRP A 128 -2.26 -4.49 8.09
N SER A 129 -1.90 -5.19 9.13
CA SER A 129 -2.73 -6.26 9.66
C SER A 129 -4.09 -5.68 10.04
N GLY A 130 -4.06 -4.50 10.64
CA GLY A 130 -5.28 -3.83 11.00
C GLY A 130 -5.03 -2.35 11.18
N PRO A 131 -6.02 -1.50 10.95
CA PRO A 131 -5.89 -0.06 11.19
C PRO A 131 -5.60 0.19 12.66
N ALA A 132 -4.81 1.20 12.96
CA ALA A 132 -4.37 1.50 14.34
C ALA A 132 -5.43 1.18 15.39
N PRO A 133 -5.14 0.18 16.24
CA PRO A 133 -6.04 -0.23 17.30
C PRO A 133 -6.27 0.89 18.25
N GLN A 134 -7.44 0.97 18.81
CA GLN A 134 -7.79 2.15 19.53
C GLN A 134 -8.28 1.89 20.91
N CYS A 135 -8.10 2.89 21.73
CA CYS A 135 -8.34 2.84 23.13
C CYS A 135 -9.85 2.94 23.43
N ILE A 136 -10.54 1.85 23.13
CA ILE A 136 -11.97 1.68 23.38
C ILE A 136 -12.19 0.86 24.65
N LYS A 5 -7.27 2.90 -31.95
CA LYS A 5 -5.85 2.85 -31.69
C LYS A 5 -5.58 1.94 -30.52
N SER A 6 -4.42 1.33 -30.52
CA SER A 6 -4.04 0.46 -29.46
C SER A 6 -2.70 0.94 -28.97
N CYS A 7 -2.44 0.70 -27.74
CA CYS A 7 -1.30 1.21 -27.08
C CYS A 7 -0.07 0.48 -27.45
N ARG A 8 1.00 0.97 -26.91
CA ARG A 8 2.29 0.50 -27.16
C ARG A 8 2.38 -0.94 -26.72
N ASN A 9 1.69 -1.20 -25.61
CA ASN A 9 1.56 -2.52 -24.96
C ASN A 9 2.18 -2.43 -23.59
N PRO A 10 1.77 -3.36 -22.67
CA PRO A 10 2.32 -3.43 -21.32
C PRO A 10 3.84 -3.20 -21.26
N PRO A 11 4.35 -2.86 -20.09
CA PRO A 11 5.77 -2.55 -19.91
C PRO A 11 6.64 -3.78 -20.16
N ASP A 12 6.00 -4.94 -20.03
CA ASP A 12 6.62 -6.24 -20.18
C ASP A 12 8.08 -6.31 -19.77
N PRO A 13 8.33 -6.27 -18.45
CA PRO A 13 9.66 -6.50 -17.95
C PRO A 13 10.10 -7.90 -18.36
N VAL A 14 11.39 -8.06 -18.59
CA VAL A 14 11.95 -9.34 -19.09
C VAL A 14 11.69 -10.45 -18.06
N ASN A 15 11.47 -10.04 -16.85
CA ASN A 15 11.19 -10.97 -15.74
C ASN A 15 9.66 -11.13 -15.60
N GLY A 16 8.91 -10.55 -16.53
CA GLY A 16 7.44 -10.65 -16.50
C GLY A 16 6.87 -11.03 -17.85
N MET A 17 5.55 -11.13 -17.94
CA MET A 17 4.91 -11.50 -19.19
C MET A 17 3.76 -10.52 -19.53
N VAL A 18 3.36 -10.49 -20.80
CA VAL A 18 2.34 -9.56 -21.30
C VAL A 18 0.97 -9.77 -20.66
N HIS A 19 0.55 -11.04 -20.56
CA HIS A 19 -0.82 -11.45 -20.03
C HIS A 19 -1.92 -10.37 -20.05
N VAL A 20 -2.10 -9.67 -21.17
CA VAL A 20 -3.22 -8.76 -21.26
C VAL A 20 -4.09 -9.17 -22.45
N ILE A 21 -5.40 -9.34 -22.18
CA ILE A 21 -6.35 -9.77 -23.21
C ILE A 21 -6.60 -8.76 -24.36
N LYS A 22 -6.76 -7.49 -23.98
CA LYS A 22 -7.08 -6.36 -24.95
C LYS A 22 -6.94 -5.04 -24.22
N GLY A 23 -6.26 -5.08 -23.11
CA GLY A 23 -6.17 -3.94 -22.20
C GLY A 23 -5.38 -2.78 -22.74
N ILE A 24 -4.88 -2.91 -23.97
CA ILE A 24 -4.03 -1.88 -24.50
C ILE A 24 -4.78 -0.97 -25.44
N GLN A 25 -5.99 -1.27 -25.71
CA GLN A 25 -6.69 -0.54 -26.71
C GLN A 25 -7.17 0.78 -26.05
N PHE A 26 -7.65 1.72 -26.84
CA PHE A 26 -8.09 3.00 -26.26
C PHE A 26 -9.27 2.74 -25.35
N GLY A 27 -9.21 3.27 -24.13
CA GLY A 27 -10.27 2.98 -23.17
C GLY A 27 -10.06 1.66 -22.45
N SER A 28 -8.82 1.16 -22.43
CA SER A 28 -8.54 -0.12 -21.80
C SER A 28 -7.40 0.02 -20.75
N GLN A 29 -7.41 -0.88 -19.76
CA GLN A 29 -6.47 -0.84 -18.62
C GLN A 29 -5.47 -2.00 -18.63
N ILE A 30 -4.23 -1.69 -18.36
CA ILE A 30 -3.23 -2.71 -18.09
C ILE A 30 -2.85 -2.62 -16.63
N LYS A 31 -2.97 -3.71 -15.95
CA LYS A 31 -2.69 -3.70 -14.56
C LYS A 31 -1.45 -4.55 -14.28
N TYR A 32 -0.60 -4.05 -13.42
CA TYR A 32 0.63 -4.76 -13.06
C TYR A 32 0.37 -5.67 -11.86
N SER A 33 0.67 -6.96 -12.00
CA SER A 33 0.49 -7.87 -10.89
C SER A 33 1.67 -7.82 -9.91
N CYS A 34 1.41 -8.13 -8.67
CA CYS A 34 2.44 -8.16 -7.64
C CYS A 34 2.39 -9.46 -6.82
N THR A 35 3.54 -9.89 -6.36
CA THR A 35 3.65 -10.97 -5.42
C THR A 35 3.41 -10.46 -3.98
N LYS A 36 3.21 -11.38 -3.03
CA LYS A 36 2.93 -11.00 -1.63
C LYS A 36 4.11 -10.20 -1.03
N GLY A 37 3.81 -9.07 -0.41
CA GLY A 37 4.83 -8.25 0.23
C GLY A 37 5.36 -7.10 -0.68
N TYR A 38 4.90 -7.05 -1.92
CA TYR A 38 5.26 -5.98 -2.89
C TYR A 38 4.03 -5.17 -3.32
N ARG A 39 4.22 -3.86 -3.58
CA ARG A 39 3.12 -2.98 -4.03
C ARG A 39 3.62 -2.06 -5.12
N LEU A 40 2.66 -1.43 -5.81
CA LEU A 40 2.97 -0.48 -6.86
C LEU A 40 3.21 0.90 -6.26
N ILE A 41 4.34 1.47 -6.63
CA ILE A 41 4.66 2.84 -6.22
C ILE A 41 3.71 3.85 -6.82
N GLY A 42 3.44 3.67 -8.09
CA GLY A 42 2.65 4.60 -8.85
C GLY A 42 1.26 4.07 -9.08
N SER A 43 0.85 4.02 -10.34
CA SER A 43 -0.47 3.53 -10.67
C SER A 43 -0.36 2.14 -11.25
N SER A 44 -0.95 1.18 -10.56
CA SER A 44 -0.92 -0.23 -10.95
C SER A 44 -1.57 -0.44 -12.31
N SER A 45 -2.65 0.28 -12.53
CA SER A 45 -3.41 0.16 -13.71
C SER A 45 -3.21 1.40 -14.57
N ALA A 46 -2.73 1.21 -15.77
CA ALA A 46 -2.60 2.29 -16.71
C ALA A 46 -3.76 2.27 -17.68
N THR A 47 -4.18 3.42 -18.09
CA THR A 47 -5.23 3.52 -19.04
C THR A 47 -4.70 4.19 -20.27
N CYS A 48 -4.91 3.54 -21.38
CA CYS A 48 -4.45 4.04 -22.67
C CYS A 48 -5.27 5.24 -23.16
N ILE A 49 -4.56 6.35 -23.38
CA ILE A 49 -5.13 7.63 -23.84
C ILE A 49 -4.35 8.16 -25.05
N ILE A 50 -4.91 9.11 -25.76
CA ILE A 50 -4.26 9.59 -26.97
C ILE A 50 -3.58 10.95 -26.74
N SER A 51 -2.28 10.99 -27.01
CA SER A 51 -1.47 12.21 -26.84
C SER A 51 -1.52 13.09 -28.08
N GLY A 52 -1.94 12.51 -29.17
CA GLY A 52 -1.93 13.23 -30.43
C GLY A 52 -2.11 12.26 -31.57
N ASP A 53 -1.07 12.06 -32.36
CA ASP A 53 -1.13 11.16 -33.50
C ASP A 53 -1.24 9.73 -33.04
N THR A 54 -0.90 9.48 -31.79
CA THR A 54 -0.81 8.12 -31.35
C THR A 54 -1.43 7.99 -29.98
N VAL A 55 -1.68 6.77 -29.60
CA VAL A 55 -2.25 6.53 -28.33
C VAL A 55 -1.16 5.90 -27.42
N ILE A 56 -0.97 6.55 -26.28
CA ILE A 56 0.09 6.22 -25.31
C ILE A 56 -0.46 6.05 -23.89
N TRP A 57 0.36 5.47 -23.03
CA TRP A 57 -0.09 5.21 -21.68
C TRP A 57 0.07 6.48 -20.78
N ASP A 58 -0.96 6.75 -19.97
CA ASP A 58 -0.92 7.78 -18.93
C ASP A 58 0.08 7.44 -17.92
N THR A 59 0.16 6.17 -17.64
CA THR A 59 1.09 5.72 -16.72
C THR A 59 2.08 4.84 -17.46
N GLU A 60 3.31 5.22 -17.31
CA GLU A 60 4.43 4.54 -17.90
C GLU A 60 4.55 3.16 -17.29
N THR A 61 4.18 3.11 -16.00
CA THR A 61 4.09 1.91 -15.17
C THR A 61 4.99 1.99 -13.95
N PRO A 62 4.37 1.81 -12.78
CA PRO A 62 5.03 1.79 -11.50
C PRO A 62 5.84 0.55 -11.30
N ILE A 63 6.75 0.61 -10.43
CA ILE A 63 7.56 -0.53 -10.14
C ILE A 63 7.05 -1.13 -8.89
N CYS A 64 6.75 -2.43 -8.93
CA CYS A 64 6.33 -3.08 -7.72
C CYS A 64 7.53 -3.31 -6.87
N ASP A 65 7.54 -2.66 -5.77
CA ASP A 65 8.64 -2.65 -4.86
C ASP A 65 8.13 -3.15 -3.52
N ARG A 66 8.96 -3.14 -2.53
CA ARG A 66 8.52 -3.52 -1.23
C ARG A 66 7.57 -2.49 -0.68
N ILE A 67 6.50 -2.98 -0.06
CA ILE A 67 5.45 -2.13 0.51
C ILE A 67 5.99 -1.38 1.68
N PRO A 68 6.27 -0.10 1.52
CA PRO A 68 6.86 0.75 2.56
C PRO A 68 6.01 0.80 3.84
N CYS A 69 4.67 0.71 3.70
CA CYS A 69 3.75 0.84 4.86
C CYS A 69 4.07 2.12 5.63
N GLY A 70 4.30 3.18 4.88
CA GLY A 70 4.73 4.43 5.44
C GLY A 70 3.71 5.12 6.30
N LEU A 71 4.22 5.79 7.33
CA LEU A 71 3.45 6.55 8.31
C LEU A 71 2.23 5.78 8.87
N PRO A 72 2.43 5.09 10.01
CA PRO A 72 1.38 4.34 10.69
C PRO A 72 0.25 5.28 11.14
N PRO A 73 -0.97 4.77 11.23
CA PRO A 73 -2.10 5.58 11.65
C PRO A 73 -1.94 6.16 13.05
N THR A 74 -2.42 7.36 13.22
CA THR A 74 -2.42 8.01 14.48
C THR A 74 -3.40 7.32 15.40
N ILE A 75 -3.01 7.09 16.62
CA ILE A 75 -3.85 6.46 17.59
C ILE A 75 -4.86 7.42 18.13
N THR A 76 -5.98 6.86 18.50
CA THR A 76 -7.11 7.59 18.96
C THR A 76 -6.79 8.37 20.25
N ASN A 77 -6.11 7.73 21.19
CA ASN A 77 -5.88 8.32 22.53
C ASN A 77 -4.39 8.40 22.96
N GLY A 78 -3.51 8.90 22.10
CA GLY A 78 -2.09 9.02 22.48
C GLY A 78 -1.15 9.02 21.32
N ASP A 79 -0.26 8.03 21.30
CA ASP A 79 0.74 7.88 20.22
C ASP A 79 1.10 6.39 20.08
N PHE A 80 1.89 6.05 19.11
CA PHE A 80 2.25 4.67 18.83
C PHE A 80 3.69 4.41 19.23
N ILE A 81 3.99 3.17 19.48
CA ILE A 81 5.33 2.75 19.83
C ILE A 81 5.93 1.96 18.71
N SER A 82 7.05 2.37 18.33
CA SER A 82 7.78 1.72 17.31
C SER A 82 9.23 2.00 17.51
N THR A 83 10.06 1.32 16.76
CA THR A 83 11.49 1.44 16.86
C THR A 83 11.95 2.84 16.44
N ASN A 84 11.20 3.45 15.54
CA ASN A 84 11.48 4.78 15.05
C ASN A 84 10.15 5.51 14.82
N ARG A 85 10.20 6.82 14.54
CA ARG A 85 8.96 7.61 14.38
C ARG A 85 8.15 7.09 13.24
N GLU A 86 8.81 6.80 12.16
CA GLU A 86 8.15 6.29 11.01
C GLU A 86 8.76 4.98 10.61
N ASN A 87 7.99 3.91 10.79
CA ASN A 87 8.47 2.57 10.50
C ASN A 87 8.32 2.32 9.02
N PHE A 88 9.02 1.34 8.52
CA PHE A 88 9.09 1.14 7.10
C PHE A 88 8.35 -0.13 6.62
N HIS A 89 8.89 -0.70 5.54
CA HIS A 89 8.29 -1.80 4.75
C HIS A 89 7.55 -2.92 5.53
N TYR A 90 6.82 -3.71 4.75
CA TYR A 90 5.93 -4.78 5.12
C TYR A 90 6.65 -5.81 5.97
N GLY A 91 5.96 -6.22 7.01
CA GLY A 91 6.55 -7.09 8.01
C GLY A 91 6.98 -6.30 9.24
N SER A 92 7.02 -4.97 9.10
CA SER A 92 7.30 -4.07 10.21
C SER A 92 6.06 -3.95 11.12
N VAL A 93 6.29 -3.69 12.40
CA VAL A 93 5.22 -3.68 13.40
C VAL A 93 5.29 -2.43 14.33
N VAL A 94 4.11 -1.86 14.65
CA VAL A 94 3.99 -0.69 15.57
C VAL A 94 3.10 -1.09 16.74
N THR A 95 3.51 -0.77 17.94
CA THR A 95 2.79 -1.18 19.12
C THR A 95 2.06 0.04 19.71
N TYR A 96 0.78 -0.08 19.96
CA TYR A 96 0.03 1.05 20.50
C TYR A 96 -0.24 0.90 21.97
N ARG A 97 -0.05 1.98 22.70
CA ARG A 97 -0.30 1.99 24.11
C ARG A 97 -1.23 3.14 24.48
N CYS A 98 -2.04 2.91 25.48
CA CYS A 98 -3.04 3.87 25.90
C CYS A 98 -2.47 4.83 26.96
N ASN A 99 -2.88 6.09 26.86
CA ASN A 99 -2.39 7.20 27.72
C ASN A 99 -2.23 6.80 29.20
N PRO A 100 -1.08 7.19 29.80
CA PRO A 100 -0.78 6.97 31.23
C PRO A 100 -1.76 7.65 32.21
N GLY A 101 -2.33 8.68 31.78
CA GLY A 101 -3.21 9.49 32.61
C GLY A 101 -2.50 10.54 33.41
N SER A 102 -3.18 11.02 34.44
CA SER A 102 -2.75 12.16 35.23
C SER A 102 -1.40 11.95 35.92
N GLY A 103 -1.16 10.78 36.48
CA GLY A 103 0.11 10.54 37.18
C GLY A 103 0.96 9.41 36.62
N GLY A 104 0.56 8.89 35.49
CA GLY A 104 1.30 7.77 34.92
C GLY A 104 0.72 6.44 35.33
N ARG A 105 0.06 5.79 34.38
CA ARG A 105 -0.57 4.51 34.56
C ARG A 105 -1.13 4.07 33.23
N LYS A 106 -2.14 3.26 33.22
CA LYS A 106 -2.82 3.05 32.00
C LYS A 106 -4.27 3.42 32.24
N VAL A 107 -4.66 4.60 31.75
CA VAL A 107 -6.00 5.10 31.96
C VAL A 107 -7.01 4.35 31.20
N PHE A 108 -6.59 3.76 30.11
CA PHE A 108 -7.54 3.11 29.24
C PHE A 108 -7.12 1.72 28.92
N GLU A 109 -8.10 0.88 28.71
CA GLU A 109 -7.91 -0.50 28.36
C GLU A 109 -7.85 -0.60 26.85
N LEU A 110 -7.03 -1.48 26.35
CA LEU A 110 -6.85 -1.61 24.91
C LEU A 110 -7.50 -2.92 24.44
N VAL A 111 -7.67 -3.05 23.12
CA VAL A 111 -8.41 -4.15 22.52
C VAL A 111 -7.75 -5.54 22.84
N GLY A 112 -6.43 -5.52 23.07
CA GLY A 112 -5.73 -6.73 23.44
C GLY A 112 -4.57 -7.05 22.53
N GLU A 113 -4.58 -6.52 21.33
CA GLU A 113 -3.48 -6.70 20.41
C GLU A 113 -2.99 -5.35 19.95
N PRO A 114 -2.20 -4.67 20.77
CA PRO A 114 -1.76 -3.31 20.50
C PRO A 114 -0.90 -3.18 19.25
N SER A 115 -0.17 -4.23 18.91
CA SER A 115 0.68 -4.16 17.78
C SER A 115 -0.07 -4.38 16.49
N ILE A 116 0.45 -3.75 15.46
CA ILE A 116 -0.03 -3.89 14.11
C ILE A 116 1.16 -4.12 13.18
N TYR A 117 0.94 -4.78 12.07
CA TYR A 117 1.99 -4.97 11.12
C TYR A 117 1.43 -5.02 9.72
N CYS A 118 2.28 -4.76 8.73
CA CYS A 118 1.85 -4.80 7.34
C CYS A 118 1.54 -6.24 6.99
N THR A 119 0.26 -6.56 6.88
CA THR A 119 -0.20 -7.91 6.58
C THR A 119 -1.39 -7.85 5.62
N SER A 120 -1.34 -6.88 4.76
CA SER A 120 -2.44 -6.56 3.89
C SER A 120 -2.76 -7.73 2.93
N ASN A 121 -4.09 -7.97 2.72
CA ASN A 121 -4.52 -9.12 1.90
C ASN A 121 -5.60 -8.79 0.83
N ASP A 122 -6.88 -8.84 1.22
CA ASP A 122 -8.02 -8.75 0.26
C ASP A 122 -8.15 -7.42 -0.53
N ASP A 123 -8.08 -6.27 0.18
CA ASP A 123 -8.15 -4.95 -0.51
C ASP A 123 -7.00 -4.79 -1.44
N GLN A 124 -5.86 -5.16 -0.93
CA GLN A 124 -4.61 -5.12 -1.61
C GLN A 124 -3.54 -5.56 -0.63
N VAL A 125 -2.31 -5.31 -0.94
CA VAL A 125 -1.22 -5.72 -0.07
C VAL A 125 -0.56 -4.55 0.70
N GLY A 126 -1.12 -3.39 0.58
CA GLY A 126 -0.49 -2.20 1.12
C GLY A 126 -1.00 -1.61 2.46
N ILE A 127 -1.71 -2.37 3.25
CA ILE A 127 -2.20 -1.85 4.55
C ILE A 127 -1.79 -2.73 5.76
N TRP A 128 -1.87 -2.10 6.92
CA TRP A 128 -1.52 -2.71 8.22
C TRP A 128 -2.61 -3.71 8.68
N SER A 129 -2.36 -4.38 9.81
CA SER A 129 -3.30 -5.37 10.36
C SER A 129 -4.64 -4.68 10.67
N GLY A 130 -4.52 -3.51 11.20
CA GLY A 130 -5.62 -2.65 11.52
C GLY A 130 -5.08 -1.27 11.63
N PRO A 131 -5.86 -0.22 11.33
CA PRO A 131 -5.30 1.13 11.37
C PRO A 131 -4.65 1.42 12.70
N ALA A 132 -5.33 1.08 13.68
CA ALA A 132 -4.86 1.30 15.03
C ALA A 132 -5.90 0.79 16.04
N PRO A 133 -5.55 -0.23 16.86
CA PRO A 133 -6.44 -0.73 17.92
C PRO A 133 -6.71 0.38 18.93
N GLN A 134 -7.88 0.36 19.52
CA GLN A 134 -8.29 1.52 20.28
C GLN A 134 -8.46 1.23 21.77
N CYS A 135 -8.29 2.26 22.54
CA CYS A 135 -8.36 2.18 23.98
C CYS A 135 -9.83 2.04 24.39
N ILE A 136 -10.38 0.86 24.12
CA ILE A 136 -11.72 0.50 24.44
C ILE A 136 -11.91 0.32 25.96
N LYS A 5 -2.26 3.84 -32.56
CA LYS A 5 -2.21 4.63 -31.33
C LYS A 5 -2.24 3.79 -30.10
N SER A 6 -2.38 2.51 -30.23
CA SER A 6 -2.44 1.68 -29.06
C SER A 6 -1.14 1.84 -28.27
N CYS A 7 -1.26 1.73 -26.94
CA CYS A 7 -0.18 2.08 -26.03
C CYS A 7 1.03 1.22 -26.29
N ARG A 8 2.14 1.65 -25.75
CA ARG A 8 3.44 1.12 -26.10
C ARG A 8 3.59 -0.34 -25.73
N ASN A 9 2.61 -0.87 -24.99
CA ASN A 9 2.61 -2.28 -24.53
C ASN A 9 3.41 -2.39 -23.23
N PRO A 10 2.91 -3.21 -22.27
CA PRO A 10 3.58 -3.49 -21.00
C PRO A 10 5.12 -3.59 -21.13
N PRO A 11 5.83 -3.28 -20.03
CA PRO A 11 7.29 -3.38 -19.94
C PRO A 11 7.72 -4.82 -20.18
N ASP A 12 6.78 -5.72 -19.90
CA ASP A 12 6.92 -7.17 -20.01
C ASP A 12 7.87 -7.73 -18.99
N PRO A 13 7.48 -7.63 -17.72
CA PRO A 13 8.24 -8.18 -16.61
C PRO A 13 8.34 -9.67 -16.73
N VAL A 14 9.46 -10.23 -16.33
CA VAL A 14 9.65 -11.66 -16.51
C VAL A 14 8.76 -12.47 -15.58
N ASN A 15 8.09 -13.46 -16.16
CA ASN A 15 7.17 -14.35 -15.47
C ASN A 15 6.02 -13.59 -14.82
N GLY A 16 5.57 -12.52 -15.47
CA GLY A 16 4.40 -11.78 -15.00
C GLY A 16 3.13 -12.30 -15.63
N MET A 17 2.00 -11.76 -15.24
CA MET A 17 0.70 -12.19 -15.79
C MET A 17 0.35 -11.41 -17.04
N VAL A 18 -0.08 -12.13 -18.06
CA VAL A 18 -0.54 -11.48 -19.24
C VAL A 18 -1.97 -11.93 -19.51
N HIS A 19 -2.85 -10.99 -19.73
CA HIS A 19 -4.27 -11.23 -20.03
C HIS A 19 -4.79 -10.15 -20.93
N VAL A 20 -3.97 -9.75 -21.87
CA VAL A 20 -4.31 -8.61 -22.68
C VAL A 20 -4.28 -8.95 -24.17
N ILE A 21 -5.35 -8.56 -24.84
CA ILE A 21 -5.44 -8.69 -26.29
C ILE A 21 -5.40 -7.31 -26.98
N LYS A 22 -6.45 -6.51 -26.77
CA LYS A 22 -6.49 -5.15 -27.26
C LYS A 22 -6.28 -4.20 -26.10
N GLY A 23 -6.03 -4.80 -24.94
CA GLY A 23 -6.02 -4.07 -23.68
C GLY A 23 -4.95 -3.02 -23.57
N ILE A 24 -4.26 -2.74 -24.64
CA ILE A 24 -3.21 -1.78 -24.57
C ILE A 24 -3.63 -0.49 -25.26
N GLN A 25 -4.80 -0.50 -25.86
CA GLN A 25 -5.18 0.62 -26.71
C GLN A 25 -5.79 1.71 -25.85
N PHE A 26 -6.15 2.84 -26.43
CA PHE A 26 -6.83 3.88 -25.64
C PHE A 26 -8.09 3.35 -24.98
N GLY A 27 -8.21 3.63 -23.69
CA GLY A 27 -9.35 3.18 -22.95
C GLY A 27 -9.26 1.74 -22.50
N SER A 28 -8.05 1.22 -22.43
CA SER A 28 -7.84 -0.16 -22.06
C SER A 28 -6.84 -0.29 -20.90
N GLN A 29 -6.95 -1.38 -20.15
CA GLN A 29 -6.14 -1.59 -18.95
C GLN A 29 -5.43 -2.91 -18.98
N ILE A 30 -4.33 -2.97 -18.26
CA ILE A 30 -3.55 -4.17 -18.09
C ILE A 30 -3.37 -4.41 -16.60
N LYS A 31 -3.20 -5.66 -16.18
CA LYS A 31 -2.99 -5.96 -14.75
C LYS A 31 -1.65 -6.61 -14.52
N TYR A 32 -0.96 -6.20 -13.46
CA TYR A 32 0.32 -6.82 -13.08
C TYR A 32 0.39 -7.19 -11.61
N SER A 33 0.58 -8.48 -11.35
CA SER A 33 0.73 -8.98 -10.00
C SER A 33 2.17 -8.82 -9.46
N CYS A 34 2.32 -8.90 -8.15
CA CYS A 34 3.59 -8.82 -7.46
C CYS A 34 3.77 -9.97 -6.48
N THR A 35 5.01 -10.23 -6.12
CA THR A 35 5.30 -11.21 -5.10
C THR A 35 5.05 -10.59 -3.72
N LYS A 36 4.98 -11.42 -2.69
CA LYS A 36 4.66 -10.97 -1.34
C LYS A 36 5.73 -10.01 -0.79
N GLY A 37 5.28 -8.90 -0.22
CA GLY A 37 6.19 -7.89 0.35
C GLY A 37 6.49 -6.73 -0.61
N TYR A 38 5.98 -6.81 -1.82
CA TYR A 38 6.17 -5.79 -2.81
C TYR A 38 4.81 -5.20 -3.25
N ARG A 39 4.82 -3.93 -3.58
CA ARG A 39 3.63 -3.23 -4.09
C ARG A 39 3.98 -2.42 -5.30
N LEU A 40 2.96 -1.90 -5.92
CA LEU A 40 3.12 -1.07 -7.07
C LEU A 40 3.11 0.36 -6.63
N ILE A 41 4.12 1.08 -7.03
CA ILE A 41 4.23 2.47 -6.72
C ILE A 41 3.13 3.27 -7.38
N GLY A 42 2.89 2.95 -8.61
CA GLY A 42 1.93 3.64 -9.43
C GLY A 42 0.63 2.91 -9.46
N SER A 43 0.15 2.66 -10.64
CA SER A 43 -1.09 1.98 -10.80
C SER A 43 -0.88 0.63 -11.45
N SER A 44 -1.27 -0.42 -10.75
CA SER A 44 -1.09 -1.79 -11.23
C SER A 44 -1.85 -2.01 -12.51
N SER A 45 -2.97 -1.36 -12.65
CA SER A 45 -3.70 -1.42 -13.89
C SER A 45 -3.66 -0.06 -14.55
N ALA A 46 -2.76 0.10 -15.50
CA ALA A 46 -2.64 1.33 -16.24
C ALA A 46 -3.81 1.52 -17.14
N THR A 47 -4.24 2.73 -17.30
CA THR A 47 -5.24 3.03 -18.24
C THR A 47 -4.62 3.90 -19.33
N CYS A 48 -4.73 3.44 -20.53
CA CYS A 48 -4.16 4.12 -21.68
C CYS A 48 -5.03 5.31 -22.08
N ILE A 49 -4.40 6.50 -22.18
CA ILE A 49 -5.11 7.77 -22.46
C ILE A 49 -4.46 8.53 -23.61
N ILE A 50 -5.16 9.52 -24.16
CA ILE A 50 -4.62 10.29 -25.27
C ILE A 50 -4.09 11.65 -24.81
N SER A 51 -2.79 11.84 -25.04
CA SER A 51 -2.12 13.08 -24.78
C SER A 51 -2.71 14.18 -25.64
N GLY A 52 -2.94 13.80 -26.87
CA GLY A 52 -3.49 14.68 -27.87
C GLY A 52 -3.19 14.15 -29.25
N ASP A 53 -1.93 14.28 -29.62
CA ASP A 53 -1.45 13.78 -30.88
C ASP A 53 -1.51 12.24 -30.98
N THR A 54 -1.25 11.57 -29.87
CA THR A 54 -1.16 10.15 -29.88
C THR A 54 -1.71 9.59 -28.59
N VAL A 55 -1.71 8.29 -28.47
CA VAL A 55 -2.20 7.66 -27.29
C VAL A 55 -1.00 7.08 -26.50
N ILE A 56 -0.93 7.49 -25.23
CA ILE A 56 0.16 7.11 -24.31
C ILE A 56 -0.35 6.61 -22.97
N TRP A 57 0.49 5.93 -22.20
CA TRP A 57 0.03 5.44 -20.91
C TRP A 57 0.02 6.61 -19.92
N ASP A 58 -1.10 6.79 -19.18
CA ASP A 58 -1.16 7.80 -18.11
C ASP A 58 -0.18 7.37 -17.06
N THR A 59 -0.22 6.08 -16.85
CA THR A 59 0.69 5.43 -16.03
C THR A 59 1.39 4.49 -16.97
N GLU A 60 2.68 4.59 -17.02
CA GLU A 60 3.47 3.78 -17.95
C GLU A 60 3.40 2.32 -17.59
N THR A 61 3.38 2.09 -16.31
CA THR A 61 3.29 0.80 -15.62
C THR A 61 4.14 0.95 -14.39
N PRO A 62 3.60 0.62 -13.23
CA PRO A 62 4.30 0.80 -11.97
C PRO A 62 5.45 -0.16 -11.79
N ILE A 63 6.36 0.24 -10.96
CA ILE A 63 7.51 -0.58 -10.63
C ILE A 63 7.25 -1.16 -9.28
N CYS A 64 7.37 -2.47 -9.19
CA CYS A 64 7.11 -3.10 -7.95
C CYS A 64 8.33 -3.02 -7.08
N ASP A 65 8.15 -2.36 -5.95
CA ASP A 65 9.22 -2.10 -5.01
C ASP A 65 8.76 -2.63 -3.68
N ARG A 66 9.61 -2.56 -2.68
CA ARG A 66 9.26 -3.05 -1.37
C ARG A 66 8.22 -2.14 -0.79
N ILE A 67 7.21 -2.69 -0.14
CA ILE A 67 6.14 -1.92 0.44
C ILE A 67 6.71 -1.05 1.55
N PRO A 68 6.78 0.28 1.35
CA PRO A 68 7.32 1.19 2.34
C PRO A 68 6.42 1.29 3.54
N CYS A 69 5.16 0.83 3.34
CA CYS A 69 4.08 0.90 4.36
C CYS A 69 3.60 2.33 4.51
N GLY A 70 4.53 3.23 4.44
CA GLY A 70 4.20 4.61 4.52
C GLY A 70 3.92 5.00 5.93
N LEU A 71 3.29 6.12 6.09
CA LEU A 71 2.91 6.55 7.39
C LEU A 71 1.74 5.71 7.90
N PRO A 72 1.98 4.98 9.01
CA PRO A 72 0.98 4.12 9.63
C PRO A 72 -0.27 4.92 10.01
N PRO A 73 -1.39 4.24 10.32
CA PRO A 73 -2.60 4.93 10.72
C PRO A 73 -2.33 5.70 11.99
N THR A 74 -2.95 6.84 12.12
CA THR A 74 -2.75 7.64 13.29
C THR A 74 -3.54 7.11 14.45
N ILE A 75 -3.22 7.60 15.60
CA ILE A 75 -3.75 7.07 16.80
C ILE A 75 -4.44 8.13 17.66
N THR A 76 -5.47 7.68 18.33
CA THR A 76 -6.29 8.48 19.18
C THR A 76 -5.52 9.12 20.40
N ASN A 77 -4.72 8.30 21.11
CA ASN A 77 -4.05 8.78 22.35
C ASN A 77 -2.53 9.15 22.24
N GLY A 78 -1.98 9.13 21.06
CA GLY A 78 -0.53 9.44 20.91
C GLY A 78 0.18 8.34 20.16
N ASP A 79 1.16 8.69 19.37
CA ASP A 79 1.77 7.79 18.35
C ASP A 79 2.44 6.56 18.92
N PHE A 80 2.89 5.75 17.98
CA PHE A 80 3.46 4.45 18.22
C PHE A 80 4.91 4.43 18.67
N ILE A 81 5.22 3.39 19.40
CA ILE A 81 6.51 3.12 20.06
C ILE A 81 7.70 2.88 19.05
N SER A 82 7.39 2.41 17.87
CA SER A 82 8.39 1.79 17.00
C SER A 82 9.58 2.67 16.55
N THR A 83 9.37 3.89 16.16
CA THR A 83 10.49 4.64 15.57
C THR A 83 10.39 6.12 15.70
N ASN A 84 9.68 6.59 16.71
CA ASN A 84 9.45 8.03 16.86
C ASN A 84 8.73 8.57 15.62
N ARG A 85 7.83 7.73 15.06
CA ARG A 85 6.97 8.07 13.91
C ARG A 85 7.59 7.88 12.50
N GLU A 86 7.55 6.63 11.98
CA GLU A 86 7.82 6.32 10.53
C GLU A 86 8.01 4.83 10.26
N ASN A 87 8.18 4.48 8.98
CA ASN A 87 8.30 3.09 8.57
C ASN A 87 9.44 2.89 7.59
N PHE A 88 10.19 1.81 7.76
CA PHE A 88 11.27 1.51 6.85
C PHE A 88 10.75 0.81 5.57
N HIS A 89 10.15 -0.39 5.75
CA HIS A 89 9.62 -1.22 4.65
C HIS A 89 8.69 -2.32 5.18
N TYR A 90 8.30 -3.24 4.30
CA TYR A 90 7.41 -4.35 4.62
C TYR A 90 8.03 -5.27 5.67
N GLY A 91 7.18 -5.72 6.58
CA GLY A 91 7.63 -6.56 7.67
C GLY A 91 7.79 -5.77 8.93
N SER A 92 7.60 -4.47 8.81
CA SER A 92 7.68 -3.59 9.95
C SER A 92 6.44 -3.77 10.82
N VAL A 93 6.62 -3.60 12.11
CA VAL A 93 5.54 -3.73 13.07
C VAL A 93 5.58 -2.55 14.04
N VAL A 94 4.40 -2.01 14.42
CA VAL A 94 4.34 -0.89 15.34
C VAL A 94 3.37 -1.20 16.45
N THR A 95 3.55 -0.54 17.57
CA THR A 95 2.72 -0.82 18.73
C THR A 95 2.10 0.46 19.26
N TYR A 96 0.82 0.46 19.52
CA TYR A 96 0.18 1.65 20.04
C TYR A 96 -0.10 1.54 21.51
N ARG A 97 0.29 2.55 22.22
CA ARG A 97 0.03 2.66 23.62
C ARG A 97 -1.03 3.75 23.88
N CYS A 98 -1.95 3.43 24.74
CA CYS A 98 -3.05 4.32 25.11
C CYS A 98 -2.65 5.42 26.05
N ASN A 99 -1.57 5.21 26.73
CA ASN A 99 -0.94 6.19 27.63
C ASN A 99 -1.65 6.30 28.98
N PRO A 100 -0.92 6.84 30.00
CA PRO A 100 -1.42 7.01 31.37
C PRO A 100 -2.46 8.16 31.50
N GLY A 101 -3.31 8.04 32.52
CA GLY A 101 -4.36 9.00 32.70
C GLY A 101 -4.13 10.02 33.83
N SER A 102 -4.74 9.74 34.96
CA SER A 102 -4.74 10.63 36.13
C SER A 102 -3.49 10.47 36.98
N GLY A 103 -2.67 9.50 36.63
CA GLY A 103 -1.49 9.20 37.39
C GLY A 103 -0.70 8.07 36.77
N GLY A 104 -0.11 7.25 37.61
CA GLY A 104 0.64 6.11 37.14
C GLY A 104 -0.30 5.14 36.41
N ARG A 105 -1.54 5.10 36.89
CA ARG A 105 -2.56 4.25 36.30
C ARG A 105 -2.88 4.67 34.88
N LYS A 106 -2.94 3.66 34.04
CA LYS A 106 -3.37 3.82 32.68
C LYS A 106 -4.89 3.79 32.72
N VAL A 107 -5.52 4.76 32.10
CA VAL A 107 -6.98 4.86 32.18
C VAL A 107 -7.62 4.39 30.93
N PHE A 108 -6.79 3.97 29.99
CA PHE A 108 -7.31 3.54 28.74
C PHE A 108 -6.98 2.07 28.50
N GLU A 109 -7.98 1.33 28.09
CA GLU A 109 -7.79 -0.08 27.76
C GLU A 109 -7.67 -0.17 26.24
N LEU A 110 -6.93 -1.11 25.75
CA LEU A 110 -6.77 -1.26 24.32
C LEU A 110 -7.50 -2.52 23.87
N VAL A 111 -7.74 -2.65 22.58
CA VAL A 111 -8.59 -3.71 22.02
C VAL A 111 -8.02 -5.13 22.32
N GLY A 112 -6.73 -5.32 22.14
CA GLY A 112 -6.15 -6.62 22.44
C GLY A 112 -5.01 -6.94 21.52
N GLU A 113 -4.86 -6.13 20.49
CA GLU A 113 -3.74 -6.27 19.59
C GLU A 113 -3.16 -4.87 19.29
N PRO A 114 -2.35 -4.33 20.26
CA PRO A 114 -1.72 -3.01 20.12
C PRO A 114 -0.68 -2.99 19.01
N SER A 115 -0.21 -4.14 18.65
CA SER A 115 0.85 -4.27 17.71
C SER A 115 0.33 -4.77 16.38
N ILE A 116 0.58 -4.01 15.36
CA ILE A 116 0.18 -4.33 14.02
C ILE A 116 1.40 -4.31 13.13
N TYR A 117 1.32 -5.01 12.02
CA TYR A 117 2.45 -5.14 11.10
C TYR A 117 1.97 -5.13 9.68
N CYS A 118 2.86 -4.81 8.78
CA CYS A 118 2.49 -4.77 7.39
C CYS A 118 2.36 -6.17 6.82
N THR A 119 1.16 -6.48 6.35
CA THR A 119 0.90 -7.79 5.76
C THR A 119 0.42 -7.68 4.31
N SER A 120 -0.30 -6.60 4.00
CA SER A 120 -0.85 -6.33 2.65
C SER A 120 -1.42 -7.57 1.88
N ASN A 121 -1.77 -8.66 2.59
CA ASN A 121 -2.24 -9.86 1.91
C ASN A 121 -3.55 -9.68 1.12
N ASP A 122 -4.52 -8.97 1.69
CA ASP A 122 -5.85 -8.85 1.02
C ASP A 122 -6.33 -7.43 0.65
N ASP A 123 -5.53 -6.41 0.84
CA ASP A 123 -6.02 -5.05 0.55
C ASP A 123 -5.69 -4.62 -0.88
N GLN A 124 -6.22 -3.46 -1.28
CA GLN A 124 -6.00 -2.91 -2.63
C GLN A 124 -4.51 -2.56 -2.95
N VAL A 125 -3.83 -1.87 -2.02
CA VAL A 125 -2.45 -1.32 -2.30
C VAL A 125 -1.34 -1.91 -1.41
N GLY A 126 -1.57 -1.88 -0.11
CA GLY A 126 -0.59 -2.32 0.86
C GLY A 126 -0.93 -1.73 2.23
N ILE A 127 -1.39 -2.55 3.14
CA ILE A 127 -1.85 -2.10 4.45
C ILE A 127 -1.24 -2.89 5.58
N TRP A 128 -1.40 -2.33 6.75
CA TRP A 128 -1.04 -2.93 8.01
C TRP A 128 -2.03 -4.02 8.37
N SER A 129 -1.81 -4.68 9.49
CA SER A 129 -2.68 -5.75 9.94
C SER A 129 -4.10 -5.22 10.14
N GLY A 130 -4.20 -4.04 10.71
CA GLY A 130 -5.48 -3.41 10.87
C GLY A 130 -5.32 -1.95 11.10
N PRO A 131 -6.42 -1.17 11.08
CA PRO A 131 -6.38 0.23 11.40
C PRO A 131 -5.93 0.41 12.84
N ALA A 132 -5.20 1.47 13.11
CA ALA A 132 -4.68 1.74 14.45
C ALA A 132 -5.71 1.36 15.53
N PRO A 133 -5.34 0.45 16.43
CA PRO A 133 -6.22 0.00 17.51
C PRO A 133 -6.60 1.12 18.42
N GLN A 134 -7.79 1.01 18.93
CA GLN A 134 -8.37 2.08 19.69
C GLN A 134 -8.49 1.74 21.15
N CYS A 135 -8.37 2.74 21.94
CA CYS A 135 -8.37 2.62 23.37
C CYS A 135 -9.79 2.46 23.86
N ILE A 136 -10.31 1.26 23.62
CA ILE A 136 -11.65 0.87 23.99
C ILE A 136 -11.62 -0.29 24.99
N LYS A 5 -7.81 3.36 -32.25
CA LYS A 5 -6.48 3.76 -31.78
C LYS A 5 -6.20 3.01 -30.47
N SER A 6 -5.01 2.48 -30.35
CA SER A 6 -4.64 1.67 -29.21
C SER A 6 -3.22 2.00 -28.73
N CYS A 7 -2.86 1.52 -27.55
CA CYS A 7 -1.56 1.77 -26.96
C CYS A 7 -0.52 0.94 -27.64
N ARG A 8 0.75 1.20 -27.33
CA ARG A 8 1.79 0.51 -27.99
C ARG A 8 1.74 -0.96 -27.67
N ASN A 9 1.43 -1.22 -26.41
CA ASN A 9 1.47 -2.58 -25.80
C ASN A 9 2.08 -2.44 -24.41
N PRO A 10 1.72 -3.34 -23.49
CA PRO A 10 2.32 -3.38 -22.17
C PRO A 10 3.73 -3.97 -22.21
N PRO A 11 4.70 -3.30 -21.56
CA PRO A 11 6.06 -3.82 -21.45
C PRO A 11 6.07 -5.20 -20.82
N ASP A 12 5.17 -5.37 -19.86
CA ASP A 12 5.03 -6.59 -19.09
C ASP A 12 6.31 -6.96 -18.37
N PRO A 13 6.52 -6.43 -17.18
CA PRO A 13 7.65 -6.75 -16.36
C PRO A 13 7.57 -8.21 -15.86
N VAL A 14 8.73 -8.80 -15.60
CA VAL A 14 8.87 -10.20 -15.23
C VAL A 14 8.04 -10.54 -13.98
N ASN A 15 7.46 -11.75 -14.01
CA ASN A 15 6.56 -12.27 -12.94
C ASN A 15 5.29 -11.41 -12.79
N GLY A 16 4.80 -10.89 -13.89
CA GLY A 16 3.53 -10.19 -13.92
C GLY A 16 2.41 -11.12 -14.37
N MET A 17 1.19 -10.61 -14.46
CA MET A 17 0.11 -11.39 -14.95
C MET A 17 -0.15 -10.99 -16.37
N VAL A 18 -0.19 -11.94 -17.28
CA VAL A 18 -0.34 -11.58 -18.66
C VAL A 18 -1.69 -11.93 -19.20
N HIS A 19 -2.43 -10.92 -19.62
CA HIS A 19 -3.67 -11.10 -20.33
C HIS A 19 -4.02 -9.76 -20.89
N VAL A 20 -3.83 -9.60 -22.16
CA VAL A 20 -4.10 -8.31 -22.76
C VAL A 20 -4.40 -8.48 -24.26
N ILE A 21 -5.40 -9.26 -24.55
CA ILE A 21 -5.79 -9.48 -25.91
C ILE A 21 -6.36 -8.19 -26.54
N LYS A 22 -7.20 -7.47 -25.78
CA LYS A 22 -7.76 -6.21 -26.20
C LYS A 22 -7.48 -5.11 -25.18
N GLY A 23 -6.64 -5.43 -24.21
CA GLY A 23 -6.39 -4.57 -23.07
C GLY A 23 -5.47 -3.38 -23.37
N ILE A 24 -5.04 -3.25 -24.59
CA ILE A 24 -4.08 -2.20 -24.93
C ILE A 24 -4.79 -1.03 -25.59
N GLN A 25 -6.06 -1.20 -25.80
CA GLN A 25 -6.78 -0.29 -26.64
C GLN A 25 -7.14 0.95 -25.83
N PHE A 26 -7.62 2.00 -26.49
CA PHE A 26 -8.06 3.16 -25.78
C PHE A 26 -9.26 2.77 -24.92
N GLY A 27 -9.21 3.12 -23.66
CA GLY A 27 -10.27 2.68 -22.77
C GLY A 27 -10.05 1.26 -22.27
N SER A 28 -8.81 0.79 -22.34
CA SER A 28 -8.46 -0.53 -21.89
C SER A 28 -7.31 -0.47 -20.88
N GLN A 29 -7.25 -1.47 -20.01
CA GLN A 29 -6.30 -1.49 -18.93
C GLN A 29 -5.57 -2.81 -18.84
N ILE A 30 -4.36 -2.70 -18.37
CA ILE A 30 -3.48 -3.82 -18.08
C ILE A 30 -3.17 -3.80 -16.60
N LYS A 31 -3.34 -4.91 -15.91
CA LYS A 31 -3.16 -4.89 -14.51
C LYS A 31 -1.94 -5.70 -14.10
N TYR A 32 -0.96 -5.01 -13.55
CA TYR A 32 0.29 -5.60 -13.16
C TYR A 32 0.36 -5.88 -11.63
N SER A 33 0.84 -7.08 -11.27
CA SER A 33 0.94 -7.48 -9.87
C SER A 33 2.34 -8.11 -9.65
N CYS A 34 2.89 -7.96 -8.45
CA CYS A 34 4.24 -8.42 -8.16
C CYS A 34 4.29 -9.37 -6.97
N THR A 35 5.51 -9.72 -6.58
CA THR A 35 5.78 -10.61 -5.50
C THR A 35 5.57 -9.92 -4.14
N LYS A 36 5.53 -10.74 -3.10
CA LYS A 36 5.19 -10.29 -1.77
C LYS A 36 6.23 -9.30 -1.24
N GLY A 37 5.73 -8.20 -0.67
CA GLY A 37 6.60 -7.18 -0.12
C GLY A 37 6.88 -6.05 -1.09
N TYR A 38 6.38 -6.15 -2.32
CA TYR A 38 6.59 -5.14 -3.33
C TYR A 38 5.26 -4.52 -3.73
N ARG A 39 5.27 -3.21 -3.99
CA ARG A 39 4.07 -2.52 -4.51
C ARG A 39 4.44 -1.73 -5.76
N LEU A 40 3.41 -1.20 -6.39
CA LEU A 40 3.57 -0.40 -7.58
C LEU A 40 3.72 1.05 -7.21
N ILE A 41 4.76 1.67 -7.75
CA ILE A 41 5.02 3.08 -7.55
C ILE A 41 3.97 3.97 -8.22
N GLY A 42 3.39 3.44 -9.27
CA GLY A 42 2.45 4.17 -10.06
C GLY A 42 1.09 3.56 -10.00
N SER A 43 0.53 3.27 -11.15
CA SER A 43 -0.77 2.66 -11.21
C SER A 43 -0.64 1.25 -11.76
N SER A 44 -1.06 0.28 -11.00
CA SER A 44 -0.93 -1.13 -11.38
C SER A 44 -1.72 -1.39 -12.65
N SER A 45 -2.81 -0.67 -12.77
CA SER A 45 -3.60 -0.76 -13.92
C SER A 45 -3.41 0.51 -14.72
N ALA A 46 -2.94 0.37 -15.94
CA ALA A 46 -2.70 1.56 -16.77
C ALA A 46 -3.87 1.82 -17.66
N THR A 47 -4.12 3.06 -17.93
CA THR A 47 -5.18 3.43 -18.79
C THR A 47 -4.59 4.20 -19.96
N CYS A 48 -4.96 3.77 -21.13
CA CYS A 48 -4.50 4.42 -22.36
C CYS A 48 -5.17 5.78 -22.56
N ILE A 49 -4.33 6.77 -22.86
CA ILE A 49 -4.75 8.13 -23.10
C ILE A 49 -4.12 8.61 -24.41
N ILE A 50 -4.60 9.71 -24.99
CA ILE A 50 -4.06 10.14 -26.28
C ILE A 50 -3.14 11.37 -26.14
N SER A 51 -1.88 11.18 -26.55
CA SER A 51 -0.90 12.26 -26.59
C SER A 51 -1.29 13.32 -27.62
N GLY A 52 -1.89 12.84 -28.69
CA GLY A 52 -2.28 13.66 -29.80
C GLY A 52 -2.52 12.81 -31.02
N ASP A 53 -1.43 12.40 -31.66
CA ASP A 53 -1.54 11.58 -32.86
C ASP A 53 -1.53 10.07 -32.55
N THR A 54 -1.39 9.70 -31.28
CA THR A 54 -1.36 8.32 -30.91
C THR A 54 -1.98 8.11 -29.53
N VAL A 55 -2.16 6.87 -29.16
CA VAL A 55 -2.62 6.52 -27.85
C VAL A 55 -1.45 5.84 -27.14
N ILE A 56 -1.18 6.37 -25.97
CA ILE A 56 -0.09 5.98 -25.11
C ILE A 56 -0.53 5.72 -23.69
N TRP A 57 0.31 5.06 -22.96
CA TRP A 57 0.00 4.69 -21.60
C TRP A 57 0.25 5.93 -20.72
N ASP A 58 -0.77 6.32 -19.98
CA ASP A 58 -0.70 7.50 -19.11
C ASP A 58 0.33 7.32 -17.99
N THR A 59 0.32 6.13 -17.43
CA THR A 59 1.12 5.77 -16.31
C THR A 59 2.49 5.23 -16.70
N GLU A 60 2.60 4.86 -17.97
CA GLU A 60 3.81 4.26 -18.55
C GLU A 60 4.12 2.92 -17.83
N THR A 61 3.11 2.40 -17.12
CA THR A 61 3.24 1.16 -16.35
C THR A 61 4.30 1.28 -15.23
N PRO A 62 3.84 1.14 -13.99
CA PRO A 62 4.66 1.28 -12.79
C PRO A 62 5.66 0.15 -12.59
N ILE A 63 6.67 0.46 -11.84
CA ILE A 63 7.72 -0.46 -11.49
C ILE A 63 7.57 -0.82 -10.03
N CYS A 64 7.60 -2.12 -9.71
CA CYS A 64 7.45 -2.53 -8.34
C CYS A 64 8.75 -2.34 -7.58
N ASP A 65 8.64 -1.76 -6.45
CA ASP A 65 9.73 -1.56 -5.57
C ASP A 65 9.31 -2.03 -4.21
N ARG A 66 10.22 -2.11 -3.30
CA ARG A 66 9.94 -2.64 -1.98
C ARG A 66 8.98 -1.68 -1.26
N ILE A 67 7.96 -2.23 -0.61
CA ILE A 67 6.90 -1.45 0.03
C ILE A 67 7.45 -0.67 1.21
N PRO A 68 7.63 0.64 1.05
CA PRO A 68 8.14 1.53 2.12
C PRO A 68 7.28 1.44 3.36
N CYS A 69 5.97 1.27 3.14
CA CYS A 69 5.00 1.29 4.21
C CYS A 69 4.98 2.68 4.79
N GLY A 70 4.08 3.52 4.26
CA GLY A 70 4.03 4.92 4.68
C GLY A 70 3.67 5.02 6.13
N LEU A 71 3.95 6.19 6.74
CA LEU A 71 3.73 6.39 8.17
C LEU A 71 2.45 5.73 8.63
N PRO A 72 2.53 5.04 9.77
CA PRO A 72 1.40 4.28 10.28
C PRO A 72 0.25 5.17 10.61
N PRO A 73 -0.92 4.60 10.89
CA PRO A 73 -2.03 5.40 11.33
C PRO A 73 -1.65 6.07 12.64
N THR A 74 -2.13 7.25 12.86
CA THR A 74 -1.80 7.97 14.06
C THR A 74 -2.59 7.42 15.20
N ILE A 75 -2.24 7.78 16.39
CA ILE A 75 -2.83 7.18 17.51
C ILE A 75 -3.53 8.21 18.33
N THR A 76 -4.41 7.72 19.14
CA THR A 76 -5.22 8.51 19.99
C THR A 76 -4.38 9.32 21.00
N ASN A 77 -3.42 8.65 21.59
CA ASN A 77 -2.50 9.26 22.58
C ASN A 77 -1.66 10.36 21.95
N GLY A 78 -1.21 10.11 20.74
CA GLY A 78 -0.38 11.04 20.04
C GLY A 78 0.81 10.37 19.37
N ASP A 79 1.26 9.22 19.91
CA ASP A 79 2.40 8.47 19.31
C ASP A 79 2.34 6.95 19.58
N PHE A 80 3.31 6.24 19.02
CA PHE A 80 3.40 4.79 19.04
C PHE A 80 4.76 4.33 19.43
N ILE A 81 4.87 3.12 19.95
CA ILE A 81 6.13 2.68 20.42
C ILE A 81 6.72 1.76 19.36
N SER A 82 7.84 2.17 18.88
CA SER A 82 8.56 1.52 17.84
C SER A 82 10.02 1.94 17.92
N THR A 83 10.90 1.28 17.23
CA THR A 83 12.31 1.58 17.37
C THR A 83 12.65 3.04 16.95
N ASN A 84 12.08 3.47 15.83
CA ASN A 84 12.27 4.84 15.32
C ASN A 84 10.97 5.38 14.74
N ARG A 85 10.77 6.68 14.80
CA ARG A 85 9.56 7.26 14.24
C ARG A 85 9.57 7.16 12.74
N GLU A 86 8.41 6.76 12.18
CA GLU A 86 8.19 6.57 10.73
C GLU A 86 8.53 5.13 10.37
N ASN A 87 8.21 4.69 9.14
CA ASN A 87 8.43 3.28 8.82
C ASN A 87 9.63 3.06 7.94
N PHE A 88 10.48 2.13 8.34
CA PHE A 88 11.65 1.75 7.57
C PHE A 88 11.29 1.16 6.19
N HIS A 89 10.30 0.25 6.19
CA HIS A 89 9.98 -0.58 5.02
C HIS A 89 8.94 -1.69 5.41
N TYR A 90 8.62 -2.56 4.45
CA TYR A 90 7.72 -3.68 4.68
C TYR A 90 8.29 -4.61 5.73
N GLY A 91 7.42 -5.05 6.62
CA GLY A 91 7.86 -5.85 7.72
C GLY A 91 8.02 -5.06 9.00
N SER A 92 7.80 -3.76 8.92
CA SER A 92 7.88 -2.91 10.08
C SER A 92 6.69 -3.17 11.00
N VAL A 93 6.92 -3.11 12.30
CA VAL A 93 5.89 -3.36 13.28
C VAL A 93 5.96 -2.28 14.35
N VAL A 94 4.80 -1.82 14.79
CA VAL A 94 4.75 -0.78 15.81
C VAL A 94 3.79 -1.19 16.88
N THR A 95 3.92 -0.62 18.04
CA THR A 95 3.03 -0.98 19.14
C THR A 95 2.35 0.25 19.73
N TYR A 96 1.07 0.21 19.90
CA TYR A 96 0.37 1.36 20.39
C TYR A 96 -0.01 1.15 21.86
N ARG A 97 0.22 2.18 22.65
CA ARG A 97 -0.10 2.19 24.08
C ARG A 97 -0.75 3.46 24.52
N CYS A 98 -1.66 3.32 25.49
CA CYS A 98 -2.54 4.46 25.93
C CYS A 98 -2.05 5.01 27.26
N ASN A 99 -2.27 6.27 27.50
CA ASN A 99 -1.90 6.88 28.78
C ASN A 99 -2.69 6.25 29.97
N PRO A 100 -2.03 6.03 31.10
CA PRO A 100 -2.65 5.40 32.27
C PRO A 100 -3.64 6.33 32.97
N GLY A 101 -4.58 5.70 33.71
CA GLY A 101 -5.60 6.42 34.41
C GLY A 101 -5.16 7.20 35.62
N SER A 102 -5.93 7.06 36.70
CA SER A 102 -5.70 7.82 37.92
C SER A 102 -4.31 7.51 38.46
N GLY A 103 -3.95 6.23 38.47
CA GLY A 103 -2.63 5.87 38.89
C GLY A 103 -1.90 5.13 37.79
N GLY A 104 -2.08 3.85 37.74
CA GLY A 104 -1.48 3.01 36.74
C GLY A 104 -2.51 2.22 36.01
N ARG A 105 -3.70 2.76 35.91
CA ARG A 105 -4.81 2.00 35.30
C ARG A 105 -4.89 2.27 33.77
N LYS A 106 -6.05 2.62 33.31
CA LYS A 106 -6.31 2.72 31.91
C LYS A 106 -7.52 3.61 31.82
N VAL A 107 -7.38 4.76 31.30
CA VAL A 107 -8.53 5.66 31.18
C VAL A 107 -9.03 5.74 29.82
N PHE A 108 -8.31 5.12 28.96
CA PHE A 108 -8.77 4.96 27.63
C PHE A 108 -8.59 3.52 27.32
N GLU A 109 -9.44 2.98 26.55
CA GLU A 109 -9.38 1.55 26.32
C GLU A 109 -8.94 1.28 24.90
N LEU A 110 -7.95 0.46 24.75
CA LEU A 110 -7.30 0.26 23.48
C LEU A 110 -7.70 -1.07 22.95
N VAL A 111 -7.91 -1.13 21.65
CA VAL A 111 -8.46 -2.32 21.06
C VAL A 111 -7.41 -3.44 21.28
N GLY A 112 -7.89 -4.57 21.76
CA GLY A 112 -7.07 -5.73 22.25
C GLY A 112 -5.69 -5.96 21.67
N GLU A 113 -5.51 -5.83 20.37
CA GLU A 113 -4.24 -6.09 19.79
C GLU A 113 -3.54 -4.78 19.36
N PRO A 114 -2.76 -4.17 20.28
CA PRO A 114 -2.08 -2.89 20.05
C PRO A 114 -0.97 -2.97 19.02
N SER A 115 -0.51 -4.17 18.74
CA SER A 115 0.65 -4.32 17.92
C SER A 115 0.28 -4.76 16.52
N ILE A 116 0.64 -3.96 15.55
CA ILE A 116 0.35 -4.22 14.16
C ILE A 116 1.61 -4.12 13.31
N TYR A 117 1.57 -4.71 12.15
CA TYR A 117 2.70 -4.69 11.23
C TYR A 117 2.24 -4.57 9.81
N CYS A 118 3.11 -4.11 8.98
CA CYS A 118 2.83 -3.94 7.58
C CYS A 118 2.86 -5.28 6.90
N THR A 119 1.70 -5.97 6.93
CA THR A 119 1.58 -7.33 6.40
C THR A 119 1.28 -7.21 4.93
N SER A 120 0.78 -6.03 4.63
CA SER A 120 0.34 -5.58 3.33
C SER A 120 -0.65 -6.49 2.56
N ASN A 121 -0.82 -7.75 2.95
CA ASN A 121 -1.62 -8.68 2.15
C ASN A 121 -3.02 -8.97 2.68
N ASP A 122 -3.50 -8.30 3.74
CA ASP A 122 -4.84 -8.69 4.24
C ASP A 122 -5.95 -8.17 3.32
N ASP A 123 -6.14 -6.84 3.30
CA ASP A 123 -7.15 -6.25 2.40
C ASP A 123 -6.76 -6.41 0.94
N GLN A 124 -5.45 -6.20 0.68
CA GLN A 124 -4.90 -6.29 -0.67
C GLN A 124 -3.39 -6.06 -0.69
N VAL A 125 -2.96 -4.85 -1.09
CA VAL A 125 -1.51 -4.54 -1.20
C VAL A 125 -1.06 -3.26 -0.44
N GLY A 126 0.06 -3.38 0.29
CA GLY A 126 0.72 -2.20 0.89
C GLY A 126 0.10 -1.58 2.12
N ILE A 127 -0.61 -2.37 2.89
CA ILE A 127 -1.29 -1.88 4.08
C ILE A 127 -0.94 -2.65 5.37
N TRP A 128 -1.21 -2.04 6.50
CA TRP A 128 -0.90 -2.63 7.80
C TRP A 128 -1.84 -3.76 8.15
N SER A 129 -1.65 -4.34 9.33
CA SER A 129 -2.55 -5.40 9.77
C SER A 129 -3.95 -4.83 9.81
N GLY A 130 -4.05 -3.62 10.30
CA GLY A 130 -5.30 -2.93 10.36
C GLY A 130 -5.08 -1.50 10.80
N PRO A 131 -6.13 -0.71 10.92
CA PRO A 131 -6.02 0.65 11.41
C PRO A 131 -5.50 0.65 12.84
N ALA A 132 -4.72 1.67 13.21
CA ALA A 132 -4.11 1.74 14.55
C ALA A 132 -5.13 1.42 15.59
N PRO A 133 -4.92 0.32 16.37
CA PRO A 133 -5.79 0.06 17.45
C PRO A 133 -5.62 1.21 18.36
N GLN A 134 -6.63 1.60 18.96
CA GLN A 134 -6.63 2.86 19.59
C GLN A 134 -7.41 2.90 20.82
N CYS A 135 -7.15 3.92 21.59
CA CYS A 135 -7.69 4.07 22.90
C CYS A 135 -9.18 4.50 22.75
N ILE A 136 -9.94 3.56 22.21
CA ILE A 136 -11.36 3.66 21.99
C ILE A 136 -12.11 3.78 23.33
N LYS A 5 -6.62 3.55 -33.08
CA LYS A 5 -5.34 3.26 -32.46
C LYS A 5 -5.39 2.66 -31.08
N SER A 6 -4.81 1.50 -31.00
CA SER A 6 -4.49 0.85 -29.76
C SER A 6 -3.12 1.38 -29.27
N CYS A 7 -2.76 1.08 -28.04
CA CYS A 7 -1.46 1.42 -27.52
C CYS A 7 -0.44 0.55 -28.19
N ARG A 8 0.78 0.81 -27.88
CA ARG A 8 1.87 0.09 -28.44
C ARG A 8 1.80 -1.36 -28.03
N ASN A 9 1.41 -1.56 -26.77
CA ASN A 9 1.34 -2.82 -26.07
C ASN A 9 2.11 -2.61 -24.81
N PRO A 10 1.79 -3.33 -23.74
CA PRO A 10 2.50 -3.23 -22.47
C PRO A 10 4.05 -3.21 -22.64
N PRO A 11 4.76 -2.73 -21.62
CA PRO A 11 6.22 -2.75 -21.63
C PRO A 11 6.70 -4.21 -21.63
N ASP A 12 5.79 -5.08 -21.18
CA ASP A 12 6.03 -6.52 -21.08
C ASP A 12 7.19 -6.87 -20.17
N PRO A 13 7.06 -6.55 -18.86
CA PRO A 13 7.96 -6.98 -17.82
C PRO A 13 7.94 -8.50 -17.69
N VAL A 14 9.04 -9.02 -17.26
CA VAL A 14 9.21 -10.44 -17.10
C VAL A 14 9.33 -10.74 -15.62
N ASN A 15 8.59 -11.80 -15.18
CA ASN A 15 8.27 -12.13 -13.75
C ASN A 15 6.88 -11.58 -13.40
N GLY A 16 6.01 -11.58 -14.40
CA GLY A 16 4.63 -11.18 -14.22
C GLY A 16 3.76 -11.67 -15.37
N MET A 17 2.43 -11.68 -15.16
CA MET A 17 1.48 -12.16 -16.18
C MET A 17 0.31 -11.17 -16.36
N VAL A 18 0.00 -10.84 -17.60
CA VAL A 18 -1.09 -9.92 -17.90
C VAL A 18 -2.11 -10.58 -18.84
N HIS A 19 -3.38 -10.48 -18.50
CA HIS A 19 -4.41 -11.08 -19.35
C HIS A 19 -5.05 -9.98 -20.24
N VAL A 20 -4.29 -9.56 -21.25
CA VAL A 20 -4.77 -8.55 -22.17
C VAL A 20 -4.75 -8.98 -23.65
N ILE A 21 -5.89 -8.78 -24.31
CA ILE A 21 -6.01 -8.98 -25.75
C ILE A 21 -6.09 -7.63 -26.47
N LYS A 22 -7.19 -6.92 -26.19
CA LYS A 22 -7.50 -5.63 -26.79
C LYS A 22 -7.40 -4.57 -25.72
N GLY A 23 -6.91 -4.99 -24.57
CA GLY A 23 -6.84 -4.14 -23.40
C GLY A 23 -5.83 -3.02 -23.52
N ILE A 24 -5.25 -2.91 -24.67
CA ILE A 24 -4.27 -1.91 -24.95
C ILE A 24 -4.93 -0.79 -25.75
N GLN A 25 -6.17 -0.96 -26.08
CA GLN A 25 -6.88 0.02 -26.90
C GLN A 25 -7.22 1.22 -26.03
N PHE A 26 -7.72 2.29 -26.62
CA PHE A 26 -8.09 3.44 -25.82
C PHE A 26 -9.17 3.06 -24.78
N GLY A 27 -8.92 3.47 -23.54
CA GLY A 27 -9.85 3.16 -22.48
C GLY A 27 -9.66 1.78 -21.89
N SER A 28 -8.50 1.19 -22.10
CA SER A 28 -8.21 -0.11 -21.55
C SER A 28 -6.87 -0.10 -20.78
N GLN A 29 -6.71 -1.02 -19.81
CA GLN A 29 -5.55 -1.00 -18.93
C GLN A 29 -4.97 -2.41 -18.82
N ILE A 30 -3.73 -2.47 -18.35
CA ILE A 30 -3.03 -3.70 -18.08
C ILE A 30 -2.72 -3.77 -16.57
N LYS A 31 -3.05 -4.87 -15.94
CA LYS A 31 -2.85 -4.97 -14.48
C LYS A 31 -1.59 -5.79 -14.14
N TYR A 32 -0.86 -5.30 -13.17
CA TYR A 32 0.31 -5.96 -12.58
C TYR A 32 0.24 -6.24 -11.11
N SER A 33 0.82 -7.36 -10.75
CA SER A 33 0.90 -7.75 -9.36
C SER A 33 2.34 -8.10 -9.04
N CYS A 34 2.73 -7.91 -7.82
CA CYS A 34 4.10 -8.18 -7.37
C CYS A 34 4.06 -9.33 -6.36
N THR A 35 5.22 -9.79 -5.93
CA THR A 35 5.31 -10.85 -4.93
C THR A 35 5.26 -10.24 -3.52
N LYS A 36 5.13 -11.08 -2.49
CA LYS A 36 4.90 -10.58 -1.13
C LYS A 36 6.10 -9.80 -0.64
N GLY A 37 5.82 -8.64 -0.04
CA GLY A 37 6.86 -7.76 0.45
C GLY A 37 7.26 -6.76 -0.62
N TYR A 38 6.64 -6.88 -1.78
CA TYR A 38 6.91 -5.98 -2.91
C TYR A 38 5.63 -5.29 -3.38
N ARG A 39 5.73 -4.02 -3.74
CA ARG A 39 4.58 -3.31 -4.29
C ARG A 39 5.02 -2.53 -5.52
N LEU A 40 4.06 -2.06 -6.30
CA LEU A 40 4.36 -1.23 -7.44
C LEU A 40 4.62 0.17 -6.91
N ILE A 41 5.67 0.82 -7.42
CA ILE A 41 5.99 2.18 -7.01
C ILE A 41 4.99 3.20 -7.64
N GLY A 42 4.13 2.70 -8.47
CA GLY A 42 3.21 3.53 -9.20
C GLY A 42 1.88 2.87 -9.37
N SER A 43 1.39 2.88 -10.59
CA SER A 43 0.09 2.30 -10.89
C SER A 43 0.27 0.98 -11.58
N SER A 44 -0.26 -0.05 -10.98
CA SER A 44 -0.15 -1.40 -11.50
C SER A 44 -0.92 -1.52 -12.79
N SER A 45 -1.81 -0.59 -13.02
CA SER A 45 -2.54 -0.58 -14.23
C SER A 45 -2.42 0.78 -14.87
N ALA A 46 -1.96 0.75 -16.10
CA ALA A 46 -1.87 1.91 -16.92
C ALA A 46 -3.04 1.92 -17.84
N THR A 47 -3.59 3.07 -18.06
CA THR A 47 -4.73 3.15 -18.90
C THR A 47 -4.34 3.90 -20.14
N CYS A 48 -4.62 3.28 -21.25
CA CYS A 48 -4.32 3.82 -22.56
C CYS A 48 -5.19 5.01 -22.84
N ILE A 49 -4.54 6.11 -23.08
CA ILE A 49 -5.22 7.36 -23.30
C ILE A 49 -4.75 8.02 -24.58
N ILE A 50 -5.52 8.98 -25.05
CA ILE A 50 -5.19 9.72 -26.24
C ILE A 50 -4.70 11.09 -25.89
N SER A 51 -3.54 11.43 -26.37
CA SER A 51 -3.09 12.78 -26.31
C SER A 51 -3.09 13.22 -27.73
N GLY A 52 -3.81 14.28 -28.07
CA GLY A 52 -3.93 14.61 -29.47
C GLY A 52 -4.66 13.49 -30.20
N ASP A 53 -4.02 12.92 -31.20
CA ASP A 53 -4.58 11.78 -31.97
C ASP A 53 -3.65 10.53 -31.77
N THR A 54 -2.96 10.51 -30.63
CA THR A 54 -1.96 9.53 -30.33
C THR A 54 -2.26 8.77 -29.04
N VAL A 55 -2.14 7.46 -29.11
CA VAL A 55 -2.42 6.60 -27.96
C VAL A 55 -1.12 6.22 -27.25
N ILE A 56 -1.01 6.68 -26.03
CA ILE A 56 0.13 6.45 -25.15
C ILE A 56 -0.33 5.95 -23.76
N TRP A 57 0.59 5.32 -22.98
CA TRP A 57 0.23 4.84 -21.66
C TRP A 57 0.44 6.01 -20.67
N ASP A 58 -0.62 6.36 -19.94
CA ASP A 58 -0.57 7.49 -18.99
C ASP A 58 0.40 7.27 -17.79
N THR A 59 0.40 6.04 -17.27
CA THR A 59 1.10 5.73 -16.01
C THR A 59 2.66 5.91 -16.02
N GLU A 60 3.28 5.43 -17.11
CA GLU A 60 4.79 5.35 -17.30
C GLU A 60 5.31 3.99 -16.78
N THR A 61 4.42 3.26 -16.14
CA THR A 61 4.64 1.90 -15.62
C THR A 61 5.56 1.81 -14.37
N PRO A 62 4.99 1.31 -13.27
CA PRO A 62 5.66 1.11 -11.98
C PRO A 62 6.65 -0.05 -11.95
N ILE A 63 7.56 0.00 -11.01
CA ILE A 63 8.54 -1.05 -10.79
C ILE A 63 8.32 -1.68 -9.45
N CYS A 64 8.29 -3.01 -9.37
CA CYS A 64 8.11 -3.65 -8.08
C CYS A 64 9.39 -3.43 -7.24
N ASP A 65 9.19 -3.01 -6.03
CA ASP A 65 10.27 -2.74 -5.10
C ASP A 65 9.77 -3.08 -3.75
N ARG A 66 10.62 -3.05 -2.75
CA ARG A 66 10.19 -3.44 -1.44
C ARG A 66 9.22 -2.40 -0.91
N ILE A 67 8.15 -2.88 -0.26
CA ILE A 67 7.04 -2.03 0.24
C ILE A 67 7.41 -1.27 1.47
N PRO A 68 7.82 -0.01 1.37
CA PRO A 68 7.99 0.75 2.55
C PRO A 68 6.65 1.08 3.16
N CYS A 69 6.57 1.09 4.45
CA CYS A 69 5.36 1.48 5.05
C CYS A 69 5.50 2.90 5.52
N GLY A 70 4.51 3.70 5.18
CA GLY A 70 4.50 5.08 5.56
C GLY A 70 4.04 5.25 6.96
N LEU A 71 3.89 6.49 7.39
CA LEU A 71 3.42 6.81 8.73
C LEU A 71 2.26 5.92 9.13
N PRO A 72 2.42 5.13 10.20
CA PRO A 72 1.36 4.25 10.71
C PRO A 72 0.13 5.10 11.00
N PRO A 73 -1.07 4.49 11.05
CA PRO A 73 -2.26 5.26 11.29
C PRO A 73 -2.21 5.94 12.64
N THR A 74 -2.71 7.11 12.68
CA THR A 74 -2.70 7.92 13.88
C THR A 74 -3.70 7.38 14.89
N ILE A 75 -3.35 7.48 16.13
CA ILE A 75 -4.06 6.86 17.19
C ILE A 75 -4.99 7.86 17.89
N THR A 76 -6.06 7.34 18.41
CA THR A 76 -7.07 8.11 19.10
C THR A 76 -6.47 8.82 20.36
N ASN A 77 -5.70 8.10 21.17
CA ASN A 77 -5.13 8.72 22.40
C ASN A 77 -3.62 9.00 22.37
N GLY A 78 -2.85 7.94 22.34
CA GLY A 78 -1.38 8.06 22.40
C GLY A 78 -0.78 7.24 21.32
N ASP A 79 0.29 7.73 20.69
CA ASP A 79 0.86 7.16 19.44
C ASP A 79 1.07 5.67 19.44
N PHE A 80 2.25 5.27 19.36
CA PHE A 80 2.54 3.88 19.29
C PHE A 80 3.89 3.58 19.81
N ILE A 81 4.12 2.35 20.10
CA ILE A 81 5.34 1.96 20.60
C ILE A 81 6.03 1.09 19.59
N SER A 82 7.23 1.44 19.33
CA SER A 82 8.10 0.81 18.40
C SER A 82 9.50 1.16 18.80
N THR A 83 10.47 0.43 18.36
CA THR A 83 11.83 0.74 18.75
C THR A 83 12.25 2.11 18.19
N ASN A 84 11.78 2.39 16.99
CA ASN A 84 11.92 3.70 16.38
C ASN A 84 10.56 4.16 15.88
N ARG A 85 10.28 5.43 16.04
CA ARG A 85 9.04 5.99 15.54
C ARG A 85 9.10 5.96 14.01
N GLU A 86 8.01 5.53 13.38
CA GLU A 86 7.92 5.43 11.90
C GLU A 86 8.96 4.47 11.32
N ASN A 87 8.66 3.17 11.36
CA ASN A 87 9.57 2.14 10.92
C ASN A 87 9.77 2.18 9.41
N PHE A 88 11.00 1.92 9.02
CA PHE A 88 11.55 2.17 7.68
C PHE A 88 10.85 1.39 6.54
N HIS A 89 10.59 0.11 6.76
CA HIS A 89 10.16 -0.77 5.66
C HIS A 89 9.22 -1.93 6.09
N TYR A 90 8.68 -2.67 5.05
CA TYR A 90 7.77 -3.83 5.22
C TYR A 90 8.40 -4.79 6.19
N GLY A 91 7.58 -5.31 7.08
CA GLY A 91 8.08 -6.02 8.22
C GLY A 91 8.06 -5.10 9.40
N SER A 92 7.68 -3.83 9.12
CA SER A 92 7.46 -2.85 10.15
C SER A 92 6.28 -3.25 10.98
N VAL A 93 6.41 -3.07 12.27
CA VAL A 93 5.37 -3.36 13.20
C VAL A 93 5.35 -2.28 14.27
N VAL A 94 4.17 -1.88 14.66
CA VAL A 94 4.05 -0.91 15.71
C VAL A 94 3.02 -1.39 16.72
N THR A 95 3.11 -0.92 17.92
CA THR A 95 2.11 -1.31 18.89
C THR A 95 1.46 -0.07 19.52
N TYR A 96 0.18 0.00 19.53
CA TYR A 96 -0.51 1.17 20.07
C TYR A 96 -0.83 0.96 21.51
N ARG A 97 -0.69 1.98 22.31
CA ARG A 97 -1.02 1.91 23.71
C ARG A 97 -1.69 3.21 24.18
N CYS A 98 -2.61 3.06 25.11
CA CYS A 98 -3.50 4.15 25.57
C CYS A 98 -2.81 5.00 26.65
N ASN A 99 -3.11 6.30 26.65
CA ASN A 99 -2.39 7.29 27.50
C ASN A 99 -2.71 7.22 29.02
N PRO A 100 -1.68 7.56 29.85
CA PRO A 100 -1.80 7.68 31.34
C PRO A 100 -2.58 8.94 31.83
N GLY A 101 -3.15 8.84 33.04
CA GLY A 101 -4.00 9.91 33.62
C GLY A 101 -3.30 10.87 34.55
N SER A 102 -3.91 11.05 35.74
CA SER A 102 -3.47 12.03 36.70
C SER A 102 -2.04 11.77 37.13
N GLY A 103 -1.70 10.52 37.39
CA GLY A 103 -0.34 10.19 37.77
C GLY A 103 -0.05 8.71 37.80
N GLY A 104 0.49 8.18 36.69
CA GLY A 104 0.94 6.80 36.67
C GLY A 104 -0.17 5.75 36.50
N ARG A 105 -1.32 6.14 36.00
CA ARG A 105 -2.43 5.17 35.85
C ARG A 105 -2.93 5.12 34.44
N LYS A 106 -3.22 3.92 33.93
CA LYS A 106 -3.77 3.78 32.58
C LYS A 106 -5.19 4.29 32.62
N VAL A 107 -5.42 5.35 31.88
CA VAL A 107 -6.72 5.94 31.81
C VAL A 107 -7.70 5.02 31.13
N PHE A 108 -7.24 4.46 30.04
CA PHE A 108 -8.10 3.79 29.09
C PHE A 108 -7.63 2.37 28.76
N GLU A 109 -8.61 1.55 28.45
CA GLU A 109 -8.40 0.18 28.07
C GLU A 109 -8.17 0.11 26.57
N LEU A 110 -7.50 -0.90 26.08
CA LEU A 110 -7.13 -0.97 24.68
C LEU A 110 -7.61 -2.30 24.11
N VAL A 111 -8.07 -2.31 22.86
CA VAL A 111 -8.55 -3.54 22.27
C VAL A 111 -7.36 -4.51 22.10
N GLY A 112 -7.55 -5.76 22.47
CA GLY A 112 -6.50 -6.81 22.46
C GLY A 112 -5.85 -7.12 21.09
N GLU A 113 -5.74 -6.13 20.21
CA GLU A 113 -5.04 -6.30 18.95
C GLU A 113 -4.19 -5.02 18.67
N PRO A 114 -3.37 -4.55 19.69
CA PRO A 114 -2.60 -3.29 19.61
C PRO A 114 -1.47 -3.29 18.59
N SER A 115 -1.03 -4.46 18.19
CA SER A 115 0.15 -4.55 17.37
C SER A 115 -0.20 -4.93 15.92
N ILE A 116 0.19 -4.05 14.99
CA ILE A 116 -0.06 -4.25 13.57
C ILE A 116 1.22 -4.12 12.78
N TYR A 117 1.22 -4.65 11.58
CA TYR A 117 2.41 -4.66 10.74
C TYR A 117 2.05 -4.56 9.27
N CYS A 118 3.03 -4.17 8.45
CA CYS A 118 2.83 -4.00 7.01
C CYS A 118 2.51 -5.36 6.39
N THR A 119 1.26 -5.53 5.91
CA THR A 119 0.84 -6.77 5.23
C THR A 119 -0.25 -6.48 4.16
N SER A 120 0.21 -5.98 3.10
CA SER A 120 -0.57 -5.60 1.92
C SER A 120 -1.25 -6.76 1.12
N ASN A 121 -0.79 -7.97 1.29
CA ASN A 121 -1.15 -9.06 0.34
C ASN A 121 -2.65 -9.47 0.20
N ASP A 122 -3.41 -9.54 1.31
CA ASP A 122 -4.78 -10.13 1.21
C ASP A 122 -5.76 -9.36 0.30
N ASP A 123 -5.79 -8.02 0.39
CA ASP A 123 -6.63 -7.24 -0.54
C ASP A 123 -6.05 -5.84 -0.71
N GLN A 124 -5.92 -5.40 -1.97
CA GLN A 124 -5.30 -4.11 -2.30
C GLN A 124 -3.82 -4.13 -2.00
N VAL A 125 -3.13 -3.01 -2.26
CA VAL A 125 -1.70 -2.99 -2.15
C VAL A 125 -1.18 -1.86 -1.24
N GLY A 126 -0.24 -2.20 -0.36
CA GLY A 126 0.42 -1.19 0.47
C GLY A 126 -0.29 -0.81 1.74
N ILE A 127 -0.78 -1.79 2.47
CA ILE A 127 -1.47 -1.50 3.69
C ILE A 127 -0.91 -2.25 4.88
N TRP A 128 -1.27 -1.78 6.05
CA TRP A 128 -0.96 -2.45 7.32
C TRP A 128 -1.96 -3.59 7.57
N SER A 129 -1.82 -4.27 8.69
CA SER A 129 -2.74 -5.33 9.06
C SER A 129 -4.18 -4.81 9.16
N GLY A 130 -4.34 -3.64 9.74
CA GLY A 130 -5.64 -3.03 9.84
C GLY A 130 -5.56 -1.64 10.43
N PRO A 131 -6.71 -0.94 10.52
CA PRO A 131 -6.78 0.39 11.11
C PRO A 131 -6.37 0.36 12.58
N ALA A 132 -5.73 1.44 13.03
CA ALA A 132 -5.27 1.56 14.41
C ALA A 132 -6.34 1.14 15.43
N PRO A 133 -5.97 0.24 16.35
CA PRO A 133 -6.84 -0.20 17.42
C PRO A 133 -7.09 0.92 18.39
N GLN A 134 -8.16 0.87 19.11
CA GLN A 134 -8.54 2.01 19.89
C GLN A 134 -8.83 1.64 21.32
N CYS A 135 -8.81 2.65 22.13
CA CYS A 135 -8.92 2.53 23.57
C CYS A 135 -10.38 2.22 24.00
N ILE A 136 -10.75 0.96 23.70
CA ILE A 136 -12.02 0.32 24.03
C ILE A 136 -11.99 -0.24 25.43
#